data_5TW1
#
_entry.id   5TW1
#
_cell.length_a   133.012
_cell.length_b   161.633
_cell.length_c   139.211
_cell.angle_alpha   90.00
_cell.angle_beta   107.72
_cell.angle_gamma   90.00
#
_symmetry.space_group_name_H-M   'P 1 21 1'
#
loop_
_entity.id
_entity.type
_entity.pdbx_description
1 polymer 'RNA polymerase-binding protein RbpA'
2 polymer 'DNA-directed RNA polymerase subunit alpha'
3 polymer 'DNA-directed RNA polymerase subunit beta'
4 polymer "DNA-directed RNA polymerase subunit beta'"
5 polymer 'DNA-directed RNA polymerase subunit omega'
6 polymer 'RNA polymerase sigma factor SigA'
7 polymer 'DNA (31-MER)'
8 polymer 'DNA (26-MER)'
9 polymer 'Unknown peptide'
10 non-polymer 'SULFATE ION'
11 non-polymer 1,2-ETHANEDIOL
12 non-polymer 'ZINC ION'
13 non-polymer 'MAGNESIUM ION'
14 water water
#
loop_
_entity_poly.entity_id
_entity_poly.type
_entity_poly.pdbx_seq_one_letter_code
_entity_poly.pdbx_strand_id
1 'polypeptide(L)'
;MADRVLRGSRLGAVSYETDRNHDLAPRQVARYRTDNGEEFDVPFADDAEIPGTWLCRNGLEGTLIEGDVPEPKKVKPPRT
HWDMLLERRSVEELEELLKERLDLIKAKRRGTGS
;
J
2 'polypeptide(L)'
;MLISQRPTLSEETVAENRSRFVIEPLEPGFGYTLGNSLRRTLLSSIPGAAVTSIRIDGVLHEFTTVPGVKEDVTDIILNL
KGLVVSSDDDEPVTMYLRKQGPGVVTAGDIVPPAGVTVHNPDMHIATLNDKGKLEVELVVERGRGYVPAVQNKASGAEIG
RIPVDSIYSPVLKVTYKVEATRVEQRTDFDKLIIDVETKNSISPRDALASAGGTLVELFGLARELNADSEHIEIGPSPAE
ADHIASFALPIDDLDLTVRSYNCLKREGVHTVGELVARTESDLLDIRNFGQKSIDEVKIKLHQLGLSLKDSPATFDPSEV
AGYDAATGTWTSDAGYDLDDNQDYAETEQL
;
A,B,T
3 'polypeptide(L)'
;MLEGCILAVSSQSKSNAITNNSVPGAPNRVSFAKLREPLEVPGLLDVQTDSFEWLVGSDRWRQAAIDRGEENPVGGLEEV
LAELSPIEDFSGSMSLSFSDPRFDEVKASVDECKDKDMTYAAPLFVTAEFINNNTGEIKSQTVFMGDFPMMTEKGTFIIN
GTERVVVSQLVRSPGVYFDETIDKSTEKTLHSVKVIPGRGAWLEFDVDKRDTVGVRIDRKRRQPVTVLLKALGWTNEQIV
ERFGFSEIMMGTLEKDTTSGTDEALLDIYRKLRPGEPPTKESAQTLLENLFFKEKRYDLARVGRYKVNKKLGLNAGKPIT
SSTLTEEDVVATIEYLVRLHEGQTSMTVPGGVEVPVEVDDIDHFGNRRLRTVGELIQNQIRVGLSRMERVVRERMTTQDV
EAITPQTLINIRPVVAAIKEFFGTSQLSQFMDQNNPLSGLTHKRRLSALGPGGLSRERAGLEVRDVHPSHYGRMCPIETP
EGPNIGLIGSLSVYARVNPFGFIETPYRKVENGVVTDQIDYLTADEEDRHVVAQANSPTDENGRFTEDRVMVRKKGGEVE
FVSADQVDYMDVSPRQMVSVATAMIPFLEHDDANRALMGANMQRQAVPLVRSEAPLVGTGMELRAAIDAGDVVVADKTGV
IEEVSADYITVMADDGTRQSYRLRKFARSNHGTCANQRPIVDAGQRVEAGQVIADGPCTQNGEMALGKNLLVAIMPWEGH
NYEDAIILSNRLVEEDVLTSIHIEEHEIDARDTKLGAEEITRDIPNVSDEVLADLDERGIVRIGAEVRDGDILVGKVTPK
GETELTPEERLLRAIFGEKAREVRDTSLKVPHGESGKVIGIRVFSREDDDELPAGVNELVRVYVAQKRKISDGDKLAGRH
GNKGVIGKILPVEDMPFLPDGTPVDIILNTHGVPRRMNIGQILETHLGWVAKAGWNIDVAAGVPDWASKLPEELYSAPAD
STVATPVFDGAQEGELAGLLGSTLPNRDGEVMVDADGKSTLFDGRSGEPFPYPVTVGYMYILKLHHLVDDKIHARSTGPY
SMITQQPLGGKAQFGGQRFGEMECWAMQAYGAAYTLQELLTIKSDDTVGRVKVYEAIVKGENIPEPGIPESFKVLLKELQ
SLCLNVEVLSSDGAAIEMRDGDDEDLERAAANLGINLSRNESASVEDLA
;
C
4 'polypeptide(L)'
;MLDVNFFDELRIGLATADDIRNWSYGEVKKPETINYRTLKPEKDGLFCEKIFGPTRDWECYCGKYKRVRFKGIICERCGV
EVTRAKVRRERMGHIELAAPVTHIWYFKGVPSRLGYLLDLAPKDLEKIIYFAAYVITSVDDEMRHNELSTLEAEMAVEKK
AVEDQRDADLEARAQKLEADLAELEAEGAKSDVRRKVRDSGEREMRQLRDRAQRELDRLDEIWNTFTKLAPKQLIVDEVL
YRELQDRYGEYFTGAMGAESIKKLIENFDIDAEAESLREVIRSGKGQKKLRALKRLKVVAAFQQSGNSPMGMVLDAVPVI
PPELRPMVQLDGGRFATSDLNDLYRRVINRNNRLKRLIDLGAPEIIVNNEKRMLQESVDALFDNGRRGRPVTGPGNRPLK
SLSDLLKGKQGRFRQNLLGKRVDYSGRSVIVVGPQLKLHQCGLPKLMALELFKPFVMKRLVDLNHAQNIKSAKRMVERQR
PQVWDVLEEVIAEHPVLLNRAPTLHRLGIQAFEPQLVEGKAIQLHPLVCEAFNADFDGDQMAVHLPLSAEAQAEARILML
SSNNILSPASGKPLAMPRLDMVTGLYYLTTLVEGATGEYQAATKDAPEQGVYSSPAEAIMAMDRGALSVRAKIKVRLTEL
RPPTDLEAQLFENGWKPGDAWTAETTLGRVMFNELLPKSYPFVNEQMHKKVQARIINDLAERFPMIVVAQTVDKLKDAGF
YWATRSGVTVSMADVLVPPQKQEILERHEAEADAIERKYQRGALNHTERNESLVKIWQDATEEVGKALEEFYPADNPIIT
IVKSGATGNLTQTRTLAGMKGLVTNPKGEFIPRPIKSSFREGLTVLEYFINTHGARKGLADTALRTADSGYLTRRLVDVS
QDVIVREHDCETERGINVTLAERGPDGTLIRDAHVETSAFARTLATDAVDANGNVIIERGHDLGDPAIDALLAAGITTVK
VRSVLTCTSATGVCAMCYGRSMATGKLVDIGEAVGIVAAQSIGEPGTQLTMRTFHQGGVTGGADIVGGLPRVQELFEARV
PRNKAPIADVAGRVRLEESDKFFKITIVPDDGGEEVVYDKLSKRQRLRVITHEDGTEGVLSDGDHVEVGDQLMEGAADPH
EVLRVQGPREVQIHLVKEVQEVYRAQGVSIHDKHIEVIVRQMLRRVTIIDSGSTEFLPGSLTERAEFEAENRRVVAEGGE
PAAGRPVLMGITKASLATDSWLSAASFQETTRVLTDAAINCRSDKLNGLKENVIIGKLIPAGTGISRYRNIQVQPTEEAR
AAAYTIPSYEDQYYSPDFGQATGAAVPLDDYGYSDYR
;
D
5 'polypeptide(L)'
;MSTPHADAQLNAADDLGIDSSAASAYDTPLGITNPPIDELLSRASSKYALVIYAAKRARQINDYYNQLGDGILEYVGPLV
EPGLQEKPLSIALREIHGDLLEHTEGE
;
E
6 'polypeptide(L)'
;MAATKASPATEEPVKRTATKTPAKKAPAKRAAKSAAAKAGGKAPAKKAPAKRAAKGTAAKPEDGVTDDLEVTDDLEAEPG
EDLDVEDTDLELDDLDSDDDTAVEDEEEEADAATPAVATAKAADDDIDEPSEKDKASGDFVWDEEESEALRQARKDAELT
ASADSVRAYLKQIGKVALLNAEEEVELAKRIEAGLYATQKLAELAEKGEKLPVQQRRDMQWICRDGDRAKNHLLEANLRL
VVSLAKRYTGRGMAFLDLIQEGNLGLIRAVEKFDYTKGYKFSTYATWWIRQAITRAMADQARTIRIPVHMVEVINKLGRI
QRELLQDLGREPTPEELAKEMDITPEKVLEIQQYAREPISLDQTIGDEGDSQLGDFIEDSEAVVAVDAVSFTLLQDQLQS
VLETLSEREAGVVRLRFGLTDGQPRTLDEIGQVYGVTRERIRQIESKTMSKLRHPSRSQVLRDYLD
;
F
7 'polydeoxyribonucleotide'
;(DG)(DC)(DT)(DT)(DG)(DA)(DC)(DA)(DA)(DA)(DA)(DG)(DT)(DG)(DT)(DT)(DA)(DA)(DA)(DT)
(DT)(DG)(DT)(DG)(DC)(DT)(DA)(DT)(DA)(DC)(DT)
;
O
8 'polydeoxyribonucleotide'
;(DA)(DG)(DC)(DA)(DC)(DA)(DA)(DT)(DT)(DT)(DA)(DA)(DC)(DA)(DC)(DT)(DT)(DT)(DT)(DG)
(DT)(DC)(DA)(DA)(DG)(DC)
;
P
9 'polypeptide(L)'
;(UNK)(UNK)(UNK)(UNK)(UNK)(UNK)(UNK)(UNK)(UNK)(UNK)(UNK)(UNK)(UNK)(UNK)(UNK)(UNK)
(UNK)
;
G
#
# COMPACT_ATOMS: atom_id res chain seq x y z
N PRO A 26 54.76 7.19 5.19
CA PRO A 26 55.40 7.01 6.49
C PRO A 26 55.21 5.60 7.04
N ARG A 27 55.49 4.59 6.21
CA ARG A 27 55.17 3.21 6.54
C ARG A 27 56.25 2.27 6.06
N GLN A 28 56.46 1.19 6.82
CA GLN A 28 57.37 0.12 6.47
C GLN A 28 56.58 -1.18 6.32
N VAL A 29 56.92 -1.97 5.31
CA VAL A 29 56.16 -3.17 4.95
C VAL A 29 56.92 -4.40 5.42
N ALA A 30 56.27 -5.22 6.24
CA ALA A 30 56.82 -6.49 6.68
C ALA A 30 56.09 -7.64 6.00
N ARG A 31 56.81 -8.72 5.74
CA ARG A 31 56.24 -9.91 5.11
C ARG A 31 56.27 -11.08 6.08
N TYR A 32 55.17 -11.81 6.13
CA TYR A 32 55.05 -12.99 6.99
C TYR A 32 54.76 -14.22 6.14
N ARG A 33 55.06 -15.39 6.71
CA ARG A 33 54.87 -16.66 6.02
C ARG A 33 54.12 -17.60 6.96
N THR A 34 52.91 -18.00 6.53
CA THR A 34 52.15 -18.97 7.30
C THR A 34 52.73 -20.37 7.13
N ASP A 35 52.37 -21.26 8.06
CA ASP A 35 52.91 -22.61 8.05
C ASP A 35 52.67 -23.34 6.75
N ASN A 36 51.68 -22.93 5.96
CA ASN A 36 51.32 -23.62 4.71
C ASN A 36 51.96 -23.00 3.48
N GLY A 37 52.78 -21.96 3.63
CA GLY A 37 53.58 -21.44 2.53
C GLY A 37 53.15 -20.12 1.97
N GLU A 38 51.94 -19.65 2.25
CA GLU A 38 51.50 -18.37 1.70
C GLU A 38 52.24 -17.22 2.37
N GLU A 39 52.43 -16.14 1.62
CA GLU A 39 53.14 -14.97 2.11
C GLU A 39 52.25 -13.74 1.96
N PHE A 40 52.33 -12.84 2.94
CA PHE A 40 51.41 -11.70 3.03
C PHE A 40 52.18 -10.43 3.36
N ASP A 41 51.78 -9.33 2.74
CA ASP A 41 52.41 -8.02 2.92
C ASP A 41 51.57 -7.20 3.89
N VAL A 42 52.16 -6.80 5.01
CA VAL A 42 51.45 -5.99 6.00
C VAL A 42 52.13 -4.63 6.14
N PRO A 43 51.52 -3.54 5.67
CA PRO A 43 52.11 -2.20 5.87
C PRO A 43 51.98 -1.76 7.32
N PHE A 44 53.09 -1.26 7.87
CA PHE A 44 53.11 -0.72 9.22
C PHE A 44 53.73 0.67 9.19
N ALA A 45 53.54 1.42 10.27
CA ALA A 45 54.24 2.67 10.42
C ALA A 45 55.72 2.40 10.70
N ASP A 46 56.59 3.16 10.03
CA ASP A 46 58.02 2.94 10.19
C ASP A 46 58.47 3.12 11.64
N ASP A 47 57.91 4.12 12.32
CA ASP A 47 58.32 4.42 13.68
C ASP A 47 57.98 3.29 14.65
N ALA A 48 56.96 2.49 14.34
CA ALA A 48 56.49 1.46 15.26
C ALA A 48 57.37 0.21 15.20
N GLU A 49 57.36 -0.53 16.32
CA GLU A 49 58.11 -1.78 16.42
C GLU A 49 57.32 -2.91 15.77
N ILE A 50 57.93 -3.58 14.79
CA ILE A 50 57.27 -4.62 14.02
C ILE A 50 57.19 -5.91 14.83
N PRO A 51 56.14 -6.70 14.69
CA PRO A 51 56.06 -7.96 15.43
C PRO A 51 56.75 -9.09 14.67
N GLY A 52 56.83 -10.24 15.33
CA GLY A 52 57.47 -11.40 14.74
C GLY A 52 56.48 -12.40 14.21
N THR A 53 55.23 -12.27 14.66
CA THR A 53 54.12 -13.09 14.18
C THR A 53 52.90 -12.21 14.04
N TRP A 54 52.11 -12.47 13.00
CA TRP A 54 50.94 -11.66 12.68
C TRP A 54 49.81 -12.56 12.25
N LEU A 55 48.64 -12.41 12.90
CA LEU A 55 47.44 -13.05 12.39
C LEU A 55 47.17 -12.56 10.99
N CYS A 56 46.98 -13.49 10.05
CA CYS A 56 47.01 -13.16 8.64
C CYS A 56 45.63 -13.31 8.03
N ARG A 57 45.45 -12.58 6.92
CA ARG A 57 44.22 -12.65 6.15
C ARG A 57 43.86 -14.10 5.87
N ASN A 58 44.87 -14.97 5.79
CA ASN A 58 44.67 -16.38 5.50
C ASN A 58 44.02 -17.13 6.66
N GLY A 59 44.07 -16.57 7.87
CA GLY A 59 43.51 -17.23 9.03
C GLY A 59 44.51 -17.96 9.89
N LEU A 60 45.80 -17.87 9.58
CA LEU A 60 46.85 -18.59 10.30
C LEU A 60 47.90 -17.61 10.80
N GLU A 61 48.64 -18.03 11.82
CA GLU A 61 49.80 -17.27 12.26
C GLU A 61 50.92 -17.40 11.24
N GLY A 62 51.78 -16.40 11.20
CA GLY A 62 52.89 -16.39 10.27
C GLY A 62 54.09 -15.74 10.90
N THR A 63 55.25 -16.01 10.32
CA THR A 63 56.51 -15.58 10.89
C THR A 63 57.19 -14.56 9.98
N LEU A 64 57.75 -13.53 10.60
CA LEU A 64 58.46 -12.51 9.84
C LEU A 64 59.73 -13.09 9.23
N ILE A 65 59.98 -12.77 7.95
CA ILE A 65 61.16 -13.26 7.26
C ILE A 65 62.39 -12.40 7.51
N GLU A 66 62.26 -11.32 8.29
CA GLU A 66 63.40 -10.51 8.68
C GLU A 66 64.12 -11.15 9.87
N GLY A 67 65.03 -10.40 10.51
CA GLY A 67 65.94 -10.96 11.49
C GLY A 67 65.34 -11.71 12.65
N ASP A 68 64.45 -11.09 13.41
CA ASP A 68 63.84 -11.71 14.59
C ASP A 68 62.34 -11.36 14.63
N VAL A 69 61.44 -12.34 14.76
CA VAL A 69 61.70 -13.76 15.09
C VAL A 69 62.41 -13.98 16.42
N PRO A 70 61.97 -13.26 17.48
CA PRO A 70 62.60 -13.43 18.81
C PRO A 70 62.15 -14.62 19.66
N GLU A 71 60.87 -15.01 19.59
CA GLU A 71 60.32 -15.61 20.80
C GLU A 71 59.54 -16.90 20.55
N PRO A 72 59.49 -17.78 21.56
CA PRO A 72 58.61 -18.96 21.48
C PRO A 72 57.14 -18.64 21.66
N LYS A 73 56.79 -17.56 22.38
CA LYS A 73 55.42 -17.19 22.75
C LYS A 73 54.95 -17.84 24.06
N LYS A 74 55.79 -18.64 24.73
CA LYS A 74 55.47 -19.30 26.02
C LYS A 74 54.31 -20.30 25.86
N VAL A 75 54.62 -21.43 25.22
CA VAL A 75 53.67 -22.52 25.06
C VAL A 75 53.68 -23.39 26.31
N LYS A 76 52.51 -23.59 26.92
CA LYS A 76 52.29 -24.61 27.93
C LYS A 76 51.43 -25.72 27.36
N PRO A 77 51.86 -26.98 27.44
CA PRO A 77 51.13 -28.04 26.76
C PRO A 77 49.73 -28.20 27.33
N PRO A 78 48.76 -28.59 26.50
CA PRO A 78 47.40 -28.80 27.00
C PRO A 78 47.30 -30.08 27.83
N ARG A 79 46.20 -30.18 28.57
CA ARG A 79 45.93 -31.34 29.41
C ARG A 79 45.50 -32.52 28.57
N THR A 80 45.98 -33.72 28.92
CA THR A 80 45.74 -34.93 28.14
C THR A 80 45.10 -36.01 28.99
N HIS A 81 44.46 -36.96 28.31
CA HIS A 81 43.81 -38.06 29.01
C HIS A 81 44.77 -38.78 29.93
N TRP A 82 45.98 -39.05 29.45
CA TRP A 82 47.00 -39.66 30.29
C TRP A 82 47.17 -38.88 31.59
N ASP A 83 47.26 -37.55 31.49
CA ASP A 83 47.42 -36.73 32.70
C ASP A 83 46.32 -37.01 33.70
N MET A 84 45.07 -37.07 33.23
CA MET A 84 43.94 -37.28 34.13
C MET A 84 43.94 -38.68 34.73
N LEU A 85 44.49 -39.66 34.01
CA LEU A 85 44.59 -41.01 34.56
C LEU A 85 45.71 -41.11 35.59
N LEU A 86 46.84 -40.42 35.34
CA LEU A 86 47.96 -40.49 36.26
C LEU A 86 47.60 -39.96 37.64
N GLU A 87 46.79 -38.90 37.68
CA GLU A 87 46.51 -38.25 38.95
C GLU A 87 45.62 -39.09 39.87
N ARG A 88 45.05 -40.18 39.36
CA ARG A 88 44.32 -41.11 40.20
C ARG A 88 45.06 -42.43 40.38
N ARG A 89 45.28 -43.18 39.30
CA ARG A 89 46.08 -44.39 39.36
C ARG A 89 47.57 -44.04 39.43
N SER A 90 48.25 -44.53 40.46
CA SER A 90 49.70 -44.45 40.48
C SER A 90 50.28 -45.52 39.57
N VAL A 91 51.50 -45.26 39.07
CA VAL A 91 52.04 -46.07 37.98
C VAL A 91 52.09 -47.55 38.35
N GLU A 92 52.28 -47.87 39.63
CA GLU A 92 52.31 -49.27 40.04
C GLU A 92 50.98 -49.97 39.76
N GLU A 93 49.88 -49.39 40.27
CA GLU A 93 48.56 -49.93 39.97
C GLU A 93 48.38 -50.13 38.48
N LEU A 94 48.87 -49.18 37.68
CA LEU A 94 48.80 -49.33 36.23
C LEU A 94 49.59 -50.55 35.77
N GLU A 95 50.74 -50.80 36.38
CA GLU A 95 51.57 -51.91 35.95
C GLU A 95 50.90 -53.25 36.23
N GLU A 96 50.41 -53.44 37.45
CA GLU A 96 49.72 -54.69 37.78
C GLU A 96 48.53 -54.89 36.87
N LEU A 97 47.79 -53.82 36.56
CA LEU A 97 46.65 -53.94 35.66
C LEU A 97 47.11 -54.43 34.29
N LEU A 98 48.17 -53.85 33.75
CA LEU A 98 48.74 -54.34 32.50
C LEU A 98 49.24 -55.76 32.66
N LYS A 99 49.71 -56.12 33.86
CA LYS A 99 50.06 -57.51 34.13
C LYS A 99 48.83 -58.41 34.01
N GLU A 100 47.74 -58.05 34.68
CA GLU A 100 46.50 -58.82 34.54
C GLU A 100 46.11 -58.97 33.07
N ARG A 101 46.30 -57.91 32.28
CA ARG A 101 45.80 -57.89 30.91
C ARG A 101 46.65 -58.75 29.97
N LEU A 102 47.98 -58.70 30.13
CA LEU A 102 48.84 -59.50 29.26
C LEU A 102 48.78 -60.98 29.64
N ASP A 103 48.87 -61.29 30.93
CA ASP A 103 48.73 -62.68 31.34
C ASP A 103 47.44 -63.28 30.82
N LEU A 104 46.42 -62.45 30.58
CA LEU A 104 45.20 -62.93 29.96
C LEU A 104 45.37 -63.12 28.46
N ILE A 105 46.24 -62.33 27.81
CA ILE A 105 46.44 -62.51 26.39
C ILE A 105 47.30 -63.74 26.11
N LYS A 106 48.25 -64.03 27.01
CA LYS A 106 49.11 -65.20 26.82
C LYS A 106 48.31 -66.50 26.88
N ALA A 107 47.24 -66.52 27.66
CA ALA A 107 46.34 -67.68 27.71
C ALA A 107 45.37 -67.58 26.55
N LYS A 108 45.44 -68.52 25.62
CA LYS A 108 44.76 -68.38 24.35
C LYS A 108 43.64 -69.40 24.19
N MET B 1 -35.67 57.72 -28.56
CA MET B 1 -36.61 57.24 -27.55
C MET B 1 -35.96 57.26 -26.17
N LEU B 2 -35.09 58.24 -25.92
CA LEU B 2 -34.54 58.42 -24.59
C LEU B 2 -35.66 58.69 -23.61
N ILE B 3 -35.75 57.89 -22.55
CA ILE B 3 -36.64 58.16 -21.44
C ILE B 3 -35.75 58.50 -20.25
N SER B 4 -35.70 59.78 -19.89
CA SER B 4 -34.96 60.20 -18.72
C SER B 4 -35.93 60.77 -17.69
N GLN B 5 -36.22 59.97 -16.68
CA GLN B 5 -36.66 60.44 -15.38
C GLN B 5 -35.64 59.86 -14.40
N ARG B 6 -34.78 60.72 -13.86
CA ARG B 6 -33.57 60.23 -13.23
C ARG B 6 -33.93 59.22 -12.14
N PRO B 7 -33.08 58.22 -11.93
CA PRO B 7 -33.41 57.15 -10.97
C PRO B 7 -33.82 57.72 -9.63
N THR B 8 -34.80 57.07 -9.01
CA THR B 8 -35.33 57.48 -7.72
C THR B 8 -35.13 56.36 -6.72
N LEU B 9 -34.44 56.66 -5.62
CA LEU B 9 -34.19 55.70 -4.55
C LEU B 9 -34.96 56.15 -3.32
N SER B 10 -36.01 55.41 -2.98
CA SER B 10 -36.85 55.72 -1.83
C SER B 10 -36.73 54.61 -0.79
N GLU B 11 -36.63 55.00 0.47
CA GLU B 11 -36.43 54.05 1.56
C GLU B 11 -37.75 53.36 1.92
N GLU B 12 -37.70 52.57 3.00
CA GLU B 12 -38.87 51.87 3.51
C GLU B 12 -38.57 51.43 4.94
N THR B 13 -39.50 50.69 5.52
CA THR B 13 -39.28 50.08 6.82
C THR B 13 -40.04 48.77 6.85
N VAL B 14 -39.42 47.76 7.43
CA VAL B 14 -40.04 46.44 7.56
C VAL B 14 -39.95 46.04 9.02
N ALA B 15 -38.72 45.91 9.52
CA ALA B 15 -38.46 45.82 10.96
C ALA B 15 -37.45 46.90 11.32
N GLU B 16 -36.99 46.89 12.57
CA GLU B 16 -36.00 47.90 12.96
C GLU B 16 -34.61 47.54 12.46
N ASN B 17 -34.28 46.25 12.43
CA ASN B 17 -32.95 45.83 11.99
C ASN B 17 -32.82 45.84 10.46
N ARG B 18 -33.93 45.67 9.73
CA ARG B 18 -33.89 45.66 8.26
C ARG B 18 -34.92 46.62 7.70
N SER B 19 -34.64 47.09 6.47
CA SER B 19 -35.57 47.94 5.74
C SER B 19 -35.40 47.71 4.24
N ARG B 20 -36.50 47.71 3.51
CA ARG B 20 -36.46 47.61 2.06
C ARG B 20 -36.02 48.92 1.43
N PHE B 21 -35.36 48.81 0.29
CA PHE B 21 -34.95 49.97 -0.49
C PHE B 21 -35.39 49.73 -1.92
N VAL B 22 -35.80 50.80 -2.60
CA VAL B 22 -36.36 50.70 -3.94
C VAL B 22 -35.77 51.81 -4.80
N ILE B 23 -35.46 51.46 -6.06
CA ILE B 23 -34.86 52.38 -7.02
C ILE B 23 -35.59 52.22 -8.34
N GLU B 24 -36.20 53.30 -8.82
CA GLU B 24 -36.86 53.33 -10.11
C GLU B 24 -36.73 54.71 -10.76
N PRO B 25 -36.76 54.76 -12.09
CA PRO B 25 -36.71 53.60 -12.97
C PRO B 25 -35.29 53.28 -13.43
N LEU B 26 -35.13 52.22 -14.23
CA LEU B 26 -33.83 51.83 -14.76
C LEU B 26 -34.03 51.15 -16.10
N GLU B 27 -33.03 51.29 -16.97
CA GLU B 27 -33.14 50.70 -18.30
C GLU B 27 -33.38 49.19 -18.17
N PRO B 28 -33.98 48.58 -19.19
CA PRO B 28 -34.27 47.14 -19.10
C PRO B 28 -33.02 46.33 -18.85
N GLY B 29 -33.18 45.27 -18.04
CA GLY B 29 -32.08 44.38 -17.71
C GLY B 29 -31.00 45.01 -16.87
N PHE B 30 -31.38 45.55 -15.70
CA PHE B 30 -30.44 46.24 -14.83
C PHE B 30 -30.47 45.71 -13.40
N GLY B 31 -31.65 45.75 -12.76
CA GLY B 31 -31.73 45.52 -11.33
C GLY B 31 -30.95 44.32 -10.85
N TYR B 32 -31.01 43.21 -11.59
CA TYR B 32 -30.22 42.04 -11.23
C TYR B 32 -28.75 42.43 -11.07
N THR B 33 -28.11 42.85 -12.16
CA THR B 33 -26.71 43.25 -12.09
C THR B 33 -26.49 44.33 -11.03
N LEU B 34 -27.43 45.26 -10.91
CA LEU B 34 -27.27 46.34 -9.95
C LEU B 34 -27.57 45.89 -8.53
N GLY B 35 -28.56 45.00 -8.36
CA GLY B 35 -28.86 44.50 -7.04
C GLY B 35 -27.72 43.65 -6.49
N ASN B 36 -27.29 42.65 -7.25
CA ASN B 36 -26.19 41.79 -6.80
C ASN B 36 -24.93 42.61 -6.59
N SER B 37 -24.74 43.69 -7.36
CA SER B 37 -23.56 44.51 -7.15
C SER B 37 -23.57 45.15 -5.77
N LEU B 38 -24.76 45.43 -5.23
CA LEU B 38 -24.86 45.92 -3.86
C LEU B 38 -24.76 44.78 -2.84
N ARG B 39 -25.47 43.67 -3.09
CA ARG B 39 -25.46 42.56 -2.16
C ARG B 39 -24.04 42.01 -1.95
N ARG B 40 -23.32 41.75 -3.04
CA ARG B 40 -21.92 41.35 -2.93
C ARG B 40 -21.14 42.30 -2.02
N THR B 41 -21.32 43.61 -2.20
CA THR B 41 -20.57 44.58 -1.41
C THR B 41 -21.11 44.69 0.02
N LEU B 42 -22.40 44.43 0.22
CA LEU B 42 -22.97 44.52 1.57
C LEU B 42 -22.47 43.38 2.44
N LEU B 43 -22.58 42.14 1.94
CA LEU B 43 -22.19 40.96 2.71
C LEU B 43 -20.70 40.93 3.03
N SER B 44 -19.90 41.85 2.49
CA SER B 44 -18.45 41.83 2.69
C SER B 44 -17.93 43.09 3.37
N SER B 45 -17.98 44.25 2.71
CA SER B 45 -17.11 45.37 3.02
C SER B 45 -17.67 46.35 4.05
N ILE B 46 -18.80 46.06 4.67
CA ILE B 46 -19.29 46.95 5.73
C ILE B 46 -18.42 46.79 6.97
N PRO B 47 -17.86 47.88 7.52
CA PRO B 47 -16.89 47.75 8.61
C PRO B 47 -17.51 47.37 9.96
N GLY B 48 -16.64 46.94 10.88
CA GLY B 48 -16.99 46.54 12.24
C GLY B 48 -15.86 46.89 13.22
N ALA B 49 -16.09 46.90 14.54
CA ALA B 49 -17.18 46.21 15.26
C ALA B 49 -17.02 44.69 15.38
N ALA B 50 -15.83 44.25 15.81
CA ALA B 50 -15.63 42.84 16.16
C ALA B 50 -14.58 42.68 17.24
N VAL B 51 -14.62 41.53 17.91
CA VAL B 51 -13.75 41.22 19.04
C VAL B 51 -12.59 40.35 18.55
N THR B 52 -11.36 40.77 18.85
CA THR B 52 -10.16 40.09 18.36
C THR B 52 -9.73 38.97 19.29
N SER B 53 -9.20 39.32 20.46
CA SER B 53 -8.67 38.35 21.41
C SER B 53 -9.44 38.45 22.73
N ILE B 54 -9.08 37.54 23.65
CA ILE B 54 -9.68 37.51 24.98
C ILE B 54 -8.63 36.96 25.95
N ARG B 55 -8.72 37.38 27.21
CA ARG B 55 -7.84 36.88 28.24
C ARG B 55 -8.68 36.47 29.44
N ILE B 56 -8.46 35.25 29.92
CA ILE B 56 -9.13 34.74 31.11
C ILE B 56 -8.05 34.42 32.13
N ASP B 57 -8.18 35.00 33.33
CA ASP B 57 -7.15 34.88 34.35
C ASP B 57 -6.74 33.42 34.57
N GLY B 58 -7.70 32.59 34.98
CA GLY B 58 -7.38 31.22 35.35
C GLY B 58 -6.68 30.44 34.23
N VAL B 59 -7.15 30.61 33.00
CA VAL B 59 -6.76 29.73 31.88
C VAL B 59 -5.59 30.34 31.13
N LEU B 60 -4.62 29.50 30.77
CA LEU B 60 -3.53 29.87 29.87
C LEU B 60 -3.80 29.52 28.42
N HIS B 61 -4.86 28.76 28.13
CA HIS B 61 -5.13 28.39 26.75
C HIS B 61 -6.59 27.98 26.62
N GLU B 62 -6.97 27.62 25.41
CA GLU B 62 -8.37 27.49 25.01
C GLU B 62 -8.99 26.16 25.43
N PHE B 63 -8.17 25.15 25.72
CA PHE B 63 -8.63 23.77 25.80
C PHE B 63 -8.89 23.28 27.23
N THR B 64 -8.88 24.15 28.24
CA THR B 64 -9.15 23.70 29.60
C THR B 64 -10.59 24.04 30.02
N THR B 65 -10.93 23.72 31.25
CA THR B 65 -12.18 24.14 31.88
C THR B 65 -11.92 25.24 32.91
N VAL B 66 -13.00 25.75 33.49
CA VAL B 66 -12.90 26.68 34.60
C VAL B 66 -13.73 26.12 35.75
N PRO B 67 -13.26 26.23 36.99
CA PRO B 67 -13.98 25.62 38.12
C PRO B 67 -15.38 26.19 38.27
N GLY B 68 -16.37 25.28 38.33
CA GLY B 68 -17.74 25.67 38.54
C GLY B 68 -18.50 26.15 37.31
N VAL B 69 -17.80 26.54 36.24
CA VAL B 69 -18.46 26.97 35.02
C VAL B 69 -18.97 25.75 34.27
N LYS B 70 -20.18 25.85 33.72
CA LYS B 70 -20.76 24.71 33.02
C LYS B 70 -20.10 24.50 31.66
N GLU B 71 -19.72 25.59 30.99
CA GLU B 71 -19.17 25.55 29.65
C GLU B 71 -17.65 25.51 29.70
N ASP B 72 -17.05 24.65 28.86
CA ASP B 72 -15.61 24.68 28.74
C ASP B 72 -15.18 25.93 27.98
N VAL B 73 -13.91 26.30 28.13
CA VAL B 73 -13.43 27.56 27.56
C VAL B 73 -13.66 27.59 26.05
N THR B 74 -13.54 26.45 25.38
CA THR B 74 -13.72 26.46 23.94
C THR B 74 -15.19 26.64 23.56
N ASP B 75 -16.10 26.00 24.31
CA ASP B 75 -17.52 26.21 24.05
C ASP B 75 -17.98 27.60 24.49
N ILE B 76 -17.18 28.28 25.31
CA ILE B 76 -17.47 29.66 25.65
C ILE B 76 -17.01 30.60 24.55
N ILE B 77 -15.82 30.36 24.00
CA ILE B 77 -15.35 31.14 22.85
C ILE B 77 -16.36 31.06 21.72
N LEU B 78 -16.89 29.86 21.46
CA LEU B 78 -17.94 29.72 20.46
C LEU B 78 -19.10 30.67 20.75
N ASN B 79 -19.56 30.69 22.00
CA ASN B 79 -20.66 31.59 22.36
C ASN B 79 -20.28 33.04 22.10
N LEU B 80 -19.10 33.46 22.59
CA LEU B 80 -18.68 34.84 22.38
C LEU B 80 -18.54 35.20 20.91
N LYS B 81 -18.53 34.20 20.02
CA LYS B 81 -18.55 34.52 18.59
C LYS B 81 -19.81 35.30 18.22
N GLY B 82 -20.95 34.92 18.80
CA GLY B 82 -22.21 35.58 18.50
C GLY B 82 -22.33 37.00 19.01
N LEU B 83 -21.33 37.51 19.72
CA LEU B 83 -21.34 38.90 20.12
C LEU B 83 -21.42 39.80 18.88
N VAL B 84 -22.39 40.71 18.88
CA VAL B 84 -22.45 41.78 17.90
C VAL B 84 -22.13 43.06 18.64
N VAL B 85 -20.95 43.62 18.40
CA VAL B 85 -20.52 44.84 19.05
C VAL B 85 -20.35 45.92 17.99
N SER B 86 -20.08 47.14 18.45
CA SER B 86 -19.80 48.26 17.58
C SER B 86 -18.88 49.20 18.34
N SER B 87 -17.94 49.81 17.63
CA SER B 87 -16.95 50.64 18.28
C SER B 87 -16.62 51.83 17.39
N ASP B 88 -16.53 53.01 18.00
CA ASP B 88 -15.96 54.15 17.30
C ASP B 88 -14.52 53.91 16.92
N ASP B 89 -13.86 52.93 17.55
CA ASP B 89 -12.45 52.71 17.36
C ASP B 89 -11.79 54.08 17.63
N ASP B 90 -10.73 54.46 16.90
CA ASP B 90 -9.83 53.53 16.24
C ASP B 90 -8.93 52.96 17.33
N GLU B 91 -7.96 52.13 16.94
CA GLU B 91 -7.01 51.53 17.88
C GLU B 91 -7.71 50.51 18.78
N PRO B 92 -7.00 49.52 19.29
CA PRO B 92 -7.65 48.48 20.07
C PRO B 92 -8.02 48.97 21.47
N VAL B 93 -9.15 48.45 21.96
CA VAL B 93 -9.64 48.79 23.29
C VAL B 93 -10.15 47.52 23.96
N THR B 94 -9.81 47.35 25.23
CA THR B 94 -10.21 46.14 25.95
C THR B 94 -11.51 46.38 26.70
N MET B 95 -12.42 45.41 26.62
CA MET B 95 -13.60 45.35 27.48
C MET B 95 -13.26 44.52 28.71
N TYR B 96 -14.25 44.35 29.60
CA TYR B 96 -14.02 43.60 30.83
C TYR B 96 -15.31 42.93 31.27
N LEU B 97 -15.18 41.72 31.82
CA LEU B 97 -16.28 40.97 32.38
C LEU B 97 -15.83 40.24 33.64
N ARG B 98 -16.57 40.42 34.73
CA ARG B 98 -16.32 39.70 35.97
C ARG B 98 -17.65 39.35 36.60
N LYS B 99 -17.85 38.07 36.92
CA LYS B 99 -19.07 37.62 37.56
C LYS B 99 -18.77 36.52 38.56
N GLN B 100 -19.46 36.57 39.70
CA GLN B 100 -19.23 35.68 40.82
C GLN B 100 -20.55 35.07 41.26
N GLY B 101 -20.46 33.97 42.01
CA GLY B 101 -21.63 33.34 42.58
C GLY B 101 -22.48 32.74 41.48
N PRO B 102 -23.53 32.01 41.83
CA PRO B 102 -24.36 31.41 40.80
C PRO B 102 -25.05 32.48 39.97
N GLY B 103 -25.70 32.04 38.91
CA GLY B 103 -26.32 32.96 37.97
C GLY B 103 -26.17 32.44 36.57
N VAL B 104 -26.39 33.33 35.60
CA VAL B 104 -26.03 33.08 34.21
C VAL B 104 -25.36 34.33 33.68
N VAL B 105 -24.18 34.17 33.09
CA VAL B 105 -23.48 35.29 32.49
C VAL B 105 -24.03 35.54 31.10
N THR B 106 -24.14 36.81 30.72
CA THR B 106 -24.58 37.22 29.40
C THR B 106 -23.80 38.45 28.96
N ALA B 107 -24.05 38.90 27.72
CA ALA B 107 -23.31 40.04 27.19
C ALA B 107 -23.62 41.31 27.97
N GLY B 108 -24.80 41.40 28.56
CA GLY B 108 -25.09 42.53 29.42
C GLY B 108 -24.09 42.69 30.53
N ASP B 109 -23.62 41.56 31.08
CA ASP B 109 -22.61 41.59 32.13
C ASP B 109 -21.26 42.10 31.65
N ILE B 110 -21.07 42.29 30.35
CA ILE B 110 -19.83 42.86 29.84
C ILE B 110 -19.90 44.37 30.02
N VAL B 111 -18.90 44.93 30.70
CA VAL B 111 -18.81 46.38 30.90
C VAL B 111 -17.97 46.95 29.76
N PRO B 112 -18.56 47.64 28.80
CA PRO B 112 -17.77 48.22 27.70
C PRO B 112 -17.05 49.47 28.15
N PRO B 113 -15.91 49.78 27.54
CA PRO B 113 -15.25 51.06 27.84
C PRO B 113 -16.03 52.22 27.24
N ALA B 114 -15.50 53.42 27.39
CA ALA B 114 -16.15 54.60 26.85
C ALA B 114 -15.92 54.64 25.34
N GLY B 115 -17.01 54.68 24.58
CA GLY B 115 -16.93 54.72 23.13
C GLY B 115 -17.27 53.42 22.43
N VAL B 116 -17.76 52.41 23.15
CA VAL B 116 -18.18 51.15 22.57
C VAL B 116 -19.49 50.73 23.22
N THR B 117 -20.19 49.81 22.58
CA THR B 117 -21.48 49.37 23.07
C THR B 117 -21.74 47.93 22.62
N VAL B 118 -22.54 47.21 23.40
CA VAL B 118 -22.93 45.83 23.13
C VAL B 118 -24.41 45.83 22.79
N HIS B 119 -24.76 45.37 21.58
CA HIS B 119 -26.09 45.55 21.02
C HIS B 119 -27.03 44.37 21.23
N ASN B 120 -26.58 43.29 21.88
CA ASN B 120 -27.46 42.17 22.23
C ASN B 120 -27.05 41.64 23.59
N PRO B 121 -27.24 42.44 24.65
CA PRO B 121 -26.88 41.96 26.00
C PRO B 121 -27.63 40.71 26.40
N ASP B 122 -28.71 40.38 25.72
CA ASP B 122 -29.51 39.20 26.01
C ASP B 122 -28.76 37.89 25.81
N MET B 123 -27.55 37.92 25.24
CA MET B 123 -26.88 36.71 24.77
C MET B 123 -26.26 35.91 25.92
N HIS B 124 -26.47 34.60 25.88
CA HIS B 124 -25.92 33.69 26.89
C HIS B 124 -24.44 33.44 26.62
N ILE B 125 -23.63 33.62 27.66
CA ILE B 125 -22.20 33.29 27.58
C ILE B 125 -21.96 31.98 28.32
N ALA B 126 -21.99 32.02 29.65
CA ALA B 126 -21.70 30.85 30.47
C ALA B 126 -22.62 30.83 31.68
N THR B 127 -22.91 29.63 32.16
CA THR B 127 -23.71 29.45 33.36
C THR B 127 -22.79 29.06 34.51
N LEU B 128 -22.84 29.82 35.60
CA LEU B 128 -21.97 29.64 36.75
C LEU B 128 -22.74 29.12 37.95
N ASN B 129 -22.04 28.39 38.82
CA ASN B 129 -22.58 27.86 40.07
C ASN B 129 -21.84 28.49 41.24
N ASP B 130 -22.20 28.02 42.45
CA ASP B 130 -21.69 28.63 43.68
C ASP B 130 -20.17 28.77 43.66
N LYS B 131 -19.48 27.79 43.08
CA LYS B 131 -18.03 27.87 42.97
C LYS B 131 -17.56 28.60 41.72
N GLY B 132 -18.46 28.90 40.79
CA GLY B 132 -18.05 29.49 39.53
C GLY B 132 -17.67 30.95 39.66
N LYS B 133 -16.51 31.30 39.11
CA LYS B 133 -16.07 32.69 39.00
C LYS B 133 -15.44 32.87 37.63
N LEU B 134 -15.84 33.93 36.92
CA LEU B 134 -15.38 34.16 35.56
C LEU B 134 -14.84 35.59 35.46
N GLU B 135 -13.54 35.72 35.23
CA GLU B 135 -12.90 37.02 35.03
C GLU B 135 -12.21 36.99 33.67
N VAL B 136 -12.75 37.75 32.71
CA VAL B 136 -12.27 37.71 31.33
C VAL B 136 -12.33 39.11 30.75
N GLU B 137 -11.25 39.53 30.11
CA GLU B 137 -11.24 40.77 29.35
C GLU B 137 -11.26 40.46 27.85
N LEU B 138 -11.92 41.33 27.09
CA LEU B 138 -12.07 41.15 25.64
C LEU B 138 -11.58 42.40 24.91
N VAL B 139 -10.87 42.18 23.80
CA VAL B 139 -10.28 43.26 23.01
C VAL B 139 -11.10 43.45 21.74
N VAL B 140 -11.64 44.65 21.56
CA VAL B 140 -12.44 44.99 20.38
C VAL B 140 -11.59 45.84 19.45
N GLU B 141 -11.41 45.36 18.23
CA GLU B 141 -10.72 46.09 17.19
C GLU B 141 -11.72 46.43 16.08
N ARG B 142 -11.27 47.18 15.09
CA ARG B 142 -12.14 47.67 14.03
C ARG B 142 -11.60 47.23 12.68
N GLY B 143 -12.51 46.86 11.80
CA GLY B 143 -12.11 46.34 10.50
C GLY B 143 -13.34 45.94 9.70
N ARG B 144 -13.13 45.08 8.71
CA ARG B 144 -14.22 44.65 7.84
C ARG B 144 -13.99 43.21 7.40
N GLY B 145 -15.08 42.51 7.10
CA GLY B 145 -14.98 41.17 6.57
C GLY B 145 -14.84 40.12 7.66
N TYR B 146 -14.11 39.05 7.34
CA TYR B 146 -13.79 37.98 8.28
C TYR B 146 -12.29 37.82 8.34
N VAL B 147 -11.71 38.01 9.53
CA VAL B 147 -10.27 37.86 9.75
C VAL B 147 -10.05 36.69 10.69
N PRO B 148 -9.39 35.61 10.24
CA PRO B 148 -9.18 34.46 11.13
C PRO B 148 -8.28 34.85 12.29
N ALA B 149 -8.44 34.13 13.40
CA ALA B 149 -7.71 34.50 14.61
C ALA B 149 -6.23 34.63 14.31
N VAL B 150 -5.66 35.76 14.71
CA VAL B 150 -4.25 36.04 14.50
C VAL B 150 -3.47 35.41 15.64
N GLN B 151 -2.62 34.45 15.30
CA GLN B 151 -1.88 33.71 16.32
C GLN B 151 -0.85 34.61 16.98
N ASN B 152 -0.73 34.50 18.30
CA ASN B 152 0.13 35.42 19.02
C ASN B 152 1.61 35.18 18.77
N LYS B 153 1.97 34.10 18.06
CA LYS B 153 3.34 33.98 17.56
C LYS B 153 3.60 34.97 16.42
N ALA B 154 2.57 35.24 15.60
CA ALA B 154 2.67 36.26 14.56
C ALA B 154 2.54 37.66 15.14
N SER B 155 1.54 37.89 15.99
CA SER B 155 1.46 39.11 16.76
C SER B 155 2.49 39.09 17.88
N GLY B 156 2.49 40.12 18.71
CA GLY B 156 3.45 40.20 19.78
C GLY B 156 2.94 39.68 21.12
N ALA B 157 1.83 38.94 21.11
CA ALA B 157 1.16 38.56 22.34
C ALA B 157 1.96 37.51 23.11
N GLU B 158 1.64 37.41 24.40
CA GLU B 158 2.28 36.46 25.30
C GLU B 158 1.40 35.23 25.46
N ILE B 159 1.89 34.26 26.25
CA ILE B 159 1.25 32.96 26.35
C ILE B 159 -0.21 33.05 26.82
N GLY B 160 -0.60 34.13 27.48
CA GLY B 160 -1.93 34.18 28.07
C GLY B 160 -3.04 34.47 27.09
N ARG B 161 -2.74 35.21 26.01
CA ARG B 161 -3.80 35.74 25.15
C ARG B 161 -4.41 34.64 24.30
N ILE B 162 -5.73 34.57 24.30
CA ILE B 162 -6.48 33.64 23.44
C ILE B 162 -6.92 34.41 22.20
N PRO B 163 -6.30 34.21 21.05
CA PRO B 163 -6.83 34.80 19.82
C PRO B 163 -8.12 34.10 19.39
N VAL B 164 -9.02 34.88 18.80
CA VAL B 164 -10.31 34.35 18.34
C VAL B 164 -10.59 34.84 16.93
N ASP B 165 -11.29 34.00 16.16
CA ASP B 165 -11.80 34.43 14.85
C ASP B 165 -12.71 35.63 15.04
N SER B 166 -12.57 36.61 14.14
CA SER B 166 -13.32 37.86 14.21
C SER B 166 -14.17 38.02 12.96
N ILE B 167 -15.47 38.24 13.15
CA ILE B 167 -16.39 38.54 12.07
C ILE B 167 -16.83 40.00 12.22
N TYR B 168 -16.35 40.88 11.34
CA TYR B 168 -16.88 42.24 11.29
C TYR B 168 -17.86 42.25 10.12
N SER B 169 -19.15 42.11 10.40
CA SER B 169 -20.16 42.12 9.35
C SER B 169 -21.45 42.69 9.93
N PRO B 170 -21.61 44.02 9.91
CA PRO B 170 -22.88 44.59 10.36
C PRO B 170 -24.09 43.93 9.71
N VAL B 171 -23.98 43.55 8.45
CA VAL B 171 -25.14 43.06 7.70
C VAL B 171 -25.36 41.58 7.99
N LEU B 172 -26.64 41.19 7.98
CA LEU B 172 -27.03 39.83 8.36
C LEU B 172 -27.46 39.02 7.14
N LYS B 173 -28.56 39.39 6.48
CA LYS B 173 -29.08 38.67 5.34
C LYS B 173 -29.61 39.67 4.32
N VAL B 174 -29.31 39.44 3.04
CA VAL B 174 -29.63 40.39 1.98
C VAL B 174 -30.15 39.64 0.75
N THR B 175 -31.19 40.21 0.11
CA THR B 175 -31.77 39.65 -1.10
C THR B 175 -32.21 40.81 -1.98
N TYR B 176 -32.82 40.50 -3.12
CA TYR B 176 -33.40 41.52 -3.98
C TYR B 176 -34.37 40.85 -4.95
N LYS B 177 -34.92 41.66 -5.86
CA LYS B 177 -35.90 41.26 -6.85
C LYS B 177 -36.19 42.46 -7.74
N VAL B 178 -36.74 42.19 -8.91
CA VAL B 178 -37.03 43.23 -9.90
C VAL B 178 -38.38 42.96 -10.54
N GLU B 179 -39.00 44.04 -11.00
CA GLU B 179 -40.24 44.01 -11.76
C GLU B 179 -40.12 44.99 -12.92
N ALA B 180 -40.35 44.49 -14.14
CA ALA B 180 -40.25 45.36 -15.31
C ALA B 180 -41.18 46.57 -15.15
N THR B 181 -40.61 47.76 -15.27
CA THR B 181 -41.35 49.01 -15.08
C THR B 181 -42.03 49.05 -13.71
N GLN B 185 -45.17 44.35 -21.11
CA GLN B 185 -45.64 45.22 -22.18
C GLN B 185 -44.47 46.01 -22.76
N ARG B 186 -44.61 46.44 -24.01
CA ARG B 186 -43.59 47.28 -24.63
C ARG B 186 -43.47 48.60 -23.88
N THR B 187 -42.27 49.17 -23.91
CA THR B 187 -41.84 50.36 -23.15
C THR B 187 -41.36 49.96 -21.76
N ASP B 188 -41.38 48.68 -21.41
CA ASP B 188 -41.01 48.23 -20.06
C ASP B 188 -39.63 48.78 -19.66
N PHE B 189 -39.56 49.23 -18.41
CA PHE B 189 -38.33 49.60 -17.73
C PHE B 189 -38.10 48.60 -16.59
N ASP B 190 -37.11 48.86 -15.76
CA ASP B 190 -36.83 48.00 -14.61
C ASP B 190 -36.78 48.81 -13.33
N LYS B 191 -37.47 48.32 -12.30
CA LYS B 191 -37.36 48.85 -10.94
C LYS B 191 -37.04 47.70 -10.00
N LEU B 192 -35.94 47.83 -9.25
CA LEU B 192 -35.50 46.80 -8.33
C LEU B 192 -35.74 47.23 -6.89
N ILE B 193 -36.10 46.27 -6.04
CA ILE B 193 -36.15 46.47 -4.60
C ILE B 193 -35.07 45.59 -3.96
N ILE B 194 -34.33 46.16 -3.03
CA ILE B 194 -33.35 45.39 -2.27
C ILE B 194 -33.80 45.32 -0.82
N ASP B 195 -33.66 44.14 -0.22
CA ASP B 195 -34.03 43.90 1.17
C ASP B 195 -32.74 43.78 1.97
N VAL B 196 -32.45 44.78 2.80
CA VAL B 196 -31.23 44.83 3.58
C VAL B 196 -31.59 44.62 5.05
N GLU B 197 -30.93 43.66 5.69
CA GLU B 197 -31.04 43.43 7.12
C GLU B 197 -29.66 43.54 7.76
N THR B 198 -29.64 44.07 8.97
CA THR B 198 -28.41 44.28 9.70
C THR B 198 -28.50 43.64 11.07
N LYS B 199 -27.36 43.53 11.73
CA LYS B 199 -27.27 42.86 13.03
C LYS B 199 -27.62 43.77 14.19
N ASN B 200 -28.03 45.01 13.93
CA ASN B 200 -28.30 46.07 14.90
C ASN B 200 -27.07 46.89 15.23
N SER B 201 -25.88 46.51 14.76
CA SER B 201 -24.73 47.39 14.94
C SER B 201 -24.84 48.64 14.08
N ILE B 202 -25.58 48.57 12.97
CA ILE B 202 -25.90 49.73 12.14
C ILE B 202 -27.26 49.49 11.51
N SER B 203 -27.87 50.58 11.02
CA SER B 203 -29.17 50.52 10.36
C SER B 203 -29.01 50.18 8.88
N PRO B 204 -30.00 49.49 8.29
CA PRO B 204 -29.91 49.21 6.85
C PRO B 204 -29.59 50.45 6.03
N ARG B 205 -30.09 51.61 6.46
CA ARG B 205 -29.78 52.86 5.79
C ARG B 205 -28.28 53.13 5.77
N ASP B 206 -27.65 53.13 6.96
CA ASP B 206 -26.24 53.50 7.04
C ASP B 206 -25.35 52.53 6.28
N ALA B 207 -25.74 51.25 6.24
CA ALA B 207 -24.95 50.25 5.54
C ALA B 207 -25.03 50.44 4.04
N LEU B 208 -26.25 50.50 3.50
CA LEU B 208 -26.41 50.79 2.08
C LEU B 208 -25.70 52.07 1.69
N ALA B 209 -25.71 53.08 2.59
CA ALA B 209 -24.89 54.26 2.37
C ALA B 209 -23.42 53.88 2.29
N SER B 210 -22.96 53.03 3.23
CA SER B 210 -21.58 52.55 3.19
C SER B 210 -21.28 51.87 1.87
N ALA B 211 -22.15 50.95 1.46
CA ALA B 211 -21.93 50.23 0.22
C ALA B 211 -21.80 51.18 -0.96
N GLY B 212 -22.80 52.04 -1.15
CA GLY B 212 -22.72 53.02 -2.21
C GLY B 212 -21.47 53.86 -2.13
N GLY B 213 -21.24 54.46 -0.96
CA GLY B 213 -20.00 55.21 -0.77
C GLY B 213 -18.77 54.40 -1.12
N THR B 214 -18.72 53.16 -0.63
CA THR B 214 -17.63 52.28 -1.00
C THR B 214 -17.72 51.88 -2.47
N LEU B 215 -18.94 51.74 -3.00
CA LEU B 215 -19.12 51.35 -4.39
C LEU B 215 -18.91 52.51 -5.34
N VAL B 216 -19.29 53.73 -4.94
CA VAL B 216 -19.07 54.90 -5.76
C VAL B 216 -17.58 55.14 -5.97
N GLU B 217 -16.83 55.25 -4.87
CA GLU B 217 -15.41 55.56 -4.94
C GLU B 217 -14.66 54.60 -5.85
N LEU B 218 -15.19 53.39 -6.04
CA LEU B 218 -14.47 52.37 -6.80
C LEU B 218 -14.56 52.61 -8.30
N PHE B 219 -15.74 52.92 -8.83
CA PHE B 219 -15.87 53.19 -10.25
C PHE B 219 -15.09 54.45 -10.63
N GLY B 220 -14.22 54.34 -11.62
CA GLY B 220 -13.39 55.45 -12.03
C GLY B 220 -12.98 55.31 -13.49
N LEU B 221 -12.68 56.46 -14.10
CA LEU B 221 -12.32 56.52 -15.51
C LEU B 221 -11.98 57.96 -15.90
N MET C 1 -11.87 52.99 9.08
CA MET C 1 -12.89 52.66 8.08
C MET C 1 -12.27 51.88 6.92
N LEU C 2 -11.79 52.57 5.89
CA LEU C 2 -11.22 51.89 4.73
C LEU C 2 -10.04 52.67 4.16
N ILE C 3 -8.94 51.96 3.93
CA ILE C 3 -7.91 52.37 2.99
C ILE C 3 -7.30 51.10 2.41
N SER C 4 -7.03 51.10 1.11
CA SER C 4 -6.53 49.89 0.47
C SER C 4 -5.69 50.26 -0.75
N GLN C 5 -4.76 49.37 -1.09
CA GLN C 5 -3.79 49.65 -2.15
C GLN C 5 -3.47 48.43 -3.04
N ARG C 6 -3.47 48.65 -4.36
CA ARG C 6 -4.12 49.83 -4.94
C ARG C 6 -4.68 49.48 -6.32
N PRO C 7 -5.87 49.98 -6.65
CA PRO C 7 -6.43 49.74 -7.98
C PRO C 7 -5.86 50.67 -9.04
N THR C 8 -5.82 50.18 -10.28
CA THR C 8 -5.39 50.96 -11.42
C THR C 8 -6.06 50.42 -12.68
N LEU C 9 -6.30 51.33 -13.64
CA LEU C 9 -7.08 51.02 -14.83
C LEU C 9 -6.23 51.24 -16.08
N SER C 10 -5.95 50.16 -16.80
CA SER C 10 -5.12 50.21 -18.00
C SER C 10 -5.89 49.61 -19.17
N GLU C 11 -5.44 49.93 -20.39
CA GLU C 11 -6.15 49.54 -21.61
C GLU C 11 -5.18 49.11 -22.70
N GLU C 12 -5.45 47.93 -23.27
CA GLU C 12 -4.75 47.44 -24.46
C GLU C 12 -5.64 47.68 -25.67
N THR C 13 -5.09 48.32 -26.70
CA THR C 13 -5.85 48.68 -27.88
C THR C 13 -5.72 47.58 -28.92
N VAL C 14 -6.82 46.87 -29.19
CA VAL C 14 -6.81 45.80 -30.19
C VAL C 14 -6.98 46.36 -31.60
N ALA C 15 -7.90 47.32 -31.77
CA ALA C 15 -8.16 47.95 -33.06
C ALA C 15 -8.83 49.30 -32.81
N GLU C 16 -8.84 50.15 -33.84
CA GLU C 16 -9.51 51.44 -33.70
C GLU C 16 -10.94 51.28 -33.21
N ASN C 17 -11.56 50.13 -33.53
CA ASN C 17 -12.87 49.79 -32.99
C ASN C 17 -12.80 49.16 -31.59
N ARG C 18 -11.77 48.35 -31.31
CA ARG C 18 -11.73 47.50 -30.14
C ARG C 18 -10.66 47.93 -29.14
N SER C 19 -10.91 47.65 -27.86
CA SER C 19 -9.92 47.87 -26.81
C SER C 19 -10.18 46.88 -25.67
N ARG C 20 -9.11 46.49 -24.99
CA ARG C 20 -9.17 45.65 -23.79
C ARG C 20 -8.78 46.49 -22.58
N PHE C 21 -9.51 46.30 -21.48
CA PHE C 21 -9.28 47.04 -20.25
C PHE C 21 -9.08 46.07 -19.09
N VAL C 22 -8.17 46.43 -18.18
CA VAL C 22 -7.84 45.58 -17.04
C VAL C 22 -7.66 46.47 -15.81
N ILE C 23 -8.17 45.99 -14.68
CA ILE C 23 -8.08 46.71 -13.41
C ILE C 23 -7.33 45.83 -12.42
N GLU C 24 -6.29 46.39 -11.81
CA GLU C 24 -5.44 45.65 -10.89
C GLU C 24 -4.89 46.50 -9.74
N PRO C 25 -4.73 45.88 -8.57
CA PRO C 25 -5.49 44.69 -8.18
C PRO C 25 -6.86 45.08 -7.62
N LEU C 26 -7.83 44.18 -7.66
CA LEU C 26 -9.03 44.39 -6.88
C LEU C 26 -8.90 43.67 -5.54
N GLU C 27 -9.92 43.84 -4.70
CA GLU C 27 -9.98 43.00 -3.50
C GLU C 27 -10.98 41.88 -3.72
N PRO C 28 -10.61 40.62 -3.46
CA PRO C 28 -11.58 39.53 -3.65
C PRO C 28 -12.83 39.79 -2.83
N GLY C 29 -14.02 39.58 -3.39
CA GLY C 29 -14.21 39.05 -4.74
C GLY C 29 -14.59 40.06 -5.81
N PHE C 30 -14.17 41.33 -5.66
CA PHE C 30 -14.76 42.44 -6.40
C PHE C 30 -14.74 42.27 -7.91
N GLY C 31 -13.99 41.31 -8.45
CA GLY C 31 -14.09 41.06 -9.87
C GLY C 31 -15.51 40.74 -10.31
N TYR C 32 -16.11 39.71 -9.72
CA TYR C 32 -17.46 39.32 -10.14
C TYR C 32 -18.47 40.41 -9.84
N THR C 33 -18.24 41.19 -8.77
CA THR C 33 -19.26 42.14 -8.31
C THR C 33 -19.46 43.26 -9.33
N LEU C 34 -18.37 43.97 -9.65
CA LEU C 34 -18.50 45.12 -10.53
C LEU C 34 -18.54 44.70 -12.00
N GLY C 35 -17.66 43.77 -12.40
CA GLY C 35 -17.51 43.45 -13.82
C GLY C 35 -18.81 43.21 -14.56
N ASN C 36 -19.74 42.45 -13.96
CA ASN C 36 -21.00 42.20 -14.64
C ASN C 36 -21.84 43.47 -14.75
N SER C 37 -21.70 44.39 -13.79
CA SER C 37 -22.39 45.68 -13.88
C SER C 37 -21.77 46.56 -14.95
N LEU C 38 -20.48 46.40 -15.23
CA LEU C 38 -19.85 47.21 -16.26
C LEU C 38 -20.28 46.77 -17.65
N ARG C 39 -20.27 45.46 -17.92
CA ARG C 39 -20.77 44.97 -19.20
C ARG C 39 -22.16 45.50 -19.49
N ARG C 40 -22.97 45.70 -18.45
CA ARG C 40 -24.33 46.20 -18.66
C ARG C 40 -24.33 47.69 -18.97
N THR C 41 -23.60 48.49 -18.16
CA THR C 41 -23.60 49.94 -18.35
C THR C 41 -23.12 50.33 -19.73
N LEU C 42 -22.09 49.65 -20.24
CA LEU C 42 -21.62 49.96 -21.58
C LEU C 42 -22.63 49.49 -22.63
N LEU C 43 -23.21 48.31 -22.44
CA LEU C 43 -24.08 47.75 -23.47
C LEU C 43 -25.42 48.49 -23.54
N SER C 44 -26.14 48.59 -22.41
CA SER C 44 -27.50 49.13 -22.42
C SER C 44 -27.64 50.60 -22.04
N SER C 45 -26.61 51.23 -21.48
CA SER C 45 -26.82 52.52 -20.82
C SER C 45 -26.35 53.75 -21.59
N ILE C 46 -25.71 53.61 -22.74
CA ILE C 46 -24.98 54.72 -23.37
C ILE C 46 -25.86 55.33 -24.46
N PRO C 47 -26.07 56.64 -24.45
CA PRO C 47 -26.97 57.27 -25.44
C PRO C 47 -26.38 57.21 -26.84
N GLY C 48 -27.22 56.85 -27.80
CA GLY C 48 -26.81 56.81 -29.19
C GLY C 48 -28.01 56.69 -30.10
N ALA C 49 -27.82 57.14 -31.34
CA ALA C 49 -28.92 57.18 -32.31
C ALA C 49 -28.80 56.03 -33.30
N ALA C 50 -29.94 55.41 -33.61
CA ALA C 50 -29.99 54.29 -34.54
C ALA C 50 -31.28 54.34 -35.34
N VAL C 51 -31.33 53.56 -36.42
CA VAL C 51 -32.52 53.48 -37.26
C VAL C 51 -33.62 52.73 -36.53
N THR C 52 -34.85 53.24 -36.64
CA THR C 52 -36.02 52.66 -35.99
C THR C 52 -36.88 51.87 -36.97
N SER C 53 -37.44 52.55 -37.97
CA SER C 53 -38.30 51.92 -38.97
C SER C 53 -37.88 52.41 -40.35
N ILE C 54 -38.20 51.60 -41.37
CA ILE C 54 -37.90 51.96 -42.74
C ILE C 54 -39.05 51.53 -43.64
N ARG C 55 -39.26 52.29 -44.71
CA ARG C 55 -40.18 51.93 -45.77
C ARG C 55 -39.50 52.14 -47.11
N ILE C 56 -39.65 51.17 -48.00
CA ILE C 56 -39.07 51.24 -49.33
C ILE C 56 -40.18 51.46 -50.34
N ASP C 57 -39.90 52.25 -51.36
CA ASP C 57 -40.82 52.40 -52.47
C ASP C 57 -40.87 51.10 -53.27
N GLY C 58 -42.08 50.60 -53.51
CA GLY C 58 -42.27 49.37 -54.25
C GLY C 58 -42.45 48.13 -53.40
N VAL C 59 -42.29 48.23 -52.08
CA VAL C 59 -42.50 47.11 -51.17
C VAL C 59 -43.67 47.46 -50.27
N LEU C 60 -44.81 46.79 -50.48
CA LEU C 60 -45.98 47.02 -49.65
C LEU C 60 -46.57 45.71 -49.13
N HIS C 61 -47.22 44.96 -50.02
CA HIS C 61 -47.75 43.64 -49.69
C HIS C 61 -46.83 42.51 -50.14
N GLU C 62 -45.72 42.83 -50.80
CA GLU C 62 -44.78 41.80 -51.22
C GLU C 62 -44.04 41.25 -50.01
N PHE C 63 -43.74 39.96 -50.06
CA PHE C 63 -43.15 39.28 -48.91
C PHE C 63 -41.66 39.61 -48.79
N THR C 64 -40.83 39.09 -49.71
CA THR C 64 -39.46 39.57 -49.86
C THR C 64 -39.07 39.57 -51.33
N THR C 65 -38.71 40.73 -51.86
CA THR C 65 -37.96 40.87 -53.12
C THR C 65 -37.91 42.34 -53.48
N VAL C 66 -36.94 42.69 -54.33
CA VAL C 66 -36.77 44.03 -54.88
C VAL C 66 -36.27 43.98 -56.32
N PRO C 67 -37.15 43.91 -57.32
CA PRO C 67 -36.68 43.86 -58.72
C PRO C 67 -35.67 44.97 -59.01
N GLY C 68 -34.58 44.58 -59.69
CA GLY C 68 -33.51 45.50 -60.04
C GLY C 68 -32.33 45.51 -59.11
N VAL C 69 -32.31 44.68 -58.07
CA VAL C 69 -31.22 44.61 -57.11
C VAL C 69 -31.00 43.17 -56.71
N LYS C 70 -29.74 42.76 -56.61
CA LYS C 70 -29.43 41.39 -56.20
C LYS C 70 -29.71 41.18 -54.71
N GLU C 71 -29.60 42.23 -53.91
CA GLU C 71 -29.97 42.14 -52.50
C GLU C 71 -31.48 42.11 -52.36
N ASP C 72 -31.99 41.18 -51.54
CA ASP C 72 -33.42 41.06 -51.30
C ASP C 72 -33.81 41.93 -50.11
N VAL C 73 -35.05 41.78 -49.64
CA VAL C 73 -35.54 42.61 -48.54
C VAL C 73 -34.72 42.38 -47.28
N THR C 74 -34.62 41.12 -46.86
CA THR C 74 -33.93 40.80 -45.61
C THR C 74 -32.47 41.23 -45.66
N ASP C 75 -31.78 40.91 -46.76
CA ASP C 75 -30.35 41.19 -46.83
C ASP C 75 -30.07 42.68 -46.71
N ILE C 76 -30.97 43.54 -47.19
CA ILE C 76 -30.73 44.97 -47.13
C ILE C 76 -31.01 45.52 -45.73
N ILE C 77 -32.04 44.99 -45.05
CA ILE C 77 -32.37 45.46 -43.70
C ILE C 77 -31.18 45.25 -42.77
N LEU C 78 -30.69 44.01 -42.68
CA LEU C 78 -29.49 43.77 -41.89
C LEU C 78 -28.29 44.50 -42.50
N ASN C 79 -28.31 44.72 -43.81
CA ASN C 79 -27.31 45.59 -44.41
C ASN C 79 -27.40 47.00 -43.81
N LEU C 80 -28.62 47.47 -43.57
CA LEU C 80 -28.83 48.81 -43.03
C LEU C 80 -28.66 48.86 -41.51
N LYS C 81 -28.92 47.75 -40.81
CA LYS C 81 -28.78 47.76 -39.36
C LYS C 81 -27.39 48.23 -38.94
N GLY C 82 -26.39 48.01 -39.79
CA GLY C 82 -25.04 48.46 -39.50
C GLY C 82 -24.78 49.93 -39.71
N LEU C 83 -25.78 50.70 -40.14
CA LEU C 83 -25.57 52.12 -40.36
C LEU C 83 -25.42 52.83 -39.03
N VAL C 84 -24.34 53.60 -38.89
CA VAL C 84 -24.01 54.30 -37.66
C VAL C 84 -23.98 55.78 -37.96
N VAL C 85 -24.93 56.52 -37.38
CA VAL C 85 -25.03 57.96 -37.53
C VAL C 85 -25.51 58.55 -36.21
N SER C 86 -24.81 59.59 -35.74
CA SER C 86 -25.19 60.27 -34.50
C SER C 86 -26.15 61.42 -34.82
N SER C 87 -27.36 61.35 -34.28
CA SER C 87 -28.40 62.34 -34.53
C SER C 87 -28.59 63.24 -33.33
N ASP C 88 -28.76 64.53 -33.59
CA ASP C 88 -28.93 65.55 -32.56
C ASP C 88 -30.39 65.88 -32.28
N ASP C 89 -31.33 65.18 -32.91
CA ASP C 89 -32.71 65.65 -32.92
C ASP C 89 -33.44 65.35 -31.61
N ASP C 90 -33.22 64.16 -31.05
CA ASP C 90 -33.95 63.66 -29.88
C ASP C 90 -35.33 63.15 -30.27
N GLU C 91 -35.80 63.54 -31.46
CA GLU C 91 -37.07 63.09 -31.99
C GLU C 91 -36.83 62.39 -33.30
N PRO C 92 -37.70 61.45 -33.68
CA PRO C 92 -37.48 60.71 -34.94
C PRO C 92 -37.39 61.67 -36.11
N VAL C 93 -36.33 61.51 -36.91
CA VAL C 93 -36.09 62.28 -38.11
C VAL C 93 -36.02 61.30 -39.28
N THR C 94 -36.58 61.70 -40.42
CA THR C 94 -36.62 60.86 -41.61
C THR C 94 -35.59 61.38 -42.61
N MET C 95 -34.52 60.62 -42.80
CA MET C 95 -33.59 60.87 -43.89
C MET C 95 -34.14 60.22 -45.16
N TYR C 96 -33.44 60.40 -46.27
CA TYR C 96 -33.93 59.83 -47.52
C TYR C 96 -32.77 59.37 -48.39
N LEU C 97 -32.93 58.19 -48.97
CA LEU C 97 -32.00 57.63 -49.95
C LEU C 97 -32.77 57.34 -51.23
N ARG C 98 -32.44 58.06 -52.30
CA ARG C 98 -33.07 57.86 -53.60
C ARG C 98 -31.97 57.77 -54.66
N LYS C 99 -31.95 56.65 -55.39
CA LYS C 99 -30.93 56.42 -56.40
C LYS C 99 -31.49 55.54 -57.50
N GLN C 100 -30.98 55.72 -58.71
CA GLN C 100 -31.43 55.00 -59.89
C GLN C 100 -30.22 54.61 -60.72
N GLY C 101 -30.49 53.96 -61.85
CA GLY C 101 -29.45 53.55 -62.77
C GLY C 101 -28.63 52.42 -62.20
N PRO C 102 -27.79 51.81 -63.03
CA PRO C 102 -26.90 50.77 -62.52
C PRO C 102 -25.82 51.38 -61.63
N GLY C 103 -25.58 50.73 -60.50
CA GLY C 103 -24.59 51.23 -59.56
C GLY C 103 -24.76 50.58 -58.21
N VAL C 104 -23.81 50.88 -57.33
CA VAL C 104 -23.79 50.38 -55.96
C VAL C 104 -24.06 51.55 -55.03
N VAL C 105 -25.11 51.42 -54.22
CA VAL C 105 -25.45 52.46 -53.26
C VAL C 105 -24.59 52.31 -52.00
N THR C 106 -24.29 53.44 -51.38
CA THR C 106 -23.52 53.46 -50.14
C THR C 106 -24.15 54.47 -49.19
N ALA C 107 -23.70 54.42 -47.94
CA ALA C 107 -24.19 55.36 -46.94
C ALA C 107 -23.84 56.81 -47.27
N GLY C 108 -23.01 57.05 -48.30
CA GLY C 108 -22.72 58.42 -48.70
C GLY C 108 -23.78 59.04 -49.58
N ASP C 109 -24.58 58.22 -50.27
CA ASP C 109 -25.62 58.73 -51.15
C ASP C 109 -26.82 59.25 -50.37
N ILE C 110 -27.05 58.74 -49.16
CA ILE C 110 -28.16 59.22 -48.34
C ILE C 110 -27.87 60.64 -47.88
N VAL C 111 -28.85 61.52 -48.04
CA VAL C 111 -28.71 62.93 -47.66
C VAL C 111 -29.21 63.06 -46.23
N PRO C 112 -28.33 63.25 -45.25
CA PRO C 112 -28.78 63.44 -43.87
C PRO C 112 -29.42 64.81 -43.70
N PRO C 113 -30.57 64.89 -43.04
CA PRO C 113 -31.07 66.19 -42.61
C PRO C 113 -30.09 66.85 -41.65
N ALA C 114 -30.23 68.16 -41.51
CA ALA C 114 -29.36 68.90 -40.59
C ALA C 114 -29.51 68.34 -39.18
N GLY C 115 -28.38 68.00 -38.57
CA GLY C 115 -28.35 67.47 -37.22
C GLY C 115 -28.04 66.00 -37.11
N VAL C 116 -28.11 65.24 -38.21
CA VAL C 116 -27.75 63.83 -38.23
C VAL C 116 -26.54 63.67 -39.14
N THR C 117 -25.52 62.95 -38.65
CA THR C 117 -24.25 62.82 -39.35
C THR C 117 -23.87 61.36 -39.45
N VAL C 118 -23.72 60.87 -40.68
CA VAL C 118 -23.40 59.46 -40.93
C VAL C 118 -21.91 59.24 -40.74
N HIS C 119 -21.55 58.24 -39.94
CA HIS C 119 -20.15 57.98 -39.58
C HIS C 119 -19.49 56.89 -40.42
N ASN C 120 -20.21 56.23 -41.32
CA ASN C 120 -19.65 55.13 -42.12
C ASN C 120 -20.16 55.21 -43.55
N PRO C 121 -19.70 56.21 -44.31
CA PRO C 121 -20.20 56.37 -45.68
C PRO C 121 -19.91 55.18 -46.59
N ASP C 122 -18.73 54.58 -46.48
CA ASP C 122 -18.38 53.48 -47.38
C ASP C 122 -19.30 52.28 -47.23
N MET C 123 -20.19 52.30 -46.24
CA MET C 123 -21.06 51.16 -45.98
C MET C 123 -21.86 50.77 -47.21
N HIS C 124 -21.87 49.47 -47.50
CA HIS C 124 -22.65 48.94 -48.62
C HIS C 124 -24.10 48.76 -48.20
N ILE C 125 -25.00 49.17 -49.09
CA ILE C 125 -26.44 49.03 -48.88
C ILE C 125 -27.05 48.05 -49.88
N ALA C 126 -26.98 48.36 -51.17
CA ALA C 126 -27.55 47.47 -52.18
C ALA C 126 -26.76 47.59 -53.48
N THR C 127 -26.86 46.54 -54.29
CA THR C 127 -26.31 46.53 -55.64
C THR C 127 -27.46 46.71 -56.63
N LEU C 128 -27.38 47.74 -57.47
CA LEU C 128 -28.44 48.08 -58.41
C LEU C 128 -28.20 47.37 -59.73
N ASN C 129 -29.15 46.54 -60.15
CA ASN C 129 -29.07 45.87 -61.43
C ASN C 129 -29.21 46.91 -62.55
N ASP C 130 -28.76 46.53 -63.75
CA ASP C 130 -28.75 47.44 -64.87
C ASP C 130 -30.12 48.09 -65.06
N LYS C 131 -30.14 49.42 -65.14
CA LYS C 131 -31.36 50.17 -65.33
C LYS C 131 -32.35 49.90 -64.19
N GLY C 132 -32.02 50.43 -63.02
CA GLY C 132 -32.87 50.27 -61.86
C GLY C 132 -32.76 51.47 -60.93
N LYS C 133 -33.80 51.64 -60.11
CA LYS C 133 -33.86 52.74 -59.16
C LYS C 133 -34.33 52.21 -57.82
N LEU C 134 -33.88 52.87 -56.75
CA LEU C 134 -34.21 52.48 -55.39
C LEU C 134 -34.60 53.71 -54.59
N GLU C 135 -35.70 53.62 -53.85
CA GLU C 135 -36.18 54.69 -53.00
C GLU C 135 -36.49 54.14 -51.62
N VAL C 136 -35.91 54.74 -50.59
CA VAL C 136 -36.05 54.26 -49.22
C VAL C 136 -36.11 55.45 -48.28
N GLU C 137 -37.02 55.38 -47.31
CA GLU C 137 -37.07 56.33 -46.21
C GLU C 137 -36.55 55.66 -44.95
N LEU C 138 -35.87 56.43 -44.10
CA LEU C 138 -35.26 55.92 -42.89
C LEU C 138 -35.69 56.77 -41.70
N VAL C 139 -36.19 56.11 -40.66
CA VAL C 139 -36.60 56.76 -39.42
C VAL C 139 -35.48 56.57 -38.41
N VAL C 140 -34.97 57.67 -37.87
CA VAL C 140 -33.83 57.68 -36.96
C VAL C 140 -34.21 58.45 -35.70
N GLU C 141 -34.28 57.76 -34.58
CA GLU C 141 -34.56 58.38 -33.28
C GLU C 141 -33.53 57.95 -32.27
N ARG C 142 -33.23 58.85 -31.34
CA ARG C 142 -32.24 58.57 -30.30
C ARG C 142 -32.74 57.48 -29.35
N GLY C 143 -31.79 56.89 -28.62
CA GLY C 143 -32.17 55.90 -27.63
C GLY C 143 -30.94 55.31 -26.96
N ARG C 144 -31.18 54.20 -26.25
CA ARG C 144 -30.12 53.51 -25.54
C ARG C 144 -30.43 52.02 -25.51
N GLY C 145 -29.36 51.23 -25.41
CA GLY C 145 -29.53 49.79 -25.33
C GLY C 145 -29.77 49.17 -26.70
N TYR C 146 -30.48 48.06 -26.69
CA TYR C 146 -30.89 47.37 -27.92
C TYR C 146 -32.39 47.14 -27.83
N VAL C 147 -33.14 47.83 -28.69
CA VAL C 147 -34.60 47.79 -28.67
C VAL C 147 -35.06 46.95 -29.86
N PRO C 148 -35.58 45.74 -29.65
CA PRO C 148 -36.05 44.94 -30.78
C PRO C 148 -37.10 45.69 -31.58
N ALA C 149 -37.28 45.25 -32.83
CA ALA C 149 -38.22 45.91 -33.71
C ALA C 149 -39.60 45.99 -33.06
N VAL C 150 -40.14 47.19 -32.98
CA VAL C 150 -41.40 47.45 -32.30
C VAL C 150 -42.50 47.49 -33.34
N GLN C 151 -43.44 46.56 -33.23
CA GLN C 151 -44.77 46.75 -33.78
C GLN C 151 -45.69 47.03 -32.59
N ASN C 152 -46.08 48.28 -32.43
CA ASN C 152 -46.90 48.74 -31.31
C ASN C 152 -48.06 49.55 -31.88
N LYS C 153 -49.28 49.04 -31.72
CA LYS C 153 -50.49 49.53 -32.39
C LYS C 153 -50.83 48.94 -33.79
N ALA C 154 -50.00 48.12 -34.44
CA ALA C 154 -48.64 47.76 -34.02
C ALA C 154 -47.64 48.41 -34.98
N SER C 155 -47.47 47.81 -36.16
CA SER C 155 -47.08 48.60 -37.31
C SER C 155 -48.30 49.31 -37.87
N GLY C 156 -49.43 48.60 -37.86
CA GLY C 156 -50.73 49.25 -37.91
C GLY C 156 -51.03 49.87 -39.25
N ALA C 157 -51.50 51.12 -39.20
CA ALA C 157 -52.03 51.77 -40.39
C ALA C 157 -51.01 51.83 -41.52
N GLU C 158 -49.76 52.19 -41.21
CA GLU C 158 -48.75 52.35 -42.25
C GLU C 158 -48.63 51.08 -43.08
N ILE C 159 -48.78 51.22 -44.40
CA ILE C 159 -48.62 50.12 -45.34
C ILE C 159 -47.25 50.24 -46.00
N GLY C 160 -46.47 49.17 -45.94
CA GLY C 160 -45.08 49.23 -46.35
C GLY C 160 -44.13 49.68 -45.26
N ARG C 161 -44.64 49.98 -44.06
CA ARG C 161 -43.80 50.33 -42.92
C ARG C 161 -43.15 49.07 -42.38
N ILE C 162 -41.82 49.04 -42.35
CA ILE C 162 -41.08 47.90 -41.84
C ILE C 162 -40.34 48.34 -40.59
N PRO C 163 -40.75 47.90 -39.40
CA PRO C 163 -39.94 48.15 -38.20
C PRO C 163 -38.73 47.24 -38.18
N VAL C 164 -37.62 47.77 -37.66
CA VAL C 164 -36.34 47.06 -37.69
C VAL C 164 -35.74 47.02 -36.30
N ASP C 165 -34.98 45.96 -36.03
CA ASP C 165 -34.25 45.87 -34.78
C ASP C 165 -33.23 47.00 -34.71
N SER C 166 -33.29 47.79 -33.65
CA SER C 166 -32.48 48.99 -33.51
C SER C 166 -31.34 48.73 -32.54
N ILE C 167 -30.11 48.85 -33.02
CA ILE C 167 -28.95 48.84 -32.12
C ILE C 167 -28.70 50.30 -31.76
N TYR C 168 -29.10 50.68 -30.56
CA TYR C 168 -29.01 52.09 -30.18
C TYR C 168 -27.61 52.44 -29.68
N SER C 169 -26.98 51.53 -28.94
CA SER C 169 -25.74 51.92 -28.28
C SER C 169 -24.54 51.74 -29.20
N PRO C 170 -23.50 52.55 -28.99
CA PRO C 170 -22.30 52.43 -29.85
C PRO C 170 -21.59 51.09 -29.74
N VAL C 171 -21.62 50.45 -28.58
CA VAL C 171 -20.82 49.25 -28.34
C VAL C 171 -21.65 48.03 -28.75
N LEU C 172 -21.16 47.30 -29.75
CA LEU C 172 -21.91 46.16 -30.29
C LEU C 172 -21.56 44.83 -29.62
N LYS C 173 -20.44 44.74 -28.90
CA LYS C 173 -20.11 43.52 -28.16
C LYS C 173 -19.23 43.86 -26.97
N VAL C 174 -19.47 43.16 -25.86
CA VAL C 174 -18.65 43.33 -24.66
C VAL C 174 -18.66 42.03 -23.87
N THR C 175 -17.54 41.75 -23.22
CA THR C 175 -17.40 40.56 -22.39
C THR C 175 -16.32 40.83 -21.34
N TYR C 176 -16.38 40.06 -20.24
CA TYR C 176 -15.44 40.24 -19.14
C TYR C 176 -14.98 38.87 -18.63
N LYS C 177 -13.83 38.87 -17.95
CA LYS C 177 -13.29 37.69 -17.31
C LYS C 177 -12.59 38.11 -16.01
N VAL C 178 -12.12 37.12 -15.26
CA VAL C 178 -11.53 37.35 -13.94
C VAL C 178 -10.30 36.48 -13.77
N GLU C 179 -9.20 37.10 -13.34
CA GLU C 179 -7.94 36.41 -13.11
C GLU C 179 -7.36 36.90 -11.79
N ALA C 180 -6.34 36.20 -11.29
CA ALA C 180 -5.85 36.41 -9.94
C ALA C 180 -4.38 36.84 -9.93
N THR C 181 -4.09 37.87 -9.13
CA THR C 181 -2.74 38.25 -8.75
C THR C 181 -2.72 38.17 -7.22
N ARG C 182 -1.55 38.16 -6.57
CA ARG C 182 -0.25 38.54 -7.11
C ARG C 182 0.86 37.67 -6.48
N VAL C 183 2.09 38.15 -6.57
CA VAL C 183 3.33 37.45 -6.18
C VAL C 183 3.33 37.04 -4.71
N GLU C 184 2.21 37.29 -4.01
CA GLU C 184 2.01 36.96 -2.59
C GLU C 184 2.25 38.11 -1.62
N GLN C 185 2.67 39.28 -2.13
CA GLN C 185 2.32 40.51 -1.43
C GLN C 185 0.79 40.63 -1.37
N ARG C 186 0.14 40.56 -2.53
CA ARG C 186 -1.30 40.34 -2.64
C ARG C 186 -1.49 38.97 -3.28
N THR C 187 -2.05 38.02 -2.52
CA THR C 187 -2.21 36.63 -2.95
C THR C 187 -3.67 36.38 -3.31
N ASP C 188 -3.93 35.91 -4.52
CA ASP C 188 -5.27 35.58 -4.98
C ASP C 188 -6.18 36.81 -5.06
N PHE C 189 -5.62 37.98 -5.36
CA PHE C 189 -6.42 39.16 -5.64
C PHE C 189 -7.00 39.08 -7.05
N ASP C 190 -8.08 39.82 -7.27
CA ASP C 190 -8.84 39.73 -8.51
C ASP C 190 -8.35 40.77 -9.52
N LYS C 191 -8.23 40.33 -10.78
CA LYS C 191 -7.95 41.19 -11.91
C LYS C 191 -9.05 41.03 -12.94
N LEU C 192 -9.64 42.15 -13.35
CA LEU C 192 -10.81 42.16 -14.23
C LEU C 192 -10.40 42.57 -15.64
N ILE C 193 -10.73 41.71 -16.61
CA ILE C 193 -10.42 41.96 -18.02
C ILE C 193 -11.74 42.15 -18.76
N ILE C 194 -11.90 43.33 -19.37
CA ILE C 194 -13.14 43.70 -20.04
C ILE C 194 -12.83 43.98 -21.52
N ASP C 195 -13.62 43.39 -22.41
CA ASP C 195 -13.35 43.39 -23.84
C ASP C 195 -14.46 44.15 -24.55
N VAL C 196 -14.12 45.29 -25.15
CA VAL C 196 -15.10 46.22 -25.70
C VAL C 196 -14.80 46.44 -27.18
N GLU C 197 -15.77 46.09 -28.03
CA GLU C 197 -15.72 46.38 -29.45
C GLU C 197 -16.74 47.48 -29.72
N THR C 198 -16.29 48.60 -30.29
CA THR C 198 -17.10 49.80 -30.37
C THR C 198 -17.40 50.19 -31.81
N LYS C 199 -18.53 50.85 -31.99
CA LYS C 199 -18.88 51.49 -33.25
C LYS C 199 -18.12 52.80 -33.40
N ASN C 200 -17.98 53.25 -34.65
CA ASN C 200 -17.12 54.40 -34.95
C ASN C 200 -17.62 55.70 -34.33
N SER C 201 -18.82 55.72 -33.74
CA SER C 201 -19.32 56.96 -33.12
C SER C 201 -18.40 57.44 -32.00
N ILE C 202 -18.08 56.55 -31.06
CA ILE C 202 -17.19 56.87 -29.95
C ILE C 202 -16.12 55.80 -29.85
N SER C 203 -14.99 56.17 -29.25
CA SER C 203 -13.91 55.23 -29.03
C SER C 203 -14.17 54.42 -27.77
N PRO C 204 -13.43 53.32 -27.59
CA PRO C 204 -13.59 52.55 -26.33
C PRO C 204 -13.37 53.40 -25.09
N ARG C 205 -12.32 54.21 -25.06
CA ARG C 205 -12.05 55.04 -23.88
C ARG C 205 -13.22 55.98 -23.60
N ASP C 206 -13.87 56.49 -24.65
CA ASP C 206 -15.03 57.34 -24.45
C ASP C 206 -16.19 56.55 -23.86
N ALA C 207 -16.41 55.31 -24.34
CA ALA C 207 -17.51 54.51 -23.83
C ALA C 207 -17.25 54.03 -22.41
N LEU C 208 -15.98 53.85 -22.04
CA LEU C 208 -15.66 53.46 -20.67
C LEU C 208 -15.98 54.59 -19.70
N ALA C 209 -15.42 55.78 -19.93
CA ALA C 209 -15.71 56.92 -19.06
C ALA C 209 -17.20 57.21 -19.00
N SER C 210 -17.90 57.06 -20.13
CA SER C 210 -19.35 57.25 -20.13
C SER C 210 -20.01 56.27 -19.17
N ALA C 211 -19.61 55.00 -19.23
CA ALA C 211 -20.10 54.03 -18.26
C ALA C 211 -19.68 54.42 -16.85
N GLY C 212 -18.44 54.86 -16.68
CA GLY C 212 -17.97 55.26 -15.36
C GLY C 212 -18.86 56.31 -14.73
N GLY C 213 -19.17 57.37 -15.48
CA GLY C 213 -20.01 58.43 -14.95
C GLY C 213 -21.45 57.99 -14.72
N THR C 214 -22.04 57.32 -15.71
CA THR C 214 -23.42 56.87 -15.56
C THR C 214 -23.56 55.90 -14.39
N LEU C 215 -22.51 55.12 -14.11
CA LEU C 215 -22.59 54.20 -12.99
C LEU C 215 -22.31 54.89 -11.66
N VAL C 216 -21.29 55.77 -11.63
CA VAL C 216 -20.89 56.45 -10.40
C VAL C 216 -22.10 57.21 -9.84
N GLU C 217 -22.57 58.22 -10.58
CA GLU C 217 -23.75 58.96 -10.14
C GLU C 217 -24.91 58.04 -9.84
N LEU C 218 -25.04 56.95 -10.59
CA LEU C 218 -26.08 55.97 -10.33
C LEU C 218 -26.09 55.54 -8.86
N PHE C 219 -24.91 55.17 -8.35
CA PHE C 219 -24.79 54.78 -6.94
C PHE C 219 -24.84 55.95 -5.99
N GLY C 220 -24.86 57.18 -6.49
CA GLY C 220 -25.02 58.33 -5.59
C GLY C 220 -26.34 58.30 -4.86
N LEU C 221 -27.33 57.62 -5.44
CA LEU C 221 -28.63 57.50 -4.78
C LEU C 221 -28.48 56.89 -3.39
N ALA C 222 -27.59 55.90 -3.26
CA ALA C 222 -27.34 55.28 -1.98
C ALA C 222 -26.43 56.13 -1.10
N ARG C 223 -25.31 56.63 -1.65
CA ARG C 223 -24.37 57.39 -0.85
C ARG C 223 -25.02 58.62 -0.22
N GLU C 224 -25.96 59.26 -0.93
CA GLU C 224 -26.66 60.41 -0.38
C GLU C 224 -27.38 60.08 0.92
N LEU C 225 -27.77 58.82 1.11
CA LEU C 225 -28.50 58.45 2.33
C LEU C 225 -27.71 58.81 3.59
N ASN C 226 -26.40 58.56 3.61
CA ASN C 226 -25.61 58.99 4.75
C ASN C 226 -24.34 59.70 4.34
N ALA C 227 -23.43 58.97 3.71
CA ALA C 227 -22.06 59.37 3.39
C ALA C 227 -21.13 59.13 4.56
N ASP C 228 -21.65 58.65 5.71
CA ASP C 228 -20.80 58.35 6.85
C ASP C 228 -19.76 57.28 6.51
N SER C 229 -20.21 56.10 6.08
CA SER C 229 -19.28 55.01 5.79
C SER C 229 -18.69 55.19 4.40
N GLU C 230 -17.42 54.81 4.26
CA GLU C 230 -16.64 55.22 3.10
C GLU C 230 -15.57 54.17 2.82
N HIS C 231 -14.66 54.50 1.90
CA HIS C 231 -13.57 53.61 1.51
C HIS C 231 -12.41 54.43 0.96
N ILE C 232 -11.40 53.72 0.49
CA ILE C 232 -10.10 54.29 0.10
C ILE C 232 -10.13 54.90 -1.29
N GLU C 233 -9.22 55.85 -1.51
CA GLU C 233 -9.01 56.47 -2.82
C GLU C 233 -7.56 56.33 -3.25
N ASN D 21 -37.19 6.67 22.10
CA ASN D 21 -38.42 6.07 22.60
C ASN D 21 -38.11 4.99 23.65
N SER D 22 -38.86 4.98 24.74
CA SER D 22 -38.67 4.10 25.89
C SER D 22 -37.41 4.44 26.69
N VAL D 23 -36.60 5.38 26.22
CA VAL D 23 -35.44 5.88 26.96
C VAL D 23 -35.84 7.16 27.66
N PRO D 24 -35.55 7.31 28.96
CA PRO D 24 -36.18 8.40 29.72
C PRO D 24 -36.03 9.78 29.12
N GLY D 25 -34.83 10.18 28.74
CA GLY D 25 -34.65 11.52 28.23
C GLY D 25 -34.71 11.62 26.72
N ALA D 26 -35.17 10.57 26.04
CA ALA D 26 -35.07 10.50 24.60
C ALA D 26 -35.61 11.78 23.97
N PRO D 27 -34.87 12.41 23.06
CA PRO D 27 -35.40 13.57 22.36
C PRO D 27 -36.55 13.14 21.45
N ASN D 28 -37.34 14.12 21.02
CA ASN D 28 -38.54 13.83 20.25
C ASN D 28 -38.16 13.82 18.77
N ARG D 29 -38.14 12.63 18.19
CA ARG D 29 -37.80 12.42 16.78
C ARG D 29 -38.90 11.55 16.20
N VAL D 30 -39.71 12.12 15.31
CA VAL D 30 -40.91 11.47 14.83
C VAL D 30 -40.54 10.40 13.81
N SER D 31 -41.26 9.29 13.82
CA SER D 31 -40.95 8.15 12.98
C SER D 31 -42.06 7.90 11.97
N PHE D 32 -41.68 7.50 10.77
CA PHE D 32 -42.62 7.03 9.77
C PHE D 32 -42.86 5.53 9.85
N ALA D 33 -42.21 4.84 10.78
CA ALA D 33 -42.38 3.40 10.87
C ALA D 33 -43.86 3.04 11.00
N LYS D 34 -44.31 2.11 10.16
CA LYS D 34 -45.67 1.62 10.21
C LYS D 34 -45.81 0.36 11.07
N LEU D 35 -44.72 -0.12 11.65
CA LEU D 35 -44.74 -1.27 12.54
C LEU D 35 -44.40 -0.84 13.95
N ARG D 36 -44.40 -1.79 14.86
CA ARG D 36 -44.06 -1.55 16.26
C ARG D 36 -42.96 -2.51 16.67
N GLU D 37 -41.95 -1.99 17.33
CA GLU D 37 -40.87 -2.87 17.76
C GLU D 37 -41.39 -3.81 18.84
N PRO D 38 -41.53 -5.10 18.56
CA PRO D 38 -41.92 -6.03 19.63
C PRO D 38 -40.82 -6.28 20.63
N LEU D 39 -39.57 -6.00 20.25
CA LEU D 39 -38.40 -6.32 21.05
C LEU D 39 -37.44 -5.14 21.00
N GLU D 40 -37.08 -4.61 22.16
CA GLU D 40 -36.04 -3.61 22.21
C GLU D 40 -34.74 -4.19 21.66
N VAL D 41 -33.95 -3.35 21.02
CA VAL D 41 -32.61 -3.80 20.63
C VAL D 41 -31.89 -4.29 21.88
N PRO D 42 -31.28 -5.46 21.87
CA PRO D 42 -30.53 -5.93 23.04
C PRO D 42 -29.34 -5.02 23.29
N GLY D 43 -28.78 -5.14 24.51
CA GLY D 43 -27.57 -4.39 24.77
C GLY D 43 -26.52 -4.87 23.81
N LEU D 44 -26.03 -3.97 22.96
CA LEU D 44 -25.25 -4.40 21.80
C LEU D 44 -23.76 -4.42 22.08
N LEU D 45 -23.37 -4.11 23.31
CA LEU D 45 -22.03 -4.41 23.79
C LEU D 45 -21.96 -5.77 24.48
N ASP D 46 -23.08 -6.50 24.51
CA ASP D 46 -23.20 -7.71 25.32
C ASP D 46 -22.20 -8.78 24.89
N VAL D 47 -21.99 -8.95 23.59
CA VAL D 47 -21.17 -10.07 23.11
C VAL D 47 -19.81 -10.08 23.80
N GLN D 48 -19.29 -8.90 24.15
CA GLN D 48 -18.00 -8.82 24.82
C GLN D 48 -18.10 -9.13 26.31
N THR D 49 -19.12 -8.58 26.99
CA THR D 49 -19.19 -8.71 28.44
C THR D 49 -19.58 -10.12 28.85
N ASP D 50 -20.49 -10.76 28.10
CA ASP D 50 -20.91 -12.10 28.46
C ASP D 50 -19.77 -13.10 28.31
N SER D 51 -19.03 -13.01 27.20
CA SER D 51 -17.91 -13.92 26.99
C SER D 51 -16.90 -13.83 28.12
N PHE D 52 -16.64 -12.61 28.60
CA PHE D 52 -15.65 -12.41 29.65
C PHE D 52 -16.19 -12.84 31.01
N GLU D 53 -17.44 -12.48 31.31
CA GLU D 53 -18.05 -12.88 32.57
C GLU D 53 -18.14 -14.40 32.69
N TRP D 54 -18.25 -15.10 31.56
CA TRP D 54 -18.17 -16.56 31.59
C TRP D 54 -16.78 -17.02 31.98
N LEU D 55 -15.75 -16.42 31.37
CA LEU D 55 -14.37 -16.81 31.66
C LEU D 55 -14.06 -16.64 33.14
N VAL D 56 -14.33 -15.46 33.68
CA VAL D 56 -14.09 -15.20 35.10
C VAL D 56 -15.22 -15.75 35.97
N GLY D 57 -16.38 -16.02 35.39
CA GLY D 57 -17.45 -16.70 36.13
C GLY D 57 -17.89 -15.98 37.38
N SER D 58 -18.07 -14.67 37.29
CA SER D 58 -18.59 -13.93 38.43
C SER D 58 -20.07 -14.28 38.65
N ASP D 59 -20.54 -14.00 39.87
CA ASP D 59 -21.92 -14.35 40.22
C ASP D 59 -22.91 -13.84 39.21
N ARG D 60 -22.60 -12.75 38.52
CA ARG D 60 -23.49 -12.27 37.48
C ARG D 60 -23.71 -13.32 36.41
N TRP D 61 -22.67 -14.08 36.07
CA TRP D 61 -22.83 -15.21 35.17
C TRP D 61 -23.38 -16.44 35.88
N ARG D 62 -23.10 -16.58 37.18
CA ARG D 62 -23.62 -17.72 37.93
C ARG D 62 -25.15 -17.74 37.91
N GLN D 63 -25.77 -16.65 38.38
CA GLN D 63 -27.23 -16.57 38.37
C GLN D 63 -27.79 -16.87 36.99
N ALA D 64 -27.13 -16.36 35.94
CA ALA D 64 -27.65 -16.54 34.58
C ALA D 64 -27.80 -18.02 34.26
N ALA D 65 -26.72 -18.79 34.42
CA ALA D 65 -26.74 -20.21 34.09
C ALA D 65 -27.44 -21.06 35.14
N ILE D 66 -27.67 -20.53 36.35
CA ILE D 66 -28.45 -21.26 37.34
C ILE D 66 -29.95 -21.14 37.08
N ASP D 67 -30.41 -19.91 36.85
CA ASP D 67 -31.86 -19.67 36.69
C ASP D 67 -32.40 -20.29 35.41
N ARG D 68 -31.52 -20.68 34.50
CA ARG D 68 -31.90 -21.47 33.33
C ARG D 68 -30.73 -22.36 32.96
N GLY D 69 -31.04 -23.46 32.29
CA GLY D 69 -30.01 -24.35 31.78
C GLY D 69 -29.40 -25.25 32.86
N GLU D 70 -28.19 -25.71 32.55
CA GLU D 70 -27.54 -26.74 33.35
C GLU D 70 -27.30 -26.29 34.78
N GLU D 71 -27.25 -27.25 35.69
CA GLU D 71 -27.19 -26.97 37.12
C GLU D 71 -25.77 -26.94 37.69
N ASN D 72 -24.75 -27.31 36.92
CA ASN D 72 -23.37 -27.29 37.39
C ASN D 72 -22.55 -26.33 36.52
N PRO D 73 -22.76 -25.02 36.67
CA PRO D 73 -21.99 -24.06 35.87
C PRO D 73 -20.51 -24.14 36.23
N VAL D 74 -19.67 -24.20 35.20
CA VAL D 74 -18.22 -24.25 35.36
C VAL D 74 -17.63 -23.05 34.63
N GLY D 75 -17.04 -22.13 35.38
CA GLY D 75 -16.39 -20.99 34.76
C GLY D 75 -15.26 -21.43 33.86
N GLY D 76 -14.97 -20.59 32.86
CA GLY D 76 -13.88 -20.90 31.96
C GLY D 76 -12.58 -21.18 32.68
N LEU D 77 -12.28 -20.36 33.70
CA LEU D 77 -11.05 -20.57 34.47
C LEU D 77 -11.08 -21.92 35.17
N GLU D 78 -12.15 -22.20 35.91
CA GLU D 78 -12.29 -23.51 36.54
C GLU D 78 -12.28 -24.61 35.49
N GLU D 79 -12.89 -24.36 34.33
CA GLU D 79 -12.99 -25.37 33.29
C GLU D 79 -11.60 -25.82 32.83
N VAL D 80 -10.70 -24.87 32.60
CA VAL D 80 -9.33 -25.23 32.24
C VAL D 80 -8.54 -25.74 33.44
N LEU D 81 -8.98 -25.41 34.65
CA LEU D 81 -8.31 -25.91 35.84
C LEU D 81 -8.70 -27.36 36.14
N ALA D 82 -9.93 -27.75 35.79
CA ALA D 82 -10.31 -29.16 35.91
C ALA D 82 -9.42 -30.04 35.05
N GLU D 83 -9.05 -29.55 33.86
CA GLU D 83 -8.23 -30.34 32.95
C GLU D 83 -6.85 -30.63 33.56
N LEU D 84 -6.30 -29.68 34.31
CA LEU D 84 -4.98 -29.87 34.88
C LEU D 84 -5.01 -30.85 36.05
N SER D 85 -5.96 -30.67 36.96
CA SER D 85 -6.00 -31.46 38.18
C SER D 85 -6.37 -32.91 37.91
N PRO D 86 -5.58 -33.86 38.44
CA PRO D 86 -4.32 -33.54 39.12
C PRO D 86 -3.12 -33.66 38.19
N ILE D 87 -1.92 -33.36 38.71
CA ILE D 87 -0.67 -33.62 38.01
C ILE D 87 -0.05 -34.85 38.64
N GLU D 88 0.15 -35.89 37.83
CA GLU D 88 0.65 -37.16 38.33
C GLU D 88 1.68 -37.69 37.35
N ASP D 89 2.87 -38.02 37.86
CA ASP D 89 3.90 -38.60 37.01
C ASP D 89 3.54 -40.04 36.66
N PHE D 90 4.40 -40.68 35.87
CA PHE D 90 4.12 -42.07 35.50
C PHE D 90 3.98 -42.95 36.73
N SER D 91 4.68 -42.59 37.81
CA SER D 91 4.64 -43.39 39.03
C SER D 91 3.31 -43.27 39.77
N GLY D 92 2.67 -42.11 39.69
CA GLY D 92 1.44 -41.87 40.44
C GLY D 92 1.77 -41.78 41.91
N SER D 93 3.06 -41.62 42.20
CA SER D 93 3.48 -41.54 43.59
C SER D 93 3.19 -40.16 44.17
N MET D 94 3.24 -39.12 43.35
CA MET D 94 2.88 -37.77 43.76
C MET D 94 1.79 -37.21 42.85
N SER D 95 0.93 -36.38 43.44
CA SER D 95 -0.15 -35.75 42.70
C SER D 95 -0.23 -34.29 43.12
N LEU D 96 -0.09 -33.39 42.16
CA LEU D 96 -0.26 -31.96 42.37
C LEU D 96 -1.63 -31.56 41.84
N SER D 97 -2.49 -31.09 42.74
CA SER D 97 -3.88 -30.77 42.40
C SER D 97 -4.12 -29.27 42.50
N PHE D 98 -4.95 -28.75 41.60
CA PHE D 98 -5.33 -27.35 41.54
C PHE D 98 -6.82 -27.20 41.81
N SER D 99 -7.21 -26.01 42.29
CA SER D 99 -8.63 -25.75 42.51
C SER D 99 -8.82 -24.33 43.05
N ASP D 100 -10.08 -23.89 43.03
CA ASP D 100 -10.56 -22.66 43.65
C ASP D 100 -9.80 -21.41 43.21
N PRO D 101 -10.02 -20.92 41.98
CA PRO D 101 -9.40 -19.66 41.57
C PRO D 101 -10.05 -18.46 42.26
N ARG D 102 -9.23 -17.43 42.50
CA ARG D 102 -9.66 -16.26 43.26
C ARG D 102 -9.00 -15.01 42.69
N PHE D 103 -9.78 -13.93 42.62
CA PHE D 103 -9.29 -12.63 42.14
C PHE D 103 -9.39 -11.61 43.26
N ASP D 104 -8.38 -10.74 43.32
CA ASP D 104 -8.44 -9.62 44.25
C ASP D 104 -9.04 -8.41 43.54
N GLU D 105 -9.24 -7.33 44.28
CA GLU D 105 -9.74 -6.10 43.68
C GLU D 105 -8.70 -5.57 42.69
N VAL D 106 -9.19 -4.89 41.65
CA VAL D 106 -8.30 -4.43 40.60
C VAL D 106 -7.19 -3.57 41.18
N LYS D 107 -5.96 -3.79 40.70
CA LYS D 107 -4.82 -3.00 41.13
C LYS D 107 -5.08 -1.50 41.09
N ALA D 108 -5.21 -0.93 39.88
CA ALA D 108 -5.46 0.48 39.71
C ALA D 108 -6.66 0.69 38.80
N SER D 109 -7.20 1.90 38.83
CA SER D 109 -8.36 2.22 38.03
C SER D 109 -7.98 2.41 36.57
N VAL D 110 -8.99 2.25 35.69
CA VAL D 110 -8.76 2.39 34.24
C VAL D 110 -8.06 3.70 33.95
N ASP D 111 -8.57 4.80 34.50
CA ASP D 111 -7.98 6.10 34.27
C ASP D 111 -6.51 6.11 34.70
N GLU D 112 -6.23 5.51 35.85
CA GLU D 112 -4.85 5.48 36.35
C GLU D 112 -3.94 4.67 35.43
N CYS D 113 -4.46 3.57 34.86
CA CYS D 113 -3.63 2.73 34.01
C CYS D 113 -3.30 3.42 32.69
N LYS D 114 -4.30 4.01 32.04
CA LYS D 114 -4.03 4.70 30.79
C LYS D 114 -3.01 5.81 30.99
N ASP D 115 -2.99 6.44 32.18
CA ASP D 115 -2.01 7.49 32.45
C ASP D 115 -0.63 6.90 32.68
N LYS D 116 -0.54 5.84 33.49
CA LYS D 116 0.74 5.30 33.93
C LYS D 116 1.28 4.19 33.03
N ASP D 117 0.62 3.91 31.91
CA ASP D 117 1.12 2.93 30.93
C ASP D 117 1.19 1.51 31.52
N MET D 118 0.27 1.19 32.42
CA MET D 118 0.12 -0.16 32.95
C MET D 118 -1.12 -0.83 32.36
N THR D 119 -1.34 -2.07 32.76
CA THR D 119 -2.43 -2.87 32.24
C THR D 119 -3.45 -3.13 33.33
N TYR D 120 -4.72 -3.00 32.99
CA TYR D 120 -5.78 -3.08 33.98
C TYR D 120 -5.98 -4.55 34.32
N ALA D 121 -5.68 -4.93 35.56
CA ALA D 121 -5.55 -6.34 35.89
C ALA D 121 -5.88 -6.59 37.36
N ALA D 122 -6.45 -7.75 37.62
CA ALA D 122 -6.70 -8.31 38.94
C ALA D 122 -5.74 -9.46 39.19
N PRO D 123 -5.03 -9.48 40.32
CA PRO D 123 -4.19 -10.64 40.64
C PRO D 123 -5.06 -11.87 40.89
N LEU D 124 -4.59 -13.01 40.37
CA LEU D 124 -5.30 -14.28 40.47
C LEU D 124 -4.60 -15.19 41.47
N PHE D 125 -5.39 -15.90 42.27
CA PHE D 125 -4.87 -16.79 43.29
C PHE D 125 -5.51 -18.16 43.18
N VAL D 126 -4.71 -19.19 43.52
CA VAL D 126 -5.09 -20.59 43.34
C VAL D 126 -4.65 -21.38 44.56
N THR D 127 -5.36 -22.47 44.82
CA THR D 127 -5.02 -23.41 45.89
C THR D 127 -4.37 -24.65 45.26
N ALA D 128 -3.08 -24.87 45.58
CA ALA D 128 -2.30 -25.97 45.01
C ALA D 128 -2.04 -27.01 46.09
N GLU D 129 -2.51 -28.22 45.85
CA GLU D 129 -2.39 -29.33 46.78
C GLU D 129 -1.45 -30.37 46.20
N PHE D 130 -0.34 -30.61 46.88
CA PHE D 130 0.65 -31.61 46.49
C PHE D 130 0.59 -32.78 47.47
N ILE D 131 0.45 -33.99 46.93
CA ILE D 131 0.28 -35.19 47.73
C ILE D 131 1.36 -36.20 47.38
N ASN D 132 1.93 -36.82 48.41
CA ASN D 132 2.93 -37.87 48.27
C ASN D 132 2.27 -39.21 48.60
N ASN D 133 2.10 -40.06 47.59
CA ASN D 133 1.39 -41.32 47.80
C ASN D 133 2.18 -42.29 48.68
N ASN D 134 3.52 -42.18 48.68
CA ASN D 134 4.32 -43.03 49.55
C ASN D 134 4.15 -42.61 51.01
N THR D 135 4.32 -41.32 51.31
CA THR D 135 4.24 -40.81 52.67
C THR D 135 2.84 -40.37 53.08
N GLY D 136 1.90 -40.29 52.14
CA GLY D 136 0.54 -39.89 52.47
C GLY D 136 0.40 -38.50 53.05
N GLU D 137 1.46 -37.71 52.95
CA GLU D 137 1.43 -36.33 53.45
C GLU D 137 0.76 -35.41 52.44
N ILE D 138 0.21 -34.31 52.96
CA ILE D 138 -0.44 -33.29 52.15
C ILE D 138 0.26 -31.96 52.39
N LYS D 139 0.46 -31.19 51.33
CA LYS D 139 0.97 -29.82 51.41
C LYS D 139 0.05 -28.91 50.62
N SER D 140 -0.69 -28.07 51.33
CA SER D 140 -1.59 -27.10 50.71
C SER D 140 -0.94 -25.72 50.76
N GLN D 141 -0.93 -25.04 49.62
CA GLN D 141 -0.23 -23.78 49.49
C GLN D 141 -1.04 -22.87 48.58
N THR D 142 -1.19 -21.61 48.97
CA THR D 142 -1.81 -20.63 48.11
C THR D 142 -0.79 -20.11 47.11
N VAL D 143 -1.21 -19.99 45.85
CA VAL D 143 -0.29 -19.68 44.76
C VAL D 143 -0.76 -18.45 44.01
N PHE D 144 0.20 -17.63 43.57
CA PHE D 144 -0.07 -16.41 42.82
C PHE D 144 0.24 -16.70 41.35
N MET D 145 -0.80 -16.69 40.52
CA MET D 145 -0.64 -16.98 39.11
C MET D 145 -0.13 -15.77 38.34
N GLY D 146 -0.67 -14.60 38.63
CA GLY D 146 -0.22 -13.37 38.00
C GLY D 146 -1.37 -12.39 37.92
N ASP D 147 -1.05 -11.22 37.38
CA ASP D 147 -2.05 -10.18 37.17
C ASP D 147 -2.84 -10.50 35.91
N PHE D 148 -4.15 -10.71 36.06
CA PHE D 148 -4.98 -11.20 34.97
C PHE D 148 -5.78 -10.06 34.37
N PRO D 149 -5.46 -9.59 33.16
CA PRO D 149 -6.10 -8.38 32.64
C PRO D 149 -7.62 -8.49 32.66
N MET D 150 -8.27 -7.48 33.19
CA MET D 150 -9.73 -7.46 33.28
C MET D 150 -10.33 -6.63 32.16
N MET D 151 -11.65 -6.68 32.06
CA MET D 151 -12.39 -6.03 31.00
C MET D 151 -13.19 -4.87 31.58
N THR D 152 -13.07 -3.71 30.93
CA THR D 152 -13.79 -2.52 31.33
C THR D 152 -15.29 -2.69 31.11
N GLU D 153 -16.06 -1.80 31.75
CA GLU D 153 -17.49 -1.70 31.47
C GLU D 153 -17.76 -1.60 29.97
N LYS D 154 -16.87 -0.93 29.25
CA LYS D 154 -17.04 -0.65 27.83
C LYS D 154 -16.66 -1.83 26.94
N GLY D 155 -16.28 -2.97 27.52
CA GLY D 155 -15.90 -4.14 26.76
C GLY D 155 -14.48 -4.17 26.25
N THR D 156 -13.59 -3.33 26.77
CA THR D 156 -12.22 -3.25 26.29
C THR D 156 -11.24 -3.70 27.36
N PHE D 157 -9.97 -3.71 27.00
CA PHE D 157 -8.88 -3.97 27.92
C PHE D 157 -7.91 -2.80 27.84
N ILE D 158 -7.22 -2.52 28.93
CA ILE D 158 -6.12 -1.57 28.94
C ILE D 158 -4.85 -2.40 29.06
N ILE D 159 -4.07 -2.44 27.98
CA ILE D 159 -2.86 -3.24 27.91
C ILE D 159 -1.70 -2.27 27.78
N ASN D 160 -0.87 -2.19 28.83
CA ASN D 160 0.26 -1.26 28.86
C ASN D 160 -0.19 0.16 28.58
N GLY D 161 -1.41 0.50 29.00
CA GLY D 161 -1.93 1.86 28.93
C GLY D 161 -2.79 2.17 27.73
N THR D 162 -2.77 1.33 26.70
CA THR D 162 -3.56 1.57 25.49
C THR D 162 -4.83 0.72 25.53
N GLU D 163 -5.94 1.34 25.16
CA GLU D 163 -7.23 0.64 25.14
C GLU D 163 -7.30 -0.26 23.91
N ARG D 164 -7.58 -1.54 24.14
CA ARG D 164 -7.52 -2.55 23.09
C ARG D 164 -8.80 -3.37 23.09
N VAL D 165 -9.09 -3.98 21.94
CA VAL D 165 -10.31 -4.77 21.75
C VAL D 165 -9.93 -6.16 21.25
N VAL D 166 -10.62 -7.18 21.77
CA VAL D 166 -10.43 -8.55 21.34
C VAL D 166 -11.59 -8.91 20.43
N VAL D 167 -11.32 -9.04 19.14
CA VAL D 167 -12.36 -9.34 18.18
C VAL D 167 -12.65 -10.83 18.21
N SER D 168 -13.90 -11.20 17.95
CA SER D 168 -14.27 -12.61 17.98
C SER D 168 -14.00 -13.26 16.63
N GLN D 169 -13.50 -14.49 16.67
CA GLN D 169 -13.02 -15.19 15.48
C GLN D 169 -14.04 -16.21 14.98
N LEU D 170 -14.13 -16.35 13.66
CA LEU D 170 -14.96 -17.37 13.01
C LEU D 170 -14.12 -18.59 12.69
N VAL D 171 -14.63 -19.78 13.04
CA VAL D 171 -13.89 -21.02 12.93
C VAL D 171 -14.85 -22.14 12.52
N ARG D 172 -14.28 -23.26 12.10
CA ARG D 172 -15.06 -24.45 11.78
C ARG D 172 -15.25 -25.27 13.04
N SER D 173 -16.51 -25.46 13.44
CA SER D 173 -16.80 -26.19 14.66
C SER D 173 -16.36 -27.65 14.54
N PRO D 174 -15.84 -28.25 15.60
CA PRO D 174 -15.46 -29.67 15.54
C PRO D 174 -16.66 -30.55 15.21
N GLY D 175 -16.46 -31.46 14.26
CA GLY D 175 -17.52 -32.34 13.83
C GLY D 175 -17.11 -33.09 12.59
N VAL D 176 -18.02 -33.95 12.14
CA VAL D 176 -17.81 -34.79 10.96
C VAL D 176 -18.58 -34.16 9.81
N TYR D 177 -17.86 -33.67 8.80
CA TYR D 177 -18.48 -32.98 7.67
C TYR D 177 -18.10 -33.69 6.38
N PHE D 178 -19.12 -33.96 5.56
CA PHE D 178 -18.95 -34.70 4.31
C PHE D 178 -19.09 -33.75 3.13
N ASP D 179 -18.29 -34.00 2.09
CA ASP D 179 -18.31 -33.19 0.87
C ASP D 179 -18.28 -34.11 -0.34
N GLU D 180 -19.11 -33.77 -1.34
CA GLU D 180 -19.21 -34.55 -2.58
C GLU D 180 -18.59 -33.73 -3.72
N THR D 181 -17.44 -34.21 -4.23
CA THR D 181 -16.75 -33.58 -5.34
C THR D 181 -16.71 -34.55 -6.51
N ILE D 182 -17.17 -34.09 -7.67
CA ILE D 182 -17.20 -34.94 -8.84
C ILE D 182 -15.77 -35.22 -9.32
N ASP D 183 -15.52 -36.45 -9.75
CA ASP D 183 -14.18 -36.87 -10.12
C ASP D 183 -13.63 -35.99 -11.24
N LYS D 184 -12.41 -35.49 -11.05
CA LYS D 184 -11.77 -34.68 -12.08
C LYS D 184 -11.58 -35.45 -13.37
N SER D 185 -11.54 -36.79 -13.31
CA SER D 185 -11.31 -37.62 -14.48
C SER D 185 -12.55 -38.44 -14.82
N THR D 186 -12.86 -39.48 -14.03
CA THR D 186 -13.97 -40.38 -14.36
C THR D 186 -15.32 -39.69 -14.32
N GLU D 187 -15.42 -38.51 -13.70
CA GLU D 187 -16.67 -37.80 -13.49
C GLU D 187 -17.57 -38.50 -12.49
N LYS D 188 -17.17 -39.68 -11.99
CA LYS D 188 -17.97 -40.42 -11.04
C LYS D 188 -17.96 -39.74 -9.67
N THR D 189 -18.98 -40.07 -8.86
CA THR D 189 -19.17 -39.44 -7.56
C THR D 189 -18.16 -39.98 -6.54
N LEU D 190 -17.76 -39.11 -5.61
CA LEU D 190 -16.80 -39.49 -4.57
C LEU D 190 -17.07 -38.71 -3.29
N HIS D 191 -16.95 -39.41 -2.16
CA HIS D 191 -16.84 -38.81 -0.81
C HIS D 191 -15.79 -39.64 -0.06
N SER D 192 -14.69 -39.06 0.45
CA SER D 192 -14.49 -37.66 0.82
C SER D 192 -15.29 -37.17 2.05
N VAL D 193 -14.88 -37.65 3.23
CA VAL D 193 -15.33 -37.15 4.52
C VAL D 193 -14.13 -36.70 5.33
N LYS D 194 -14.38 -35.79 6.27
CA LYS D 194 -13.34 -35.25 7.14
C LYS D 194 -13.88 -35.10 8.55
N VAL D 195 -12.98 -35.25 9.54
CA VAL D 195 -13.31 -35.11 10.95
C VAL D 195 -12.26 -34.20 11.59
N ILE D 196 -12.69 -33.05 12.07
CA ILE D 196 -11.80 -32.03 12.61
C ILE D 196 -12.05 -31.92 14.12
N PRO D 197 -11.05 -32.23 14.95
CA PRO D 197 -11.26 -32.18 16.41
C PRO D 197 -10.86 -30.85 17.02
N GLY D 198 -10.95 -30.75 18.35
CA GLY D 198 -10.33 -29.64 19.05
C GLY D 198 -8.83 -29.62 18.87
N ARG D 199 -8.18 -30.77 19.11
CA ARG D 199 -6.75 -30.90 18.89
C ARG D 199 -6.43 -32.35 18.55
N GLY D 200 -5.29 -32.55 17.90
CA GLY D 200 -4.85 -33.85 17.45
C GLY D 200 -4.95 -34.01 15.94
N ALA D 201 -4.31 -35.07 15.46
CA ALA D 201 -4.27 -35.34 14.03
C ALA D 201 -5.68 -35.55 13.49
N TRP D 202 -5.86 -35.20 12.23
CA TRP D 202 -7.15 -35.28 11.55
C TRP D 202 -7.12 -36.39 10.51
N LEU D 203 -8.29 -37.01 10.29
CA LEU D 203 -8.44 -38.13 9.38
C LEU D 203 -9.44 -37.79 8.28
N GLU D 204 -9.23 -38.42 7.12
CA GLU D 204 -10.07 -38.20 5.95
C GLU D 204 -10.22 -39.52 5.21
N PHE D 205 -11.43 -39.80 4.75
CA PHE D 205 -11.71 -41.06 4.06
C PHE D 205 -11.92 -40.82 2.56
N VAL D 215 -8.16 -45.21 4.84
CA VAL D 215 -8.21 -44.06 5.74
C VAL D 215 -6.98 -43.19 5.57
N ARG D 216 -7.12 -42.07 4.85
CA ARG D 216 -6.01 -41.13 4.74
C ARG D 216 -5.88 -40.38 6.07
N ILE D 217 -4.71 -40.51 6.70
CA ILE D 217 -4.51 -40.05 8.07
C ILE D 217 -3.18 -39.34 8.16
N ASP D 218 -3.13 -38.27 8.95
CA ASP D 218 -1.89 -37.51 9.16
C ASP D 218 -1.24 -37.18 7.81
N ARG D 219 -2.06 -36.89 6.81
CA ARG D 219 -1.57 -36.54 5.47
C ARG D 219 -0.73 -37.67 4.87
N LYS D 220 -1.16 -38.91 5.10
CA LYS D 220 -0.53 -40.09 4.52
C LYS D 220 -1.53 -40.75 3.59
N ARG D 221 -1.27 -40.69 2.28
CA ARG D 221 -2.16 -41.29 1.29
C ARG D 221 -1.90 -42.80 1.21
N ARG D 222 -2.59 -43.45 0.26
CA ARG D 222 -2.42 -44.88 0.01
C ARG D 222 -2.92 -45.74 1.17
N GLN D 223 -3.93 -45.29 1.89
CA GLN D 223 -4.43 -46.01 3.06
C GLN D 223 -5.85 -46.49 2.82
N PRO D 224 -6.11 -47.80 2.75
CA PRO D 224 -7.49 -48.28 2.66
C PRO D 224 -8.22 -48.13 3.98
N VAL D 225 -9.50 -47.75 3.91
CA VAL D 225 -10.29 -47.59 5.13
C VAL D 225 -10.52 -48.92 5.82
N THR D 226 -10.34 -50.04 5.12
CA THR D 226 -10.58 -51.34 5.71
C THR D 226 -9.42 -51.80 6.59
N VAL D 227 -8.18 -51.45 6.23
CA VAL D 227 -7.02 -51.96 6.95
C VAL D 227 -7.05 -51.54 8.41
N LEU D 228 -7.62 -50.37 8.71
CA LEU D 228 -7.69 -49.89 10.08
C LEU D 228 -8.85 -50.52 10.85
N LEU D 229 -10.01 -50.70 10.19
CA LEU D 229 -11.14 -51.36 10.85
C LEU D 229 -10.73 -52.68 11.47
N LYS D 230 -9.79 -53.39 10.84
CA LYS D 230 -9.20 -54.58 11.44
C LYS D 230 -8.15 -54.25 12.50
N ALA D 231 -7.54 -53.07 12.44
CA ALA D 231 -6.50 -52.71 13.41
C ALA D 231 -7.05 -52.65 14.83
N LEU D 232 -8.36 -52.38 14.99
CA LEU D 232 -8.98 -52.39 16.31
C LEU D 232 -9.10 -53.80 16.88
N GLY D 233 -8.99 -54.83 16.05
CA GLY D 233 -9.21 -56.20 16.47
C GLY D 233 -10.49 -56.84 15.99
N TRP D 234 -11.29 -56.14 15.20
CA TRP D 234 -12.51 -56.72 14.62
C TRP D 234 -12.14 -57.66 13.46
N THR D 235 -12.63 -58.89 13.53
CA THR D 235 -12.41 -59.90 12.51
C THR D 235 -13.25 -59.62 11.26
N ASN D 236 -12.84 -60.23 10.15
CA ASN D 236 -13.44 -59.89 8.86
C ASN D 236 -14.93 -60.19 8.82
N GLU D 237 -15.35 -61.29 9.44
CA GLU D 237 -16.79 -61.62 9.43
C GLU D 237 -17.60 -60.44 9.98
N GLN D 238 -17.06 -59.75 10.99
CA GLN D 238 -17.71 -58.53 11.48
C GLN D 238 -17.82 -57.49 10.36
N ILE D 239 -16.80 -57.39 9.51
CA ILE D 239 -16.88 -56.51 8.35
C ILE D 239 -18.03 -56.94 7.45
N VAL D 240 -18.06 -58.21 7.07
CA VAL D 240 -19.18 -58.73 6.27
C VAL D 240 -20.49 -58.59 7.03
N GLU D 241 -20.45 -58.62 8.37
CA GLU D 241 -21.66 -58.44 9.16
C GLU D 241 -22.10 -56.99 9.23
N ARG D 242 -21.15 -56.08 9.53
CA ARG D 242 -21.49 -54.66 9.66
C ARG D 242 -21.58 -53.96 8.31
N PHE D 243 -20.66 -54.28 7.39
CA PHE D 243 -20.70 -53.66 6.06
C PHE D 243 -22.04 -53.91 5.40
N GLY D 244 -22.41 -55.18 5.25
CA GLY D 244 -23.74 -55.49 4.76
C GLY D 244 -23.95 -54.94 3.36
N PHE D 245 -24.96 -54.08 3.22
CA PHE D 245 -25.38 -53.57 1.93
C PHE D 245 -24.28 -52.83 1.17
N SER D 246 -23.17 -52.51 1.82
CA SER D 246 -22.09 -51.78 1.16
C SER D 246 -21.30 -52.73 0.27
N GLU D 247 -21.30 -52.45 -1.04
CA GLU D 247 -20.58 -53.30 -1.98
C GLU D 247 -19.09 -53.01 -1.97
N ILE D 248 -18.72 -51.73 -2.06
CA ILE D 248 -17.31 -51.36 -1.98
C ILE D 248 -16.74 -51.59 -0.59
N MET D 249 -17.60 -51.79 0.42
CA MET D 249 -17.13 -52.19 1.73
C MET D 249 -16.56 -53.60 1.71
N MET D 250 -17.18 -54.50 0.95
CA MET D 250 -16.65 -55.86 0.80
C MET D 250 -15.50 -55.91 -0.19
N GLY D 251 -15.60 -55.17 -1.30
CA GLY D 251 -14.56 -55.19 -2.30
C GLY D 251 -13.25 -54.58 -1.81
N THR D 252 -13.33 -53.67 -0.84
CA THR D 252 -12.11 -53.08 -0.27
C THR D 252 -11.40 -54.07 0.63
N LEU D 253 -12.14 -54.81 1.46
CA LEU D 253 -11.54 -55.89 2.23
C LEU D 253 -11.15 -57.06 1.32
N GLU D 254 -11.89 -57.25 0.23
CA GLU D 254 -11.56 -58.31 -0.72
C GLU D 254 -10.28 -57.98 -1.48
N LYS D 255 -10.06 -56.70 -1.80
CA LYS D 255 -8.83 -56.29 -2.46
C LYS D 255 -7.67 -56.16 -1.48
N ASP D 256 -7.94 -55.73 -0.25
CA ASP D 256 -6.86 -55.51 0.73
C ASP D 256 -6.17 -56.83 1.07
N THR D 257 -4.85 -56.81 1.07
CA THR D 257 -4.03 -58.00 1.30
C THR D 257 -3.62 -58.19 2.75
N THR D 258 -4.05 -57.30 3.65
CA THR D 258 -3.65 -57.41 5.04
C THR D 258 -4.34 -58.60 5.70
N SER D 259 -3.54 -59.51 6.26
CA SER D 259 -4.03 -60.72 6.94
C SER D 259 -3.69 -60.62 8.42
N GLY D 260 -4.71 -60.46 9.25
CA GLY D 260 -4.53 -60.34 10.68
C GLY D 260 -4.67 -58.90 11.16
N THR D 261 -5.08 -58.75 12.42
CA THR D 261 -5.26 -57.43 13.01
C THR D 261 -3.94 -56.77 13.39
N ASP D 262 -2.96 -57.56 13.83
CA ASP D 262 -1.66 -57.00 14.20
C ASP D 262 -0.81 -56.65 12.97
N GLU D 263 -1.00 -57.37 11.85
CA GLU D 263 -0.26 -57.05 10.63
C GLU D 263 -0.77 -55.75 10.00
N ALA D 264 -2.06 -55.44 10.15
CA ALA D 264 -2.58 -54.18 9.64
C ALA D 264 -2.07 -53.00 10.46
N LEU D 265 -1.97 -53.17 11.78
CA LEU D 265 -1.36 -52.14 12.61
C LEU D 265 0.07 -51.86 12.19
N LEU D 266 0.74 -52.85 11.60
CA LEU D 266 2.11 -52.68 11.13
C LEU D 266 2.17 -51.91 9.82
N ASP D 267 1.24 -52.18 8.91
CA ASP D 267 1.13 -51.36 7.70
C ASP D 267 0.70 -49.93 8.02
N ILE D 268 0.00 -49.74 9.15
CA ILE D 268 -0.31 -48.39 9.63
C ILE D 268 0.87 -47.79 10.39
N TYR D 269 1.71 -48.62 11.02
CA TYR D 269 2.78 -48.10 11.85
C TYR D 269 3.91 -47.51 11.00
N ARG D 270 4.25 -48.15 9.88
CA ARG D 270 5.37 -47.67 9.06
C ARG D 270 4.97 -46.47 8.21
N LYS D 271 3.69 -46.32 7.89
CA LYS D 271 3.23 -45.14 7.18
C LYS D 271 3.10 -43.94 8.12
N LEU D 272 2.71 -44.17 9.38
CA LEU D 272 2.57 -43.09 10.34
C LEU D 272 3.90 -42.70 10.96
N ARG D 273 4.74 -43.67 11.32
CA ARG D 273 6.03 -43.42 11.98
C ARG D 273 7.15 -44.03 11.15
N PRO D 274 7.40 -43.51 9.94
CA PRO D 274 8.50 -44.04 9.13
C PRO D 274 9.85 -43.73 9.77
N GLY D 275 10.75 -44.71 9.73
CA GLY D 275 12.09 -44.58 10.27
C GLY D 275 12.31 -45.29 11.60
N GLU D 276 11.24 -45.70 12.29
CA GLU D 276 11.34 -46.31 13.60
C GLU D 276 10.87 -47.76 13.53
N PRO D 277 11.73 -48.75 13.81
CA PRO D 277 11.25 -50.14 13.88
C PRO D 277 10.31 -50.32 15.06
N PRO D 278 9.16 -50.95 14.85
CA PRO D 278 8.13 -50.94 15.91
C PRO D 278 8.30 -52.04 16.94
N THR D 279 7.40 -52.03 17.93
CA THR D 279 7.31 -53.07 18.95
C THR D 279 5.83 -53.35 19.21
N LYS D 280 5.52 -54.60 19.55
CA LYS D 280 4.13 -54.94 19.81
C LYS D 280 3.53 -54.06 20.89
N GLU D 281 4.36 -53.57 21.82
CA GLU D 281 3.88 -52.60 22.80
C GLU D 281 3.62 -51.25 22.14
N SER D 282 4.48 -50.84 21.21
CA SER D 282 4.30 -49.57 20.51
C SER D 282 3.28 -49.67 19.37
N ALA D 283 3.17 -50.83 18.71
CA ALA D 283 2.24 -50.97 17.60
C ALA D 283 0.79 -50.82 18.07
N GLN D 284 0.46 -51.38 19.24
CA GLN D 284 -0.90 -51.32 19.75
C GLN D 284 -1.24 -49.97 20.36
N THR D 285 -0.36 -49.44 21.21
CA THR D 285 -0.64 -48.18 21.88
C THR D 285 -0.66 -47.00 20.92
N LEU D 286 -0.04 -47.14 19.74
CA LEU D 286 -0.03 -46.05 18.77
C LEU D 286 -1.45 -45.61 18.42
N LEU D 287 -2.29 -46.54 17.97
CA LEU D 287 -3.67 -46.20 17.64
C LEU D 287 -4.45 -45.79 18.89
N GLU D 288 -4.28 -46.51 20.00
CA GLU D 288 -5.01 -46.16 21.21
C GLU D 288 -4.66 -44.77 21.71
N ASN D 289 -3.37 -44.42 21.70
CA ASN D 289 -2.95 -43.13 22.21
C ASN D 289 -3.32 -41.98 21.28
N LEU D 290 -3.43 -42.24 19.97
CA LEU D 290 -3.61 -41.16 19.01
C LEU D 290 -4.97 -40.47 19.18
N PHE D 291 -6.03 -41.25 19.34
CA PHE D 291 -7.39 -40.71 19.37
C PHE D 291 -8.12 -41.02 20.68
N PHE D 292 -8.33 -42.30 20.99
CA PHE D 292 -9.12 -42.66 22.17
C PHE D 292 -8.57 -42.01 23.44
N LYS D 293 -7.25 -42.06 23.64
CA LYS D 293 -6.66 -41.44 24.81
C LYS D 293 -7.00 -39.95 24.86
N GLU D 294 -7.40 -39.48 26.04
CA GLU D 294 -7.88 -38.11 26.17
C GLU D 294 -6.75 -37.09 26.09
N LYS D 295 -5.56 -37.43 26.56
CA LYS D 295 -4.46 -36.47 26.58
C LYS D 295 -4.07 -36.03 25.18
N ARG D 296 -3.85 -36.99 24.28
CA ARG D 296 -3.36 -36.66 22.94
C ARG D 296 -4.47 -36.15 22.02
N TYR D 297 -5.66 -36.73 22.11
CA TYR D 297 -6.80 -36.31 21.31
C TYR D 297 -7.79 -35.58 22.21
N ASP D 298 -8.17 -34.37 21.79
CA ASP D 298 -9.00 -33.49 22.60
C ASP D 298 -10.45 -33.55 22.12
N LEU D 299 -11.31 -34.16 22.93
CA LEU D 299 -12.74 -34.05 22.66
C LEU D 299 -13.18 -32.62 22.94
N ALA D 300 -13.88 -32.03 21.98
CA ALA D 300 -14.42 -30.69 22.15
C ALA D 300 -15.87 -30.79 22.58
N ARG D 301 -16.28 -29.88 23.47
CA ARG D 301 -17.69 -29.78 23.81
C ARG D 301 -18.51 -29.48 22.57
N VAL D 302 -17.96 -28.68 21.65
CA VAL D 302 -18.61 -28.45 20.37
C VAL D 302 -18.61 -29.72 19.53
N GLY D 303 -17.45 -30.34 19.36
CA GLY D 303 -17.38 -31.58 18.61
C GLY D 303 -18.16 -32.70 19.28
N ARG D 304 -18.02 -32.83 20.61
CA ARG D 304 -18.79 -33.85 21.32
C ARG D 304 -20.28 -33.68 21.08
N TYR D 305 -20.76 -32.43 21.03
CA TYR D 305 -22.19 -32.19 20.82
C TYR D 305 -22.58 -32.32 19.34
N LYS D 306 -21.72 -31.87 18.44
CA LYS D 306 -22.03 -31.95 17.01
C LYS D 306 -22.35 -33.38 16.58
N VAL D 307 -21.37 -34.27 16.71
CA VAL D 307 -21.51 -35.62 16.15
C VAL D 307 -22.40 -36.50 17.01
N ASN D 308 -22.37 -36.34 18.34
CA ASN D 308 -23.24 -37.14 19.21
C ASN D 308 -24.68 -37.10 18.71
N LYS D 309 -25.16 -35.91 18.33
CA LYS D 309 -26.49 -35.77 17.76
C LYS D 309 -26.51 -36.16 16.28
N LYS D 310 -25.50 -35.73 15.52
CA LYS D 310 -25.46 -36.03 14.09
C LYS D 310 -25.29 -37.51 13.80
N LEU D 311 -24.74 -38.28 14.74
CA LEU D 311 -24.55 -39.72 14.56
C LEU D 311 -25.21 -40.51 15.69
N THR D 323 -14.04 -38.77 24.90
CA THR D 323 -13.29 -38.50 23.68
C THR D 323 -13.86 -39.30 22.53
N LEU D 324 -13.01 -39.60 21.54
CA LEU D 324 -13.43 -40.41 20.40
C LEU D 324 -13.64 -41.86 20.83
N THR D 325 -14.76 -42.44 20.44
CA THR D 325 -15.11 -43.82 20.79
C THR D 325 -15.05 -44.70 19.56
N GLU D 326 -14.64 -45.96 19.76
CA GLU D 326 -14.69 -46.93 18.67
C GLU D 326 -16.07 -46.97 18.03
N GLU D 327 -17.12 -46.85 18.86
CA GLU D 327 -18.48 -46.73 18.33
C GLU D 327 -18.58 -45.57 17.34
N ASP D 328 -17.83 -44.49 17.60
CA ASP D 328 -17.95 -43.30 16.78
C ASP D 328 -17.23 -43.49 15.44
N VAL D 329 -16.09 -44.18 15.45
CA VAL D 329 -15.34 -44.37 14.21
C VAL D 329 -16.03 -45.34 13.27
N VAL D 330 -16.86 -46.24 13.80
CA VAL D 330 -17.65 -47.11 12.94
C VAL D 330 -18.81 -46.33 12.32
N ALA D 331 -19.53 -45.56 13.13
CA ALA D 331 -20.64 -44.77 12.61
C ALA D 331 -20.18 -43.80 11.54
N THR D 332 -18.93 -43.32 11.63
CA THR D 332 -18.37 -42.49 10.58
C THR D 332 -18.42 -43.21 9.23
N ILE D 333 -17.72 -44.33 9.11
CA ILE D 333 -17.70 -45.08 7.86
C ILE D 333 -19.10 -45.50 7.45
N GLU D 334 -19.98 -45.80 8.43
CA GLU D 334 -21.34 -46.20 8.10
C GLU D 334 -22.10 -45.05 7.45
N TYR D 335 -22.04 -43.86 8.07
CA TYR D 335 -22.64 -42.66 7.47
C TYR D 335 -22.15 -42.45 6.05
N LEU D 336 -20.85 -42.68 5.80
CA LEU D 336 -20.29 -42.41 4.48
C LEU D 336 -20.88 -43.34 3.43
N VAL D 337 -20.83 -44.66 3.66
CA VAL D 337 -21.32 -45.62 2.67
C VAL D 337 -22.78 -45.38 2.35
N ARG D 338 -23.55 -44.96 3.35
CA ARG D 338 -24.97 -44.68 3.16
C ARG D 338 -25.23 -43.30 2.60
N LEU D 339 -24.18 -42.54 2.29
CA LEU D 339 -24.26 -41.29 1.53
C LEU D 339 -24.06 -41.55 0.05
N HIS D 340 -22.88 -42.08 -0.33
CA HIS D 340 -22.61 -42.41 -1.73
C HIS D 340 -23.63 -43.37 -2.32
N GLU D 341 -24.36 -44.11 -1.48
CA GLU D 341 -25.43 -44.99 -1.99
C GLU D 341 -26.68 -44.22 -2.35
N GLY D 342 -26.97 -43.11 -1.66
CA GLY D 342 -28.10 -42.26 -1.98
C GLY D 342 -29.27 -42.32 -1.02
N GLN D 343 -29.18 -43.09 0.06
CA GLN D 343 -30.26 -43.12 1.04
C GLN D 343 -30.17 -41.92 1.97
N THR D 344 -31.32 -41.38 2.34
CA THR D 344 -31.39 -40.17 3.17
C THR D 344 -31.46 -40.46 4.65
N SER D 345 -31.64 -41.72 5.06
CA SER D 345 -31.80 -42.06 6.47
C SER D 345 -30.85 -43.19 6.84
N MET D 346 -30.06 -42.97 7.89
CA MET D 346 -29.19 -44.01 8.44
C MET D 346 -29.64 -44.30 9.87
N THR D 347 -30.05 -45.53 10.12
CA THR D 347 -30.30 -46.02 11.48
C THR D 347 -29.07 -46.82 11.90
N VAL D 348 -28.35 -46.33 12.90
CA VAL D 348 -27.10 -46.93 13.36
C VAL D 348 -27.36 -48.39 13.73
N PRO D 349 -26.34 -49.26 13.65
CA PRO D 349 -26.48 -50.60 14.24
C PRO D 349 -26.51 -50.53 15.75
N GLY D 350 -27.67 -50.18 16.30
CA GLY D 350 -27.84 -49.89 17.71
C GLY D 350 -28.11 -48.44 18.04
N GLY D 351 -28.02 -47.54 17.06
CA GLY D 351 -28.22 -46.13 17.28
C GLY D 351 -29.57 -45.62 16.82
N VAL D 352 -29.69 -44.30 16.74
CA VAL D 352 -30.93 -43.62 16.42
C VAL D 352 -30.82 -42.98 15.04
N GLU D 353 -31.96 -42.82 14.38
CA GLU D 353 -32.02 -42.39 12.99
C GLU D 353 -31.74 -40.90 12.85
N VAL D 354 -30.98 -40.54 11.82
CA VAL D 354 -30.72 -39.15 11.47
C VAL D 354 -30.61 -39.04 9.96
N PRO D 355 -30.88 -37.87 9.37
CA PRO D 355 -30.72 -37.73 7.91
C PRO D 355 -29.28 -37.91 7.48
N VAL D 356 -29.09 -38.61 6.37
CA VAL D 356 -27.78 -38.77 5.74
C VAL D 356 -27.72 -37.81 4.57
N GLU D 357 -26.92 -36.75 4.72
CA GLU D 357 -26.89 -35.67 3.75
C GLU D 357 -25.55 -34.96 3.86
N VAL D 358 -25.21 -34.21 2.80
CA VAL D 358 -23.97 -33.46 2.80
C VAL D 358 -24.06 -32.28 3.78
N ASP D 359 -22.89 -31.84 4.24
CA ASP D 359 -22.78 -30.74 5.18
C ASP D 359 -22.11 -29.54 4.54
N ASP D 360 -22.49 -28.34 4.98
CA ASP D 360 -21.98 -27.09 4.44
C ASP D 360 -21.18 -26.37 5.50
N ILE D 361 -19.89 -26.14 5.22
CA ILE D 361 -19.01 -25.49 6.19
C ILE D 361 -19.33 -24.02 6.35
N ASP D 362 -19.98 -23.41 5.36
CA ASP D 362 -20.35 -22.00 5.45
C ASP D 362 -21.69 -21.79 6.16
N HIS D 363 -22.44 -22.85 6.43
CA HIS D 363 -23.68 -22.72 7.18
C HIS D 363 -23.38 -22.44 8.65
N PHE D 364 -23.97 -21.39 9.19
CA PHE D 364 -23.63 -20.95 10.53
C PHE D 364 -23.91 -22.00 11.60
N GLY D 365 -24.76 -22.98 11.30
CA GLY D 365 -24.92 -24.10 12.21
C GLY D 365 -23.62 -24.82 12.46
N ASN D 366 -22.74 -24.85 11.45
CA ASN D 366 -21.44 -25.47 11.56
C ASN D 366 -20.30 -24.49 11.81
N ARG D 367 -20.58 -23.20 11.98
CA ARG D 367 -19.53 -22.19 12.06
C ARG D 367 -19.69 -21.32 13.30
N ARG D 368 -18.70 -21.40 14.19
CA ARG D 368 -18.48 -20.43 15.28
C ARG D 368 -17.09 -19.88 15.03
N LEU D 369 -16.80 -18.61 15.32
CA LEU D 369 -17.27 -17.78 16.43
C LEU D 369 -16.79 -18.25 17.82
N ARG D 370 -15.49 -18.12 18.03
CA ARG D 370 -14.89 -18.20 19.37
C ARG D 370 -14.83 -16.79 19.95
N THR D 371 -15.56 -16.56 21.03
CA THR D 371 -15.66 -15.23 21.60
C THR D 371 -14.42 -14.91 22.46
N VAL D 372 -14.40 -13.71 23.04
CA VAL D 372 -13.21 -13.23 23.74
C VAL D 372 -12.87 -14.12 24.92
N GLY D 373 -13.86 -14.46 25.75
CA GLY D 373 -13.60 -15.36 26.85
C GLY D 373 -12.87 -16.62 26.42
N GLU D 374 -13.32 -17.22 25.32
CA GLU D 374 -12.71 -18.44 24.84
C GLU D 374 -11.31 -18.19 24.29
N LEU D 375 -11.15 -17.14 23.48
CA LEU D 375 -9.82 -16.79 22.99
C LEU D 375 -8.84 -16.62 24.14
N ILE D 376 -9.33 -16.17 25.30
CA ILE D 376 -8.47 -16.08 26.48
C ILE D 376 -8.26 -17.46 27.09
N GLN D 377 -9.36 -18.22 27.23
CA GLN D 377 -9.27 -19.58 27.77
C GLN D 377 -8.21 -20.39 27.04
N ASN D 378 -8.28 -20.42 25.71
CA ASN D 378 -7.31 -21.20 24.94
C ASN D 378 -5.88 -20.76 25.23
N GLN D 379 -5.65 -19.46 25.32
CA GLN D 379 -4.30 -18.98 25.61
C GLN D 379 -3.88 -19.31 27.04
N ILE D 380 -4.83 -19.40 27.97
CA ILE D 380 -4.50 -19.86 29.32
C ILE D 380 -4.17 -21.35 29.31
N ARG D 381 -5.01 -22.15 28.63
CA ARG D 381 -4.74 -23.58 28.53
C ARG D 381 -3.32 -23.83 28.05
N VAL D 382 -2.87 -23.09 27.05
CA VAL D 382 -1.51 -23.25 26.56
C VAL D 382 -0.51 -22.93 27.66
N GLY D 383 -0.76 -21.87 28.42
CA GLY D 383 0.18 -21.49 29.46
C GLY D 383 0.31 -22.54 30.55
N LEU D 384 -0.81 -23.20 30.89
CA LEU D 384 -0.78 -24.23 31.92
C LEU D 384 -0.04 -25.48 31.44
N SER D 385 -0.34 -25.95 30.23
CA SER D 385 0.32 -27.13 29.70
C SER D 385 1.83 -26.96 29.63
N ARG D 386 2.30 -25.74 29.33
CA ARG D 386 3.72 -25.48 29.34
C ARG D 386 4.28 -25.52 30.76
N MET D 387 3.44 -25.20 31.76
CA MET D 387 3.86 -25.27 33.15
C MET D 387 3.79 -26.70 33.69
N GLU D 388 2.76 -27.45 33.30
CA GLU D 388 2.68 -28.86 33.66
C GLU D 388 3.96 -29.61 33.28
N ARG D 389 4.58 -29.24 32.17
CA ARG D 389 5.83 -29.85 31.76
C ARG D 389 6.92 -29.63 32.82
N VAL D 390 7.04 -28.40 33.31
CA VAL D 390 8.02 -28.13 34.35
C VAL D 390 7.57 -28.68 35.70
N VAL D 391 6.26 -28.86 35.91
CA VAL D 391 5.80 -29.46 37.15
C VAL D 391 6.08 -30.96 37.16
N ARG D 392 5.88 -31.62 36.02
CA ARG D 392 6.14 -33.05 35.94
C ARG D 392 7.62 -33.35 36.10
N GLU D 393 8.46 -32.71 35.27
CA GLU D 393 9.90 -32.98 35.35
C GLU D 393 10.47 -32.51 36.68
N ARG D 394 9.99 -31.38 37.20
CA ARG D 394 10.50 -30.87 38.47
C ARG D 394 10.44 -31.95 39.56
N MET D 395 9.33 -32.68 39.62
CA MET D 395 9.16 -33.72 40.64
C MET D 395 10.33 -34.70 40.67
N THR D 396 10.91 -35.01 39.50
CA THR D 396 11.90 -36.09 39.41
C THR D 396 13.22 -35.70 40.05
N THR D 397 13.78 -34.55 39.68
CA THR D 397 15.09 -34.13 40.16
C THR D 397 15.03 -33.34 41.47
N GLN D 398 13.84 -32.96 41.91
CA GLN D 398 13.69 -32.32 43.21
C GLN D 398 13.78 -33.36 44.31
N ASP D 399 14.49 -33.02 45.37
CA ASP D 399 14.54 -33.90 46.54
C ASP D 399 13.15 -34.07 47.09
N VAL D 400 12.69 -35.33 47.19
CA VAL D 400 11.31 -35.58 47.58
C VAL D 400 11.09 -35.14 49.03
N GLU D 401 9.84 -34.81 49.35
CA GLU D 401 9.50 -34.30 50.68
C GLU D 401 10.04 -32.90 50.89
N ALA D 402 10.93 -32.45 50.00
CA ALA D 402 11.31 -31.04 49.90
C ALA D 402 10.52 -30.31 48.82
N ILE D 403 9.68 -31.02 48.07
CA ILE D 403 8.86 -30.40 47.04
C ILE D 403 7.56 -29.91 47.66
N THR D 404 7.16 -28.71 47.25
CA THR D 404 5.93 -28.07 47.65
C THR D 404 5.19 -27.61 46.41
N PRO D 405 3.90 -27.30 46.52
CA PRO D 405 3.19 -26.73 45.36
C PRO D 405 3.97 -25.60 44.70
N GLN D 406 4.70 -24.80 45.46
CA GLN D 406 5.44 -23.70 44.87
C GLN D 406 6.69 -24.19 44.14
N THR D 407 7.49 -25.04 44.79
CA THR D 407 8.75 -25.45 44.18
C THR D 407 8.53 -26.14 42.83
N LEU D 408 7.39 -26.80 42.65
CA LEU D 408 7.06 -27.41 41.37
C LEU D 408 6.48 -26.40 40.39
N ILE D 409 5.97 -25.27 40.88
CA ILE D 409 5.23 -24.32 40.05
C ILE D 409 6.14 -23.15 39.71
N ASN D 410 6.28 -22.88 38.41
CA ASN D 410 6.95 -21.70 37.91
C ASN D 410 6.01 -21.02 36.92
N ILE D 411 5.56 -19.81 37.25
CA ILE D 411 4.43 -19.20 36.54
C ILE D 411 4.83 -18.45 35.29
N ARG D 412 6.12 -18.39 34.95
CA ARG D 412 6.57 -17.68 33.75
C ARG D 412 5.73 -17.99 32.52
N PRO D 413 5.51 -19.25 32.13
CA PRO D 413 4.78 -19.52 30.88
C PRO D 413 3.29 -19.17 30.93
N VAL D 414 2.68 -19.10 32.12
CA VAL D 414 1.25 -18.82 32.19
C VAL D 414 0.96 -17.36 31.90
N VAL D 415 1.67 -16.45 32.57
CA VAL D 415 1.45 -15.03 32.33
C VAL D 415 1.93 -14.64 30.94
N ALA D 416 3.03 -15.26 30.49
CA ALA D 416 3.54 -14.98 29.14
C ALA D 416 2.47 -15.23 28.08
N ALA D 417 1.72 -16.33 28.22
CA ALA D 417 0.62 -16.60 27.29
C ALA D 417 -0.33 -15.41 27.20
N ILE D 418 -0.72 -14.87 28.36
CA ILE D 418 -1.67 -13.75 28.36
C ILE D 418 -1.02 -12.51 27.74
N LYS D 419 0.13 -12.10 28.28
CA LYS D 419 0.80 -10.90 27.79
C LYS D 419 1.11 -11.03 26.30
N GLU D 420 1.62 -12.19 25.89
CA GLU D 420 1.92 -12.42 24.49
C GLU D 420 0.67 -12.62 23.64
N PHE D 421 -0.49 -12.84 24.26
CA PHE D 421 -1.73 -12.87 23.47
C PHE D 421 -2.22 -11.47 23.17
N PHE D 422 -2.26 -10.59 24.18
CA PHE D 422 -2.79 -9.26 23.95
C PHE D 422 -1.88 -8.46 23.03
N GLY D 423 -0.57 -8.51 23.25
CA GLY D 423 0.35 -8.02 22.25
C GLY D 423 0.65 -9.08 21.21
N THR D 424 0.87 -8.65 19.98
CA THR D 424 1.32 -9.47 18.86
C THR D 424 0.21 -10.33 18.25
N SER D 425 -0.93 -10.51 18.90
CA SER D 425 -2.02 -11.30 18.33
C SER D 425 -2.91 -10.43 17.45
N GLN D 426 -3.38 -11.02 16.35
CA GLN D 426 -4.21 -10.28 15.41
C GLN D 426 -5.63 -10.10 15.89
N LEU D 427 -6.10 -10.94 16.81
CA LEU D 427 -7.44 -10.76 17.36
C LEU D 427 -7.48 -9.71 18.45
N SER D 428 -6.32 -9.34 19.00
CA SER D 428 -6.21 -8.27 19.99
C SER D 428 -5.73 -7.02 19.27
N GLN D 429 -6.61 -6.04 19.13
CA GLN D 429 -6.34 -4.86 18.32
C GLN D 429 -6.49 -3.59 19.16
N PHE D 430 -5.78 -2.54 18.74
CA PHE D 430 -5.98 -1.24 19.36
C PHE D 430 -7.37 -0.74 19.02
N MET D 431 -8.15 -0.39 20.03
CA MET D 431 -9.53 -0.01 19.78
C MET D 431 -9.59 1.11 18.76
N ASP D 432 -10.52 1.01 17.82
CA ASP D 432 -10.64 2.01 16.77
C ASP D 432 -11.62 3.06 17.25
N GLN D 433 -11.12 4.22 17.64
CA GLN D 433 -11.96 5.31 18.11
C GLN D 433 -11.55 6.61 17.44
N ASN D 434 -12.25 7.00 16.37
CA ASN D 434 -12.42 8.42 16.08
C ASN D 434 -13.80 8.93 16.41
N ASN D 435 -14.76 8.03 16.58
CA ASN D 435 -16.11 8.40 16.98
C ASN D 435 -16.70 7.22 17.75
N PRO D 436 -17.70 7.47 18.61
CA PRO D 436 -18.34 6.35 19.30
C PRO D 436 -18.75 5.21 18.39
N LEU D 437 -19.22 5.51 17.17
CA LEU D 437 -19.69 4.44 16.28
C LEU D 437 -18.55 3.52 15.87
N SER D 438 -17.39 4.09 15.54
CA SER D 438 -16.24 3.28 15.18
C SER D 438 -15.90 2.31 16.31
N GLY D 439 -15.87 2.81 17.54
CA GLY D 439 -15.60 1.94 18.68
C GLY D 439 -16.65 0.85 18.84
N LEU D 440 -17.92 1.22 18.70
CA LEU D 440 -18.99 0.26 18.93
C LEU D 440 -19.00 -0.87 17.90
N THR D 441 -18.62 -0.58 16.65
CA THR D 441 -18.56 -1.65 15.66
C THR D 441 -17.26 -2.46 15.72
N HIS D 442 -16.18 -1.90 16.29
CA HIS D 442 -14.97 -2.69 16.45
C HIS D 442 -15.21 -3.90 17.34
N LYS D 443 -15.71 -3.67 18.55
CA LYS D 443 -16.44 -4.74 19.22
C LYS D 443 -17.69 -5.02 18.41
N ARG D 444 -18.10 -6.28 18.38
CA ARG D 444 -19.15 -6.80 17.49
C ARG D 444 -18.59 -7.19 16.13
N ARG D 445 -17.32 -6.91 15.85
CA ARG D 445 -16.72 -7.40 14.62
C ARG D 445 -16.37 -8.87 14.77
N LEU D 446 -16.62 -9.64 13.73
CA LEU D 446 -16.22 -11.04 13.66
C LEU D 446 -15.42 -11.25 12.39
N SER D 447 -14.22 -11.81 12.52
CA SER D 447 -13.34 -12.03 11.38
C SER D 447 -12.89 -13.48 11.36
N ALA D 448 -12.68 -13.99 10.15
CA ALA D 448 -12.31 -15.39 9.95
C ALA D 448 -10.79 -15.59 9.96
N LEU D 449 -10.02 -14.52 10.09
CA LEU D 449 -8.57 -14.65 10.09
C LEU D 449 -8.05 -14.87 11.51
N GLY D 450 -6.73 -15.03 11.63
CA GLY D 450 -6.09 -15.22 12.91
C GLY D 450 -5.66 -16.66 13.16
N PRO D 451 -4.94 -16.89 14.25
CA PRO D 451 -4.55 -18.26 14.60
C PRO D 451 -5.76 -19.11 14.95
N GLY D 452 -5.77 -20.35 14.46
CA GLY D 452 -6.93 -21.20 14.56
C GLY D 452 -7.93 -21.02 13.45
N GLY D 453 -7.58 -20.30 12.39
CA GLY D 453 -8.46 -20.03 11.28
C GLY D 453 -7.63 -19.85 10.02
N LEU D 454 -8.33 -19.69 8.90
CA LEU D 454 -7.67 -19.62 7.61
C LEU D 454 -6.90 -18.31 7.45
N SER D 455 -5.86 -18.36 6.63
CA SER D 455 -5.11 -17.16 6.27
C SER D 455 -5.86 -16.35 5.23
N ARG D 456 -5.60 -15.03 5.21
CA ARG D 456 -6.31 -14.14 4.31
C ARG D 456 -6.08 -14.49 2.85
N GLU D 457 -4.89 -15.01 2.51
CA GLU D 457 -4.55 -15.27 1.13
C GLU D 457 -5.17 -16.55 0.60
N ARG D 458 -5.25 -17.60 1.43
CA ARG D 458 -5.65 -18.91 0.94
C ARG D 458 -7.16 -19.02 0.72
N ALA D 459 -7.97 -18.53 1.66
CA ALA D 459 -9.41 -18.73 1.60
C ALA D 459 -9.99 -18.17 0.31
N GLY D 460 -10.85 -18.96 -0.34
CA GLY D 460 -11.49 -18.55 -1.57
C GLY D 460 -12.72 -17.70 -1.32
N LEU D 461 -13.37 -17.32 -2.43
CA LEU D 461 -14.52 -16.43 -2.38
C LEU D 461 -15.79 -17.11 -1.88
N GLU D 462 -15.79 -18.44 -1.68
CA GLU D 462 -16.97 -19.11 -1.17
C GLU D 462 -17.28 -18.71 0.26
N VAL D 463 -16.24 -18.51 1.08
CA VAL D 463 -16.44 -18.05 2.45
C VAL D 463 -16.79 -16.57 2.49
N ARG D 464 -16.34 -15.79 1.49
CA ARG D 464 -16.64 -14.35 1.49
C ARG D 464 -18.08 -14.08 1.10
N ASP D 465 -18.68 -14.93 0.26
CA ASP D 465 -20.07 -14.72 -0.13
C ASP D 465 -20.97 -14.83 1.08
N VAL D 466 -22.08 -14.11 1.05
CA VAL D 466 -23.06 -14.18 2.12
C VAL D 466 -23.90 -15.45 1.96
N HIS D 467 -24.03 -16.19 3.05
CA HIS D 467 -24.84 -17.40 3.10
C HIS D 467 -26.28 -17.05 3.48
N PRO D 468 -27.26 -17.85 3.08
CA PRO D 468 -28.64 -17.56 3.49
C PRO D 468 -28.84 -17.56 5.00
N SER D 469 -27.98 -18.27 5.75
CA SER D 469 -28.10 -18.35 7.20
C SER D 469 -27.51 -17.16 7.92
N HIS D 470 -26.83 -16.26 7.20
CA HIS D 470 -26.38 -15.01 7.82
C HIS D 470 -27.53 -14.12 8.21
N TYR D 471 -28.74 -14.39 7.71
CA TYR D 471 -29.87 -13.50 7.96
C TYR D 471 -30.08 -13.31 9.46
N GLY D 472 -30.17 -12.05 9.88
CA GLY D 472 -30.41 -11.70 11.27
C GLY D 472 -29.27 -12.00 12.22
N ARG D 473 -28.16 -12.54 11.72
CA ARG D 473 -27.00 -12.86 12.53
C ARG D 473 -25.80 -11.98 12.18
N MET D 474 -25.27 -12.10 10.95
CA MET D 474 -24.16 -11.29 10.49
C MET D 474 -24.64 -10.38 9.35
N CYS D 475 -24.44 -9.08 9.52
CA CYS D 475 -24.86 -8.10 8.53
C CYS D 475 -24.17 -8.35 7.20
N PRO D 476 -24.90 -8.59 6.11
CA PRO D 476 -24.26 -8.77 4.81
C PRO D 476 -23.73 -7.48 4.20
N ILE D 477 -24.34 -6.34 4.52
CA ILE D 477 -24.01 -5.08 3.85
C ILE D 477 -22.72 -4.44 4.35
N GLU D 478 -22.13 -4.94 5.43
CA GLU D 478 -20.99 -4.29 6.05
C GLU D 478 -19.79 -5.22 6.02
N THR D 479 -18.75 -4.80 5.29
CA THR D 479 -17.46 -5.46 5.33
C THR D 479 -16.44 -4.47 4.77
N PRO D 480 -15.15 -4.80 4.84
CA PRO D 480 -14.15 -3.91 4.24
C PRO D 480 -14.21 -3.94 2.71
N GLU D 481 -13.79 -2.84 2.10
CA GLU D 481 -13.64 -2.79 0.66
C GLU D 481 -12.34 -3.43 0.18
N GLY D 482 -11.31 -3.45 1.03
CA GLY D 482 -10.03 -4.01 0.64
C GLY D 482 -10.13 -5.51 0.46
N PRO D 483 -9.00 -6.18 0.27
CA PRO D 483 -9.09 -7.64 0.09
C PRO D 483 -9.23 -8.34 1.44
N ASN D 484 -10.04 -7.76 2.31
CA ASN D 484 -10.66 -8.45 3.44
C ASN D 484 -12.13 -8.73 3.23
N ILE D 485 -12.68 -8.39 2.05
CA ILE D 485 -14.12 -8.46 1.82
C ILE D 485 -14.65 -9.82 2.23
N GLY D 486 -15.70 -9.83 3.05
CA GLY D 486 -16.36 -11.05 3.45
C GLY D 486 -15.67 -11.84 4.54
N LEU D 487 -14.39 -11.60 4.78
CA LEU D 487 -13.70 -12.23 5.90
C LEU D 487 -13.99 -11.51 7.22
N ILE D 488 -14.25 -10.21 7.17
CA ILE D 488 -14.61 -9.43 8.33
C ILE D 488 -16.06 -9.00 8.19
N GLY D 489 -16.82 -9.13 9.26
CA GLY D 489 -18.20 -8.67 9.27
C GLY D 489 -18.58 -8.30 10.68
N SER D 490 -19.71 -7.61 10.79
CA SER D 490 -20.21 -7.13 12.07
C SER D 490 -21.46 -7.88 12.47
N LEU D 491 -21.57 -8.20 13.75
CA LEU D 491 -22.73 -8.92 14.26
C LEU D 491 -23.99 -8.07 14.11
N SER D 492 -25.11 -8.72 13.82
CA SER D 492 -26.35 -8.00 13.53
C SER D 492 -26.91 -7.38 14.81
N VAL D 493 -28.02 -6.67 14.65
CA VAL D 493 -28.54 -5.86 15.75
C VAL D 493 -29.14 -6.75 16.83
N TYR D 494 -29.99 -7.68 16.44
CA TYR D 494 -30.65 -8.54 17.43
C TYR D 494 -29.93 -9.86 17.61
N ALA D 495 -28.83 -10.09 16.88
CA ALA D 495 -28.10 -11.34 17.02
C ALA D 495 -27.55 -11.49 18.44
N ARG D 496 -27.38 -12.75 18.85
CA ARG D 496 -26.93 -13.06 20.20
C ARG D 496 -26.12 -14.35 20.15
N VAL D 497 -25.07 -14.42 20.96
CA VAL D 497 -24.14 -15.55 20.89
C VAL D 497 -24.55 -16.64 21.86
N ASN D 498 -24.39 -17.88 21.44
CA ASN D 498 -24.75 -19.06 22.21
C ASN D 498 -23.59 -19.47 23.12
N PRO D 499 -23.90 -20.07 24.28
CA PRO D 499 -22.82 -20.59 25.13
C PRO D 499 -21.89 -21.55 24.41
N PHE D 500 -22.35 -22.14 23.31
CA PHE D 500 -21.51 -23.02 22.51
C PHE D 500 -20.80 -22.32 21.37
N GLY D 501 -21.09 -21.05 21.13
CA GLY D 501 -20.41 -20.30 20.09
C GLY D 501 -21.16 -20.12 18.79
N PHE D 502 -22.43 -20.49 18.73
CA PHE D 502 -23.25 -20.29 17.55
C PHE D 502 -24.17 -19.09 17.74
N ILE D 503 -24.30 -18.29 16.70
CA ILE D 503 -25.11 -17.07 16.76
C ILE D 503 -26.59 -17.44 16.67
N GLU D 504 -27.40 -16.78 17.50
CA GLU D 504 -28.84 -16.97 17.50
C GLU D 504 -29.52 -15.67 17.10
N THR D 505 -30.70 -15.79 16.48
CA THR D 505 -31.45 -14.60 16.14
C THR D 505 -32.84 -14.66 16.77
N PRO D 506 -33.37 -13.54 17.25
CA PRO D 506 -34.69 -13.56 17.89
C PRO D 506 -35.81 -13.73 16.88
N TYR D 507 -36.79 -14.55 17.24
CA TYR D 507 -37.97 -14.77 16.41
C TYR D 507 -39.22 -14.77 17.28
N ARG D 508 -40.35 -14.49 16.66
CA ARG D 508 -41.67 -14.56 17.30
C ARG D 508 -42.45 -15.69 16.65
N LYS D 509 -42.76 -16.72 17.44
CA LYS D 509 -43.38 -17.92 16.90
C LYS D 509 -44.86 -17.69 16.59
N VAL D 510 -45.28 -18.16 15.43
CA VAL D 510 -46.66 -18.06 14.97
C VAL D 510 -47.31 -19.42 15.10
N GLU D 511 -48.58 -19.43 15.54
CA GLU D 511 -49.34 -20.66 15.65
C GLU D 511 -50.72 -20.41 15.08
N ASN D 512 -51.09 -21.19 14.06
CA ASN D 512 -52.43 -21.10 13.46
C ASN D 512 -52.72 -19.67 12.98
N GLY D 513 -51.81 -19.14 12.17
CA GLY D 513 -51.99 -17.80 11.62
C GLY D 513 -52.08 -16.71 12.65
N VAL D 514 -51.56 -16.93 13.86
CA VAL D 514 -51.56 -15.94 14.92
C VAL D 514 -50.15 -15.86 15.49
N VAL D 515 -49.59 -14.65 15.49
CA VAL D 515 -48.24 -14.44 16.00
C VAL D 515 -48.33 -14.11 17.48
N THR D 516 -47.68 -14.92 18.31
CA THR D 516 -47.76 -14.77 19.75
C THR D 516 -46.79 -13.67 20.21
N ASP D 517 -46.80 -13.42 21.52
CA ASP D 517 -45.76 -12.61 22.14
C ASP D 517 -44.55 -13.45 22.52
N GLN D 518 -44.63 -14.77 22.39
CA GLN D 518 -43.48 -15.63 22.65
C GLN D 518 -42.33 -15.28 21.71
N ILE D 519 -41.17 -15.00 22.28
CA ILE D 519 -39.97 -14.67 21.51
C ILE D 519 -38.93 -15.74 21.85
N ASP D 520 -38.51 -16.48 20.83
CA ASP D 520 -37.60 -17.60 21.00
C ASP D 520 -36.34 -17.38 20.17
N TYR D 521 -35.19 -17.47 20.82
CA TYR D 521 -33.90 -17.30 20.16
C TYR D 521 -33.47 -18.64 19.57
N LEU D 522 -33.29 -18.68 18.25
CA LEU D 522 -32.98 -19.90 17.54
C LEU D 522 -31.62 -19.82 16.89
N THR D 523 -30.91 -20.93 16.88
CA THR D 523 -29.65 -21.03 16.14
C THR D 523 -29.94 -21.29 14.66
N ALA D 524 -28.87 -21.37 13.87
CA ALA D 524 -29.05 -21.63 12.45
C ALA D 524 -29.61 -23.03 12.20
N ASP D 525 -29.26 -24.00 13.04
CA ASP D 525 -29.75 -25.35 12.84
C ASP D 525 -31.27 -25.41 13.00
N GLU D 526 -31.78 -24.85 14.09
CA GLU D 526 -33.21 -24.88 14.32
C GLU D 526 -33.99 -23.90 13.46
N GLU D 527 -33.30 -22.96 12.79
CA GLU D 527 -34.00 -22.09 11.85
C GLU D 527 -34.28 -22.80 10.53
N ASP D 528 -33.35 -23.66 10.08
CA ASP D 528 -33.62 -24.50 8.92
C ASP D 528 -34.79 -25.45 9.18
N ARG D 529 -35.19 -25.62 10.44
CA ARG D 529 -36.27 -26.54 10.77
C ARG D 529 -37.63 -25.98 10.42
N HIS D 530 -37.80 -24.65 10.42
CA HIS D 530 -39.12 -24.04 10.42
C HIS D 530 -39.24 -23.04 9.28
N VAL D 531 -40.40 -22.39 9.24
CA VAL D 531 -40.77 -21.43 8.21
C VAL D 531 -40.86 -20.06 8.87
N VAL D 532 -39.99 -19.15 8.48
CA VAL D 532 -39.87 -17.85 9.13
C VAL D 532 -40.75 -16.85 8.37
N ALA D 533 -41.81 -16.38 9.01
CA ALA D 533 -42.68 -15.41 8.38
C ALA D 533 -41.97 -14.06 8.23
N GLN D 534 -42.32 -13.33 7.17
CA GLN D 534 -41.70 -12.04 6.92
C GLN D 534 -42.06 -11.05 8.02
N ALA D 535 -41.10 -10.17 8.34
CA ALA D 535 -41.26 -9.24 9.45
C ALA D 535 -42.53 -8.41 9.28
N ASN D 536 -42.72 -7.79 8.12
CA ASN D 536 -43.92 -7.03 7.87
C ASN D 536 -44.86 -7.90 7.03
N SER D 537 -45.92 -8.39 7.67
CA SER D 537 -47.09 -8.96 7.05
C SER D 537 -48.28 -8.33 7.75
N PRO D 538 -49.34 -7.97 7.03
CA PRO D 538 -50.39 -7.15 7.64
C PRO D 538 -50.87 -7.75 8.97
N THR D 539 -51.11 -6.89 9.95
CA THR D 539 -51.55 -7.32 11.27
C THR D 539 -53.06 -7.13 11.40
N ASP D 540 -53.71 -8.04 12.14
CA ASP D 540 -55.16 -8.11 12.20
C ASP D 540 -55.62 -7.89 13.64
N GLU D 541 -56.25 -6.75 13.90
CA GLU D 541 -56.91 -6.47 15.17
C GLU D 541 -56.02 -6.81 16.36
N ASN D 542 -56.48 -7.71 17.23
CA ASN D 542 -55.67 -8.22 18.32
C ASN D 542 -54.44 -8.94 17.81
N GLY D 543 -54.32 -9.08 16.50
CA GLY D 543 -53.21 -9.70 15.79
C GLY D 543 -53.52 -11.10 15.31
N ARG D 544 -53.12 -11.34 14.06
CA ARG D 544 -53.32 -12.60 13.35
C ARG D 544 -52.98 -12.31 11.89
N PHE D 545 -52.93 -13.32 11.05
CA PHE D 545 -52.70 -13.08 9.64
C PHE D 545 -53.90 -12.36 9.04
N THR D 546 -53.63 -11.21 8.38
CA THR D 546 -54.63 -10.50 7.60
C THR D 546 -54.52 -10.83 6.12
N GLU D 547 -53.38 -10.51 5.50
CA GLU D 547 -53.16 -10.86 4.11
C GLU D 547 -53.44 -12.34 3.88
N ASP D 548 -54.08 -12.64 2.74
CA ASP D 548 -54.48 -14.01 2.45
C ASP D 548 -53.32 -14.98 2.59
N ARG D 549 -52.14 -14.60 2.11
CA ARG D 549 -50.96 -15.46 2.14
C ARG D 549 -49.82 -14.75 2.85
N VAL D 550 -48.82 -15.54 3.24
CA VAL D 550 -47.74 -15.08 4.11
C VAL D 550 -46.40 -15.18 3.36
N MET D 551 -45.56 -14.16 3.55
CA MET D 551 -44.18 -14.23 3.10
C MET D 551 -43.37 -15.08 4.06
N VAL D 552 -42.56 -16.00 3.53
CA VAL D 552 -41.92 -17.00 4.35
C VAL D 552 -40.53 -17.31 3.79
N ARG D 553 -39.64 -17.77 4.66
CA ARG D 553 -38.33 -18.25 4.28
C ARG D 553 -38.22 -19.73 4.62
N LYS D 554 -37.75 -20.53 3.66
CA LYS D 554 -37.64 -21.97 3.83
C LYS D 554 -36.22 -22.32 4.32
N LYS D 555 -35.92 -23.62 4.34
CA LYS D 555 -34.62 -24.11 4.79
C LYS D 555 -33.57 -24.11 3.70
N GLY D 556 -33.90 -23.64 2.51
CA GLY D 556 -32.94 -23.60 1.40
C GLY D 556 -31.62 -22.93 1.77
N GLY D 557 -31.67 -21.71 2.27
CA GLY D 557 -32.92 -20.98 2.40
C GLY D 557 -33.47 -20.61 1.04
N GLU D 558 -34.71 -21.01 0.77
CA GLU D 558 -35.38 -20.72 -0.48
C GLU D 558 -36.72 -20.06 -0.14
N VAL D 559 -36.93 -18.85 -0.66
CA VAL D 559 -38.13 -18.09 -0.34
C VAL D 559 -39.34 -18.72 -1.04
N GLU D 560 -40.52 -18.51 -0.44
CA GLU D 560 -41.74 -19.12 -0.93
C GLU D 560 -42.93 -18.28 -0.47
N PHE D 561 -44.07 -18.49 -1.13
CA PHE D 561 -45.32 -17.85 -0.78
C PHE D 561 -46.32 -18.95 -0.43
N VAL D 562 -46.69 -19.03 0.85
CA VAL D 562 -47.70 -19.96 1.32
C VAL D 562 -48.67 -19.17 2.19
N SER D 563 -49.85 -19.73 2.39
CA SER D 563 -50.85 -19.04 3.18
C SER D 563 -50.44 -19.07 4.66
N ALA D 564 -51.25 -18.43 5.51
CA ALA D 564 -50.95 -18.34 6.93
C ALA D 564 -50.96 -19.70 7.61
N ASP D 565 -51.34 -20.75 6.87
CA ASP D 565 -51.56 -22.06 7.46
C ASP D 565 -50.28 -22.64 8.05
N GLN D 566 -49.21 -22.69 7.26
CA GLN D 566 -48.06 -23.54 7.57
C GLN D 566 -46.93 -22.84 8.34
N VAL D 567 -47.11 -21.59 8.76
CA VAL D 567 -46.01 -20.86 9.39
C VAL D 567 -45.80 -21.35 10.82
N ASP D 568 -44.56 -21.17 11.31
CA ASP D 568 -44.21 -21.40 12.71
C ASP D 568 -43.72 -20.13 13.38
N TYR D 569 -42.64 -19.51 12.89
CA TYR D 569 -42.06 -18.32 13.48
C TYR D 569 -42.10 -17.15 12.49
N MET D 570 -42.01 -15.94 13.05
CA MET D 570 -41.95 -14.71 12.26
C MET D 570 -40.78 -13.84 12.72
N ASP D 571 -40.37 -12.92 11.85
CA ASP D 571 -39.26 -12.04 12.16
C ASP D 571 -39.64 -11.01 13.21
N VAL D 572 -38.69 -10.70 14.09
CA VAL D 572 -38.95 -9.75 15.17
C VAL D 572 -39.13 -8.34 14.65
N SER D 573 -38.48 -8.02 13.54
CA SER D 573 -38.69 -6.72 12.91
C SER D 573 -37.81 -6.59 11.67
N PRO D 574 -38.05 -5.61 10.82
CA PRO D 574 -37.10 -5.34 9.74
C PRO D 574 -35.75 -4.99 10.33
N ARG D 575 -34.73 -5.08 9.49
CA ARG D 575 -33.35 -4.78 9.87
C ARG D 575 -32.80 -5.75 10.90
N GLN D 576 -33.36 -6.95 10.99
CA GLN D 576 -32.66 -8.01 11.72
C GLN D 576 -31.33 -8.31 11.07
N MET D 577 -31.31 -8.37 9.73
CA MET D 577 -30.09 -8.68 9.00
C MET D 577 -29.07 -7.57 9.09
N VAL D 578 -29.52 -6.35 9.32
CA VAL D 578 -28.66 -5.17 9.27
C VAL D 578 -27.85 -5.05 10.56
N SER D 579 -26.71 -4.38 10.44
CA SER D 579 -25.89 -4.07 11.60
C SER D 579 -26.20 -2.67 12.11
N VAL D 580 -25.48 -2.25 13.14
CA VAL D 580 -25.77 -0.96 13.76
C VAL D 580 -25.50 0.18 12.79
N ALA D 581 -24.29 0.23 12.23
CA ALA D 581 -23.97 1.33 11.30
C ALA D 581 -24.86 1.28 10.07
N THR D 582 -25.08 0.08 9.53
CA THR D 582 -25.98 -0.06 8.40
C THR D 582 -27.37 0.45 8.73
N ALA D 583 -27.87 0.11 9.93
CA ALA D 583 -29.20 0.56 10.35
C ALA D 583 -29.27 2.06 10.53
N MET D 584 -28.15 2.76 10.41
CA MET D 584 -28.10 4.21 10.59
C MET D 584 -28.18 4.98 9.28
N ILE D 585 -28.38 4.31 8.15
CA ILE D 585 -28.41 4.97 6.84
C ILE D 585 -29.87 5.27 6.50
N PRO D 586 -30.30 6.52 6.51
CA PRO D 586 -31.68 6.82 6.14
C PRO D 586 -31.94 6.47 4.68
N PHE D 587 -33.09 5.88 4.42
CA PHE D 587 -33.43 5.42 3.07
C PHE D 587 -32.43 4.36 2.59
N LEU D 588 -31.99 3.49 3.51
CA LEU D 588 -31.12 2.40 3.10
C LEU D 588 -31.71 1.61 1.93
N GLU D 589 -33.00 1.32 1.98
CA GLU D 589 -33.62 0.45 0.99
C GLU D 589 -33.50 1.00 -0.44
N HIS D 590 -33.13 2.26 -0.60
CA HIS D 590 -33.03 2.86 -1.92
C HIS D 590 -31.61 2.86 -2.49
N ASP D 591 -30.62 2.39 -1.74
CA ASP D 591 -29.22 2.49 -2.15
C ASP D 591 -28.66 1.10 -2.43
N ASP D 592 -27.96 0.96 -3.57
CA ASP D 592 -27.37 -0.32 -3.90
C ASP D 592 -26.39 -0.74 -2.82
N ALA D 593 -26.32 -2.06 -2.59
CA ALA D 593 -25.45 -2.59 -1.53
C ALA D 593 -24.03 -2.08 -1.66
N ASN D 594 -23.56 -1.84 -2.88
CA ASN D 594 -22.23 -1.29 -3.07
C ASN D 594 -22.08 0.03 -2.33
N ARG D 595 -22.93 1.01 -2.64
CA ARG D 595 -22.77 2.33 -2.02
C ARG D 595 -23.16 2.30 -0.55
N ALA D 596 -24.01 1.35 -0.15
CA ALA D 596 -24.36 1.23 1.26
C ALA D 596 -23.15 0.80 2.08
N LEU D 597 -22.47 -0.26 1.64
CA LEU D 597 -21.25 -0.69 2.30
C LEU D 597 -20.30 0.48 2.50
N MET D 598 -19.99 1.20 1.42
CA MET D 598 -19.16 2.39 1.54
C MET D 598 -19.74 3.36 2.57
N GLY D 599 -21.06 3.49 2.61
CA GLY D 599 -21.68 4.43 3.53
C GLY D 599 -21.49 4.03 4.99
N ALA D 600 -21.67 2.74 5.30
CA ALA D 600 -21.41 2.27 6.65
C ALA D 600 -19.94 2.50 7.03
N ASN D 601 -19.02 2.03 6.18
CA ASN D 601 -17.60 2.20 6.47
C ASN D 601 -17.24 3.65 6.75
N MET D 602 -17.86 4.58 6.05
CA MET D 602 -17.42 5.97 6.18
C MET D 602 -18.04 6.67 7.39
N GLN D 603 -19.14 6.16 7.92
CA GLN D 603 -19.67 6.69 9.17
C GLN D 603 -18.68 6.46 10.30
N ARG D 604 -18.12 5.26 10.39
CA ARG D 604 -17.09 4.98 11.38
C ARG D 604 -15.78 5.69 11.05
N GLN D 605 -15.71 6.37 9.91
CA GLN D 605 -14.54 7.15 9.53
C GLN D 605 -14.65 8.63 9.90
N ALA D 606 -15.79 9.08 10.42
CA ALA D 606 -15.99 10.51 10.65
C ALA D 606 -15.18 10.96 11.87
N VAL D 607 -15.20 12.26 12.12
CA VAL D 607 -14.42 12.78 13.24
C VAL D 607 -15.29 13.73 14.06
N PRO D 608 -15.16 13.76 15.38
CA PRO D 608 -16.04 14.60 16.19
C PRO D 608 -15.77 16.07 15.92
N LEU D 609 -16.84 16.81 15.66
CA LEU D 609 -16.77 18.25 15.53
C LEU D 609 -16.85 18.91 16.91
N VAL D 610 -16.33 20.13 16.98
CA VAL D 610 -16.49 20.93 18.19
C VAL D 610 -17.96 21.06 18.57
N ARG D 611 -18.82 21.37 17.59
CA ARG D 611 -20.21 21.65 17.91
C ARG D 611 -21.07 20.40 18.02
N SER D 612 -20.89 19.43 17.12
CA SER D 612 -21.62 18.16 17.20
C SER D 612 -23.14 18.36 17.14
N GLU D 613 -23.62 18.64 15.92
CA GLU D 613 -25.05 18.74 15.64
C GLU D 613 -25.61 17.39 15.19
N ALA D 614 -26.81 17.07 15.63
CA ALA D 614 -27.37 15.75 15.32
C ALA D 614 -28.11 15.75 14.00
N PRO D 615 -28.30 14.58 13.39
CA PRO D 615 -28.84 14.52 12.03
C PRO D 615 -30.29 14.97 11.98
N LEU D 616 -30.59 15.84 11.02
CA LEU D 616 -31.94 16.36 10.86
C LEU D 616 -32.91 15.26 10.43
N VAL D 617 -32.49 14.43 9.49
CA VAL D 617 -33.25 13.27 9.07
C VAL D 617 -32.46 12.04 9.47
N GLY D 618 -32.95 11.33 10.50
CA GLY D 618 -32.27 10.18 11.03
C GLY D 618 -33.00 8.88 10.77
N THR D 619 -32.54 7.84 11.47
CA THR D 619 -33.17 6.54 11.51
C THR D 619 -33.39 6.17 12.97
N GLY D 620 -33.78 4.93 13.25
CA GLY D 620 -34.00 4.55 14.64
C GLY D 620 -32.74 4.66 15.48
N MET D 621 -31.63 4.09 15.00
CA MET D 621 -30.52 3.68 15.85
C MET D 621 -29.78 4.82 16.55
N GLU D 622 -29.81 6.05 16.01
CA GLU D 622 -28.93 7.10 16.56
C GLU D 622 -29.03 7.18 18.08
N LEU D 623 -30.23 7.06 18.64
CA LEU D 623 -30.39 7.15 20.09
C LEU D 623 -29.63 6.03 20.78
N ARG D 624 -29.97 4.79 20.47
CA ARG D 624 -29.50 3.65 21.23
C ARG D 624 -28.06 3.27 20.90
N ALA D 625 -27.55 3.71 19.75
CA ALA D 625 -26.16 3.40 19.42
C ALA D 625 -25.18 4.26 20.20
N ALA D 626 -25.59 5.48 20.54
CA ALA D 626 -24.70 6.37 21.30
C ALA D 626 -24.61 5.97 22.77
N ILE D 627 -25.73 5.59 23.40
CA ILE D 627 -25.67 5.22 24.81
C ILE D 627 -24.92 3.90 24.97
N ASP D 628 -25.23 2.91 24.13
CA ASP D 628 -24.53 1.64 24.20
C ASP D 628 -23.06 1.74 23.84
N ALA D 629 -22.64 2.84 23.23
CA ALA D 629 -21.22 2.99 22.90
C ALA D 629 -20.39 3.24 24.15
N GLY D 630 -20.95 3.95 25.11
CA GLY D 630 -20.26 4.27 26.35
C GLY D 630 -19.59 5.62 26.36
N ASP D 631 -19.58 6.32 25.23
CA ASP D 631 -18.96 7.64 25.17
C ASP D 631 -19.89 8.73 25.66
N VAL D 632 -21.08 8.36 26.12
CA VAL D 632 -22.05 9.27 26.72
C VAL D 632 -22.22 8.90 28.18
N VAL D 633 -22.57 9.90 29.00
CA VAL D 633 -22.69 9.75 30.45
C VAL D 633 -24.16 9.47 30.80
N VAL D 634 -24.43 8.29 31.33
CA VAL D 634 -25.77 7.86 31.71
C VAL D 634 -25.86 7.76 33.23
N ALA D 635 -27.02 8.12 33.77
CA ALA D 635 -27.28 8.03 35.20
C ALA D 635 -27.88 6.67 35.54
N ASP D 636 -27.33 6.02 36.56
CA ASP D 636 -27.75 4.67 36.94
C ASP D 636 -28.79 4.65 38.05
N LYS D 637 -29.18 5.81 38.57
CA LYS D 637 -30.23 5.87 39.57
C LYS D 637 -31.05 7.14 39.37
N THR D 638 -32.37 7.02 39.57
CA THR D 638 -33.23 8.19 39.51
C THR D 638 -32.92 9.14 40.66
N GLY D 639 -33.03 10.44 40.40
CA GLY D 639 -32.64 11.43 41.38
C GLY D 639 -32.62 12.82 40.78
N VAL D 640 -31.83 13.70 41.39
CA VAL D 640 -31.75 15.09 40.99
C VAL D 640 -30.29 15.53 41.00
N ILE D 641 -29.99 16.59 40.24
CA ILE D 641 -28.62 17.05 40.06
C ILE D 641 -28.24 17.98 41.20
N GLU D 642 -27.20 17.62 41.94
CA GLU D 642 -26.68 18.51 42.99
C GLU D 642 -25.80 19.61 42.39
N GLU D 643 -24.83 19.23 41.54
CA GLU D 643 -23.93 20.18 40.90
C GLU D 643 -23.75 19.80 39.44
N VAL D 644 -23.50 20.82 38.62
CA VAL D 644 -23.06 20.63 37.24
C VAL D 644 -21.87 21.56 37.03
N SER D 645 -20.71 20.97 36.81
CA SER D 645 -19.53 21.72 36.40
C SER D 645 -19.05 21.12 35.09
N ALA D 646 -18.27 21.91 34.34
CA ALA D 646 -17.59 21.33 33.20
C ALA D 646 -16.76 20.12 33.61
N ASP D 647 -16.30 20.10 34.87
CA ASP D 647 -15.42 19.03 35.32
C ASP D 647 -16.17 17.77 35.74
N TYR D 648 -17.30 17.92 36.44
CA TYR D 648 -18.02 16.73 36.88
C TYR D 648 -19.48 17.07 37.16
N ILE D 649 -20.28 16.02 37.28
CA ILE D 649 -21.72 16.12 37.48
C ILE D 649 -22.09 15.18 38.62
N THR D 650 -22.72 15.72 39.66
CA THR D 650 -23.20 14.92 40.78
C THR D 650 -24.72 14.89 40.78
N VAL D 651 -25.29 13.74 41.15
CA VAL D 651 -26.74 13.56 41.25
C VAL D 651 -27.07 12.99 42.63
N MET D 652 -28.09 13.56 43.27
CA MET D 652 -28.57 13.06 44.57
C MET D 652 -29.74 12.12 44.31
N ALA D 653 -29.54 10.83 44.53
CA ALA D 653 -30.58 9.86 44.23
C ALA D 653 -31.73 10.00 45.21
N ASP D 654 -32.90 9.52 44.77
CA ASP D 654 -33.99 9.30 45.72
C ASP D 654 -33.60 8.27 46.76
N ASP D 655 -32.63 7.42 46.45
CA ASP D 655 -32.13 6.39 47.34
C ASP D 655 -31.35 6.96 48.51
N GLY D 656 -31.11 8.27 48.55
CA GLY D 656 -30.23 8.86 49.52
C GLY D 656 -28.76 8.74 49.19
N THR D 657 -28.40 7.86 48.26
CA THR D 657 -27.03 7.71 47.79
C THR D 657 -26.61 8.86 46.89
N ARG D 658 -25.30 9.01 46.71
CA ARG D 658 -24.71 10.14 45.98
C ARG D 658 -23.78 9.60 44.90
N GLN D 659 -24.13 9.81 43.62
CA GLN D 659 -23.32 9.37 42.50
C GLN D 659 -22.74 10.59 41.78
N SER D 660 -21.48 10.47 41.35
CA SER D 660 -20.83 11.55 40.62
C SER D 660 -20.09 10.97 39.41
N TYR D 661 -19.93 11.81 38.38
CA TYR D 661 -19.33 11.37 37.13
C TYR D 661 -18.33 12.42 36.68
N ARG D 662 -17.06 12.03 36.55
CA ARG D 662 -16.03 12.93 36.04
C ARG D 662 -16.06 12.96 34.52
N LEU D 663 -16.04 14.16 33.95
CA LEU D 663 -16.19 14.32 32.51
C LEU D 663 -14.86 14.22 31.78
N ARG D 664 -14.81 13.40 30.74
CA ARG D 664 -13.66 13.40 29.84
C ARG D 664 -13.59 14.73 29.12
N LYS D 665 -12.44 15.40 29.24
CA LYS D 665 -12.27 16.74 28.68
C LYS D 665 -11.04 16.77 27.78
N PHE D 666 -11.27 17.02 26.49
CA PHE D 666 -10.19 17.15 25.50
C PHE D 666 -9.19 16.01 25.60
N ALA D 667 -9.71 14.81 25.82
CA ALA D 667 -8.88 13.61 25.89
C ALA D 667 -8.46 13.19 24.49
N ARG D 668 -7.16 12.95 24.31
CA ARG D 668 -6.69 12.50 23.02
C ARG D 668 -7.10 11.05 22.80
N SER D 669 -7.64 10.77 21.62
CA SER D 669 -8.10 9.43 21.30
C SER D 669 -6.99 8.65 20.60
N ASN D 670 -7.26 7.38 20.31
CA ASN D 670 -6.24 6.52 19.75
C ASN D 670 -5.60 7.13 18.50
N HIS D 671 -6.43 7.57 17.55
CA HIS D 671 -5.94 8.12 16.30
C HIS D 671 -5.85 9.64 16.30
N GLY D 672 -6.14 10.30 17.41
CA GLY D 672 -5.92 11.74 17.52
C GLY D 672 -7.17 12.58 17.49
N THR D 673 -8.35 11.98 17.39
CA THR D 673 -9.56 12.74 17.49
C THR D 673 -9.74 13.19 18.94
N CYS D 674 -10.83 13.91 19.19
CA CYS D 674 -11.05 14.55 20.48
C CYS D 674 -12.27 13.93 21.14
N ALA D 675 -12.10 13.50 22.40
CA ALA D 675 -13.12 12.79 23.17
C ALA D 675 -13.95 13.71 24.07
N ASN D 676 -13.80 15.02 23.93
CA ASN D 676 -14.44 15.98 24.83
C ASN D 676 -15.93 15.71 25.05
N GLN D 677 -16.37 15.84 26.30
CA GLN D 677 -17.76 15.65 26.71
C GLN D 677 -18.33 16.96 27.27
N ARG D 678 -19.65 17.12 27.16
CA ARG D 678 -20.31 18.33 27.65
C ARG D 678 -21.59 17.95 28.38
N PRO D 679 -21.87 18.61 29.51
CA PRO D 679 -23.09 18.31 30.27
C PRO D 679 -24.32 18.89 29.58
N ILE D 680 -25.37 18.06 29.45
CA ILE D 680 -26.64 18.50 28.88
C ILE D 680 -27.70 18.81 29.94
N VAL D 681 -27.36 18.79 31.22
CA VAL D 681 -28.32 18.98 32.29
C VAL D 681 -27.96 20.19 33.13
N ASP D 682 -28.96 20.69 33.86
CA ASP D 682 -28.87 21.87 34.70
C ASP D 682 -29.11 21.48 36.16
N ALA D 683 -28.72 22.36 37.07
CA ALA D 683 -28.67 22.03 38.49
C ALA D 683 -29.99 21.45 38.98
N GLY D 684 -31.08 22.21 38.84
CA GLY D 684 -32.33 21.75 39.42
C GLY D 684 -32.86 20.47 38.81
N GLN D 685 -32.36 20.06 37.65
CA GLN D 685 -33.05 19.08 36.82
C GLN D 685 -33.34 17.78 37.57
N ARG D 686 -34.56 17.28 37.39
CA ARG D 686 -34.86 15.90 37.73
C ARG D 686 -34.34 14.99 36.63
N VAL D 687 -34.00 13.75 36.99
CA VAL D 687 -33.49 12.79 36.01
C VAL D 687 -33.90 11.38 36.42
N GLU D 688 -33.90 10.48 35.45
CA GLU D 688 -34.39 9.13 35.63
C GLU D 688 -33.28 8.15 35.30
N ALA D 689 -33.41 6.93 35.80
CA ALA D 689 -32.36 5.93 35.60
C ALA D 689 -32.18 5.64 34.12
N GLY D 690 -30.93 5.62 33.68
CA GLY D 690 -30.63 5.36 32.29
C GLY D 690 -30.71 6.56 31.37
N GLN D 691 -30.95 7.75 31.90
CA GLN D 691 -31.02 8.96 31.09
C GLN D 691 -29.61 9.44 30.74
N VAL D 692 -29.52 10.49 29.93
CA VAL D 692 -28.24 10.97 29.39
C VAL D 692 -27.92 12.30 30.07
N ILE D 693 -26.88 12.29 30.90
CA ILE D 693 -26.49 13.49 31.62
C ILE D 693 -25.60 14.40 30.77
N ALA D 694 -24.69 13.82 29.99
CA ALA D 694 -23.71 14.61 29.26
C ALA D 694 -23.48 13.99 27.88
N ASP D 695 -23.24 14.87 26.91
CA ASP D 695 -22.96 14.42 25.55
C ASP D 695 -21.51 13.98 25.40
N GLY D 696 -21.31 13.00 24.53
CA GLY D 696 -19.98 12.56 24.17
C GLY D 696 -19.46 13.30 22.95
N PRO D 697 -18.38 12.78 22.35
CA PRO D 697 -17.73 13.56 21.29
C PRO D 697 -18.63 13.82 20.10
N CYS D 698 -19.28 12.77 19.57
CA CYS D 698 -20.12 12.92 18.38
C CYS D 698 -21.60 13.01 18.67
N THR D 699 -22.01 13.05 19.92
CA THR D 699 -23.42 12.96 20.23
C THR D 699 -24.03 14.32 20.55
N GLN D 700 -25.32 14.45 20.26
CA GLN D 700 -26.11 15.58 20.72
C GLN D 700 -27.41 15.07 21.32
N ASN D 701 -27.65 15.42 22.58
CA ASN D 701 -28.88 15.07 23.30
C ASN D 701 -29.18 13.57 23.20
N GLY D 702 -28.11 12.76 23.23
CA GLY D 702 -28.22 11.33 23.40
C GLY D 702 -28.12 10.53 22.12
N GLU D 703 -28.24 11.14 20.96
CA GLU D 703 -28.18 10.42 19.70
C GLU D 703 -26.88 10.72 18.98
N MET D 704 -26.40 9.74 18.22
CA MET D 704 -25.15 9.90 17.47
C MET D 704 -25.27 11.04 16.47
N ALA D 705 -24.36 12.01 16.57
CA ALA D 705 -24.21 13.05 15.56
C ALA D 705 -22.83 12.92 14.92
N LEU D 706 -22.77 12.34 13.73
CA LEU D 706 -21.50 12.13 13.06
C LEU D 706 -21.17 13.28 12.11
N GLY D 707 -22.06 14.24 11.95
CA GLY D 707 -21.85 15.32 11.00
C GLY D 707 -22.80 16.46 11.25
N LYS D 708 -22.88 17.35 10.26
CA LYS D 708 -23.73 18.53 10.32
C LYS D 708 -24.79 18.47 9.23
N ASN D 709 -25.89 19.18 9.46
CA ASN D 709 -26.94 19.36 8.45
C ASN D 709 -26.62 20.59 7.62
N LEU D 710 -26.47 20.41 6.30
CA LEU D 710 -26.04 21.50 5.44
C LEU D 710 -27.03 21.73 4.31
N LEU D 711 -27.13 22.99 3.89
CA LEU D 711 -27.99 23.38 2.79
C LEU D 711 -27.31 23.06 1.48
N VAL D 712 -27.89 22.16 0.70
CA VAL D 712 -27.26 21.57 -0.46
C VAL D 712 -27.95 22.05 -1.74
N ALA D 713 -27.15 22.28 -2.79
CA ALA D 713 -27.62 22.61 -4.12
C ALA D 713 -26.95 21.67 -5.14
N ILE D 714 -27.77 20.98 -5.92
CA ILE D 714 -27.31 19.85 -6.74
C ILE D 714 -26.93 20.23 -8.17
N MET D 715 -26.93 21.53 -8.45
CA MET D 715 -26.48 22.01 -9.75
C MET D 715 -24.98 21.82 -9.93
N PRO D 716 -24.52 21.54 -11.16
CA PRO D 716 -23.08 21.71 -11.45
C PRO D 716 -22.73 23.18 -11.53
N TRP D 717 -21.58 23.55 -10.97
CA TRP D 717 -21.24 24.97 -10.81
C TRP D 717 -19.84 25.24 -11.37
N GLU D 718 -19.80 25.88 -12.55
CA GLU D 718 -18.61 26.46 -13.16
C GLU D 718 -17.38 25.53 -13.07
N GLY D 719 -17.57 24.23 -13.27
CA GLY D 719 -16.48 23.28 -13.31
C GLY D 719 -15.62 23.17 -12.05
N HIS D 720 -16.11 23.70 -10.94
CA HIS D 720 -15.42 23.58 -9.65
C HIS D 720 -15.78 22.29 -8.93
N ASN D 721 -17.06 22.01 -8.70
CA ASN D 721 -17.45 20.70 -8.19
C ASN D 721 -17.66 19.82 -9.41
N TYR D 722 -16.72 18.91 -9.63
CA TYR D 722 -16.64 18.11 -10.84
C TYR D 722 -15.92 16.83 -10.49
N GLU D 723 -16.40 15.72 -11.04
CA GLU D 723 -15.72 14.44 -10.87
C GLU D 723 -15.64 14.06 -9.38
N ASP D 724 -16.71 14.34 -8.64
CA ASP D 724 -16.91 14.06 -7.20
C ASP D 724 -16.41 15.17 -6.28
N ALA D 725 -15.78 16.22 -6.78
CA ALA D 725 -15.37 17.34 -5.95
C ALA D 725 -16.57 18.08 -5.38
N ILE D 726 -16.31 18.87 -4.33
CA ILE D 726 -17.35 19.58 -3.61
C ILE D 726 -16.91 21.02 -3.38
N ILE D 727 -17.88 21.94 -3.36
CA ILE D 727 -17.62 23.34 -3.03
C ILE D 727 -18.42 23.72 -1.79
N LEU D 728 -17.86 24.64 -1.00
CA LEU D 728 -18.40 24.96 0.32
C LEU D 728 -18.57 26.46 0.49
N SER D 729 -19.56 26.83 1.30
CA SER D 729 -19.67 28.22 1.74
C SER D 729 -18.56 28.53 2.72
N ASN D 730 -17.87 29.65 2.52
CA ASN D 730 -16.90 30.07 3.51
C ASN D 730 -17.53 30.19 4.88
N ARG D 731 -18.86 30.27 4.94
CA ARG D 731 -19.55 30.26 6.22
C ARG D 731 -19.09 29.11 7.09
N LEU D 732 -18.91 27.92 6.48
CA LEU D 732 -18.52 26.74 7.24
C LEU D 732 -17.15 26.91 7.88
N VAL D 733 -16.36 27.89 7.44
CA VAL D 733 -15.12 28.28 8.10
C VAL D 733 -15.39 29.32 9.18
N GLU D 734 -15.93 30.48 8.78
CA GLU D 734 -16.20 31.57 9.72
C GLU D 734 -16.96 31.09 10.95
N GLU D 735 -17.98 30.24 10.76
CA GLU D 735 -18.82 29.79 11.86
C GLU D 735 -18.39 28.46 12.47
N ASP D 736 -17.28 27.88 12.02
CA ASP D 736 -16.70 26.71 12.69
C ASP D 736 -17.68 25.53 12.77
N VAL D 737 -18.48 25.35 11.72
CA VAL D 737 -19.47 24.27 11.73
C VAL D 737 -18.82 22.92 11.42
N LEU D 738 -17.83 22.89 10.54
CA LEU D 738 -17.09 21.67 10.25
C LEU D 738 -15.77 21.58 11.00
N THR D 739 -15.50 22.52 11.91
CA THR D 739 -14.24 22.51 12.64
C THR D 739 -14.18 21.35 13.63
N SER D 740 -12.97 20.84 13.83
CA SER D 740 -12.71 19.73 14.74
C SER D 740 -11.32 19.89 15.33
N ILE D 741 -11.13 19.39 16.54
CA ILE D 741 -9.84 19.51 17.19
C ILE D 741 -9.04 18.23 16.98
N HIS D 742 -7.74 18.30 17.24
CA HIS D 742 -6.86 17.16 17.09
C HIS D 742 -5.72 17.32 18.07
N ILE D 743 -5.24 16.19 18.58
CA ILE D 743 -4.24 16.20 19.64
C ILE D 743 -3.18 15.17 19.33
N GLU D 744 -1.93 15.58 19.36
CA GLU D 744 -0.81 14.69 19.12
C GLU D 744 -0.04 14.49 20.42
N GLU D 745 0.56 13.31 20.56
CA GLU D 745 1.36 12.96 21.72
C GLU D 745 2.82 12.85 21.31
N HIS D 746 3.69 13.57 22.00
CA HIS D 746 5.12 13.50 21.76
C HIS D 746 5.83 13.01 23.01
N GLU D 747 6.88 12.21 22.83
CA GLU D 747 7.49 11.48 23.93
C GLU D 747 9.00 11.46 23.77
N ILE D 748 9.69 11.64 24.89
CA ILE D 748 11.15 11.56 24.95
C ILE D 748 11.51 11.04 26.34
N ASP D 749 12.59 10.28 26.43
CA ASP D 749 13.06 9.75 27.70
C ASP D 749 14.54 10.05 27.87
N ALA D 750 14.95 10.15 29.13
CA ALA D 750 16.34 10.36 29.51
C ALA D 750 16.84 9.08 30.19
N ARG D 751 17.78 8.41 29.55
CA ARG D 751 18.24 7.12 30.04
C ARG D 751 19.70 7.21 30.48
N ASP D 752 20.19 6.10 31.02
CA ASP D 752 21.59 5.96 31.38
C ASP D 752 22.36 5.44 30.17
N THR D 753 23.41 6.16 29.79
CA THR D 753 24.24 5.79 28.65
C THR D 753 25.60 5.32 29.14
N LYS D 754 26.22 4.43 28.36
CA LYS D 754 27.53 3.92 28.74
C LYS D 754 28.51 5.03 29.05
N LEU D 755 28.33 6.19 28.42
CA LEU D 755 29.20 7.34 28.62
C LEU D 755 28.68 8.33 29.66
N GLY D 756 27.57 8.03 30.32
CA GLY D 756 27.03 8.92 31.32
C GLY D 756 25.53 8.72 31.47
N ALA D 757 24.85 9.77 31.94
CA ALA D 757 23.41 9.79 32.04
C ALA D 757 22.87 10.92 31.19
N GLU D 758 21.84 10.63 30.41
CA GLU D 758 21.14 11.69 29.69
C GLU D 758 20.43 12.60 30.69
N GLU D 759 20.40 13.90 30.38
CA GLU D 759 19.80 14.89 31.26
C GLU D 759 18.86 15.77 30.46
N ILE D 760 17.59 15.81 30.87
CA ILE D 760 16.68 16.83 30.38
C ILE D 760 17.10 18.18 30.94
N THR D 761 17.27 19.17 30.08
CA THR D 761 17.78 20.45 30.52
C THR D 761 17.36 21.54 29.54
N ARG D 762 17.44 22.78 30.01
CA ARG D 762 17.23 23.95 29.17
C ARG D 762 18.49 24.38 28.43
N ASP D 763 19.66 23.85 28.78
CA ASP D 763 20.89 24.25 28.14
C ASP D 763 21.10 23.44 26.86
N ILE D 764 21.17 24.12 25.73
CA ILE D 764 21.40 23.43 24.46
C ILE D 764 22.72 23.93 23.91
N PRO D 765 23.53 23.06 23.31
CA PRO D 765 24.91 23.48 22.99
C PRO D 765 24.98 24.68 22.06
N ASN D 766 24.27 24.67 20.94
CA ASN D 766 24.29 25.80 20.03
C ASN D 766 22.85 26.19 19.69
N VAL D 767 22.42 27.33 20.21
CA VAL D 767 21.09 27.86 19.91
C VAL D 767 21.10 29.34 20.26
N SER D 768 20.19 30.09 19.66
CA SER D 768 19.91 31.42 20.15
C SER D 768 18.99 31.34 21.36
N ASP D 769 19.07 32.34 22.23
CA ASP D 769 18.13 32.40 23.35
C ASP D 769 16.70 32.52 22.87
N GLU D 770 16.47 32.75 21.58
CA GLU D 770 15.10 32.84 21.07
C GLU D 770 14.43 31.47 21.04
N VAL D 771 15.10 30.46 20.48
CA VAL D 771 14.51 29.13 20.41
C VAL D 771 14.12 28.66 21.81
N LEU D 772 14.98 28.91 22.80
CA LEU D 772 14.68 28.57 24.18
C LEU D 772 13.63 29.48 24.80
N ALA D 773 13.16 30.50 24.08
CA ALA D 773 12.29 31.50 24.69
C ALA D 773 11.03 30.88 25.27
N ASP D 774 10.59 29.74 24.74
CA ASP D 774 9.36 29.11 25.21
C ASP D 774 9.58 27.96 26.18
N LEU D 775 10.84 27.67 26.54
CA LEU D 775 11.16 26.60 27.49
C LEU D 775 11.16 27.11 28.92
N ASP D 776 10.70 26.26 29.85
CA ASP D 776 10.74 26.57 31.27
C ASP D 776 12.11 26.20 31.84
N GLU D 777 12.23 26.19 33.18
CA GLU D 777 13.49 25.84 33.82
C GLU D 777 14.03 24.51 33.31
N ARG D 778 13.27 23.43 33.55
CA ARG D 778 13.73 22.09 33.22
C ARG D 778 14.00 21.88 31.75
N GLY D 779 13.55 22.79 30.88
CA GLY D 779 13.75 22.64 29.45
C GLY D 779 12.61 22.01 28.68
N ILE D 780 11.40 22.01 29.23
CA ILE D 780 10.22 21.49 28.55
C ILE D 780 9.30 22.66 28.22
N VAL D 781 8.66 22.58 27.06
CA VAL D 781 7.84 23.69 26.56
C VAL D 781 6.76 24.06 27.57
N ARG D 782 6.50 25.36 27.70
CA ARG D 782 5.54 25.85 28.67
C ARG D 782 4.11 25.65 28.19
N ILE D 783 3.24 25.28 29.12
CA ILE D 783 1.83 25.08 28.79
C ILE D 783 1.30 26.34 28.14
N GLY D 784 0.40 26.18 27.18
CA GLY D 784 -0.20 27.31 26.50
C GLY D 784 0.66 27.96 25.44
N ALA D 785 1.86 27.44 25.18
CA ALA D 785 2.73 27.97 24.15
C ALA D 785 2.25 27.58 22.75
N GLU D 786 2.73 28.34 21.77
CA GLU D 786 2.47 28.07 20.36
C GLU D 786 3.73 27.51 19.74
N VAL D 787 3.60 26.39 19.02
CA VAL D 787 4.75 25.64 18.51
C VAL D 787 4.61 25.43 17.02
N ARG D 788 5.68 25.75 16.28
CA ARG D 788 5.75 25.57 14.83
C ARG D 788 6.59 24.34 14.50
N ASP D 789 6.68 24.03 13.22
CA ASP D 789 7.50 22.91 12.78
C ASP D 789 8.97 23.19 13.11
N GLY D 790 9.60 22.23 13.79
CA GLY D 790 10.99 22.38 14.19
C GLY D 790 11.21 23.06 15.54
N ASP D 791 10.17 23.56 16.19
CA ASP D 791 10.32 24.14 17.51
C ASP D 791 10.70 23.08 18.54
N ILE D 792 11.38 23.51 19.59
CA ILE D 792 11.79 22.60 20.66
C ILE D 792 10.62 22.38 21.61
N LEU D 793 10.41 21.12 21.98
CA LEU D 793 9.43 20.74 23.00
C LEU D 793 10.12 20.39 24.31
N VAL D 794 10.99 19.38 24.28
CA VAL D 794 11.77 18.97 25.42
C VAL D 794 13.24 19.01 25.03
N GLY D 795 14.03 19.84 25.71
CA GLY D 795 15.47 19.82 25.52
C GLY D 795 16.10 18.61 26.22
N LYS D 796 17.01 17.95 25.52
CA LYS D 796 17.73 16.81 26.08
C LYS D 796 19.17 16.84 25.58
N VAL D 797 20.04 16.17 26.31
CA VAL D 797 21.47 16.17 25.99
C VAL D 797 22.05 14.81 26.36
N THR D 798 23.01 14.34 25.54
CA THR D 798 23.67 13.06 25.73
C THR D 798 25.18 13.23 25.58
N PRO D 799 25.97 12.50 26.39
CA PRO D 799 27.42 12.64 26.31
C PRO D 799 27.97 12.25 24.95
N LYS D 800 29.17 12.77 24.65
CA LYS D 800 29.80 12.59 23.34
C LYS D 800 31.31 12.54 23.50
N GLY D 801 31.96 11.66 22.74
CA GLY D 801 33.41 11.67 22.64
C GLY D 801 34.05 10.34 22.27
N GLU D 802 35.35 10.36 22.01
CA GLU D 802 36.10 11.61 21.90
C GLU D 802 35.70 12.32 20.61
N THR D 803 35.56 13.65 20.70
CA THR D 803 34.93 14.40 19.62
C THR D 803 35.82 14.50 18.38
N GLU D 804 37.06 14.99 18.54
CA GLU D 804 37.95 15.33 17.43
C GLU D 804 37.28 16.34 16.49
N LEU D 805 37.16 17.57 16.99
CA LEU D 805 36.59 18.66 16.21
C LEU D 805 37.42 18.94 14.96
N THR D 806 36.74 19.40 13.92
CA THR D 806 37.45 19.77 12.69
C THR D 806 38.29 21.03 12.93
N PRO D 807 39.48 21.11 12.33
CA PRO D 807 40.30 22.32 12.52
C PRO D 807 39.56 23.61 12.22
N GLU D 808 38.82 23.66 11.11
CA GLU D 808 38.05 24.85 10.79
C GLU D 808 37.03 25.16 11.88
N GLU D 809 36.55 24.14 12.60
CA GLU D 809 35.61 24.38 13.68
C GLU D 809 36.32 24.84 14.95
N ARG D 810 37.52 24.31 15.21
CA ARG D 810 38.24 24.70 16.41
C ARG D 810 38.77 26.12 16.34
N LEU D 811 38.98 26.66 15.13
CA LEU D 811 39.46 28.03 15.01
C LEU D 811 38.36 29.04 15.39
N LEU D 812 37.15 28.83 14.88
CA LEU D 812 36.04 29.71 15.26
C LEU D 812 35.82 29.67 16.76
N ARG D 813 36.01 28.52 17.39
CA ARG D 813 35.85 28.43 18.84
C ARG D 813 36.79 29.39 19.55
N ALA D 814 38.07 29.38 19.17
CA ALA D 814 39.02 30.31 19.76
C ALA D 814 38.60 31.76 19.52
N ILE D 815 38.15 32.07 18.30
CA ILE D 815 37.82 33.45 17.95
C ILE D 815 36.63 33.96 18.76
N PHE D 816 35.52 33.22 18.73
CA PHE D 816 34.31 33.62 19.42
C PHE D 816 34.23 33.08 20.84
N GLY D 817 35.19 32.26 21.24
CA GLY D 817 35.31 31.88 22.64
C GLY D 817 34.24 30.97 23.18
N GLU D 818 33.52 30.26 22.33
CA GLU D 818 32.50 29.32 22.80
C GLU D 818 33.15 27.96 22.97
N LYS D 819 33.28 27.51 24.21
CA LYS D 819 33.87 26.20 24.48
C LYS D 819 33.06 25.12 23.75
N ALA D 820 33.75 24.27 23.01
CA ALA D 820 33.09 23.09 22.48
C ALA D 820 32.50 22.32 23.65
N ARG D 821 31.19 22.09 23.60
CA ARG D 821 30.51 21.54 24.77
C ARG D 821 30.71 20.04 24.85
N GLU D 822 30.61 19.52 26.08
CA GLU D 822 30.94 18.13 26.35
C GLU D 822 29.96 17.14 25.74
N VAL D 823 28.80 17.61 25.26
CA VAL D 823 27.69 16.70 24.97
C VAL D 823 26.96 17.12 23.69
N ARG D 824 26.44 16.11 22.99
CA ARG D 824 25.64 16.29 21.79
C ARG D 824 24.23 16.74 22.17
N ASP D 825 23.56 17.40 21.22
CA ASP D 825 22.19 17.86 21.42
C ASP D 825 21.25 16.87 20.75
N THR D 826 20.58 16.07 21.57
CA THR D 826 19.49 15.22 21.13
C THR D 826 18.24 15.71 21.84
N SER D 827 17.36 16.37 21.11
CA SER D 827 16.26 17.09 21.75
C SER D 827 14.99 16.84 20.97
N LEU D 828 13.86 16.98 21.67
CA LEU D 828 12.55 16.68 21.09
C LEU D 828 12.00 17.93 20.42
N LYS D 829 11.73 17.82 19.12
CA LYS D 829 11.17 18.92 18.34
C LYS D 829 9.91 18.43 17.64
N VAL D 830 9.08 19.38 17.22
CA VAL D 830 7.80 19.04 16.61
C VAL D 830 7.99 18.62 15.15
N PRO D 831 7.33 17.54 14.71
CA PRO D 831 7.55 17.04 13.36
C PRO D 831 7.25 18.06 12.28
N HIS D 832 7.89 17.88 11.13
CA HIS D 832 7.68 18.76 9.99
C HIS D 832 6.19 18.82 9.65
N GLY D 833 5.71 20.03 9.40
CA GLY D 833 4.35 20.20 8.90
C GLY D 833 3.27 20.13 9.95
N GLU D 834 3.62 20.28 11.23
CA GLU D 834 2.69 20.20 12.33
C GLU D 834 2.77 21.48 13.15
N SER D 835 1.74 21.74 13.95
CA SER D 835 1.65 22.98 14.72
C SER D 835 0.43 22.93 15.64
N GLY D 836 0.42 23.83 16.62
CA GLY D 836 -0.66 23.91 17.56
C GLY D 836 -0.23 24.57 18.86
N LYS D 837 -1.12 24.50 19.85
CA LYS D 837 -0.88 24.99 21.20
C LYS D 837 -0.55 23.82 22.11
N VAL D 838 0.34 24.08 23.08
CA VAL D 838 0.70 23.04 24.05
C VAL D 838 -0.41 22.95 25.09
N ILE D 839 -0.98 21.75 25.24
CA ILE D 839 -2.13 21.52 26.11
C ILE D 839 -1.70 21.07 27.50
N GLY D 840 -1.02 19.93 27.58
CA GLY D 840 -0.64 19.37 28.87
C GLY D 840 0.71 18.68 28.82
N ILE D 841 1.25 18.44 30.01
CA ILE D 841 2.59 17.86 30.12
C ILE D 841 2.58 16.80 31.22
N ARG D 842 3.24 15.69 30.95
CA ARG D 842 3.31 14.58 31.88
C ARG D 842 4.78 14.23 32.04
N VAL D 843 5.26 14.25 33.28
CA VAL D 843 6.67 14.01 33.57
C VAL D 843 6.78 12.87 34.59
N PHE D 844 7.59 11.87 34.25
CA PHE D 844 7.91 10.76 35.13
C PHE D 844 9.40 10.77 35.37
N SER D 845 9.81 10.95 36.62
CA SER D 845 11.21 11.07 36.96
C SER D 845 11.62 9.92 37.86
N ARG D 846 12.85 9.43 37.66
CA ARG D 846 13.40 8.45 38.58
C ARG D 846 13.70 9.09 39.93
N GLU D 847 14.15 10.34 39.95
CA GLU D 847 14.36 11.05 41.21
C GLU D 847 13.10 11.02 42.05
N ASP D 848 12.00 11.51 41.50
CA ASP D 848 10.70 11.18 42.06
C ASP D 848 10.54 9.67 42.05
N ASP D 849 9.82 9.15 43.03
CA ASP D 849 9.71 7.69 43.13
C ASP D 849 9.26 7.08 41.81
N ASP D 850 8.10 7.51 41.31
CA ASP D 850 7.64 7.14 39.98
C ASP D 850 7.81 5.66 39.71
N GLU D 851 8.29 5.33 38.50
CA GLU D 851 8.67 3.99 38.06
C GLU D 851 9.04 4.08 36.60
N LEU D 852 9.84 3.12 36.13
CA LEU D 852 10.40 3.16 34.78
C LEU D 852 11.21 1.91 34.49
N PRO D 853 11.31 1.51 33.22
CA PRO D 853 12.22 0.41 32.86
C PRO D 853 13.65 0.74 33.20
N ALA D 854 14.44 -0.30 33.46
CA ALA D 854 15.83 -0.13 33.84
C ALA D 854 16.57 0.71 32.81
N GLY D 855 17.27 1.73 33.30
CA GLY D 855 18.02 2.63 32.46
C GLY D 855 17.36 3.97 32.21
N VAL D 856 16.03 4.06 32.35
CA VAL D 856 15.28 5.27 32.04
C VAL D 856 15.10 6.07 33.32
N ASN D 857 15.72 7.25 33.39
CA ASN D 857 15.60 8.11 34.57
C ASN D 857 14.36 9.00 34.53
N GLU D 858 14.06 9.60 33.38
CA GLU D 858 13.00 10.60 33.30
C GLU D 858 12.26 10.45 31.97
N LEU D 859 10.93 10.50 32.04
CA LEU D 859 10.07 10.44 30.86
C LEU D 859 9.11 11.62 30.90
N VAL D 860 9.07 12.38 29.81
CA VAL D 860 8.18 13.53 29.68
C VAL D 860 7.37 13.40 28.41
N ARG D 861 6.05 13.51 28.54
CA ARG D 861 5.14 13.49 27.40
C ARG D 861 4.48 14.86 27.25
N VAL D 862 4.41 15.34 26.01
CA VAL D 862 3.85 16.65 25.69
C VAL D 862 2.68 16.46 24.74
N TYR D 863 1.56 17.09 25.04
CA TYR D 863 0.33 16.94 24.28
C TYR D 863 0.03 18.25 23.55
N VAL D 864 0.08 18.22 22.22
CA VAL D 864 -0.19 19.40 21.40
C VAL D 864 -1.54 19.22 20.70
N ALA D 865 -2.31 20.31 20.63
CA ALA D 865 -3.65 20.29 20.08
C ALA D 865 -3.85 21.46 19.14
N GLN D 866 -4.74 21.28 18.15
CA GLN D 866 -5.01 22.33 17.19
C GLN D 866 -6.45 22.27 16.70
N LYS D 867 -7.03 23.45 16.47
CA LYS D 867 -8.31 23.55 15.79
C LYS D 867 -8.08 23.49 14.29
N ARG D 868 -8.73 22.55 13.61
CA ARG D 868 -8.60 22.39 12.16
C ARG D 868 -9.89 22.89 11.50
N LYS D 869 -9.79 24.06 10.87
CA LYS D 869 -10.89 24.56 10.05
C LYS D 869 -11.06 23.68 8.82
N ILE D 870 -12.30 23.50 8.39
CA ILE D 870 -12.54 22.72 7.18
C ILE D 870 -11.78 23.37 6.03
N SER D 871 -10.98 22.57 5.34
CA SER D 871 -9.98 23.08 4.42
C SER D 871 -10.13 22.43 3.05
N ASP D 872 -9.79 23.19 2.01
CA ASP D 872 -9.80 22.62 0.67
C ASP D 872 -8.81 21.47 0.59
N GLY D 873 -9.30 20.31 0.16
CA GLY D 873 -8.56 19.07 0.21
C GLY D 873 -9.05 18.09 1.27
N ASP D 874 -9.85 18.55 2.23
CA ASP D 874 -10.42 17.63 3.20
C ASP D 874 -11.55 16.83 2.55
N LYS D 875 -11.82 15.66 3.11
CA LYS D 875 -12.75 14.70 2.54
C LYS D 875 -14.05 14.70 3.34
N LEU D 876 -15.16 14.86 2.65
CA LEU D 876 -16.49 14.90 3.24
C LEU D 876 -17.32 13.78 2.61
N ALA D 877 -18.46 13.49 3.22
CA ALA D 877 -19.28 12.43 2.65
C ALA D 877 -20.60 12.35 3.40
N GLY D 878 -21.57 11.71 2.75
CA GLY D 878 -22.85 11.40 3.33
C GLY D 878 -22.94 9.92 3.67
N ARG D 879 -24.08 9.56 4.28
CA ARG D 879 -24.27 8.19 4.75
C ARG D 879 -24.52 7.20 3.62
N HIS D 880 -24.65 7.68 2.38
CA HIS D 880 -25.03 6.86 1.23
C HIS D 880 -23.84 6.38 0.41
N GLY D 881 -22.61 6.65 0.85
CA GLY D 881 -21.46 6.28 0.07
C GLY D 881 -20.97 7.36 -0.85
N ASN D 882 -21.63 8.52 -0.86
CA ASN D 882 -21.21 9.66 -1.66
C ASN D 882 -20.08 10.38 -0.95
N LYS D 883 -18.92 10.45 -1.58
CA LYS D 883 -17.74 11.02 -0.96
C LYS D 883 -17.06 11.95 -1.94
N GLY D 884 -16.33 12.93 -1.41
CA GLY D 884 -15.52 13.77 -2.27
C GLY D 884 -14.70 14.75 -1.47
N VAL D 885 -13.64 15.22 -2.10
CA VAL D 885 -12.81 16.27 -1.49
C VAL D 885 -13.47 17.62 -1.67
N ILE D 886 -13.08 18.55 -0.82
CA ILE D 886 -13.47 19.94 -1.00
C ILE D 886 -12.57 20.52 -2.08
N GLY D 887 -13.17 20.92 -3.20
CA GLY D 887 -12.38 21.47 -4.29
C GLY D 887 -12.27 22.97 -4.23
N LYS D 888 -13.28 23.61 -3.66
CA LYS D 888 -13.26 25.06 -3.53
C LYS D 888 -14.19 25.49 -2.42
N ILE D 889 -13.90 26.66 -1.87
CA ILE D 889 -14.74 27.29 -0.86
C ILE D 889 -14.90 28.74 -1.27
N LEU D 890 -16.15 29.20 -1.40
CA LEU D 890 -16.35 30.52 -1.99
C LEU D 890 -16.79 31.50 -0.92
N PRO D 891 -16.49 32.79 -1.09
CA PRO D 891 -17.09 33.79 -0.21
C PRO D 891 -18.61 33.63 -0.21
N VAL D 892 -19.21 33.72 0.98
CA VAL D 892 -20.66 33.59 1.03
C VAL D 892 -21.35 34.58 0.08
N GLU D 893 -20.66 35.66 -0.29
CA GLU D 893 -21.21 36.62 -1.25
C GLU D 893 -21.60 35.95 -2.56
N ASP D 894 -20.63 35.31 -3.24
CA ASP D 894 -20.94 34.66 -4.52
C ASP D 894 -21.11 33.16 -4.27
N MET D 895 -22.36 32.74 -4.13
CA MET D 895 -22.78 31.35 -4.03
C MET D 895 -24.20 31.31 -4.55
N PRO D 896 -24.66 30.19 -5.08
CA PRO D 896 -26.10 30.07 -5.30
C PRO D 896 -26.81 30.40 -4.00
N PHE D 897 -27.77 31.32 -4.08
CA PHE D 897 -28.49 31.74 -2.89
C PHE D 897 -29.97 31.85 -3.20
N LEU D 898 -30.78 31.40 -2.23
CA LEU D 898 -32.22 31.35 -2.38
C LEU D 898 -32.81 32.74 -2.50
N PRO D 899 -34.08 32.83 -2.91
CA PRO D 899 -34.76 34.13 -2.96
C PRO D 899 -34.67 34.93 -1.67
N ASP D 900 -34.56 34.27 -0.51
CA ASP D 900 -34.40 34.97 0.76
C ASP D 900 -33.09 35.76 0.85
N GLY D 901 -32.12 35.45 -0.03
CA GLY D 901 -30.76 35.84 0.24
C GLY D 901 -30.02 34.86 1.12
N THR D 902 -30.49 33.62 1.19
CA THR D 902 -29.91 32.59 2.03
C THR D 902 -28.93 31.77 1.20
N PRO D 903 -27.62 31.91 1.41
CA PRO D 903 -26.67 31.18 0.57
C PRO D 903 -26.71 29.69 0.85
N VAL D 904 -26.44 28.90 -0.18
CA VAL D 904 -26.30 27.46 0.00
C VAL D 904 -24.91 27.18 0.54
N ASP D 905 -24.81 26.14 1.37
CA ASP D 905 -23.51 25.82 1.97
C ASP D 905 -22.67 24.93 1.07
N ILE D 906 -23.26 23.91 0.44
CA ILE D 906 -22.56 22.96 -0.42
C ILE D 906 -23.24 22.92 -1.79
N ILE D 907 -22.43 22.79 -2.84
CA ILE D 907 -22.90 22.53 -4.19
C ILE D 907 -22.37 21.17 -4.62
N LEU D 908 -23.27 20.20 -4.78
CA LEU D 908 -22.90 18.85 -5.21
C LEU D 908 -23.18 18.67 -6.69
N ASN D 909 -22.26 18.02 -7.38
CA ASN D 909 -22.41 17.88 -8.83
C ASN D 909 -23.54 16.91 -9.16
N THR D 910 -24.31 17.25 -10.19
CA THR D 910 -25.47 16.44 -10.54
C THR D 910 -25.06 15.10 -11.14
N HIS D 911 -23.89 15.03 -11.76
CA HIS D 911 -23.56 13.89 -12.62
C HIS D 911 -23.19 12.65 -11.82
N GLY D 912 -22.56 12.83 -10.66
CA GLY D 912 -22.15 11.69 -9.88
C GLY D 912 -23.33 10.91 -9.34
N VAL D 913 -24.48 11.57 -9.18
CA VAL D 913 -25.62 10.99 -8.50
C VAL D 913 -26.29 9.87 -9.31
N PRO D 914 -26.67 10.12 -10.56
CA PRO D 914 -27.60 9.18 -11.23
C PRO D 914 -27.01 7.80 -11.44
N ARG D 915 -25.72 7.68 -11.75
CA ARG D 915 -25.16 6.40 -12.15
C ARG D 915 -24.79 5.50 -10.99
N ARG D 916 -24.75 6.02 -9.76
CA ARG D 916 -24.21 5.29 -8.62
C ARG D 916 -25.26 4.57 -7.79
N MET D 917 -26.55 4.70 -8.12
CA MET D 917 -27.63 3.99 -7.43
C MET D 917 -27.72 4.34 -5.96
N ASN D 918 -27.22 5.51 -5.58
CA ASN D 918 -27.27 5.99 -4.20
C ASN D 918 -28.45 6.93 -3.95
N ILE D 919 -29.42 6.98 -4.85
CA ILE D 919 -30.42 8.05 -4.91
C ILE D 919 -31.09 8.35 -3.57
N GLY D 920 -30.96 7.44 -2.61
CA GLY D 920 -31.39 7.78 -1.26
C GLY D 920 -30.88 9.13 -0.81
N GLN D 921 -29.71 9.54 -1.31
CA GLN D 921 -29.16 10.84 -0.92
C GLN D 921 -30.01 12.00 -1.41
N ILE D 922 -30.79 11.78 -2.48
CA ILE D 922 -31.67 12.83 -2.95
C ILE D 922 -32.93 12.90 -2.09
N LEU D 923 -33.49 11.74 -1.72
CA LEU D 923 -34.60 11.70 -0.79
C LEU D 923 -34.29 12.50 0.47
N GLU D 924 -33.29 12.06 1.23
CA GLU D 924 -32.98 12.78 2.47
C GLU D 924 -32.66 14.24 2.20
N THR D 925 -32.23 14.60 1.00
CA THR D 925 -32.07 16.02 0.69
C THR D 925 -33.43 16.71 0.70
N HIS D 926 -34.47 16.03 0.22
CA HIS D 926 -35.82 16.57 0.26
C HIS D 926 -36.36 16.59 1.70
N LEU D 927 -36.36 15.42 2.35
CA LEU D 927 -36.79 15.35 3.74
C LEU D 927 -36.04 16.38 4.58
N GLY D 928 -34.73 16.48 4.38
CA GLY D 928 -33.96 17.51 5.07
C GLY D 928 -34.60 18.87 4.98
N TRP D 929 -35.08 19.25 3.80
CA TRP D 929 -35.77 20.53 3.67
C TRP D 929 -37.08 20.52 4.44
N VAL D 930 -37.85 19.42 4.33
CA VAL D 930 -39.08 19.28 5.09
C VAL D 930 -38.81 19.51 6.58
N ALA D 931 -37.98 18.65 7.17
CA ALA D 931 -37.71 18.73 8.60
C ALA D 931 -37.22 20.10 9.01
N LYS D 932 -36.55 20.84 8.12
CA LYS D 932 -36.04 22.14 8.52
C LYS D 932 -37.13 23.21 8.51
N ALA D 933 -38.04 23.15 7.54
CA ALA D 933 -39.04 24.20 7.36
C ALA D 933 -40.40 23.88 7.99
N GLY D 934 -40.59 22.66 8.50
CA GLY D 934 -41.89 22.25 9.03
C GLY D 934 -42.93 22.05 7.92
N TRP D 935 -44.16 21.77 8.35
CA TRP D 935 -45.23 21.47 7.40
C TRP D 935 -46.55 21.26 8.14
N ASN D 936 -47.63 21.18 7.35
CA ASN D 936 -48.98 20.94 7.84
C ASN D 936 -49.71 20.01 6.88
N ILE D 937 -50.87 19.51 7.31
CA ILE D 937 -51.72 18.73 6.42
C ILE D 937 -52.36 19.69 5.40
N ASP D 938 -53.12 19.22 4.40
CA ASP D 938 -53.56 17.85 4.11
C ASP D 938 -54.87 17.55 4.84
N VAL D 939 -55.27 18.47 5.71
CA VAL D 939 -56.58 18.43 6.33
C VAL D 939 -56.90 19.87 6.71
N ALA D 940 -58.17 20.27 6.71
CA ALA D 940 -59.32 19.43 6.39
C ALA D 940 -59.65 19.49 4.89
N ALA D 941 -60.78 18.94 4.43
CA ALA D 941 -61.78 18.27 5.27
C ALA D 941 -61.28 16.93 5.80
N GLY D 942 -60.90 16.06 4.87
CA GLY D 942 -60.37 14.75 5.21
C GLY D 942 -58.86 14.69 5.02
N VAL D 943 -58.32 13.53 5.37
CA VAL D 943 -56.90 13.25 5.16
C VAL D 943 -56.70 12.75 3.72
N PRO D 944 -55.70 13.27 3.00
CA PRO D 944 -55.53 12.90 1.59
C PRO D 944 -55.20 11.42 1.42
N ASP D 945 -55.33 10.96 0.18
CA ASP D 945 -55.21 9.53 -0.08
C ASP D 945 -53.84 8.99 0.32
N TRP D 946 -52.77 9.76 0.08
CA TRP D 946 -51.43 9.23 0.29
C TRP D 946 -51.12 9.03 1.77
N ALA D 947 -51.61 9.94 2.62
CA ALA D 947 -51.36 9.87 4.06
C ALA D 947 -52.11 8.72 4.74
N SER D 948 -52.94 7.98 4.00
CA SER D 948 -53.81 6.98 4.59
C SER D 948 -53.10 5.71 5.05
N LYS D 949 -51.85 5.49 4.65
CA LYS D 949 -51.24 4.17 4.88
C LYS D 949 -50.26 3.90 6.05
N LEU D 950 -49.86 4.86 6.90
CA LEU D 950 -50.37 6.22 7.02
C LEU D 950 -49.51 6.94 8.05
N PRO D 951 -49.14 8.19 7.78
CA PRO D 951 -48.56 9.01 8.84
C PRO D 951 -49.58 9.19 9.96
N GLU D 952 -49.14 8.95 11.20
CA GLU D 952 -50.01 9.03 12.36
C GLU D 952 -49.44 10.06 13.34
N GLU D 953 -50.21 11.10 13.64
CA GLU D 953 -49.76 12.22 14.45
C GLU D 953 -48.65 13.01 13.75
N LEU D 954 -48.20 12.55 12.59
CA LEU D 954 -47.20 13.22 11.77
C LEU D 954 -47.77 14.35 10.93
N TYR D 955 -49.08 14.60 11.03
CA TYR D 955 -49.73 15.54 10.14
C TYR D 955 -49.12 16.93 10.22
N SER D 956 -48.55 17.28 11.37
CA SER D 956 -47.93 18.60 11.53
C SER D 956 -46.68 18.49 12.36
N ALA D 957 -45.60 19.10 11.89
CA ALA D 957 -44.39 19.30 12.66
C ALA D 957 -43.91 20.74 12.47
N PRO D 958 -43.40 21.37 13.51
CA PRO D 958 -42.91 22.75 13.39
C PRO D 958 -41.59 22.80 12.65
N ALA D 959 -41.08 24.00 12.47
CA ALA D 959 -39.79 24.18 11.80
C ALA D 959 -38.66 23.68 12.68
N ASP D 960 -37.70 22.98 12.06
CA ASP D 960 -36.50 22.45 12.69
C ASP D 960 -36.72 21.10 13.38
N SER D 961 -37.93 20.57 13.39
CA SER D 961 -38.15 19.26 14.01
C SER D 961 -37.34 18.19 13.30
N THR D 962 -36.89 17.19 14.06
CA THR D 962 -36.07 16.11 13.54
C THR D 962 -36.92 14.88 13.23
N VAL D 963 -36.52 14.17 12.19
CA VAL D 963 -37.30 13.08 11.64
C VAL D 963 -36.51 11.78 11.77
N ALA D 964 -37.22 10.66 11.77
CA ALA D 964 -36.59 9.35 11.77
C ALA D 964 -37.35 8.43 10.82
N THR D 965 -36.64 7.86 9.85
CA THR D 965 -37.20 6.89 8.90
C THR D 965 -36.42 5.58 9.05
N PRO D 966 -36.85 4.70 9.94
CA PRO D 966 -36.15 3.42 10.09
C PRO D 966 -35.97 2.76 8.74
N VAL D 967 -34.86 2.04 8.59
CA VAL D 967 -34.41 1.62 7.27
C VAL D 967 -35.55 1.02 6.46
N PHE D 968 -36.03 -0.14 6.88
CA PHE D 968 -36.89 -0.91 5.99
C PHE D 968 -38.38 -0.66 6.22
N ASP D 969 -38.75 0.18 7.18
CA ASP D 969 -39.99 0.93 7.06
C ASP D 969 -39.65 2.39 7.33
N GLY D 970 -39.54 3.16 6.25
CA GLY D 970 -39.33 4.58 6.32
C GLY D 970 -40.52 5.36 5.81
N ALA D 971 -40.27 6.62 5.50
CA ALA D 971 -41.19 7.37 4.66
C ALA D 971 -41.24 6.73 3.28
N GLN D 972 -42.35 6.95 2.58
CA GLN D 972 -42.56 6.38 1.26
C GLN D 972 -42.79 7.49 0.24
N GLU D 973 -42.48 7.17 -1.01
CA GLU D 973 -42.43 8.18 -2.07
C GLU D 973 -43.68 9.05 -2.08
N GLY D 974 -44.86 8.43 -1.99
CA GLY D 974 -46.08 9.21 -1.92
C GLY D 974 -46.03 10.24 -0.80
N GLU D 975 -45.60 9.82 0.38
CA GLU D 975 -45.60 10.70 1.53
C GLU D 975 -44.63 11.87 1.37
N LEU D 976 -43.56 11.69 0.59
CA LEU D 976 -42.62 12.78 0.34
C LEU D 976 -43.30 13.92 -0.40
N ALA D 977 -43.86 13.63 -1.58
CA ALA D 977 -44.49 14.67 -2.38
C ALA D 977 -45.47 15.47 -1.54
N GLY D 978 -46.40 14.78 -0.88
CA GLY D 978 -47.38 15.48 -0.06
C GLY D 978 -46.73 16.45 0.89
N LEU D 979 -45.59 16.08 1.45
CA LEU D 979 -44.88 16.96 2.37
C LEU D 979 -44.08 18.03 1.63
N LEU D 980 -43.62 17.73 0.41
CA LEU D 980 -42.76 18.66 -0.31
C LEU D 980 -43.41 20.02 -0.45
N GLY D 981 -44.68 20.08 -0.88
CA GLY D 981 -45.37 21.31 -0.61
C GLY D 981 -45.67 21.40 0.88
N SER D 982 -44.91 22.24 1.56
CA SER D 982 -45.14 22.74 2.92
C SER D 982 -43.78 23.32 3.29
N THR D 983 -43.67 24.25 4.23
CA THR D 983 -44.67 25.25 4.52
C THR D 983 -43.87 26.53 4.54
N LEU D 984 -44.49 27.65 4.21
CA LEU D 984 -43.78 28.91 4.39
C LEU D 984 -43.55 29.11 5.88
N PRO D 985 -42.98 30.26 6.26
CA PRO D 985 -42.30 31.20 5.40
C PRO D 985 -40.81 30.97 5.47
N ASN D 986 -40.03 31.76 4.73
CA ASN D 986 -38.73 32.14 5.23
C ASN D 986 -38.92 32.92 6.52
N ARG D 987 -39.43 34.14 6.38
CA ARG D 987 -40.10 34.91 7.42
C ARG D 987 -41.37 35.45 6.81
N ASP D 988 -41.19 36.30 5.79
CA ASP D 988 -42.26 36.69 4.90
C ASP D 988 -42.89 35.45 4.26
N GLY D 989 -44.19 35.54 3.97
CA GLY D 989 -44.99 34.36 3.70
C GLY D 989 -44.63 33.58 2.46
N GLU D 990 -43.58 34.01 1.77
CA GLU D 990 -43.18 33.36 0.52
C GLU D 990 -42.51 32.01 0.80
N VAL D 991 -42.70 31.09 -0.15
CA VAL D 991 -42.19 29.72 -0.05
C VAL D 991 -40.92 29.60 -0.88
N MET D 992 -39.91 28.92 -0.33
CA MET D 992 -38.61 28.82 -0.98
C MET D 992 -38.39 27.54 -1.77
N VAL D 993 -39.30 26.58 -1.72
CA VAL D 993 -39.11 25.32 -2.44
C VAL D 993 -40.47 24.78 -2.86
N ASP D 994 -40.51 24.22 -4.06
CA ASP D 994 -41.76 23.77 -4.64
C ASP D 994 -42.01 22.31 -4.28
N ALA D 995 -43.05 21.71 -4.88
CA ALA D 995 -43.38 20.31 -4.63
C ALA D 995 -42.44 19.35 -5.35
N ASP D 996 -41.52 19.87 -6.16
CA ASP D 996 -40.47 19.08 -6.77
C ASP D 996 -39.17 19.12 -5.98
N GLY D 997 -39.12 19.87 -4.89
CA GLY D 997 -37.88 20.02 -4.16
C GLY D 997 -36.86 20.86 -4.89
N LYS D 998 -37.32 21.89 -5.61
CA LYS D 998 -36.43 22.76 -6.37
C LYS D 998 -36.70 24.21 -6.02
N SER D 999 -35.75 25.07 -6.41
CA SER D 999 -35.82 26.48 -6.11
C SER D 999 -35.03 27.23 -7.17
N THR D 1000 -35.29 28.53 -7.27
CA THR D 1000 -34.57 29.37 -8.21
C THR D 1000 -33.40 29.99 -7.46
N LEU D 1001 -32.19 29.60 -7.81
CA LEU D 1001 -31.01 30.15 -7.16
C LEU D 1001 -30.49 31.32 -7.99
N PHE D 1002 -30.02 32.35 -7.30
CA PHE D 1002 -29.38 33.48 -7.94
C PHE D 1002 -27.87 33.31 -7.85
N ASP D 1003 -27.19 33.44 -8.98
CA ASP D 1003 -25.74 33.40 -8.95
C ASP D 1003 -25.23 34.61 -8.17
N GLY D 1004 -24.48 34.37 -7.11
CA GLY D 1004 -23.90 35.44 -6.35
C GLY D 1004 -22.75 36.13 -7.05
N ARG D 1005 -22.40 35.67 -8.24
CA ARG D 1005 -21.29 36.20 -9.02
C ARG D 1005 -21.76 37.27 -10.00
N SER D 1006 -22.63 36.89 -10.94
CA SER D 1006 -23.22 37.84 -11.88
C SER D 1006 -24.49 38.51 -11.37
N GLY D 1007 -25.12 37.96 -10.33
CA GLY D 1007 -26.37 38.47 -9.84
C GLY D 1007 -27.60 38.04 -10.60
N GLU D 1008 -27.46 37.41 -11.71
CA GLU D 1008 -28.65 36.99 -12.43
C GLU D 1008 -29.08 35.60 -11.99
N PRO D 1009 -30.37 35.28 -12.09
CA PRO D 1009 -30.84 33.95 -11.68
C PRO D 1009 -30.28 32.87 -12.58
N PHE D 1010 -30.37 31.63 -12.08
CA PHE D 1010 -29.98 30.49 -12.92
C PHE D 1010 -31.18 30.05 -13.73
N PRO D 1011 -31.01 29.86 -15.04
CA PRO D 1011 -32.18 29.72 -15.94
C PRO D 1011 -33.22 28.70 -15.51
N TYR D 1012 -32.83 27.65 -14.83
CA TYR D 1012 -33.77 26.58 -14.50
C TYR D 1012 -33.91 26.42 -12.99
N PRO D 1013 -35.01 25.82 -12.53
CA PRO D 1013 -35.13 25.50 -11.11
C PRO D 1013 -34.15 24.41 -10.70
N VAL D 1014 -33.48 24.63 -9.57
CA VAL D 1014 -32.45 23.75 -9.06
C VAL D 1014 -32.91 23.09 -7.76
N THR D 1015 -32.51 21.83 -7.57
CA THR D 1015 -32.84 21.15 -6.32
C THR D 1015 -32.02 21.70 -5.17
N VAL D 1016 -32.70 22.09 -4.09
CA VAL D 1016 -32.03 22.48 -2.86
C VAL D 1016 -32.63 21.67 -1.72
N GLY D 1017 -31.93 21.70 -0.60
CA GLY D 1017 -32.36 20.93 0.56
C GLY D 1017 -31.31 20.97 1.64
N TYR D 1018 -31.48 20.08 2.61
CA TYR D 1018 -30.52 19.91 3.68
C TYR D 1018 -30.04 18.47 3.67
N MET D 1019 -28.74 18.28 3.58
CA MET D 1019 -28.14 16.95 3.61
C MET D 1019 -27.23 16.81 4.82
N TYR D 1020 -27.14 15.59 5.35
CA TYR D 1020 -26.27 15.26 6.47
C TYR D 1020 -24.95 14.73 5.92
N ILE D 1021 -23.89 15.51 6.09
CA ILE D 1021 -22.57 15.17 5.55
C ILE D 1021 -21.57 15.13 6.69
N LEU D 1022 -20.67 14.15 6.66
CA LEU D 1022 -19.71 13.90 7.71
C LEU D 1022 -18.32 14.35 7.29
N LYS D 1023 -17.54 14.82 8.26
CA LYS D 1023 -16.13 15.12 8.03
C LYS D 1023 -15.32 13.87 8.33
N LEU D 1024 -14.42 13.51 7.43
CA LEU D 1024 -13.77 12.21 7.43
C LEU D 1024 -12.29 12.35 7.77
N HIS D 1025 -11.70 11.26 8.25
CA HIS D 1025 -10.41 11.31 8.92
C HIS D 1025 -9.24 11.40 7.95
N HIS D 1026 -9.49 11.54 6.66
CA HIS D 1026 -8.44 11.87 5.72
C HIS D 1026 -8.40 13.39 5.60
N LEU D 1027 -7.29 13.99 6.03
CA LEU D 1027 -7.14 15.45 6.05
C LEU D 1027 -5.88 15.87 5.31
N VAL D 1028 -5.95 17.04 4.68
CA VAL D 1028 -4.84 17.51 3.85
C VAL D 1028 -3.58 17.71 4.69
N ASP D 1029 -3.73 18.32 5.87
CA ASP D 1029 -2.57 18.60 6.71
C ASP D 1029 -1.76 17.33 6.94
N ASP D 1030 -2.45 16.20 7.12
CA ASP D 1030 -1.76 14.94 7.36
C ASP D 1030 -1.22 14.34 6.07
N LYS D 1031 -1.88 14.57 4.93
CA LYS D 1031 -1.55 13.88 3.70
C LYS D 1031 -0.62 14.65 2.77
N ILE D 1032 -0.27 15.88 3.10
CA ILE D 1032 0.63 16.66 2.26
C ILE D 1032 2.05 16.42 2.73
N HIS D 1033 2.90 15.95 1.83
CA HIS D 1033 4.29 15.64 2.13
C HIS D 1033 5.16 16.23 1.03
N ALA D 1034 6.36 16.66 1.42
CA ALA D 1034 7.32 17.15 0.45
C ALA D 1034 8.72 16.89 1.01
N ARG D 1035 9.66 16.62 0.11
CA ARG D 1035 11.04 16.38 0.50
C ARG D 1035 11.98 16.86 -0.59
N SER D 1036 13.10 17.44 -0.17
CA SER D 1036 14.22 17.74 -1.06
C SER D 1036 15.39 16.83 -0.71
N THR D 1037 15.97 16.99 0.48
CA THR D 1037 16.92 16.05 1.03
C THR D 1037 16.46 15.65 2.42
N GLY D 1038 16.95 14.50 2.90
CA GLY D 1038 16.59 14.03 4.21
C GLY D 1038 17.34 12.78 4.63
N PRO D 1039 16.87 12.12 5.68
CA PRO D 1039 17.53 10.88 6.11
C PRO D 1039 17.57 9.85 5.00
N TYR D 1040 18.61 9.02 5.02
CA TYR D 1040 18.75 7.89 4.13
C TYR D 1040 18.83 6.59 4.93
N SER D 1041 18.50 5.48 4.27
CA SER D 1041 18.50 4.16 4.89
C SER D 1041 19.92 3.67 5.16
N MET D 1042 20.07 2.82 6.19
CA MET D 1042 21.39 2.38 6.60
C MET D 1042 22.00 1.41 5.59
N ILE D 1043 21.30 0.31 5.30
CA ILE D 1043 21.87 -0.71 4.42
C ILE D 1043 21.86 -0.24 2.97
N THR D 1044 20.71 0.19 2.50
CA THR D 1044 20.61 0.89 1.23
C THR D 1044 20.57 2.39 1.51
N GLN D 1045 21.22 3.16 0.65
CA GLN D 1045 21.26 4.60 0.89
C GLN D 1045 19.99 5.30 0.43
N GLN D 1046 18.98 4.56 -0.02
CA GLN D 1046 17.75 5.16 -0.48
C GLN D 1046 17.12 6.02 0.61
N PRO D 1047 16.38 7.06 0.22
CA PRO D 1047 15.54 7.77 1.20
C PRO D 1047 14.50 6.83 1.76
N LEU D 1048 14.18 7.00 3.03
CA LEU D 1048 13.21 6.12 3.69
C LEU D 1048 11.83 6.77 3.70
N GLY D 1049 10.83 6.01 3.25
CA GLY D 1049 9.49 6.53 3.10
C GLY D 1049 8.73 6.71 4.40
N GLY D 1050 7.60 7.40 4.29
CA GLY D 1050 6.76 7.76 5.42
C GLY D 1050 7.02 9.17 5.90
N LYS D 1051 5.98 9.81 6.44
CA LYS D 1051 6.12 11.16 6.92
C LYS D 1051 6.97 11.24 8.19
N ALA D 1052 6.92 10.21 9.04
CA ALA D 1052 7.73 10.21 10.25
C ALA D 1052 9.21 10.44 9.92
N GLN D 1053 9.71 9.77 8.89
CA GLN D 1053 11.11 9.87 8.50
C GLN D 1053 11.40 11.05 7.58
N PHE D 1054 10.40 11.89 7.30
CA PHE D 1054 10.56 12.99 6.35
C PHE D 1054 10.83 12.45 4.94
N GLY D 1055 10.18 11.32 4.63
CA GLY D 1055 10.64 10.47 3.54
C GLY D 1055 10.25 10.98 2.17
N GLY D 1056 10.83 10.34 1.15
CA GLY D 1056 10.53 10.65 -0.22
C GLY D 1056 9.52 9.68 -0.82
N GLN D 1057 9.16 9.96 -2.07
CA GLN D 1057 8.17 9.16 -2.78
C GLN D 1057 8.84 7.98 -3.45
N ARG D 1058 8.13 6.86 -3.50
CA ARG D 1058 8.63 5.67 -4.19
C ARG D 1058 8.35 5.78 -5.69
N PHE D 1059 9.41 5.80 -6.49
CA PHE D 1059 9.28 5.64 -7.94
C PHE D 1059 9.44 4.16 -8.25
N GLY D 1060 8.34 3.51 -8.61
CA GLY D 1060 8.27 2.07 -8.64
C GLY D 1060 8.53 1.47 -10.02
N GLU D 1061 8.40 0.15 -10.06
CA GLU D 1061 8.57 -0.59 -11.31
C GLU D 1061 7.66 -0.01 -12.38
N MET D 1062 6.38 0.14 -12.05
CA MET D 1062 5.41 0.63 -13.03
C MET D 1062 5.72 2.06 -13.46
N GLU D 1063 6.23 2.88 -12.54
CA GLU D 1063 6.58 4.24 -12.92
C GLU D 1063 7.76 4.26 -13.90
N CYS D 1064 8.72 3.36 -13.71
CA CYS D 1064 9.85 3.27 -14.64
C CYS D 1064 9.40 2.81 -16.02
N TRP D 1065 8.46 1.88 -16.06
CA TRP D 1065 7.85 1.51 -17.34
C TRP D 1065 7.35 2.75 -18.06
N ALA D 1066 6.52 3.54 -17.39
CA ALA D 1066 6.00 4.74 -18.00
C ALA D 1066 7.13 5.63 -18.48
N MET D 1067 8.15 5.79 -17.65
CA MET D 1067 9.30 6.61 -18.03
C MET D 1067 9.97 6.05 -19.28
N GLN D 1068 10.09 4.72 -19.38
CA GLN D 1068 10.74 4.12 -20.55
C GLN D 1068 9.88 4.28 -21.79
N ALA D 1069 8.56 4.12 -21.67
CA ALA D 1069 7.69 4.33 -22.82
C ALA D 1069 7.86 5.73 -23.39
N TYR D 1070 8.08 6.74 -22.53
CA TYR D 1070 8.34 8.10 -23.01
C TYR D 1070 9.69 8.22 -23.69
N GLY D 1071 10.61 7.32 -23.36
CA GLY D 1071 11.95 7.42 -23.89
C GLY D 1071 12.79 8.46 -23.20
N ALA D 1072 12.48 8.80 -21.96
CA ALA D 1072 13.29 9.76 -21.22
C ALA D 1072 14.34 8.97 -20.46
N ALA D 1073 15.56 8.95 -21.00
CA ALA D 1073 16.63 8.20 -20.35
C ALA D 1073 17.25 9.01 -19.22
N TYR D 1074 17.44 10.31 -19.45
CA TYR D 1074 18.11 11.13 -18.45
C TYR D 1074 17.21 11.36 -17.24
N THR D 1075 15.91 11.50 -17.46
CA THR D 1075 14.99 11.58 -16.34
C THR D 1075 15.03 10.30 -15.52
N LEU D 1076 14.93 9.15 -16.21
CA LEU D 1076 14.92 7.86 -15.54
C LEU D 1076 16.22 7.61 -14.78
N GLN D 1077 17.35 7.82 -15.45
CA GLN D 1077 18.64 7.69 -14.77
C GLN D 1077 18.68 8.55 -13.51
N GLU D 1078 18.26 9.81 -13.63
CA GLU D 1078 18.32 10.76 -12.52
C GLU D 1078 17.57 10.23 -11.30
N LEU D 1079 16.30 9.87 -11.48
CA LEU D 1079 15.50 9.36 -10.37
C LEU D 1079 16.19 8.17 -9.69
N LEU D 1080 16.87 7.34 -10.46
CA LEU D 1080 17.41 6.11 -9.90
C LEU D 1080 18.86 6.23 -9.45
N THR D 1081 19.51 7.38 -9.65
CA THR D 1081 20.90 7.52 -9.22
C THR D 1081 21.11 8.68 -8.26
N ILE D 1082 21.17 9.91 -8.78
CA ILE D 1082 21.53 11.04 -7.93
C ILE D 1082 20.36 11.54 -7.09
N LYS D 1083 19.16 11.05 -7.35
CA LYS D 1083 18.03 11.37 -6.49
C LYS D 1083 17.74 10.29 -5.46
N SER D 1084 18.46 9.17 -5.48
CA SER D 1084 18.29 8.23 -4.37
C SER D 1084 19.61 7.62 -3.88
N ASP D 1085 20.19 6.73 -4.68
CA ASP D 1085 21.18 5.74 -4.25
C ASP D 1085 22.62 6.20 -4.39
N ASP D 1086 22.87 7.32 -5.05
CA ASP D 1086 24.23 7.70 -5.42
C ASP D 1086 24.79 8.57 -4.29
N THR D 1087 25.74 8.02 -3.53
CA THR D 1087 26.12 8.65 -2.27
C THR D 1087 27.00 9.88 -2.52
N VAL D 1088 27.88 9.82 -3.52
CA VAL D 1088 28.63 11.01 -3.88
C VAL D 1088 27.79 11.93 -4.76
N GLY D 1089 27.00 11.36 -5.68
CA GLY D 1089 26.29 12.18 -6.64
C GLY D 1089 25.17 13.01 -6.02
N ARG D 1090 24.52 12.51 -4.98
CA ARG D 1090 23.45 13.27 -4.38
C ARG D 1090 23.97 14.50 -3.64
N VAL D 1091 25.17 14.41 -3.05
CA VAL D 1091 25.72 15.59 -2.39
C VAL D 1091 26.32 16.54 -3.42
N LYS D 1092 26.84 16.03 -4.54
CA LYS D 1092 27.33 16.91 -5.59
C LYS D 1092 26.20 17.72 -6.22
N VAL D 1093 25.13 17.06 -6.63
CA VAL D 1093 23.99 17.75 -7.24
C VAL D 1093 23.54 18.90 -6.34
N TYR D 1094 23.40 18.63 -5.05
CA TYR D 1094 23.10 19.72 -4.13
C TYR D 1094 24.14 20.83 -4.26
N GLU D 1095 25.41 20.48 -4.18
CA GLU D 1095 26.47 21.46 -4.35
C GLU D 1095 26.31 22.24 -5.65
N ALA D 1096 25.78 21.60 -6.68
CA ALA D 1096 25.66 22.28 -7.97
C ALA D 1096 24.48 23.25 -7.99
N ILE D 1097 23.34 22.84 -7.42
CA ILE D 1097 22.18 23.72 -7.40
C ILE D 1097 22.46 24.97 -6.59
N VAL D 1098 23.19 24.81 -5.47
CA VAL D 1098 23.45 25.94 -4.59
C VAL D 1098 24.46 26.91 -5.20
N LYS D 1099 25.37 26.41 -6.04
CA LYS D 1099 26.28 27.26 -6.79
C LYS D 1099 25.77 27.59 -8.19
N GLY D 1100 24.56 27.14 -8.55
CA GLY D 1100 24.06 27.40 -9.88
C GLY D 1100 24.91 26.84 -11.01
N GLU D 1101 25.74 25.83 -10.73
CA GLU D 1101 26.51 25.19 -11.78
C GLU D 1101 25.66 24.14 -12.49
N ASN D 1102 26.23 23.51 -13.51
CA ASN D 1102 25.53 22.43 -14.19
C ASN D 1102 25.47 21.21 -13.30
N ILE D 1103 24.41 20.44 -13.46
CA ILE D 1103 24.25 19.24 -12.64
C ILE D 1103 25.21 18.17 -13.14
N PRO D 1104 26.00 17.55 -12.26
CA PRO D 1104 27.08 16.66 -12.71
C PRO D 1104 26.60 15.32 -13.26
N GLU D 1105 27.55 14.52 -13.72
CA GLU D 1105 27.19 13.21 -14.27
C GLU D 1105 26.97 12.22 -13.14
N PRO D 1106 25.99 11.33 -13.29
CA PRO D 1106 25.67 10.39 -12.21
C PRO D 1106 26.70 9.28 -12.03
N GLY D 1107 26.69 8.70 -10.83
CA GLY D 1107 27.58 7.60 -10.52
C GLY D 1107 26.87 6.27 -10.40
N ILE D 1108 27.44 5.34 -9.65
CA ILE D 1108 26.88 4.00 -9.51
C ILE D 1108 25.88 3.96 -8.38
N PRO D 1109 24.70 3.36 -8.57
CA PRO D 1109 23.75 3.23 -7.46
C PRO D 1109 24.30 2.31 -6.38
N GLU D 1110 24.21 2.77 -5.12
CA GLU D 1110 24.77 1.97 -4.03
C GLU D 1110 24.08 0.62 -3.93
N SER D 1111 22.78 0.56 -4.23
CA SER D 1111 22.06 -0.69 -4.13
C SER D 1111 22.69 -1.75 -5.04
N PHE D 1112 23.14 -1.36 -6.23
CA PHE D 1112 23.79 -2.32 -7.11
C PHE D 1112 25.08 -2.86 -6.51
N LYS D 1113 25.94 -1.98 -6.00
CA LYS D 1113 27.12 -2.43 -5.27
C LYS D 1113 26.75 -3.46 -4.20
N VAL D 1114 25.62 -3.23 -3.52
CA VAL D 1114 25.17 -4.16 -2.49
C VAL D 1114 24.80 -5.51 -3.11
N LEU D 1115 24.14 -5.49 -4.26
CA LEU D 1115 23.73 -6.74 -4.90
C LEU D 1115 24.94 -7.63 -5.20
N LEU D 1116 25.97 -7.06 -5.85
CA LEU D 1116 27.19 -7.82 -6.08
C LEU D 1116 27.68 -8.47 -4.80
N LYS D 1117 27.70 -7.71 -3.70
CA LYS D 1117 28.16 -8.24 -2.42
C LYS D 1117 27.27 -9.38 -1.94
N GLU D 1118 25.96 -9.26 -2.13
CA GLU D 1118 25.06 -10.33 -1.69
C GLU D 1118 25.19 -11.57 -2.56
N LEU D 1119 25.48 -11.40 -3.85
CA LEU D 1119 25.72 -12.57 -4.68
C LEU D 1119 27.05 -13.24 -4.34
N GLN D 1120 28.08 -12.45 -4.04
CA GLN D 1120 29.35 -13.03 -3.59
C GLN D 1120 29.14 -13.90 -2.37
N SER D 1121 28.31 -13.45 -1.42
CA SER D 1121 28.09 -14.23 -0.20
C SER D 1121 27.38 -15.54 -0.45
N LEU D 1122 26.84 -15.77 -1.64
CA LEU D 1122 26.27 -17.06 -2.01
C LEU D 1122 27.28 -17.94 -2.72
N CYS D 1123 28.54 -17.51 -2.79
CA CYS D 1123 29.57 -18.21 -3.54
C CYS D 1123 29.33 -18.10 -5.04
N LEU D 1124 28.69 -17.02 -5.46
CA LEU D 1124 28.58 -16.65 -6.87
C LEU D 1124 29.66 -15.63 -7.18
N ASN D 1125 30.52 -15.96 -8.12
CA ASN D 1125 31.61 -15.06 -8.48
C ASN D 1125 31.07 -14.14 -9.57
N VAL D 1126 30.90 -12.87 -9.24
CA VAL D 1126 30.31 -11.90 -10.14
C VAL D 1126 31.37 -10.85 -10.40
N GLU D 1127 31.81 -10.77 -11.65
CA GLU D 1127 32.84 -9.83 -12.04
C GLU D 1127 32.22 -8.83 -12.99
N VAL D 1128 32.53 -7.56 -12.78
CA VAL D 1128 32.13 -6.52 -13.72
C VAL D 1128 33.31 -6.31 -14.65
N LEU D 1129 33.16 -6.70 -15.91
CA LEU D 1129 34.21 -6.57 -16.90
C LEU D 1129 33.94 -5.37 -17.80
N SER D 1130 35.01 -4.69 -18.20
CA SER D 1130 34.89 -3.64 -19.21
C SER D 1130 35.02 -4.31 -20.58
N SER D 1131 35.05 -3.53 -21.66
CA SER D 1131 35.37 -4.09 -22.97
C SER D 1131 36.59 -4.97 -22.82
N ASP D 1132 37.65 -4.40 -22.26
CA ASP D 1132 38.50 -5.01 -21.25
C ASP D 1132 38.75 -3.79 -20.35
N GLY D 1133 39.60 -3.83 -19.32
CA GLY D 1133 40.68 -4.75 -19.04
C GLY D 1133 40.41 -6.00 -18.22
N ALA D 1134 39.22 -6.59 -18.37
CA ALA D 1134 38.66 -7.53 -17.41
C ALA D 1134 38.19 -6.83 -16.14
N ALA D 1135 38.56 -7.34 -14.97
CA ALA D 1135 37.78 -7.06 -13.76
C ALA D 1135 37.92 -5.62 -13.30
N ILE D 1136 36.77 -4.97 -13.02
CA ILE D 1136 36.71 -3.65 -12.40
C ILE D 1136 36.36 -3.84 -10.93
N GLU D 1137 36.91 -2.97 -10.08
CA GLU D 1137 36.71 -3.06 -8.64
C GLU D 1137 35.76 -1.97 -8.18
N MET D 1138 34.72 -2.36 -7.45
CA MET D 1138 33.79 -1.41 -6.88
C MET D 1138 34.36 -0.92 -5.56
N ARG D 1139 34.68 0.36 -5.48
CA ARG D 1139 35.38 0.90 -4.32
C ARG D 1139 35.37 2.43 -4.33
N VAL E 4 33.46 4.49 -12.70
CA VAL E 4 33.58 4.63 -14.15
C VAL E 4 32.20 4.82 -14.78
N ASN E 5 31.25 3.95 -14.42
CA ASN E 5 29.84 3.97 -14.77
C ASN E 5 29.55 3.35 -16.13
N PHE E 6 30.57 3.11 -16.97
CA PHE E 6 30.40 2.32 -18.19
C PHE E 6 31.27 1.06 -18.09
N PHE E 7 30.61 -0.08 -17.89
CA PHE E 7 31.22 -1.40 -18.01
C PHE E 7 30.52 -2.13 -19.14
N ASP E 8 31.21 -3.10 -19.73
CA ASP E 8 30.57 -3.79 -20.84
C ASP E 8 29.83 -5.03 -20.37
N GLU E 9 30.58 -6.10 -20.10
CA GLU E 9 30.02 -7.36 -19.62
C GLU E 9 29.90 -7.40 -18.09
N LEU E 10 28.97 -8.25 -17.62
CA LEU E 10 28.88 -8.64 -16.22
C LEU E 10 28.68 -10.15 -16.15
N ARG E 11 29.63 -10.86 -15.53
CA ARG E 11 29.71 -12.31 -15.61
C ARG E 11 29.52 -12.97 -14.24
N ILE E 12 29.09 -14.23 -14.26
CA ILE E 12 28.96 -15.04 -13.04
C ILE E 12 29.75 -16.33 -13.23
N GLY E 13 29.90 -17.04 -12.13
CA GLY E 13 30.52 -18.33 -12.14
C GLY E 13 30.50 -18.91 -10.75
N LEU E 14 30.76 -20.20 -10.66
CA LEU E 14 30.92 -20.81 -9.36
C LEU E 14 32.13 -20.22 -8.65
N ALA E 15 31.94 -19.74 -7.43
CA ALA E 15 33.06 -19.27 -6.63
C ALA E 15 33.75 -20.47 -6.00
N THR E 16 35.02 -20.64 -6.30
CA THR E 16 35.82 -21.69 -5.69
C THR E 16 36.26 -21.30 -4.29
N ALA E 17 36.60 -22.29 -3.48
CA ALA E 17 37.13 -21.98 -2.16
C ALA E 17 38.29 -20.98 -2.24
N ASP E 18 39.11 -21.06 -3.29
CA ASP E 18 40.23 -20.13 -3.41
C ASP E 18 39.76 -18.73 -3.72
N ASP E 19 38.81 -18.59 -4.66
CA ASP E 19 38.17 -17.30 -4.89
C ASP E 19 37.66 -16.72 -3.58
N ILE E 20 36.94 -17.54 -2.81
CA ILE E 20 36.34 -17.09 -1.55
C ILE E 20 37.43 -16.64 -0.58
N ARG E 21 38.53 -17.39 -0.52
CA ARG E 21 39.62 -17.00 0.37
C ARG E 21 40.30 -15.72 -0.10
N ASN E 22 40.38 -15.50 -1.42
CA ASN E 22 41.02 -14.29 -1.89
C ASN E 22 40.16 -13.06 -1.59
N TRP E 23 38.84 -13.19 -1.69
CA TRP E 23 37.98 -12.07 -1.31
C TRP E 23 38.20 -11.69 0.14
N SER E 24 38.45 -12.68 1.00
CA SER E 24 38.35 -12.50 2.43
C SER E 24 39.51 -11.67 2.96
N TYR E 25 39.18 -10.73 3.85
CA TYR E 25 40.17 -9.95 4.56
C TYR E 25 40.55 -10.58 5.89
N GLY E 26 39.97 -11.75 6.20
CA GLY E 26 40.36 -12.53 7.37
C GLY E 26 39.38 -13.63 7.68
N GLU E 27 39.78 -14.60 8.49
CA GLU E 27 38.89 -15.69 8.86
C GLU E 27 38.28 -15.38 10.21
N VAL E 28 36.96 -15.24 10.26
CA VAL E 28 36.28 -14.95 11.51
C VAL E 28 36.16 -16.25 12.28
N LYS E 29 36.81 -16.30 13.44
CA LYS E 29 36.93 -17.54 14.21
C LYS E 29 35.95 -17.66 15.38
N LYS E 30 35.18 -16.62 15.67
CA LYS E 30 34.38 -16.69 16.88
C LYS E 30 32.94 -16.28 16.59
N PRO E 31 31.97 -16.87 17.26
CA PRO E 31 30.57 -16.48 17.06
C PRO E 31 30.18 -15.31 17.95
N GLU E 32 31.00 -14.28 17.95
CA GLU E 32 30.83 -13.16 18.86
C GLU E 32 30.54 -11.91 18.04
N THR E 33 29.56 -11.13 18.49
CA THR E 33 29.23 -9.89 17.81
C THR E 33 30.00 -8.74 18.45
N ILE E 34 29.53 -8.27 19.62
CA ILE E 34 30.08 -7.11 20.31
C ILE E 34 30.08 -7.37 21.81
N ASN E 35 30.96 -6.67 22.51
CA ASN E 35 31.10 -6.88 23.94
C ASN E 35 29.84 -6.44 24.67
N TYR E 36 29.47 -7.18 25.72
CA TYR E 36 28.22 -6.89 26.40
C TYR E 36 28.33 -5.63 27.26
N ARG E 37 29.55 -5.23 27.64
CA ARG E 37 29.75 -4.03 28.43
C ARG E 37 30.08 -2.84 27.54
N THR E 38 31.23 -2.90 26.84
CA THR E 38 31.69 -1.77 26.06
C THR E 38 30.94 -1.59 24.74
N LEU E 39 30.19 -2.59 24.31
CA LEU E 39 29.48 -2.57 23.03
C LEU E 39 30.41 -2.38 21.85
N LYS E 40 31.70 -2.66 22.04
CA LYS E 40 32.64 -2.56 20.93
C LYS E 40 32.76 -3.90 20.22
N PRO E 41 33.16 -3.90 18.95
CA PRO E 41 33.26 -5.17 18.22
C PRO E 41 34.31 -6.08 18.84
N GLU E 42 33.92 -7.34 19.04
CA GLU E 42 34.84 -8.33 19.59
C GLU E 42 35.81 -8.81 18.54
N LYS E 43 37.08 -8.90 18.91
CA LYS E 43 38.11 -9.30 17.96
C LYS E 43 37.89 -10.74 17.51
N ASP E 44 38.15 -10.99 16.22
CA ASP E 44 38.07 -12.32 15.61
C ASP E 44 36.63 -12.78 15.46
N GLY E 45 35.68 -12.05 16.02
CA GLY E 45 34.28 -12.35 15.82
C GLY E 45 33.76 -11.74 14.53
N LEU E 46 32.47 -11.97 14.30
CA LEU E 46 31.72 -11.13 13.37
C LEU E 46 31.85 -9.70 13.87
N PHE E 47 32.02 -8.76 12.93
CA PHE E 47 32.22 -7.34 13.16
C PHE E 47 33.66 -6.96 13.52
N CYS E 48 34.56 -7.92 13.71
CA CYS E 48 35.92 -7.60 14.12
C CYS E 48 36.53 -6.55 13.22
N GLU E 49 37.06 -5.49 13.84
CA GLU E 49 37.67 -4.40 13.08
C GLU E 49 38.97 -4.83 12.41
N LYS E 50 39.67 -5.82 12.97
CA LYS E 50 40.91 -6.26 12.35
C LYS E 50 40.66 -6.74 10.93
N ILE E 51 39.58 -7.49 10.71
CA ILE E 51 39.27 -8.03 9.39
C ILE E 51 38.39 -7.08 8.60
N PHE E 52 37.18 -6.80 9.11
CA PHE E 52 36.20 -6.08 8.30
C PHE E 52 36.57 -4.61 8.12
N GLY E 53 36.95 -3.92 9.19
CA GLY E 53 37.41 -2.56 9.04
C GLY E 53 37.12 -1.70 10.25
N PRO E 54 37.55 -0.44 10.20
CA PRO E 54 37.41 0.44 11.36
C PRO E 54 35.98 0.91 11.54
N THR E 55 35.60 1.12 12.79
CA THR E 55 34.26 1.66 13.07
C THR E 55 34.19 3.15 12.77
N ARG E 56 35.31 3.85 12.91
CA ARG E 56 35.38 5.30 12.72
C ARG E 56 36.46 5.61 11.69
N ASP E 57 36.29 6.73 10.99
CA ASP E 57 37.19 7.06 9.91
C ASP E 57 38.61 7.32 10.42
N TRP E 58 39.58 6.65 9.79
CA TRP E 58 41.00 6.78 10.15
C TRP E 58 41.21 6.66 11.66
N GLU E 59 40.48 5.74 12.28
CA GLU E 59 40.62 5.45 13.71
C GLU E 59 40.73 3.95 13.90
N CYS E 60 41.88 3.50 14.40
CA CYS E 60 42.08 2.10 14.76
C CYS E 60 41.36 1.79 16.06
N TYR E 61 41.16 0.48 16.29
CA TYR E 61 40.41 0.04 17.47
C TYR E 61 40.95 0.69 18.75
N CYS E 62 42.26 0.56 18.99
CA CYS E 62 42.86 1.12 20.19
C CYS E 62 43.03 2.62 20.11
N GLY E 63 43.35 3.16 18.93
CA GLY E 63 43.47 4.58 18.73
C GLY E 63 44.88 5.12 18.64
N LYS E 64 45.91 4.26 18.75
CA LYS E 64 47.27 4.74 18.68
C LYS E 64 47.51 5.58 17.44
N TYR E 65 46.97 5.16 16.31
CA TYR E 65 47.00 5.98 15.09
C TYR E 65 45.57 6.48 14.87
N LYS E 66 45.34 7.74 15.18
CA LYS E 66 44.01 8.35 15.09
C LYS E 66 43.82 9.26 13.88
N ARG E 67 44.85 9.51 13.07
CA ARG E 67 44.82 10.64 12.16
C ARG E 67 44.91 10.20 10.70
N VAL E 68 44.26 10.97 9.83
CA VAL E 68 44.37 10.80 8.40
C VAL E 68 45.79 10.92 7.89
N ARG E 69 46.69 11.46 8.72
CA ARG E 69 48.07 11.67 8.30
C ARG E 69 48.64 10.41 7.68
N PHE E 70 48.46 9.27 8.34
CA PHE E 70 48.85 7.99 7.79
C PHE E 70 47.58 7.18 7.51
N LYS E 71 47.16 7.19 6.26
CA LYS E 71 46.20 6.24 5.74
C LYS E 71 46.93 4.99 5.27
N GLY E 72 46.21 3.87 5.25
CA GLY E 72 46.79 2.67 4.67
C GLY E 72 47.95 2.11 5.44
N ILE E 73 48.02 2.37 6.74
CA ILE E 73 48.93 1.67 7.63
C ILE E 73 48.09 0.91 8.65
N ILE E 74 48.64 -0.18 9.16
CA ILE E 74 47.94 -1.04 10.11
C ILE E 74 48.53 -0.81 11.49
N CYS E 75 47.67 -0.77 12.50
CA CYS E 75 48.11 -0.55 13.87
C CYS E 75 48.79 -1.81 14.39
N GLU E 76 50.06 -1.69 14.76
CA GLU E 76 50.83 -2.86 15.20
C GLU E 76 50.26 -3.48 16.47
N ARG E 77 49.36 -2.77 17.17
CA ARG E 77 48.78 -3.30 18.40
C ARG E 77 47.48 -4.03 18.12
N CYS E 78 46.46 -3.31 17.64
CA CYS E 78 45.15 -3.87 17.37
C CYS E 78 45.03 -4.45 15.96
N GLY E 79 46.01 -4.22 15.09
CA GLY E 79 45.95 -4.75 13.75
C GLY E 79 44.86 -4.20 12.87
N VAL E 80 44.23 -3.08 13.25
CA VAL E 80 43.20 -2.44 12.43
C VAL E 80 43.86 -1.47 11.45
N GLU E 81 43.32 -1.39 10.24
CA GLU E 81 43.86 -0.52 9.21
C GLU E 81 43.23 0.87 9.31
N VAL E 82 44.03 1.90 9.04
CA VAL E 82 43.57 3.28 9.14
C VAL E 82 43.06 3.68 7.77
N THR E 83 41.75 3.86 7.65
CA THR E 83 41.10 4.24 6.41
C THR E 83 39.64 4.54 6.72
N ARG E 84 38.88 4.87 5.68
CA ARG E 84 37.49 5.20 5.87
C ARG E 84 36.72 4.00 6.41
N ALA E 85 35.82 4.26 7.37
CA ALA E 85 34.92 3.22 7.84
C ALA E 85 34.00 2.70 6.75
N LYS E 86 33.96 3.35 5.59
CA LYS E 86 33.15 2.86 4.49
C LYS E 86 33.56 1.44 4.08
N VAL E 87 34.84 1.10 4.22
CA VAL E 87 35.28 -0.24 3.83
C VAL E 87 34.52 -1.29 4.61
N ARG E 88 34.09 -0.97 5.84
CA ARG E 88 33.27 -1.89 6.60
C ARG E 88 32.06 -2.34 5.82
N ARG E 89 31.64 -1.57 4.82
CA ARG E 89 30.56 -1.94 3.92
C ARG E 89 31.06 -2.81 2.75
N GLU E 90 32.32 -2.68 2.35
CA GLU E 90 32.84 -3.36 1.17
C GLU E 90 33.57 -4.68 1.44
N ARG E 91 33.92 -5.00 2.68
CA ARG E 91 34.91 -6.05 2.95
C ARG E 91 34.26 -7.32 3.47
N MET E 92 34.83 -8.46 3.06
CA MET E 92 34.29 -9.77 3.35
C MET E 92 35.28 -10.62 4.14
N GLY E 93 34.73 -11.55 4.92
CA GLY E 93 35.51 -12.56 5.59
C GLY E 93 35.28 -13.94 5.01
N HIS E 94 35.75 -14.94 5.74
CA HIS E 94 35.47 -16.31 5.37
C HIS E 94 35.55 -17.18 6.60
N ILE E 95 34.99 -18.38 6.46
CA ILE E 95 35.12 -19.43 7.45
C ILE E 95 35.78 -20.62 6.77
N GLU E 96 36.80 -21.19 7.42
CA GLU E 96 37.44 -22.41 6.93
C GLU E 96 36.80 -23.60 7.62
N LEU E 97 36.07 -24.41 6.86
CA LEU E 97 35.34 -25.53 7.44
C LEU E 97 36.28 -26.67 7.79
N ALA E 98 35.95 -27.37 8.86
CA ALA E 98 36.71 -28.55 9.26
C ALA E 98 36.30 -29.78 8.48
N ALA E 99 35.17 -29.71 7.77
CA ALA E 99 34.69 -30.76 6.89
C ALA E 99 34.00 -30.09 5.71
N PRO E 100 34.04 -30.67 4.51
CA PRO E 100 33.39 -30.03 3.37
C PRO E 100 31.89 -29.94 3.60
N VAL E 101 31.22 -29.23 2.70
CA VAL E 101 29.78 -29.03 2.79
C VAL E 101 29.25 -28.78 1.38
N THR E 102 28.07 -29.32 1.10
CA THR E 102 27.48 -29.13 -0.22
C THR E 102 26.66 -27.85 -0.24
N HIS E 103 26.77 -27.12 -1.34
CA HIS E 103 25.99 -25.91 -1.52
C HIS E 103 24.54 -26.31 -1.81
N ILE E 104 23.61 -25.88 -0.96
CA ILE E 104 22.25 -26.40 -1.07
C ILE E 104 21.61 -26.02 -2.40
N TRP E 105 22.03 -24.90 -3.00
CA TRP E 105 21.45 -24.53 -4.28
C TRP E 105 21.67 -25.60 -5.34
N TYR E 106 22.86 -26.19 -5.36
CA TYR E 106 23.19 -27.17 -6.37
C TYR E 106 22.74 -28.58 -6.03
N PHE E 107 22.56 -28.89 -4.74
CA PHE E 107 22.05 -30.18 -4.36
C PHE E 107 20.52 -30.25 -4.48
N LYS E 108 19.83 -29.29 -3.87
CA LYS E 108 18.38 -29.37 -3.74
C LYS E 108 17.62 -28.60 -4.80
N GLY E 109 18.33 -27.90 -5.69
CA GLY E 109 17.65 -27.30 -6.82
C GLY E 109 17.02 -28.35 -7.71
N VAL E 110 15.89 -28.00 -8.31
CA VAL E 110 15.21 -28.95 -9.19
C VAL E 110 15.36 -28.53 -10.64
N PRO E 111 16.00 -29.37 -11.46
CA PRO E 111 16.57 -30.66 -11.07
C PRO E 111 17.91 -30.55 -10.35
N SER E 112 18.23 -31.52 -9.50
CA SER E 112 19.48 -31.48 -8.76
C SER E 112 20.66 -31.45 -9.72
N ARG E 113 21.53 -30.45 -9.59
CA ARG E 113 22.70 -30.38 -10.47
C ARG E 113 23.69 -31.47 -10.13
N LEU E 114 23.99 -31.64 -8.84
CA LEU E 114 24.85 -32.75 -8.43
C LEU E 114 24.25 -34.08 -8.86
N GLY E 115 22.95 -34.27 -8.61
CA GLY E 115 22.29 -35.48 -9.06
C GLY E 115 22.51 -35.75 -10.53
N TYR E 116 22.35 -34.72 -11.37
CA TYR E 116 22.55 -34.90 -12.80
C TYR E 116 24.03 -35.01 -13.15
N LEU E 117 24.91 -34.44 -12.34
CA LEU E 117 26.32 -34.46 -12.68
C LEU E 117 26.94 -35.81 -12.37
N LEU E 118 26.59 -36.38 -11.23
CA LEU E 118 27.09 -37.70 -10.86
C LEU E 118 26.12 -38.81 -11.22
N ASP E 119 24.96 -38.46 -11.76
CA ASP E 119 23.92 -39.43 -12.07
C ASP E 119 23.52 -40.22 -10.81
N LEU E 120 23.15 -39.48 -9.78
CA LEU E 120 22.58 -40.05 -8.56
C LEU E 120 21.16 -39.54 -8.38
N ALA E 121 20.29 -40.43 -7.96
CA ALA E 121 18.91 -40.03 -7.74
C ALA E 121 18.87 -39.02 -6.60
N PRO E 122 18.18 -37.90 -6.77
CA PRO E 122 18.18 -36.88 -5.71
C PRO E 122 17.87 -37.44 -4.34
N LYS E 123 16.87 -38.31 -4.20
CA LYS E 123 16.57 -38.87 -2.90
C LYS E 123 17.74 -39.70 -2.37
N ASP E 124 18.56 -40.26 -3.26
CA ASP E 124 19.75 -40.99 -2.82
C ASP E 124 20.89 -40.04 -2.47
N LEU E 125 21.12 -39.04 -3.32
CA LEU E 125 22.12 -38.02 -3.02
C LEU E 125 21.90 -37.41 -1.64
N GLU E 126 20.64 -37.15 -1.29
CA GLU E 126 20.32 -36.66 0.04
C GLU E 126 20.86 -37.59 1.13
N LYS E 127 20.55 -38.89 1.03
CA LYS E 127 21.02 -39.84 2.04
C LYS E 127 22.52 -39.75 2.27
N ILE E 128 23.30 -39.47 1.21
CA ILE E 128 24.74 -39.43 1.36
C ILE E 128 25.18 -38.18 2.12
N ILE E 129 24.72 -37.00 1.69
CA ILE E 129 25.30 -35.79 2.24
C ILE E 129 24.87 -35.60 3.69
N TYR E 130 23.71 -36.13 4.05
CA TYR E 130 23.19 -36.05 5.41
C TYR E 130 23.50 -37.29 6.26
N PHE E 131 24.36 -38.18 5.77
CA PHE E 131 24.92 -39.27 6.58
C PHE E 131 23.87 -40.33 6.93
N ALA E 132 22.96 -40.59 6.00
CA ALA E 132 21.99 -41.66 6.14
C ALA E 132 22.42 -42.93 5.42
N ALA E 133 23.58 -42.94 4.78
CA ALA E 133 24.03 -44.08 3.99
C ALA E 133 25.41 -43.78 3.42
N TYR E 134 26.13 -44.84 3.09
CA TYR E 134 27.49 -44.71 2.57
C TYR E 134 27.48 -44.72 1.05
N VAL E 135 28.64 -44.44 0.48
CA VAL E 135 28.82 -44.43 -0.96
C VAL E 135 30.22 -44.94 -1.25
N ILE E 136 30.33 -45.77 -2.29
CA ILE E 136 31.64 -46.34 -2.61
C ILE E 136 32.44 -45.26 -3.31
N THR E 137 33.53 -44.84 -2.69
CA THR E 137 34.36 -43.81 -3.30
C THR E 137 35.36 -44.42 -4.29
N SER E 138 35.91 -45.58 -3.96
CA SER E 138 36.93 -46.21 -4.80
C SER E 138 36.85 -47.72 -4.65
N VAL E 139 37.27 -48.42 -5.69
CA VAL E 139 37.38 -49.87 -5.66
C VAL E 139 38.61 -50.27 -6.45
N ASP E 140 39.37 -51.23 -5.91
CA ASP E 140 40.57 -51.72 -6.56
C ASP E 140 40.19 -52.91 -7.44
N ASP E 141 40.21 -52.72 -8.76
CA ASP E 141 39.72 -53.77 -9.65
C ASP E 141 40.71 -54.91 -9.80
N GLU E 142 42.00 -54.59 -9.92
CA GLU E 142 43.01 -55.64 -9.98
C GLU E 142 42.98 -56.48 -8.71
N MET E 143 43.20 -55.83 -7.56
CA MET E 143 43.30 -56.59 -6.32
C MET E 143 42.06 -57.46 -6.10
N ARG E 144 40.89 -56.96 -6.51
CA ARG E 144 39.67 -57.75 -6.37
C ARG E 144 39.70 -58.97 -7.28
N HIS E 145 40.30 -58.84 -8.46
CA HIS E 145 40.35 -59.94 -9.41
C HIS E 145 41.40 -60.98 -9.00
N ASN E 146 42.62 -60.53 -8.72
CA ASN E 146 43.70 -61.46 -8.38
C ASN E 146 43.37 -62.30 -7.16
N GLU E 147 42.54 -61.79 -6.25
CA GLU E 147 42.19 -62.52 -5.03
C GLU E 147 40.82 -63.20 -5.09
N LEU E 148 40.12 -63.13 -6.22
CA LEU E 148 38.73 -63.59 -6.25
C LEU E 148 38.63 -65.07 -5.92
N SER E 149 39.62 -65.86 -6.34
CA SER E 149 39.60 -67.29 -6.12
C SER E 149 39.59 -67.61 -4.63
N THR E 150 40.62 -67.15 -3.91
CA THR E 150 40.72 -67.47 -2.49
C THR E 150 39.54 -66.88 -1.71
N LEU E 151 39.03 -65.72 -2.12
CA LEU E 151 37.88 -65.15 -1.42
C LEU E 151 36.66 -66.01 -1.60
N GLU E 152 36.31 -66.33 -2.86
CA GLU E 152 35.16 -67.19 -3.11
C GLU E 152 35.32 -68.53 -2.39
N ALA E 153 36.55 -69.05 -2.33
CA ALA E 153 36.79 -70.32 -1.65
C ALA E 153 36.51 -70.19 -0.15
N GLU E 154 36.95 -69.09 0.45
CA GLU E 154 36.67 -68.89 1.87
C GLU E 154 35.20 -68.61 2.11
N MET E 155 34.52 -68.04 1.14
CA MET E 155 33.09 -67.79 1.29
C MET E 155 32.30 -69.08 1.22
N ALA E 156 32.64 -69.94 0.26
CA ALA E 156 31.96 -71.22 0.14
C ALA E 156 32.04 -72.01 1.45
N VAL E 157 33.26 -72.20 1.96
CA VAL E 157 33.44 -72.92 3.22
C VAL E 157 32.58 -72.30 4.31
N GLU E 158 32.67 -70.97 4.47
CA GLU E 158 31.83 -70.29 5.46
C GLU E 158 30.37 -70.62 5.28
N LYS E 159 29.85 -70.42 4.06
CA LYS E 159 28.44 -70.73 3.78
C LYS E 159 28.14 -72.19 4.04
N LYS E 160 29.11 -73.09 3.81
CA LYS E 160 28.90 -74.50 4.08
C LYS E 160 28.88 -74.78 5.58
N ALA E 161 29.82 -74.19 6.32
CA ALA E 161 29.86 -74.37 7.77
C ALA E 161 28.52 -74.04 8.38
N VAL E 162 27.85 -73.01 7.87
CA VAL E 162 26.51 -72.67 8.33
C VAL E 162 25.51 -73.77 7.94
N GLU E 163 25.68 -74.33 6.74
CA GLU E 163 24.78 -75.39 6.30
C GLU E 163 24.96 -76.66 7.13
N ASP E 164 26.19 -77.11 7.31
CA ASP E 164 26.44 -78.29 8.14
C ASP E 164 25.76 -78.13 9.49
N GLN E 165 25.89 -76.94 10.10
CA GLN E 165 25.30 -76.71 11.41
C GLN E 165 23.78 -76.81 11.39
N ARG E 166 23.15 -76.15 10.40
CA ARG E 166 21.69 -76.24 10.28
C ARG E 166 21.23 -77.69 10.22
N ASP E 167 21.95 -78.52 9.45
CA ASP E 167 21.59 -79.93 9.36
C ASP E 167 21.82 -80.64 10.70
N ALA E 168 23.00 -80.45 11.28
CA ALA E 168 23.28 -81.06 12.58
C ALA E 168 22.23 -80.68 13.61
N ASP E 169 21.90 -79.39 13.69
CA ASP E 169 20.92 -78.93 14.68
C ASP E 169 19.53 -79.47 14.37
N LEU E 170 19.15 -79.50 13.09
CA LEU E 170 17.79 -79.90 12.74
C LEU E 170 17.55 -81.38 12.99
N GLU E 171 18.57 -82.22 12.87
CA GLU E 171 18.39 -83.64 13.14
C GLU E 171 18.33 -83.91 14.64
N ALA E 172 19.02 -83.11 15.43
CA ALA E 172 18.97 -83.29 16.88
C ALA E 172 17.59 -82.94 17.42
N ARG E 173 17.00 -81.85 16.94
CA ARG E 173 15.67 -81.47 17.40
C ARG E 173 14.63 -82.48 16.95
N ALA E 174 14.86 -83.14 15.81
CA ALA E 174 13.94 -84.16 15.34
C ALA E 174 14.02 -85.43 16.20
N GLN E 175 15.23 -85.87 16.52
CA GLN E 175 15.36 -87.03 17.41
C GLN E 175 14.77 -86.74 18.79
N LYS E 176 15.00 -85.53 19.31
CA LYS E 176 14.36 -85.14 20.56
C LYS E 176 12.84 -85.32 20.47
N LEU E 177 12.23 -84.86 19.39
CA LEU E 177 10.79 -84.99 19.24
C LEU E 177 10.39 -86.46 19.11
N GLU E 178 11.21 -87.27 18.45
CA GLU E 178 10.94 -88.70 18.40
C GLU E 178 10.99 -89.32 19.79
N ALA E 179 11.96 -88.91 20.60
CA ALA E 179 12.06 -89.42 21.96
C ALA E 179 10.84 -89.02 22.78
N ASP E 180 10.36 -87.79 22.59
CA ASP E 180 9.30 -87.26 23.42
C ASP E 180 7.94 -87.80 23.00
N LEU E 181 7.70 -87.95 21.70
CA LEU E 181 6.49 -88.63 21.26
C LEU E 181 6.51 -90.11 21.65
N ALA E 182 7.68 -90.64 22.02
CA ALA E 182 7.75 -92.01 22.50
C ALA E 182 7.19 -92.14 23.90
N GLU E 183 7.63 -91.27 24.81
CA GLU E 183 7.05 -91.24 26.15
C GLU E 183 5.57 -90.94 26.11
N LEU E 184 5.12 -90.17 25.11
CA LEU E 184 3.69 -89.83 25.02
C LEU E 184 2.85 -91.05 24.67
N GLU E 185 3.39 -91.97 23.87
CA GLU E 185 2.70 -93.23 23.63
C GLU E 185 2.90 -94.22 24.76
N ALA E 186 4.03 -94.15 25.47
CA ALA E 186 4.25 -95.03 26.60
C ALA E 186 3.12 -94.90 27.62
N GLU E 187 2.89 -93.67 28.10
CA GLU E 187 1.73 -93.39 28.93
C GLU E 187 0.49 -93.25 28.05
N GLY E 188 -0.65 -93.59 28.61
CA GLY E 188 -1.89 -93.30 27.91
C GLY E 188 -1.99 -91.81 27.72
N ALA E 189 -2.10 -91.36 26.47
CA ALA E 189 -2.05 -89.93 26.16
C ALA E 189 -3.13 -89.60 25.15
N LYS E 190 -3.90 -88.55 25.44
CA LYS E 190 -4.96 -88.13 24.53
C LYS E 190 -4.36 -87.85 23.15
N SER E 191 -5.11 -88.20 22.11
CA SER E 191 -4.61 -88.07 20.75
C SER E 191 -4.31 -86.61 20.41
N ASP E 192 -5.22 -85.68 20.76
CA ASP E 192 -4.97 -84.27 20.48
C ASP E 192 -3.79 -83.73 21.27
N VAL E 193 -3.44 -84.36 22.40
CA VAL E 193 -2.26 -83.93 23.13
C VAL E 193 -0.98 -84.40 22.43
N ARG E 194 -1.03 -85.60 21.83
CA ARG E 194 0.14 -86.10 21.11
C ARG E 194 0.40 -85.31 19.84
N ARG E 195 -0.64 -84.74 19.23
CA ARG E 195 -0.47 -83.94 18.03
C ARG E 195 0.00 -82.51 18.33
N LYS E 196 -0.45 -81.92 19.44
CA LYS E 196 0.04 -80.60 19.80
C LYS E 196 1.50 -80.64 20.23
N VAL E 197 2.02 -81.82 20.58
CA VAL E 197 3.45 -81.96 20.83
C VAL E 197 4.21 -81.94 19.51
N ARG E 198 3.66 -82.62 18.49
CA ARG E 198 4.28 -82.59 17.17
C ARG E 198 4.13 -81.21 16.53
N ASP E 199 2.94 -80.60 16.65
CA ASP E 199 2.76 -79.25 16.11
C ASP E 199 3.78 -78.28 16.70
N SER E 200 3.92 -78.29 18.03
CA SER E 200 4.90 -77.42 18.66
C SER E 200 6.32 -77.78 18.25
N GLY E 201 6.59 -79.09 18.13
CA GLY E 201 7.93 -79.51 17.73
C GLY E 201 8.24 -79.18 16.28
N GLU E 202 7.26 -79.33 15.40
CA GLU E 202 7.45 -78.97 13.99
C GLU E 202 7.74 -77.47 13.85
N ARG E 203 7.02 -76.63 14.60
CA ARG E 203 7.21 -75.20 14.48
C ARG E 203 8.59 -74.78 14.98
N GLU E 204 9.07 -75.39 16.06
CA GLU E 204 10.40 -75.05 16.56
C GLU E 204 11.49 -75.44 15.57
N MET E 205 11.20 -76.36 14.65
CA MET E 205 12.16 -76.72 13.61
C MET E 205 12.19 -75.67 12.52
N ARG E 206 11.01 -75.24 12.04
CA ARG E 206 10.96 -74.18 11.05
C ARG E 206 11.72 -72.94 11.51
N GLN E 207 11.65 -72.63 12.81
CA GLN E 207 12.44 -71.51 13.32
C GLN E 207 13.93 -71.74 13.09
N LEU E 208 14.42 -72.93 13.44
CA LEU E 208 15.86 -73.21 13.31
C LEU E 208 16.31 -73.11 11.86
N ARG E 209 15.51 -73.63 10.93
CA ARG E 209 15.87 -73.55 9.52
C ARG E 209 15.80 -72.11 9.03
N ASP E 210 14.72 -71.40 9.34
CA ASP E 210 14.60 -70.00 8.94
C ASP E 210 15.80 -69.19 9.40
N ARG E 211 16.20 -69.34 10.67
CA ARG E 211 17.37 -68.60 11.15
C ARG E 211 18.60 -68.93 10.32
N ALA E 212 18.80 -70.20 10.00
CA ALA E 212 19.94 -70.60 9.18
C ALA E 212 19.82 -70.02 7.78
N GLN E 213 18.59 -69.98 7.25
CA GLN E 213 18.38 -69.36 5.94
C GLN E 213 18.72 -67.88 5.96
N ARG E 214 18.30 -67.17 7.01
CA ARG E 214 18.63 -65.76 7.13
C ARG E 214 20.13 -65.53 7.01
N GLU E 215 20.92 -66.35 7.71
CA GLU E 215 22.36 -66.16 7.66
C GLU E 215 22.92 -66.55 6.31
N LEU E 216 22.31 -67.54 5.65
CA LEU E 216 22.75 -67.89 4.31
C LEU E 216 22.48 -66.75 3.34
N ASP E 217 21.35 -66.06 3.51
CA ASP E 217 21.04 -64.93 2.64
C ASP E 217 21.93 -63.74 2.99
N ARG E 218 22.15 -63.48 4.27
CA ARG E 218 23.06 -62.41 4.66
C ARG E 218 24.46 -62.65 4.10
N LEU E 219 24.90 -63.91 4.08
CA LEU E 219 26.21 -64.23 3.53
C LEU E 219 26.22 -64.07 2.01
N ASP E 220 25.14 -64.47 1.34
CA ASP E 220 25.07 -64.29 -0.12
C ASP E 220 24.96 -62.82 -0.48
N GLU E 221 24.27 -62.02 0.33
CA GLU E 221 24.23 -60.58 0.09
C GLU E 221 25.61 -59.96 0.22
N ILE E 222 26.39 -60.38 1.22
CA ILE E 222 27.76 -59.89 1.36
C ILE E 222 28.57 -60.20 0.10
N TRP E 223 28.54 -61.45 -0.34
CA TRP E 223 29.40 -61.87 -1.45
C TRP E 223 28.98 -61.22 -2.76
N ASN E 224 27.66 -61.19 -3.04
CA ASN E 224 27.18 -60.52 -4.25
C ASN E 224 27.54 -59.04 -4.25
N THR E 225 27.27 -58.34 -3.16
CA THR E 225 27.61 -56.93 -3.08
C THR E 225 29.08 -56.69 -3.37
N PHE E 226 29.96 -57.47 -2.73
CA PHE E 226 31.38 -57.21 -2.89
C PHE E 226 31.86 -57.49 -4.31
N THR E 227 31.29 -58.51 -4.97
CA THR E 227 31.77 -58.88 -6.29
C THR E 227 31.32 -57.88 -7.36
N LYS E 228 30.08 -57.41 -7.29
CA LYS E 228 29.65 -56.37 -8.22
C LYS E 228 30.03 -54.97 -7.77
N LEU E 229 30.74 -54.84 -6.64
CA LEU E 229 31.01 -53.53 -6.06
C LEU E 229 31.63 -52.58 -7.08
N ALA E 230 31.13 -51.36 -7.12
CA ALA E 230 31.59 -50.31 -8.02
C ALA E 230 31.47 -48.96 -7.32
N PRO E 231 32.35 -48.02 -7.64
CA PRO E 231 32.20 -46.67 -7.07
C PRO E 231 30.91 -46.03 -7.53
N LYS E 232 30.34 -45.21 -6.64
CA LYS E 232 29.05 -44.52 -6.74
C LYS E 232 27.91 -45.38 -6.25
N GLN E 233 28.15 -46.64 -5.89
CA GLN E 233 27.08 -47.45 -5.33
C GLN E 233 26.77 -47.01 -3.91
N LEU E 234 25.53 -47.23 -3.50
CA LEU E 234 25.01 -46.75 -2.23
C LEU E 234 24.71 -47.94 -1.33
N ILE E 235 25.21 -47.91 -0.10
CA ILE E 235 25.04 -49.00 0.86
C ILE E 235 24.33 -48.45 2.09
N VAL E 236 23.08 -48.83 2.29
CA VAL E 236 22.27 -48.32 3.39
C VAL E 236 22.26 -49.21 4.63
N ASP E 237 22.85 -50.41 4.57
CA ASP E 237 22.69 -51.36 5.66
C ASP E 237 23.58 -51.01 6.85
N GLU E 238 24.87 -50.82 6.60
CA GLU E 238 25.80 -50.35 7.61
C GLU E 238 26.16 -51.47 8.58
N VAL E 239 25.27 -52.44 8.76
CA VAL E 239 25.71 -53.70 9.34
C VAL E 239 26.30 -54.56 8.26
N LEU E 240 25.68 -54.54 7.09
CA LEU E 240 26.30 -55.06 5.86
C LEU E 240 27.59 -54.31 5.55
N TYR E 241 27.51 -52.99 5.48
CA TYR E 241 28.70 -52.19 5.21
C TYR E 241 29.82 -52.52 6.18
N ARG E 242 29.50 -52.71 7.45
CA ARG E 242 30.53 -53.07 8.41
C ARG E 242 31.17 -54.41 8.03
N GLU E 243 30.35 -55.35 7.58
CA GLU E 243 30.88 -56.66 7.19
C GLU E 243 31.71 -56.56 5.92
N LEU E 244 31.28 -55.73 4.95
CA LEU E 244 32.13 -55.46 3.81
C LEU E 244 33.44 -54.79 4.20
N GLN E 245 33.50 -54.14 5.37
CA GLN E 245 34.70 -53.42 5.73
C GLN E 245 35.78 -54.35 6.29
N ASP E 246 35.41 -55.22 7.23
CA ASP E 246 36.41 -56.05 7.91
C ASP E 246 37.00 -57.09 6.96
N ARG E 247 36.13 -57.81 6.24
CA ARG E 247 36.54 -58.54 5.05
C ARG E 247 36.31 -57.66 3.84
N TYR E 248 37.33 -57.52 3.00
CA TYR E 248 37.34 -56.75 1.75
C TYR E 248 37.65 -55.29 1.96
N GLY E 249 37.74 -54.82 3.20
CA GLY E 249 38.04 -53.41 3.42
C GLY E 249 39.25 -52.93 2.64
N GLU E 250 40.21 -53.82 2.43
CA GLU E 250 41.44 -53.44 1.74
C GLU E 250 41.23 -53.22 0.25
N TYR E 251 40.10 -53.65 -0.31
CA TYR E 251 39.85 -53.62 -1.75
C TYR E 251 39.05 -52.40 -2.20
N PHE E 252 38.58 -51.57 -1.28
CA PHE E 252 37.66 -50.49 -1.63
C PHE E 252 37.68 -49.41 -0.56
N THR E 253 37.13 -48.26 -0.92
CA THR E 253 36.94 -47.15 0.01
C THR E 253 35.54 -46.57 -0.12
N GLY E 254 34.93 -46.27 1.03
CA GLY E 254 33.60 -45.67 1.03
C GLY E 254 33.48 -44.72 2.19
N ALA E 255 32.47 -43.85 2.12
CA ALA E 255 32.33 -42.76 3.07
C ALA E 255 30.91 -42.20 3.00
N MET E 256 30.63 -41.23 3.86
CA MET E 256 29.38 -40.47 3.81
C MET E 256 29.71 -38.98 3.74
N GLY E 257 28.65 -38.18 3.65
CA GLY E 257 28.79 -36.73 3.70
C GLY E 257 29.34 -36.12 2.42
N ALA E 258 29.38 -34.79 2.42
CA ALA E 258 29.94 -34.07 1.28
C ALA E 258 31.41 -34.45 1.06
N GLU E 259 32.12 -34.84 2.13
CA GLU E 259 33.49 -35.28 1.97
C GLU E 259 33.58 -36.39 0.93
N SER E 260 32.59 -37.29 0.94
CA SER E 260 32.56 -38.35 -0.07
C SER E 260 32.18 -37.80 -1.44
N ILE E 261 31.14 -36.97 -1.49
CA ILE E 261 30.73 -36.36 -2.75
C ILE E 261 31.91 -35.64 -3.40
N LYS E 262 32.69 -34.92 -2.59
CA LYS E 262 33.88 -34.28 -3.12
C LYS E 262 34.80 -35.29 -3.81
N LYS E 263 34.90 -36.51 -3.26
CA LYS E 263 35.76 -37.52 -3.88
C LYS E 263 35.21 -37.97 -5.23
N LEU E 264 33.91 -38.20 -5.32
CA LEU E 264 33.33 -38.60 -6.60
C LEU E 264 33.57 -37.53 -7.65
N ILE E 265 33.44 -36.26 -7.29
CA ILE E 265 33.77 -35.20 -8.25
C ILE E 265 35.26 -35.20 -8.54
N GLU E 266 36.08 -35.39 -7.50
CA GLU E 266 37.52 -35.42 -7.71
C GLU E 266 37.90 -36.45 -8.76
N ASN E 267 37.33 -37.66 -8.69
CA ASN E 267 37.53 -38.63 -9.76
C ASN E 267 36.30 -38.54 -10.66
N PHE E 268 36.43 -37.77 -11.72
CA PHE E 268 35.35 -37.59 -12.67
C PHE E 268 35.99 -37.20 -13.99
N ASP E 269 35.46 -37.73 -15.08
CA ASP E 269 35.90 -37.31 -16.41
C ASP E 269 34.68 -36.72 -17.10
N ILE E 270 34.66 -35.39 -17.24
CA ILE E 270 33.56 -34.76 -17.94
C ILE E 270 33.60 -35.17 -19.41
N ASP E 271 34.77 -35.00 -20.05
CA ASP E 271 34.93 -35.42 -21.44
C ASP E 271 34.57 -36.89 -21.62
N ALA E 272 34.80 -37.72 -20.60
CA ALA E 272 34.41 -39.12 -20.69
C ALA E 272 32.89 -39.26 -20.57
N GLU E 273 32.33 -38.84 -19.43
CA GLU E 273 30.88 -38.84 -19.27
C GLU E 273 30.19 -37.99 -20.34
N ALA E 274 30.91 -37.03 -20.92
CA ALA E 274 30.36 -36.23 -22.01
C ALA E 274 29.96 -37.14 -23.18
N GLU E 275 30.94 -37.76 -23.82
CA GLU E 275 30.66 -38.57 -25.01
C GLU E 275 29.87 -39.81 -24.64
N SER E 276 30.31 -40.56 -23.62
CA SER E 276 29.57 -41.75 -23.22
C SER E 276 28.11 -41.42 -22.95
N LEU E 277 27.82 -40.18 -22.57
CA LEU E 277 26.44 -39.70 -22.55
C LEU E 277 25.99 -39.27 -23.94
N ARG E 278 26.94 -38.87 -24.79
CA ARG E 278 26.61 -38.39 -26.12
C ARG E 278 26.10 -39.51 -27.01
N GLU E 279 26.68 -40.70 -26.89
CA GLU E 279 26.23 -41.83 -27.71
C GLU E 279 24.89 -42.34 -27.24
N VAL E 280 24.66 -42.37 -25.92
CA VAL E 280 23.41 -42.91 -25.39
C VAL E 280 22.22 -42.09 -25.84
N ILE E 281 22.44 -40.80 -26.16
CA ILE E 281 21.35 -40.01 -26.71
C ILE E 281 21.12 -40.35 -28.19
N ARG E 282 22.14 -40.88 -28.86
CA ARG E 282 22.00 -41.33 -30.24
C ARG E 282 21.34 -42.70 -30.33
N SER E 283 21.84 -43.67 -29.56
CA SER E 283 21.46 -45.06 -29.76
C SER E 283 20.13 -45.41 -29.10
N GLY E 284 19.86 -44.86 -27.92
CA GLY E 284 18.84 -45.39 -27.03
C GLY E 284 17.48 -44.71 -26.99
N LYS E 285 17.08 -44.04 -28.06
CA LYS E 285 15.94 -43.12 -27.99
C LYS E 285 14.75 -43.77 -27.29
N GLY E 286 14.10 -42.99 -26.44
CA GLY E 286 13.05 -43.46 -25.54
C GLY E 286 12.91 -42.49 -24.37
N GLN E 287 12.41 -43.04 -23.26
CA GLN E 287 12.36 -42.26 -22.03
C GLN E 287 13.74 -42.07 -21.42
N LYS E 288 14.62 -43.07 -21.54
CA LYS E 288 16.00 -42.90 -21.09
C LYS E 288 16.69 -41.78 -21.86
N LYS E 289 16.42 -41.69 -23.17
CA LYS E 289 16.98 -40.61 -23.97
C LYS E 289 16.58 -39.24 -23.42
N LEU E 290 15.31 -39.09 -23.04
CA LEU E 290 14.90 -37.84 -22.41
C LEU E 290 15.66 -37.59 -21.13
N ARG E 291 15.97 -38.65 -20.37
CA ARG E 291 16.75 -38.51 -19.15
C ARG E 291 18.19 -38.15 -19.47
N ALA E 292 18.84 -38.92 -20.35
CA ALA E 292 20.21 -38.63 -20.72
C ALA E 292 20.36 -37.24 -21.32
N LEU E 293 19.35 -36.77 -22.05
CA LEU E 293 19.47 -35.46 -22.70
C LEU E 293 19.55 -34.35 -21.65
N LYS E 294 18.56 -34.27 -20.76
CA LYS E 294 18.60 -33.27 -19.70
C LYS E 294 19.92 -33.35 -18.95
N ARG E 295 20.29 -34.54 -18.49
CA ARG E 295 21.54 -34.71 -17.77
C ARG E 295 22.72 -34.18 -18.57
N LEU E 296 22.62 -34.20 -19.91
CA LEU E 296 23.71 -33.66 -20.71
C LEU E 296 23.84 -32.15 -20.52
N LYS E 297 22.71 -31.46 -20.38
CA LYS E 297 22.75 -30.00 -20.31
C LYS E 297 23.65 -29.53 -19.17
N VAL E 298 23.65 -30.24 -18.05
CA VAL E 298 24.52 -29.86 -16.94
C VAL E 298 25.95 -30.30 -17.21
N VAL E 299 26.14 -31.54 -17.65
CA VAL E 299 27.49 -32.06 -17.89
C VAL E 299 28.17 -31.27 -18.99
N ALA E 300 27.41 -30.88 -20.02
CA ALA E 300 27.98 -30.10 -21.10
C ALA E 300 28.38 -28.71 -20.62
N ALA E 301 27.54 -28.11 -19.76
CA ALA E 301 27.82 -26.75 -19.29
C ALA E 301 29.18 -26.67 -18.62
N PHE E 302 29.59 -27.72 -17.90
CA PHE E 302 30.87 -27.67 -17.22
C PHE E 302 32.06 -27.81 -18.16
N GLN E 303 31.87 -28.44 -19.33
CA GLN E 303 32.99 -28.57 -20.25
C GLN E 303 33.39 -27.21 -20.81
N GLN E 304 32.45 -26.48 -21.41
CA GLN E 304 32.80 -25.26 -22.13
C GLN E 304 33.38 -24.20 -21.19
N SER E 305 32.74 -24.00 -20.05
CA SER E 305 33.31 -23.10 -19.06
C SER E 305 34.53 -23.73 -18.39
N GLY E 306 35.37 -22.87 -17.83
CA GLY E 306 36.50 -23.30 -17.02
C GLY E 306 36.13 -23.69 -15.61
N ASN E 307 34.83 -23.72 -15.31
CA ASN E 307 34.39 -23.96 -13.94
C ASN E 307 34.71 -25.39 -13.53
N SER E 308 35.48 -25.54 -12.47
CA SER E 308 35.66 -26.85 -11.87
C SER E 308 34.35 -27.21 -11.19
N PRO E 309 33.76 -28.36 -11.50
CA PRO E 309 32.54 -28.77 -10.78
C PRO E 309 32.76 -28.89 -9.28
N MET E 310 34.03 -28.92 -8.83
CA MET E 310 34.31 -28.94 -7.39
C MET E 310 33.62 -27.79 -6.67
N GLY E 311 33.39 -26.68 -7.37
CA GLY E 311 32.81 -25.51 -6.74
C GLY E 311 31.52 -25.80 -5.97
N MET E 312 30.80 -26.84 -6.37
CA MET E 312 29.52 -27.17 -5.73
C MET E 312 29.70 -27.73 -4.32
N VAL E 313 30.93 -28.01 -3.88
CA VAL E 313 31.21 -28.34 -2.49
C VAL E 313 32.13 -27.29 -1.91
N LEU E 314 31.84 -26.87 -0.69
CA LEU E 314 32.49 -25.73 -0.07
C LEU E 314 33.51 -26.22 0.96
N ASP E 315 34.77 -25.86 0.75
CA ASP E 315 35.73 -25.92 1.84
C ASP E 315 35.65 -24.69 2.74
N ALA E 316 35.32 -23.53 2.15
CA ALA E 316 35.25 -22.27 2.87
C ALA E 316 33.97 -21.55 2.50
N VAL E 317 33.37 -20.88 3.47
CA VAL E 317 32.13 -20.12 3.29
C VAL E 317 32.43 -18.64 3.42
N PRO E 318 32.08 -17.81 2.44
CA PRO E 318 32.31 -16.37 2.60
C PRO E 318 31.41 -15.79 3.68
N VAL E 319 31.85 -14.65 4.23
CA VAL E 319 31.09 -13.91 5.24
C VAL E 319 30.87 -12.50 4.74
N ILE E 320 29.60 -12.08 4.73
CA ILE E 320 29.16 -10.80 4.15
C ILE E 320 29.60 -9.65 5.04
N PRO E 321 29.87 -8.48 4.48
CA PRO E 321 30.41 -7.38 5.29
C PRO E 321 29.43 -6.98 6.38
N PRO E 322 29.95 -6.45 7.50
CA PRO E 322 29.08 -6.26 8.68
C PRO E 322 27.98 -5.24 8.48
N GLU E 323 28.21 -4.19 7.71
CA GLU E 323 27.19 -3.16 7.58
C GLU E 323 25.98 -3.63 6.79
N LEU E 324 26.14 -4.68 5.98
CA LEU E 324 25.02 -5.28 5.28
C LEU E 324 24.20 -6.19 6.17
N ARG E 325 24.74 -6.58 7.33
CA ARG E 325 24.03 -7.36 8.34
C ARG E 325 24.17 -6.65 9.67
N PRO E 326 23.73 -5.40 9.76
CA PRO E 326 24.17 -4.54 10.87
C PRO E 326 23.62 -5.00 12.21
N MET E 327 24.29 -4.52 13.26
CA MET E 327 23.74 -4.54 14.60
C MET E 327 23.83 -3.13 15.15
N VAL E 328 22.68 -2.56 15.49
CA VAL E 328 22.62 -1.18 15.93
C VAL E 328 21.62 -1.06 17.06
N GLN E 329 21.80 -0.05 17.91
CA GLN E 329 20.88 0.23 19.01
C GLN E 329 19.86 1.26 18.56
N LEU E 330 18.59 0.97 18.81
CA LEU E 330 17.54 1.91 18.46
C LEU E 330 17.54 3.09 19.42
N ASP E 331 16.63 4.03 19.20
CA ASP E 331 16.43 5.09 20.17
C ASP E 331 15.94 4.46 21.47
N GLY E 332 16.65 4.73 22.56
CA GLY E 332 16.39 4.09 23.83
C GLY E 332 17.41 3.05 24.23
N GLY E 333 18.26 2.60 23.31
CA GLY E 333 19.38 1.73 23.64
C GLY E 333 19.15 0.26 23.36
N ARG E 334 17.90 -0.18 23.25
CA ARG E 334 17.65 -1.59 22.91
C ARG E 334 18.21 -1.89 21.52
N PHE E 335 18.72 -3.10 21.37
CA PHE E 335 19.48 -3.47 20.19
C PHE E 335 18.65 -4.29 19.20
N ALA E 336 18.95 -4.09 17.92
CA ALA E 336 18.36 -4.88 16.84
C ALA E 336 19.44 -5.22 15.83
N THR E 337 19.38 -6.44 15.28
CA THR E 337 20.40 -6.93 14.37
C THR E 337 19.75 -7.81 13.31
N SER E 338 20.52 -8.09 12.26
CA SER E 338 20.06 -8.96 11.18
C SER E 338 19.96 -10.41 11.63
N ASP E 339 19.05 -11.15 11.01
CA ASP E 339 18.98 -12.58 11.26
C ASP E 339 20.25 -13.28 10.79
N LEU E 340 20.93 -12.69 9.80
CA LEU E 340 22.14 -13.31 9.27
C LEU E 340 23.16 -13.65 10.35
N ASN E 341 23.20 -12.87 11.43
CA ASN E 341 24.28 -13.08 12.39
C ASN E 341 24.03 -14.32 13.24
N ASP E 342 22.80 -14.54 13.66
CA ASP E 342 22.52 -15.81 14.32
C ASP E 342 22.71 -16.98 13.38
N LEU E 343 22.47 -16.78 12.08
CA LEU E 343 22.70 -17.85 11.11
C LEU E 343 24.19 -18.13 10.97
N TYR E 344 24.99 -17.08 10.76
CA TYR E 344 26.43 -17.26 10.80
C TYR E 344 26.90 -17.84 12.13
N ARG E 345 26.20 -17.55 13.24
CA ARG E 345 26.67 -18.02 14.53
C ARG E 345 26.53 -19.54 14.68
N ARG E 346 25.41 -20.11 14.23
CA ARG E 346 25.25 -21.55 14.27
C ARG E 346 26.36 -22.23 13.47
N VAL E 347 26.61 -21.76 12.25
CA VAL E 347 27.64 -22.35 11.41
C VAL E 347 28.98 -22.37 12.14
N ILE E 348 29.44 -21.20 12.61
CA ILE E 348 30.76 -21.13 13.21
C ILE E 348 30.80 -21.91 14.54
N ASN E 349 29.71 -21.84 15.31
CA ASN E 349 29.62 -22.69 16.50
C ASN E 349 29.84 -24.15 16.16
N ARG E 350 29.16 -24.65 15.14
CA ARG E 350 29.24 -26.07 14.83
C ARG E 350 30.57 -26.43 14.21
N ASN E 351 31.12 -25.57 13.36
CA ASN E 351 32.44 -25.84 12.80
C ASN E 351 33.48 -25.95 13.92
N ASN E 352 33.40 -25.06 14.91
CA ASN E 352 34.39 -25.07 15.98
C ASN E 352 34.25 -26.31 16.86
N ARG E 353 33.01 -26.70 17.17
CA ARG E 353 32.78 -27.96 17.88
C ARG E 353 33.35 -29.13 17.10
N LEU E 354 33.19 -29.12 15.77
CA LEU E 354 33.72 -30.20 14.94
C LEU E 354 35.22 -30.30 15.09
N LYS E 355 35.93 -29.17 15.00
CA LYS E 355 37.37 -29.17 15.25
C LYS E 355 37.69 -29.84 16.58
N ARG E 356 36.90 -29.52 17.61
CA ARG E 356 37.17 -30.03 18.95
C ARG E 356 37.03 -31.55 18.98
N LEU E 357 35.91 -32.07 18.47
CA LEU E 357 35.69 -33.51 18.46
C LEU E 357 36.74 -34.23 17.61
N ILE E 358 37.13 -33.65 16.48
CA ILE E 358 38.18 -34.27 15.67
C ILE E 358 39.44 -34.47 16.49
N ASP E 359 39.83 -33.46 17.27
CA ASP E 359 41.12 -33.51 17.95
C ASP E 359 41.12 -34.51 19.10
N LEU E 360 40.02 -34.55 19.88
CA LEU E 360 39.92 -35.52 20.95
C LEU E 360 39.96 -36.94 20.41
N GLY E 361 39.41 -37.13 19.22
CA GLY E 361 39.08 -38.42 18.65
C GLY E 361 37.67 -38.64 19.14
N ALA E 362 36.78 -39.12 18.29
CA ALA E 362 35.42 -39.32 18.75
C ALA E 362 34.78 -40.38 17.88
N PRO E 363 33.90 -41.19 18.44
CA PRO E 363 33.20 -42.18 17.61
C PRO E 363 32.45 -41.50 16.47
N GLU E 364 32.45 -42.16 15.30
CA GLU E 364 31.80 -41.58 14.12
C GLU E 364 30.39 -41.09 14.42
N ILE E 365 29.67 -41.78 15.30
CA ILE E 365 28.30 -41.37 15.63
C ILE E 365 28.29 -39.92 16.04
N ILE E 366 29.20 -39.55 16.95
CA ILE E 366 29.28 -38.17 17.42
C ILE E 366 29.80 -37.26 16.32
N VAL E 367 30.94 -37.61 15.72
CA VAL E 367 31.53 -36.77 14.70
C VAL E 367 30.59 -36.62 13.51
N ASN E 368 30.09 -37.74 12.98
CA ASN E 368 29.18 -37.66 11.84
C ASN E 368 27.97 -36.80 12.18
N ASN E 369 27.50 -36.87 13.42
CA ASN E 369 26.40 -36.03 13.82
C ASN E 369 26.76 -34.55 13.69
N GLU E 370 27.98 -34.19 14.06
CA GLU E 370 28.41 -32.81 13.92
C GLU E 370 28.42 -32.37 12.47
N LYS E 371 29.02 -33.20 11.59
CA LYS E 371 29.07 -32.87 10.17
C LYS E 371 27.67 -32.71 9.59
N ARG E 372 26.74 -33.58 9.98
CA ARG E 372 25.36 -33.42 9.54
C ARG E 372 24.80 -32.08 10.01
N MET E 373 25.05 -31.73 11.28
CA MET E 373 24.61 -30.45 11.80
C MET E 373 25.31 -29.30 11.06
N LEU E 374 26.62 -29.41 10.87
CA LEU E 374 27.34 -28.39 10.11
C LEU E 374 26.74 -28.20 8.73
N GLN E 375 26.38 -29.29 8.05
CA GLN E 375 25.79 -29.18 6.72
C GLN E 375 24.48 -28.41 6.76
N GLU E 376 23.61 -28.75 7.72
CA GLU E 376 22.31 -28.11 7.80
C GLU E 376 22.42 -26.62 8.12
N SER E 377 23.39 -26.24 8.96
CA SER E 377 23.51 -24.84 9.33
C SER E 377 23.91 -23.98 8.15
N VAL E 378 24.83 -24.47 7.32
CA VAL E 378 25.20 -23.71 6.12
C VAL E 378 24.06 -23.68 5.12
N ASP E 379 23.20 -24.70 5.11
CA ASP E 379 22.00 -24.64 4.30
C ASP E 379 21.11 -23.48 4.75
N ALA E 380 20.78 -23.46 6.04
CA ALA E 380 19.91 -22.41 6.58
C ALA E 380 20.46 -21.03 6.26
N LEU E 381 21.77 -20.85 6.40
CA LEU E 381 22.40 -19.58 6.07
C LEU E 381 22.10 -19.15 4.65
N PHE E 382 22.38 -20.04 3.68
CA PHE E 382 22.17 -19.70 2.28
C PHE E 382 20.70 -19.64 1.93
N ASP E 383 19.97 -20.74 2.16
CA ASP E 383 18.55 -20.82 1.83
C ASP E 383 17.88 -21.52 3.00
N ASN E 384 17.03 -20.82 3.73
CA ASN E 384 16.46 -21.36 4.95
C ASN E 384 15.07 -21.90 4.64
N GLY E 385 14.80 -23.11 5.12
CA GLY E 385 13.55 -23.77 4.82
C GLY E 385 13.49 -24.46 3.47
N ARG E 386 14.47 -24.19 2.58
CA ARG E 386 14.51 -24.89 1.30
C ARG E 386 14.63 -26.41 1.50
N ARG E 387 15.23 -26.84 2.61
CA ARG E 387 15.17 -28.23 3.04
C ARG E 387 14.68 -28.26 4.47
N GLY E 388 13.66 -29.07 4.74
CA GLY E 388 13.15 -29.24 6.08
C GLY E 388 12.49 -27.98 6.64
N ARG E 389 12.18 -28.05 7.93
CA ARG E 389 11.59 -26.91 8.60
C ARG E 389 12.62 -25.78 8.73
N PRO E 390 12.20 -24.53 8.57
CA PRO E 390 13.16 -23.43 8.59
C PRO E 390 13.62 -23.12 10.00
N VAL E 391 14.86 -22.66 10.12
CA VAL E 391 15.36 -22.19 11.41
C VAL E 391 14.55 -20.99 11.83
N THR E 392 14.06 -21.01 13.07
CA THR E 392 13.17 -19.97 13.55
C THR E 392 13.79 -19.25 14.73
N GLY E 393 13.31 -18.02 14.96
CA GLY E 393 13.66 -17.26 16.13
C GLY E 393 12.55 -17.31 17.17
N PRO E 394 12.54 -16.34 18.09
CA PRO E 394 11.41 -16.25 19.01
C PRO E 394 10.12 -15.99 18.25
N GLY E 395 9.00 -16.37 18.85
CA GLY E 395 7.75 -16.33 18.15
C GLY E 395 7.64 -17.25 16.96
N ASN E 396 8.62 -18.12 16.75
CA ASN E 396 8.55 -19.13 15.68
C ASN E 396 8.52 -18.50 14.29
N ARG E 397 9.13 -17.32 14.10
CA ARG E 397 9.18 -16.79 12.75
C ARG E 397 10.53 -17.14 12.11
N PRO E 398 10.51 -17.71 10.91
CA PRO E 398 11.78 -18.15 10.29
C PRO E 398 12.74 -17.01 10.05
N LEU E 399 14.01 -17.28 10.26
CA LEU E 399 15.07 -16.31 9.99
C LEU E 399 15.23 -16.08 8.50
N LYS E 400 15.61 -14.86 8.14
CA LYS E 400 15.80 -14.49 6.73
C LYS E 400 17.18 -14.90 6.26
N SER E 401 17.23 -15.73 5.23
CA SER E 401 18.48 -16.25 4.71
C SER E 401 19.07 -15.31 3.68
N LEU E 402 20.25 -15.63 3.17
CA LEU E 402 20.83 -14.84 2.10
C LEU E 402 19.92 -14.83 0.88
N SER E 403 19.31 -15.98 0.58
CA SER E 403 18.39 -16.03 -0.56
C SER E 403 17.20 -15.10 -0.33
N ASP E 404 16.76 -14.98 0.92
CA ASP E 404 15.61 -14.13 1.20
C ASP E 404 15.86 -12.67 0.85
N LEU E 405 17.12 -12.25 0.76
CA LEU E 405 17.43 -10.89 0.35
C LEU E 405 17.02 -10.63 -1.10
N LEU E 406 17.40 -11.53 -2.01
CA LEU E 406 17.20 -11.26 -3.42
C LEU E 406 15.76 -11.44 -3.85
N LYS E 407 15.09 -12.45 -3.32
CA LYS E 407 13.84 -12.93 -3.89
C LYS E 407 12.67 -12.05 -3.51
N GLY E 408 11.64 -12.07 -4.36
CA GLY E 408 10.33 -11.55 -4.02
C GLY E 408 10.14 -10.08 -4.31
N LYS E 409 8.94 -9.62 -3.98
CA LYS E 409 8.60 -8.21 -4.13
C LYS E 409 9.40 -7.32 -3.17
N GLN E 410 9.78 -7.86 -2.01
CA GLN E 410 10.56 -7.13 -1.01
C GLN E 410 12.06 -7.37 -1.14
N GLY E 411 12.50 -8.20 -2.09
CA GLY E 411 13.90 -8.44 -2.32
C GLY E 411 14.59 -7.24 -2.95
N ARG E 412 15.88 -7.41 -3.22
CA ARG E 412 16.68 -6.31 -3.75
C ARG E 412 16.16 -5.84 -5.10
N PHE E 413 15.84 -6.78 -6.00
CA PHE E 413 15.53 -6.41 -7.37
C PHE E 413 14.30 -5.51 -7.43
N ARG E 414 13.16 -6.00 -6.95
CA ARG E 414 11.94 -5.23 -7.10
C ARG E 414 11.89 -4.08 -6.08
N GLN E 415 12.29 -4.35 -4.84
CA GLN E 415 12.26 -3.31 -3.82
C GLN E 415 13.29 -2.22 -4.10
N ASN E 416 14.57 -2.57 -4.15
CA ASN E 416 15.64 -1.58 -4.14
C ASN E 416 16.27 -1.30 -5.50
N LEU E 417 15.88 -2.00 -6.56
CA LEU E 417 16.62 -1.92 -7.82
C LEU E 417 15.75 -1.43 -8.98
N LEU E 418 14.70 -2.16 -9.33
CA LEU E 418 13.79 -1.72 -10.39
C LEU E 418 12.93 -0.53 -9.96
N GLY E 419 12.91 -0.20 -8.67
CA GLY E 419 12.26 0.98 -8.16
C GLY E 419 12.98 1.41 -6.91
N LYS E 420 12.56 2.56 -6.36
CA LYS E 420 13.18 3.07 -5.14
C LYS E 420 12.52 4.39 -4.75
N ARG E 421 12.76 4.81 -3.51
CA ARG E 421 12.33 6.13 -3.06
C ARG E 421 13.34 7.18 -3.52
N VAL E 422 12.84 8.40 -3.73
CA VAL E 422 13.62 9.44 -4.39
C VAL E 422 13.50 10.78 -3.67
N ASP E 423 14.57 11.56 -3.77
CA ASP E 423 14.63 12.94 -3.33
C ASP E 423 13.87 13.86 -4.27
N TYR E 424 13.57 15.06 -3.78
CA TYR E 424 12.93 16.10 -4.60
C TYR E 424 11.55 15.66 -5.08
N SER E 425 10.77 15.11 -4.15
CA SER E 425 9.45 14.59 -4.47
C SER E 425 8.52 14.86 -3.29
N GLY E 426 7.23 14.87 -3.61
CA GLY E 426 6.19 15.10 -2.62
C GLY E 426 4.89 14.50 -3.10
N ARG E 427 3.86 14.66 -2.29
CA ARG E 427 2.51 14.30 -2.71
C ARG E 427 1.51 15.02 -1.82
N SER E 428 0.28 15.09 -2.29
CA SER E 428 -0.85 15.63 -1.54
C SER E 428 -2.12 15.14 -2.21
N VAL E 429 -3.25 15.51 -1.64
CA VAL E 429 -4.52 15.23 -2.27
C VAL E 429 -4.74 16.23 -3.39
N ILE E 430 -5.54 15.84 -4.40
CA ILE E 430 -5.72 16.68 -5.59
C ILE E 430 -7.13 17.25 -5.61
N VAL E 431 -7.23 18.47 -6.13
CA VAL E 431 -8.50 19.15 -6.32
C VAL E 431 -8.56 19.68 -7.75
N VAL E 432 -9.78 20.00 -8.19
CA VAL E 432 -10.01 20.31 -9.59
C VAL E 432 -9.34 21.63 -9.97
N GLY E 433 -8.88 21.68 -11.21
CA GLY E 433 -8.12 22.80 -11.74
C GLY E 433 -8.84 23.70 -12.75
N PRO E 434 -10.17 23.76 -12.69
CA PRO E 434 -10.95 24.20 -13.88
C PRO E 434 -10.45 25.47 -14.53
N GLN E 435 -9.79 26.36 -13.79
CA GLN E 435 -9.28 27.60 -14.35
C GLN E 435 -7.89 27.46 -14.95
N LEU E 436 -7.28 26.28 -14.89
CA LEU E 436 -5.90 26.12 -15.33
C LEU E 436 -5.81 25.99 -16.85
N LYS E 437 -4.70 26.44 -17.41
CA LYS E 437 -4.37 26.08 -18.78
C LYS E 437 -3.83 24.66 -18.79
N LEU E 438 -4.00 23.98 -19.93
CA LEU E 438 -3.75 22.53 -19.99
C LEU E 438 -2.33 22.17 -19.55
N HIS E 439 -1.37 23.07 -19.72
CA HIS E 439 0.02 22.79 -19.40
C HIS E 439 0.40 23.14 -17.95
N GLN E 440 -0.57 23.51 -17.13
CA GLN E 440 -0.30 24.05 -15.80
C GLN E 440 -0.89 23.14 -14.72
N CYS E 441 -0.38 23.30 -13.49
CA CYS E 441 -0.93 22.61 -12.34
C CYS E 441 -0.81 23.50 -11.11
N GLY E 442 -1.79 23.40 -10.24
CA GLY E 442 -1.71 24.04 -8.92
C GLY E 442 -0.77 23.28 -8.00
N LEU E 443 0.24 23.96 -7.45
CA LEU E 443 1.22 23.35 -6.56
C LEU E 443 1.15 24.03 -5.19
N PRO E 444 0.88 23.31 -4.10
CA PRO E 444 0.83 23.95 -2.77
C PRO E 444 2.13 24.68 -2.44
N LYS E 445 2.00 25.95 -2.06
CA LYS E 445 3.21 26.77 -1.95
C LYS E 445 4.17 26.21 -0.91
N LEU E 446 3.65 25.68 0.20
CA LEU E 446 4.50 24.99 1.15
C LEU E 446 5.24 23.84 0.48
N MET E 447 4.51 23.03 -0.29
CA MET E 447 5.15 21.93 -1.01
C MET E 447 6.20 22.46 -1.99
N ALA E 448 5.84 23.47 -2.77
CA ALA E 448 6.80 24.03 -3.71
C ALA E 448 8.06 24.50 -3.00
N LEU E 449 7.89 25.13 -1.82
CA LEU E 449 9.04 25.69 -1.13
C LEU E 449 10.06 24.60 -0.80
N GLU E 450 9.59 23.50 -0.21
CA GLU E 450 10.52 22.43 0.16
C GLU E 450 11.12 21.79 -1.06
N LEU E 451 10.30 21.51 -2.07
CA LEU E 451 10.80 20.89 -3.28
C LEU E 451 11.96 21.67 -3.85
N PHE E 452 11.81 22.99 -3.94
CA PHE E 452 12.80 23.84 -4.60
C PHE E 452 13.84 24.40 -3.64
N LYS E 453 13.81 23.99 -2.37
CA LYS E 453 14.62 24.61 -1.32
C LYS E 453 16.03 24.97 -1.74
N PRO E 454 16.85 24.07 -2.28
CA PRO E 454 18.20 24.48 -2.67
C PRO E 454 18.22 25.53 -3.75
N PHE E 455 17.21 25.58 -4.62
CA PHE E 455 17.19 26.59 -5.66
C PHE E 455 16.98 27.98 -5.08
N VAL E 456 15.96 28.13 -4.23
CA VAL E 456 15.67 29.45 -3.67
C VAL E 456 16.81 29.86 -2.75
N MET E 457 17.34 28.93 -1.96
CA MET E 457 18.49 29.24 -1.12
C MET E 457 19.59 29.94 -1.91
N LYS E 458 19.87 29.45 -3.12
CA LYS E 458 20.83 30.16 -3.97
C LYS E 458 20.29 31.53 -4.35
N ARG E 459 19.06 31.59 -4.86
CA ARG E 459 18.53 32.83 -5.40
C ARG E 459 18.57 33.94 -4.34
N LEU E 460 18.08 33.66 -3.14
CA LEU E 460 18.07 34.71 -2.13
C LEU E 460 19.45 35.00 -1.57
N VAL E 461 20.46 34.19 -1.89
CA VAL E 461 21.84 34.62 -1.66
C VAL E 461 22.33 35.50 -2.82
N ASP E 462 21.79 35.33 -4.02
CA ASP E 462 22.22 36.13 -5.17
C ASP E 462 21.72 37.54 -4.98
N LEU E 463 20.40 37.73 -4.99
CA LEU E 463 19.85 38.88 -4.30
C LEU E 463 20.36 38.85 -2.87
N ASN E 464 20.55 40.01 -2.28
CA ASN E 464 21.35 40.05 -1.06
C ASN E 464 20.54 39.74 0.20
N HIS E 465 19.32 39.23 0.04
CA HIS E 465 18.46 38.90 1.16
C HIS E 465 19.20 38.18 2.29
N ALA E 466 20.10 37.27 1.95
CA ALA E 466 20.88 36.52 2.93
C ALA E 466 22.35 36.59 2.57
N GLN E 467 23.20 36.71 3.59
CA GLN E 467 24.62 36.91 3.36
C GLN E 467 25.38 35.62 3.09
N ASN E 468 24.96 34.51 3.69
CA ASN E 468 25.63 33.24 3.50
C ASN E 468 24.59 32.13 3.41
N ILE E 469 25.05 30.96 2.98
CA ILE E 469 24.15 29.84 2.75
C ILE E 469 23.45 29.42 4.03
N LYS E 470 24.16 29.44 5.15
CA LYS E 470 23.53 29.09 6.42
C LYS E 470 22.32 29.99 6.68
N SER E 471 22.48 31.29 6.49
CA SER E 471 21.36 32.21 6.69
C SER E 471 20.23 31.89 5.70
N ALA E 472 20.58 31.57 4.46
CA ALA E 472 19.56 31.23 3.48
C ALA E 472 18.74 30.03 3.93
N LYS E 473 19.39 29.01 4.49
CA LYS E 473 18.67 27.82 4.91
C LYS E 473 17.68 28.12 6.02
N ARG E 474 18.09 28.89 7.02
CA ARG E 474 17.15 29.26 8.08
C ARG E 474 16.02 30.13 7.54
N MET E 475 16.33 31.02 6.59
CA MET E 475 15.32 31.89 6.03
C MET E 475 14.19 31.10 5.38
N VAL E 476 14.51 29.96 4.77
CA VAL E 476 13.48 29.14 4.14
C VAL E 476 12.73 28.31 5.18
N GLU E 477 13.45 27.73 6.14
CA GLU E 477 12.79 26.92 7.16
C GLU E 477 11.75 27.73 7.92
N ARG E 478 12.13 28.90 8.43
CA ARG E 478 11.19 29.73 9.17
C ARG E 478 10.16 30.39 8.27
N GLN E 479 10.32 30.28 6.96
CA GLN E 479 9.35 30.79 5.99
C GLN E 479 9.17 32.30 6.11
N ARG E 480 10.29 33.01 6.29
CA ARG E 480 10.22 34.46 6.35
C ARG E 480 9.63 34.99 5.04
N PRO E 481 8.80 36.03 5.09
CA PRO E 481 7.98 36.39 3.92
C PRO E 481 8.78 36.71 2.66
N GLN E 482 10.08 37.00 2.75
CA GLN E 482 10.81 37.40 1.56
C GLN E 482 10.88 36.27 0.52
N VAL E 483 10.82 35.02 0.98
CA VAL E 483 11.11 33.88 0.10
C VAL E 483 10.06 33.73 -0.99
N TRP E 484 8.81 34.10 -0.71
CA TRP E 484 7.74 33.81 -1.66
C TRP E 484 7.99 34.45 -3.00
N ASP E 485 8.25 35.76 -3.02
CA ASP E 485 8.58 36.41 -4.28
C ASP E 485 9.72 35.68 -4.98
N VAL E 486 10.68 35.19 -4.19
CA VAL E 486 11.81 34.46 -4.75
C VAL E 486 11.37 33.14 -5.35
N LEU E 487 10.52 32.41 -4.63
CA LEU E 487 10.04 31.13 -5.14
C LEU E 487 9.45 31.27 -6.55
N GLU E 488 8.54 32.23 -6.73
CA GLU E 488 7.96 32.45 -8.06
C GLU E 488 9.03 32.62 -9.12
N GLU E 489 10.17 33.21 -8.75
CA GLU E 489 11.26 33.37 -9.69
C GLU E 489 11.82 32.03 -10.14
N VAL E 490 12.22 31.18 -9.20
CA VAL E 490 12.89 29.92 -9.55
C VAL E 490 11.93 28.96 -10.22
N ILE E 491 10.69 28.91 -9.72
CA ILE E 491 9.68 28.01 -10.26
C ILE E 491 9.25 28.36 -11.68
N ALA E 492 9.58 29.57 -12.13
CA ALA E 492 9.08 30.02 -13.43
C ALA E 492 9.61 29.14 -14.56
N GLU E 493 8.69 28.61 -15.36
CA GLU E 493 9.04 27.81 -16.55
C GLU E 493 9.93 26.63 -16.18
N HIS E 494 9.82 26.18 -14.94
CA HIS E 494 10.59 25.04 -14.45
C HIS E 494 9.62 23.89 -14.20
N PRO E 495 9.59 22.86 -15.05
CA PRO E 495 8.47 21.92 -15.03
C PRO E 495 8.64 20.88 -13.93
N VAL E 496 7.57 20.11 -13.75
CA VAL E 496 7.49 19.10 -12.71
C VAL E 496 6.65 17.96 -13.26
N LEU E 497 6.94 16.75 -12.81
CA LEU E 497 6.21 15.56 -13.24
C LEU E 497 5.14 15.22 -12.20
N LEU E 498 3.96 14.86 -12.69
CA LEU E 498 2.84 14.46 -11.82
C LEU E 498 2.47 13.01 -12.12
N ASN E 499 2.41 12.19 -11.07
CA ASN E 499 2.10 10.77 -11.20
C ASN E 499 0.98 10.41 -10.25
N ARG E 500 0.09 9.52 -10.72
CA ARG E 500 -0.93 8.93 -9.87
C ARG E 500 -0.86 7.42 -10.00
N ALA E 501 -0.82 6.75 -8.85
CA ALA E 501 -0.75 5.29 -8.82
C ALA E 501 -2.15 4.68 -8.80
N PRO E 502 -2.30 3.53 -9.46
CA PRO E 502 -1.26 2.84 -10.21
C PRO E 502 -1.01 3.46 -11.56
N THR E 503 0.22 3.37 -12.05
CA THR E 503 0.59 3.88 -13.36
C THR E 503 0.41 2.75 -14.37
N LEU E 504 -0.60 2.90 -15.23
CA LEU E 504 -1.00 1.86 -16.19
C LEU E 504 -0.30 2.04 -17.54
N HIS E 505 -0.49 3.22 -18.15
CA HIS E 505 0.21 3.61 -19.37
C HIS E 505 1.09 4.83 -19.07
N ARG E 506 2.08 5.06 -19.94
CA ARG E 506 3.03 6.14 -19.72
C ARG E 506 2.33 7.48 -19.46
N LEU E 507 1.11 7.64 -19.96
CA LEU E 507 0.36 8.86 -19.69
C LEU E 507 0.05 9.04 -18.21
N GLY E 508 0.28 8.02 -17.37
CA GLY E 508 0.15 8.15 -15.92
C GLY E 508 1.18 9.05 -15.29
N ILE E 509 2.17 9.50 -16.05
CA ILE E 509 3.07 10.56 -15.65
C ILE E 509 3.07 11.63 -16.74
N GLN E 510 2.87 12.89 -16.35
CA GLN E 510 2.89 13.99 -17.30
C GLN E 510 3.54 15.21 -16.64
N ALA E 511 4.20 16.02 -17.46
CA ALA E 511 4.81 17.24 -16.98
C ALA E 511 3.83 18.40 -17.08
N PHE E 512 3.92 19.32 -16.12
CA PHE E 512 3.11 20.53 -16.17
C PHE E 512 3.97 21.73 -15.78
N GLU E 513 3.37 22.91 -15.89
CA GLU E 513 3.98 24.16 -15.50
C GLU E 513 3.49 24.52 -14.11
N PRO E 514 4.34 24.52 -13.09
CA PRO E 514 3.84 24.70 -11.71
C PRO E 514 3.35 26.13 -11.48
N GLN E 515 2.25 26.25 -10.75
CA GLN E 515 1.72 27.53 -10.31
C GLN E 515 1.55 27.51 -8.81
N LEU E 516 2.20 28.44 -8.11
CA LEU E 516 2.02 28.54 -6.67
C LEU E 516 0.56 28.71 -6.33
N VAL E 517 0.07 27.91 -5.40
CA VAL E 517 -1.35 27.89 -5.06
C VAL E 517 -1.47 27.91 -3.54
N GLU E 518 -2.49 28.61 -3.05
CA GLU E 518 -2.78 28.60 -1.64
C GLU E 518 -3.46 27.29 -1.27
N GLY E 519 -3.30 26.89 -0.01
CA GLY E 519 -3.85 25.64 0.44
C GLY E 519 -2.85 24.50 0.31
N LYS E 520 -3.20 23.38 0.92
CA LYS E 520 -2.32 22.22 0.95
C LYS E 520 -2.66 21.17 -0.10
N ALA E 521 -3.65 21.42 -0.96
CA ALA E 521 -4.03 20.49 -2.01
C ALA E 521 -3.35 20.83 -3.33
N ILE E 522 -3.54 19.94 -4.30
CA ILE E 522 -2.92 20.05 -5.62
C ILE E 522 -4.01 20.28 -6.63
N GLN E 523 -3.86 21.33 -7.44
CA GLN E 523 -4.85 21.66 -8.47
C GLN E 523 -4.48 20.97 -9.76
N LEU E 524 -5.35 20.06 -10.21
CA LEU E 524 -5.14 19.24 -11.38
C LEU E 524 -6.10 19.69 -12.49
N HIS E 525 -5.56 19.94 -13.67
CA HIS E 525 -6.38 20.32 -14.81
C HIS E 525 -7.44 19.25 -15.07
N PRO E 526 -8.70 19.65 -15.34
CA PRO E 526 -9.79 18.66 -15.45
C PRO E 526 -9.69 17.77 -16.68
N LEU E 527 -8.89 18.13 -17.67
CA LEU E 527 -8.80 17.33 -18.89
C LEU E 527 -7.80 16.17 -18.78
N VAL E 528 -6.94 16.15 -17.75
CA VAL E 528 -6.00 15.06 -17.58
C VAL E 528 -6.53 13.96 -16.66
N CYS E 529 -7.70 14.14 -16.05
CA CYS E 529 -8.27 13.08 -15.24
C CYS E 529 -8.34 11.77 -16.01
N GLU E 530 -8.77 11.82 -17.27
CA GLU E 530 -8.94 10.59 -18.03
C GLU E 530 -7.67 9.75 -18.01
N ALA E 531 -6.53 10.37 -18.35
CA ALA E 531 -5.29 9.64 -18.46
C ALA E 531 -4.84 9.09 -17.11
N PHE E 532 -4.83 9.95 -16.09
CA PHE E 532 -4.48 9.52 -14.74
C PHE E 532 -5.54 8.65 -14.10
N ASN E 533 -6.74 8.55 -14.68
CA ASN E 533 -7.87 7.87 -14.05
C ASN E 533 -8.14 8.47 -12.68
N ALA E 534 -8.05 9.80 -12.62
CA ALA E 534 -8.01 10.53 -11.36
C ALA E 534 -9.42 10.82 -10.89
N ASP E 535 -9.80 10.23 -9.76
CA ASP E 535 -11.03 10.60 -9.05
C ASP E 535 -10.69 11.69 -8.04
N PHE E 536 -11.60 12.63 -7.89
CA PHE E 536 -11.45 13.64 -6.85
C PHE E 536 -12.11 13.23 -5.54
N ASP E 537 -12.47 11.96 -5.40
CA ASP E 537 -12.98 11.36 -4.18
C ASP E 537 -11.96 11.38 -3.05
N GLY E 538 -10.83 12.04 -3.26
CA GLY E 538 -9.71 12.00 -2.33
C GLY E 538 -8.44 11.27 -2.79
N ASP E 539 -8.26 11.03 -4.08
CA ASP E 539 -7.00 10.52 -4.61
C ASP E 539 -5.85 11.47 -4.28
N GLN E 540 -4.64 10.91 -4.21
CA GLN E 540 -3.41 11.68 -4.05
C GLN E 540 -2.50 11.45 -5.25
N MET E 541 -1.58 12.38 -5.45
CA MET E 541 -0.67 12.34 -6.58
C MET E 541 0.71 12.77 -6.14
N ALA E 542 1.73 12.20 -6.77
CA ALA E 542 3.11 12.48 -6.42
C ALA E 542 3.67 13.51 -7.38
N VAL E 543 4.50 14.39 -6.84
CA VAL E 543 5.18 15.41 -7.62
C VAL E 543 6.67 15.09 -7.60
N HIS E 544 7.31 15.24 -8.76
CA HIS E 544 8.73 14.96 -8.92
C HIS E 544 9.37 16.14 -9.63
N LEU E 545 10.53 16.56 -9.15
CA LEU E 545 11.17 17.75 -9.71
C LEU E 545 12.34 17.34 -10.59
N PRO E 546 12.22 17.42 -11.92
CA PRO E 546 13.39 17.13 -12.77
C PRO E 546 14.47 18.19 -12.58
N LEU E 547 15.72 17.74 -12.51
CA LEU E 547 16.84 18.59 -12.18
C LEU E 547 17.69 18.91 -13.40
N SER E 548 18.43 17.95 -13.95
CA SER E 548 19.40 18.26 -14.98
C SER E 548 18.73 18.87 -16.21
N ALA E 549 19.53 19.62 -16.97
CA ALA E 549 19.05 20.21 -18.21
C ALA E 549 18.35 19.17 -19.08
N GLU E 550 18.96 18.00 -19.24
CA GLU E 550 18.32 16.96 -20.04
C GLU E 550 16.96 16.57 -19.45
N ALA E 551 16.89 16.40 -18.13
CA ALA E 551 15.63 15.99 -17.51
C ALA E 551 14.55 17.03 -17.75
N GLN E 552 14.89 18.31 -17.62
CA GLN E 552 13.91 19.36 -17.85
C GLN E 552 13.48 19.41 -19.31
N ALA E 553 14.43 19.18 -20.22
CA ALA E 553 14.08 19.11 -21.64
C ALA E 553 13.12 17.96 -21.90
N GLU E 554 13.42 16.77 -21.38
CA GLU E 554 12.52 15.64 -21.56
C GLU E 554 11.14 15.95 -21.03
N ALA E 555 11.06 16.69 -19.93
CA ALA E 555 9.77 17.05 -19.37
C ALA E 555 9.01 17.96 -20.33
N ARG E 556 9.64 19.06 -20.75
CA ARG E 556 8.94 20.03 -21.60
C ARG E 556 8.57 19.44 -22.95
N ILE E 557 9.50 18.71 -23.57
CA ILE E 557 9.28 18.19 -24.91
C ILE E 557 8.47 16.89 -24.87
N LEU E 558 9.00 15.86 -24.20
CA LEU E 558 8.40 14.53 -24.32
C LEU E 558 7.12 14.39 -23.50
N MET E 559 7.16 14.77 -22.23
CA MET E 559 6.10 14.44 -21.28
C MET E 559 5.11 15.57 -21.03
N LEU E 560 5.31 16.74 -21.64
CA LEU E 560 4.44 17.87 -21.37
C LEU E 560 2.99 17.48 -21.61
N SER E 561 2.11 18.04 -20.77
CA SER E 561 0.70 17.66 -20.80
C SER E 561 0.09 17.88 -22.19
N SER E 562 0.26 19.07 -22.75
CA SER E 562 -0.43 19.44 -23.98
C SER E 562 0.11 18.74 -25.22
N ASN E 563 1.30 18.15 -25.16
CA ASN E 563 1.81 17.38 -26.28
C ASN E 563 1.31 15.94 -26.27
N ASN E 564 0.75 15.48 -25.16
CA ASN E 564 0.15 14.15 -25.06
C ASN E 564 -1.35 14.33 -24.90
N ILE E 565 -2.10 14.03 -25.96
CA ILE E 565 -3.53 14.24 -26.02
C ILE E 565 -4.18 12.92 -26.39
N LEU E 566 -3.79 12.37 -27.53
CA LEU E 566 -4.32 11.09 -27.97
C LEU E 566 -3.70 9.96 -27.15
N SER E 567 -4.50 8.94 -26.87
CA SER E 567 -3.99 7.72 -26.27
C SER E 567 -2.99 7.07 -27.23
N PRO E 568 -1.83 6.61 -26.74
CA PRO E 568 -0.89 5.90 -27.62
C PRO E 568 -1.20 4.42 -27.71
N ALA E 569 -2.48 4.10 -27.85
CA ALA E 569 -2.93 2.73 -28.04
C ALA E 569 -3.91 2.70 -29.20
N SER E 570 -5.05 3.39 -29.05
CA SER E 570 -6.05 3.55 -30.09
C SER E 570 -5.87 4.81 -30.91
N GLY E 571 -5.01 5.73 -30.50
CA GLY E 571 -4.93 7.02 -31.15
C GLY E 571 -6.12 7.93 -30.89
N LYS E 572 -7.18 7.42 -30.26
CA LYS E 572 -8.33 8.26 -29.95
C LYS E 572 -7.91 9.39 -29.01
N PRO E 573 -8.66 10.49 -29.00
CA PRO E 573 -8.32 11.58 -28.07
C PRO E 573 -8.74 11.24 -26.64
N LEU E 574 -7.88 11.62 -25.70
CA LEU E 574 -8.09 11.41 -24.27
C LEU E 574 -8.48 12.70 -23.56
N ALA E 575 -7.65 13.74 -23.68
CA ALA E 575 -7.94 15.03 -23.07
C ALA E 575 -9.26 15.62 -23.55
N MET E 576 -9.92 15.02 -24.52
CA MET E 576 -11.22 15.46 -25.00
C MET E 576 -12.21 15.69 -23.86
N PRO E 577 -13.11 16.65 -23.98
CA PRO E 577 -14.06 16.94 -22.89
C PRO E 577 -14.89 15.71 -22.54
N ARG E 578 -15.37 15.71 -21.29
CA ARG E 578 -16.12 14.59 -20.74
C ARG E 578 -17.04 15.11 -19.64
N LEU E 579 -18.02 14.28 -19.27
CA LEU E 579 -18.91 14.58 -18.16
C LEU E 579 -19.52 15.97 -18.27
N ASP E 580 -19.25 16.82 -17.26
CA ASP E 580 -19.82 18.17 -17.25
C ASP E 580 -19.65 18.85 -18.59
N MET E 581 -18.46 18.77 -19.16
CA MET E 581 -18.17 19.53 -20.37
C MET E 581 -18.98 19.05 -21.56
N VAL E 582 -19.29 17.76 -21.63
CA VAL E 582 -20.24 17.25 -22.60
C VAL E 582 -21.57 17.97 -22.46
N THR E 583 -22.29 17.73 -21.35
CA THR E 583 -23.63 18.27 -21.21
C THR E 583 -23.64 19.78 -21.37
N GLY E 584 -22.56 20.47 -21.02
CA GLY E 584 -22.48 21.90 -21.23
C GLY E 584 -22.51 22.27 -22.70
N LEU E 585 -21.72 21.58 -23.52
CA LEU E 585 -21.70 21.86 -24.95
C LEU E 585 -22.93 21.26 -25.64
N TYR E 586 -23.30 20.03 -25.29
CA TYR E 586 -24.50 19.41 -25.85
C TYR E 586 -25.69 20.35 -25.70
N TYR E 587 -25.83 20.96 -24.53
CA TYR E 587 -26.89 21.94 -24.32
C TYR E 587 -26.67 23.16 -25.21
N LEU E 588 -25.42 23.65 -25.27
CA LEU E 588 -25.12 24.84 -26.07
C LEU E 588 -25.58 24.64 -27.51
N THR E 589 -25.22 23.51 -28.10
CA THR E 589 -25.43 23.32 -29.53
C THR E 589 -26.82 22.80 -29.87
N THR E 590 -27.59 22.36 -28.87
CA THR E 590 -28.87 21.77 -29.18
C THR E 590 -29.82 22.81 -29.75
N LEU E 591 -30.82 22.33 -30.49
CA LEU E 591 -31.78 23.16 -31.20
C LEU E 591 -33.18 22.88 -30.63
N VAL E 592 -33.86 23.94 -30.19
CA VAL E 592 -35.17 23.82 -29.57
C VAL E 592 -36.23 24.36 -30.51
N GLU E 593 -37.17 23.51 -30.92
CA GLU E 593 -38.30 23.96 -31.72
C GLU E 593 -39.13 24.97 -30.93
N GLY E 594 -39.38 26.12 -31.54
CA GLY E 594 -40.21 27.12 -30.91
C GLY E 594 -39.61 27.74 -29.68
N ALA E 595 -38.32 28.06 -29.71
CA ALA E 595 -37.72 28.79 -28.61
C ALA E 595 -37.99 30.29 -28.80
N THR E 596 -37.53 31.08 -27.85
CA THR E 596 -37.73 32.52 -27.89
C THR E 596 -36.85 33.15 -28.99
N GLY E 597 -37.49 33.95 -29.84
CA GLY E 597 -36.81 34.61 -30.95
C GLY E 597 -36.70 33.79 -32.23
N GLU E 598 -37.38 32.65 -32.30
CA GLU E 598 -37.25 31.76 -33.45
C GLU E 598 -37.54 32.50 -34.75
N TYR E 599 -36.62 32.40 -35.71
CA TYR E 599 -36.88 32.87 -37.06
C TYR E 599 -38.13 32.20 -37.61
N GLN E 600 -38.91 32.94 -38.39
CA GLN E 600 -40.26 32.48 -38.71
C GLN E 600 -40.39 31.67 -40.02
N ALA E 601 -40.28 32.27 -41.21
CA ALA E 601 -39.91 33.66 -41.43
C ALA E 601 -41.13 34.41 -41.91
N ALA E 602 -41.14 35.71 -41.66
CA ALA E 602 -42.37 36.48 -41.76
C ALA E 602 -42.93 36.46 -43.19
N THR E 603 -44.23 36.69 -43.26
CA THR E 603 -45.00 36.54 -44.47
C THR E 603 -45.97 37.71 -44.53
N LYS E 604 -46.30 38.13 -45.75
CA LYS E 604 -47.18 39.28 -45.92
C LYS E 604 -46.60 40.52 -45.25
N ASP E 605 -47.26 41.01 -44.20
CA ASP E 605 -46.99 42.32 -43.63
C ASP E 605 -45.65 42.44 -42.91
N ALA E 606 -44.89 41.37 -42.76
CA ALA E 606 -43.65 41.45 -41.98
C ALA E 606 -42.48 40.80 -42.72
N PRO E 607 -41.28 41.36 -42.57
CA PRO E 607 -40.08 40.70 -43.07
C PRO E 607 -39.60 39.61 -42.11
N GLU E 608 -38.56 38.88 -42.54
CA GLU E 608 -38.31 37.52 -42.05
C GLU E 608 -38.34 37.40 -40.52
N GLN E 609 -37.77 38.35 -39.80
CA GLN E 609 -37.86 38.46 -38.34
C GLN E 609 -36.89 37.56 -37.59
N GLY E 610 -36.26 36.57 -38.23
CA GLY E 610 -35.31 35.73 -37.54
C GLY E 610 -33.87 36.04 -37.88
N VAL E 611 -33.62 37.24 -38.39
CA VAL E 611 -32.32 37.59 -38.95
C VAL E 611 -31.64 38.59 -38.05
N TYR E 612 -30.31 38.54 -38.03
CA TYR E 612 -29.50 39.40 -37.18
C TYR E 612 -28.35 40.00 -37.98
N SER E 613 -28.10 41.29 -37.74
CA SER E 613 -27.00 41.98 -38.41
C SER E 613 -25.70 41.20 -38.23
N SER E 614 -25.37 40.85 -37.00
CA SER E 614 -24.13 40.15 -36.69
C SER E 614 -24.35 39.18 -35.53
N PRO E 615 -23.34 38.39 -35.17
CA PRO E 615 -23.47 37.63 -33.92
C PRO E 615 -23.49 38.52 -32.70
N ALA E 616 -22.75 39.63 -32.72
CA ALA E 616 -22.79 40.58 -31.63
C ALA E 616 -24.20 41.13 -31.42
N GLU E 617 -25.04 41.14 -32.46
CA GLU E 617 -26.41 41.59 -32.29
C GLU E 617 -27.25 40.52 -31.59
N ALA E 618 -27.16 39.27 -32.05
CA ALA E 618 -27.88 38.18 -31.37
C ALA E 618 -27.51 38.08 -29.89
N ILE E 619 -26.34 38.58 -29.49
CA ILE E 619 -26.01 38.62 -28.07
C ILE E 619 -26.86 39.69 -27.37
N MET E 620 -26.84 40.92 -27.90
CA MET E 620 -27.68 41.98 -27.35
C MET E 620 -29.14 41.56 -27.32
N ALA E 621 -29.56 40.71 -28.26
CA ALA E 621 -30.90 40.17 -28.23
C ALA E 621 -31.05 39.06 -27.19
N MET E 622 -29.99 38.28 -26.97
CA MET E 622 -30.07 37.21 -25.98
C MET E 622 -30.08 37.77 -24.56
N ASP E 623 -29.27 38.80 -24.30
CA ASP E 623 -29.24 39.37 -22.96
C ASP E 623 -30.59 39.95 -22.58
N ARG E 624 -31.20 40.71 -23.49
CA ARG E 624 -32.62 40.99 -23.34
C ARG E 624 -33.39 39.69 -23.56
N GLY E 625 -34.63 39.65 -23.09
CA GLY E 625 -35.32 38.38 -23.23
C GLY E 625 -35.62 37.94 -24.65
N ALA E 626 -35.16 38.69 -25.68
CA ALA E 626 -35.57 38.43 -27.06
C ALA E 626 -35.10 37.06 -27.56
N LEU E 627 -33.82 36.74 -27.39
CA LEU E 627 -33.21 35.59 -28.06
C LEU E 627 -32.94 34.45 -27.09
N SER E 628 -33.08 33.23 -27.61
CA SER E 628 -32.71 32.00 -26.93
C SER E 628 -31.46 31.41 -27.57
N VAL E 629 -30.53 30.93 -26.74
CA VAL E 629 -29.29 30.37 -27.26
C VAL E 629 -29.55 29.13 -28.12
N ARG E 630 -30.66 28.44 -27.90
CA ARG E 630 -31.01 27.23 -28.60
C ARG E 630 -31.97 27.46 -29.77
N ALA E 631 -32.25 28.73 -30.09
CA ALA E 631 -33.17 29.12 -31.15
C ALA E 631 -32.62 28.80 -32.55
N LYS E 632 -33.53 28.77 -33.52
CA LYS E 632 -33.29 28.34 -34.90
C LYS E 632 -32.84 29.46 -35.84
N ILE E 633 -32.53 30.65 -35.31
CA ILE E 633 -32.35 31.85 -36.16
C ILE E 633 -31.20 31.67 -37.17
N LYS E 634 -31.24 32.50 -38.22
CA LYS E 634 -30.17 32.59 -39.20
C LYS E 634 -29.46 33.93 -39.06
N VAL E 635 -28.15 33.95 -39.30
CA VAL E 635 -27.32 35.12 -39.01
C VAL E 635 -26.24 35.28 -40.07
N ARG E 636 -25.78 36.52 -40.21
CA ARG E 636 -24.65 36.86 -41.06
C ARG E 636 -23.38 36.77 -40.24
N LEU E 637 -22.36 36.10 -40.79
CA LEU E 637 -21.11 35.85 -40.09
C LEU E 637 -19.95 36.31 -40.98
N THR E 638 -19.24 37.34 -40.53
CA THR E 638 -18.04 37.76 -41.24
C THR E 638 -16.82 36.92 -40.85
N GLU E 639 -16.65 36.62 -39.56
CA GLU E 639 -15.39 36.10 -39.05
C GLU E 639 -15.32 34.59 -38.90
N LEU E 640 -16.40 33.85 -39.18
CA LEU E 640 -16.32 32.40 -39.20
C LEU E 640 -16.31 31.89 -40.64
N ARG E 641 -16.08 30.59 -40.78
CA ARG E 641 -15.91 29.96 -42.09
C ARG E 641 -17.06 29.01 -42.37
N PRO E 642 -17.76 29.17 -43.49
CA PRO E 642 -18.89 28.28 -43.81
C PRO E 642 -18.42 26.85 -44.04
N PRO E 643 -19.33 25.92 -44.27
CA PRO E 643 -18.96 24.52 -44.52
C PRO E 643 -18.30 24.35 -45.87
N THR E 644 -18.13 23.11 -46.31
CA THR E 644 -17.54 22.85 -47.62
C THR E 644 -18.52 23.17 -48.74
N ASP E 645 -19.63 22.43 -48.84
CA ASP E 645 -20.56 22.61 -49.95
C ASP E 645 -21.01 24.07 -50.04
N LEU E 646 -21.56 24.59 -48.95
CA LEU E 646 -22.03 25.98 -48.97
C LEU E 646 -20.90 26.96 -49.22
N GLU E 647 -19.65 26.51 -49.10
CA GLU E 647 -18.51 27.38 -49.40
C GLU E 647 -18.34 27.56 -50.90
N ALA E 648 -18.44 26.45 -51.66
CA ALA E 648 -18.25 26.52 -53.10
C ALA E 648 -19.34 27.36 -53.75
N GLN E 649 -20.59 27.11 -53.35
CA GLN E 649 -21.70 27.81 -53.97
C GLN E 649 -21.68 29.30 -53.65
N LEU E 650 -21.28 29.67 -52.43
CA LEU E 650 -21.31 31.08 -52.05
C LEU E 650 -20.14 31.85 -52.64
N PHE E 651 -18.93 31.31 -52.52
CA PHE E 651 -17.76 32.06 -52.97
C PHE E 651 -17.04 31.35 -54.12
N GLU E 652 -16.26 30.34 -53.77
CA GLU E 652 -15.53 29.54 -54.74
C GLU E 652 -14.47 30.34 -55.49
N ASN E 653 -14.40 31.65 -55.26
CA ASN E 653 -13.36 32.44 -55.90
C ASN E 653 -12.02 31.84 -55.50
N GLY E 654 -11.74 31.77 -54.19
CA GLY E 654 -12.45 32.54 -53.20
C GLY E 654 -12.46 31.95 -51.80
N TRP E 655 -12.86 32.78 -50.84
CA TRP E 655 -13.00 32.36 -49.43
C TRP E 655 -13.68 33.50 -48.68
N LYS E 656 -13.76 33.37 -47.36
CA LYS E 656 -14.41 34.38 -46.50
C LYS E 656 -13.46 34.83 -45.39
N PRO E 657 -12.28 35.32 -45.74
CA PRO E 657 -11.36 35.76 -44.67
C PRO E 657 -11.92 36.89 -43.82
N GLY E 658 -12.40 37.97 -44.43
CA GLY E 658 -13.17 38.97 -43.73
C GLY E 658 -14.62 39.04 -44.17
N ASP E 659 -15.00 38.22 -45.16
CA ASP E 659 -16.25 38.38 -45.90
C ASP E 659 -17.47 38.02 -45.04
N ALA E 660 -18.63 38.47 -45.50
CA ALA E 660 -19.89 38.20 -44.83
C ALA E 660 -20.68 37.15 -45.59
N TRP E 661 -21.38 36.28 -44.86
CA TRP E 661 -22.23 35.24 -45.42
C TRP E 661 -23.27 34.86 -44.37
N THR E 662 -24.32 34.15 -44.79
CA THR E 662 -25.44 33.88 -43.89
C THR E 662 -25.80 32.40 -43.92
N ALA E 663 -25.98 31.82 -42.73
CA ALA E 663 -26.50 30.46 -42.58
C ALA E 663 -27.47 30.44 -41.41
N GLU E 664 -28.23 29.34 -41.32
CA GLU E 664 -29.23 29.14 -40.27
C GLU E 664 -28.69 28.14 -39.25
N THR E 665 -28.55 28.60 -38.00
CA THR E 665 -27.96 27.83 -36.91
C THR E 665 -28.50 28.38 -35.60
N THR E 666 -28.28 27.63 -34.53
CA THR E 666 -28.58 28.16 -33.21
C THR E 666 -27.47 29.10 -32.76
N LEU E 667 -27.85 30.14 -32.01
CA LEU E 667 -26.86 31.10 -31.53
C LEU E 667 -25.71 30.41 -30.83
N GLY E 668 -26.01 29.36 -30.06
CA GLY E 668 -24.96 28.61 -29.40
C GLY E 668 -24.01 27.97 -30.41
N ARG E 669 -24.57 27.33 -31.43
CA ARG E 669 -23.73 26.72 -32.46
C ARG E 669 -22.76 27.73 -33.05
N VAL E 670 -23.17 29.01 -33.14
CA VAL E 670 -22.24 30.05 -33.55
C VAL E 670 -21.09 30.15 -32.55
N MET E 671 -21.43 30.41 -31.29
CA MET E 671 -20.42 30.56 -30.25
C MET E 671 -19.57 29.30 -30.11
N PHE E 672 -20.17 28.12 -30.32
CA PHE E 672 -19.41 26.89 -30.35
C PHE E 672 -18.30 26.97 -31.39
N ASN E 673 -18.65 27.35 -32.63
CA ASN E 673 -17.65 27.42 -33.68
C ASN E 673 -16.65 28.55 -33.48
N GLU E 674 -16.93 29.52 -32.61
CA GLU E 674 -15.89 30.49 -32.27
C GLU E 674 -14.80 29.88 -31.41
N LEU E 675 -15.05 28.70 -30.83
CA LEU E 675 -14.02 28.00 -30.07
C LEU E 675 -13.03 27.26 -30.96
N LEU E 676 -13.50 26.73 -32.08
CA LEU E 676 -12.66 26.04 -33.04
C LEU E 676 -11.77 27.03 -33.78
N PRO E 677 -10.71 26.55 -34.43
CA PRO E 677 -9.79 27.49 -35.11
C PRO E 677 -10.49 28.21 -36.25
N LYS E 678 -10.17 29.50 -36.41
CA LYS E 678 -10.84 30.32 -37.42
C LYS E 678 -10.80 29.65 -38.79
N SER E 679 -9.74 28.90 -39.08
CA SER E 679 -9.62 28.19 -40.35
C SER E 679 -10.55 26.97 -40.46
N TYR E 680 -11.27 26.63 -39.40
CA TYR E 680 -12.05 25.40 -39.46
C TYR E 680 -13.46 25.68 -40.00
N PRO E 681 -14.03 24.70 -40.70
CA PRO E 681 -15.39 24.88 -41.25
C PRO E 681 -16.46 24.80 -40.17
N PHE E 682 -17.62 25.38 -40.49
CA PHE E 682 -18.72 25.53 -39.54
C PHE E 682 -19.50 24.22 -39.46
N VAL E 683 -19.57 23.63 -38.26
CA VAL E 683 -20.10 22.28 -38.12
C VAL E 683 -21.63 22.29 -38.08
N ASN E 684 -22.22 23.13 -37.24
CA ASN E 684 -23.68 23.24 -37.11
C ASN E 684 -24.34 21.89 -36.82
N GLU E 685 -23.90 21.27 -35.73
CA GLU E 685 -24.57 20.10 -35.17
C GLU E 685 -24.74 20.30 -33.67
N GLN E 686 -25.63 19.52 -33.07
CA GLN E 686 -25.64 19.39 -31.61
C GLN E 686 -24.61 18.33 -31.24
N MET E 687 -23.74 18.65 -30.29
CA MET E 687 -22.53 17.86 -30.08
C MET E 687 -22.79 16.78 -29.06
N HIS E 688 -22.87 15.55 -29.53
CA HIS E 688 -22.73 14.39 -28.67
C HIS E 688 -21.26 14.25 -28.30
N LYS E 689 -20.93 13.29 -27.45
CA LYS E 689 -19.52 13.03 -27.19
C LYS E 689 -18.83 12.57 -28.46
N LYS E 690 -19.40 11.57 -29.13
CA LYS E 690 -18.80 11.04 -30.36
C LYS E 690 -18.57 12.15 -31.38
N VAL E 691 -19.56 13.04 -31.56
CA VAL E 691 -19.36 14.18 -32.45
C VAL E 691 -18.19 15.03 -32.00
N GLN E 692 -18.04 15.20 -30.69
CA GLN E 692 -16.87 15.93 -30.19
C GLN E 692 -15.59 15.15 -30.46
N ALA E 693 -15.66 13.83 -30.33
CA ALA E 693 -14.50 12.99 -30.63
C ALA E 693 -14.12 13.12 -32.11
N ARG E 694 -15.12 13.06 -32.99
CA ARG E 694 -14.87 13.26 -34.42
C ARG E 694 -14.06 14.52 -34.68
N ILE E 695 -14.49 15.64 -34.11
CA ILE E 695 -13.88 16.93 -34.42
C ILE E 695 -12.45 16.99 -33.88
N ILE E 696 -12.26 16.64 -32.60
CA ILE E 696 -10.94 16.76 -32.00
C ILE E 696 -9.99 15.77 -32.64
N ASN E 697 -10.48 14.57 -32.97
CA ASN E 697 -9.70 13.66 -33.82
C ASN E 697 -9.28 14.38 -35.10
N ASP E 698 -10.18 15.17 -35.70
CA ASP E 698 -9.87 15.84 -36.95
C ASP E 698 -8.85 16.95 -36.76
N LEU E 699 -8.96 17.69 -35.65
CA LEU E 699 -8.00 18.77 -35.41
C LEU E 699 -6.57 18.23 -35.31
N ALA E 700 -6.40 17.01 -34.79
CA ALA E 700 -5.05 16.45 -34.65
C ALA E 700 -4.45 16.11 -36.02
N GLU E 701 -5.26 15.68 -36.98
CA GLU E 701 -4.75 15.38 -38.31
C GLU E 701 -4.40 16.66 -39.07
N ARG E 702 -5.23 17.69 -38.98
CA ARG E 702 -5.10 18.86 -39.82
C ARG E 702 -4.36 20.03 -39.19
N PHE E 703 -3.98 19.96 -37.91
CA PHE E 703 -3.47 21.14 -37.24
C PHE E 703 -2.31 20.77 -36.33
N PRO E 704 -1.48 21.74 -35.95
CA PRO E 704 -0.43 21.48 -34.97
C PRO E 704 -1.04 21.13 -33.62
N MET E 705 -0.19 20.56 -32.76
CA MET E 705 -0.64 20.17 -31.43
C MET E 705 -1.08 21.39 -30.61
N ILE E 706 -0.26 22.44 -30.60
CA ILE E 706 -0.58 23.64 -29.84
C ILE E 706 -2.00 24.09 -30.14
N VAL E 707 -2.42 23.97 -31.41
CA VAL E 707 -3.77 24.37 -31.77
C VAL E 707 -4.79 23.51 -31.03
N VAL E 708 -4.60 22.20 -31.05
CA VAL E 708 -5.53 21.32 -30.35
C VAL E 708 -5.48 21.58 -28.86
N ALA E 709 -4.29 21.80 -28.30
CA ALA E 709 -4.17 22.13 -26.89
C ALA E 709 -5.08 23.30 -26.53
N GLN E 710 -5.05 24.37 -27.34
CA GLN E 710 -5.79 25.57 -27.01
C GLN E 710 -7.27 25.41 -27.34
N THR E 711 -7.57 24.75 -28.46
CA THR E 711 -8.96 24.50 -28.81
C THR E 711 -9.68 23.78 -27.67
N VAL E 712 -9.03 22.76 -27.10
CA VAL E 712 -9.68 21.98 -26.05
C VAL E 712 -9.83 22.82 -24.79
N ASP E 713 -8.82 23.61 -24.46
CA ASP E 713 -8.95 24.55 -23.35
C ASP E 713 -10.20 25.42 -23.49
N LYS E 714 -10.51 25.85 -24.72
CA LYS E 714 -11.70 26.66 -24.94
C LYS E 714 -12.98 25.84 -24.85
N LEU E 715 -12.94 24.57 -25.27
CA LEU E 715 -14.09 23.70 -25.06
C LEU E 715 -14.37 23.51 -23.58
N LYS E 716 -13.30 23.43 -22.78
CA LYS E 716 -13.49 23.27 -21.34
C LYS E 716 -14.22 24.46 -20.75
N ASP E 717 -13.67 25.66 -20.96
CA ASP E 717 -14.25 26.87 -20.36
C ASP E 717 -15.71 27.04 -20.77
N ALA E 718 -15.99 26.87 -22.05
CA ALA E 718 -17.37 26.96 -22.53
C ALA E 718 -18.24 25.87 -21.92
N GLY E 719 -17.80 24.62 -21.99
CA GLY E 719 -18.62 23.52 -21.50
C GLY E 719 -19.04 23.68 -20.05
N PHE E 720 -18.15 24.20 -19.21
CA PHE E 720 -18.51 24.41 -17.82
C PHE E 720 -19.54 25.52 -17.68
N TYR E 721 -19.25 26.69 -18.23
CA TYR E 721 -20.19 27.81 -18.14
C TYR E 721 -21.60 27.37 -18.50
N TRP E 722 -21.75 26.59 -19.57
CA TRP E 722 -23.08 26.14 -20.00
C TRP E 722 -23.55 24.89 -19.28
N ALA E 723 -22.67 24.14 -18.63
CA ALA E 723 -23.15 23.00 -17.86
C ALA E 723 -23.94 23.48 -16.65
N THR E 724 -23.48 24.57 -16.01
CA THR E 724 -24.19 25.14 -14.88
C THR E 724 -25.46 25.86 -15.34
N ARG E 725 -25.37 26.65 -16.42
CA ARG E 725 -26.55 27.25 -17.03
C ARG E 725 -27.46 26.22 -17.69
N SER E 726 -27.01 24.96 -17.78
CA SER E 726 -27.78 23.90 -18.40
C SER E 726 -29.06 23.56 -17.64
N GLY E 727 -29.14 23.90 -16.36
CA GLY E 727 -30.31 23.53 -15.57
C GLY E 727 -30.47 22.04 -15.37
N VAL E 728 -29.36 21.33 -15.20
CA VAL E 728 -29.36 19.89 -14.96
C VAL E 728 -29.24 19.65 -13.46
N THR E 729 -30.27 19.01 -12.89
CA THR E 729 -30.24 18.61 -11.50
C THR E 729 -30.88 17.24 -11.40
N VAL E 730 -31.09 16.77 -10.18
CA VAL E 730 -31.79 15.52 -9.92
C VAL E 730 -32.80 15.74 -8.82
N SER E 731 -33.93 15.04 -8.93
CA SER E 731 -34.97 15.10 -7.92
C SER E 731 -35.77 13.80 -7.97
N MET E 732 -36.42 13.50 -6.85
CA MET E 732 -37.36 12.39 -6.84
C MET E 732 -38.42 12.59 -7.91
N ALA E 733 -38.69 13.85 -8.24
CA ALA E 733 -39.67 14.17 -9.27
C ALA E 733 -39.12 13.89 -10.66
N ASP E 734 -37.90 14.37 -10.95
CA ASP E 734 -37.29 14.13 -12.25
C ASP E 734 -37.01 12.65 -12.50
N VAL E 735 -37.19 11.79 -11.51
CA VAL E 735 -37.10 10.35 -11.72
C VAL E 735 -38.51 9.86 -12.04
N LEU E 736 -38.72 9.45 -13.28
CA LEU E 736 -40.03 9.06 -13.77
C LEU E 736 -40.14 7.54 -13.86
N VAL E 737 -41.35 7.04 -13.64
CA VAL E 737 -41.61 5.60 -13.76
C VAL E 737 -42.71 5.40 -14.80
N PRO E 738 -42.60 4.39 -15.66
CA PRO E 738 -43.64 4.14 -16.64
C PRO E 738 -44.89 3.58 -15.99
N PRO E 739 -46.07 4.09 -16.34
CA PRO E 739 -47.30 3.54 -15.76
C PRO E 739 -47.61 2.13 -16.24
N GLN E 740 -47.15 1.76 -17.44
CA GLN E 740 -47.37 0.41 -17.94
C GLN E 740 -46.61 -0.64 -17.12
N LYS E 741 -45.75 -0.22 -16.18
CA LYS E 741 -44.96 -1.18 -15.43
C LYS E 741 -45.85 -2.14 -14.64
N GLN E 742 -46.92 -1.62 -14.04
CA GLN E 742 -47.80 -2.47 -13.22
C GLN E 742 -48.38 -3.61 -14.06
N GLU E 743 -49.09 -3.27 -15.13
CA GLU E 743 -49.69 -4.29 -16.00
C GLU E 743 -48.62 -5.21 -16.58
N ILE E 744 -47.54 -4.63 -17.12
CA ILE E 744 -46.44 -5.44 -17.63
C ILE E 744 -45.97 -6.40 -16.55
N LEU E 745 -45.83 -5.90 -15.31
CA LEU E 745 -45.41 -6.74 -14.21
C LEU E 745 -46.37 -7.91 -14.01
N GLU E 746 -47.66 -7.61 -13.83
CA GLU E 746 -48.64 -8.67 -13.64
C GLU E 746 -48.88 -9.48 -14.91
N ARG E 747 -48.53 -8.96 -16.08
CA ARG E 747 -48.65 -9.75 -17.31
C ARG E 747 -47.74 -10.96 -17.27
N HIS E 748 -46.48 -10.75 -16.84
CA HIS E 748 -45.53 -11.86 -16.72
C HIS E 748 -45.70 -12.63 -15.41
N GLU E 749 -46.33 -12.03 -14.40
CA GLU E 749 -46.63 -12.76 -13.18
C GLU E 749 -47.52 -13.96 -13.48
N ALA E 750 -48.53 -13.78 -14.33
CA ALA E 750 -49.38 -14.89 -14.73
C ALA E 750 -48.59 -15.91 -15.55
N GLU E 751 -47.90 -15.45 -16.59
CA GLU E 751 -47.08 -16.35 -17.39
C GLU E 751 -46.11 -17.13 -16.52
N ALA E 752 -45.60 -16.50 -15.46
CA ALA E 752 -44.70 -17.18 -14.53
C ALA E 752 -45.46 -18.19 -13.68
N ASP E 753 -46.54 -17.75 -13.03
CA ASP E 753 -47.29 -18.64 -12.16
C ASP E 753 -47.97 -19.75 -12.97
N ALA E 754 -48.25 -19.50 -14.25
CA ALA E 754 -48.81 -20.53 -15.11
C ALA E 754 -47.74 -21.55 -15.51
N ILE E 755 -46.58 -21.07 -15.96
CA ILE E 755 -45.45 -21.96 -16.20
C ILE E 755 -45.01 -22.61 -14.89
N GLU E 756 -45.04 -21.84 -13.80
CA GLU E 756 -44.90 -22.44 -12.48
C GLU E 756 -46.09 -23.34 -12.16
N ARG E 757 -47.28 -23.00 -12.67
CA ARG E 757 -48.42 -23.89 -12.55
C ARG E 757 -48.20 -25.17 -13.35
N LYS E 758 -47.50 -25.08 -14.49
CA LYS E 758 -47.16 -26.28 -15.24
C LYS E 758 -46.14 -27.14 -14.52
N TYR E 759 -45.24 -26.51 -13.76
CA TYR E 759 -44.30 -27.26 -12.95
C TYR E 759 -44.98 -27.83 -11.70
N GLN E 760 -45.92 -27.07 -11.12
CA GLN E 760 -46.70 -27.58 -10.00
C GLN E 760 -47.55 -28.77 -10.41
N ARG E 761 -47.91 -28.86 -11.70
CA ARG E 761 -48.65 -30.01 -12.20
C ARG E 761 -47.79 -31.26 -12.28
N GLY E 762 -46.47 -31.12 -12.30
CA GLY E 762 -45.56 -32.24 -12.29
C GLY E 762 -44.95 -32.59 -13.64
N ALA E 763 -45.58 -32.15 -14.73
CA ALA E 763 -45.08 -32.50 -16.06
C ALA E 763 -43.81 -31.73 -16.39
N LEU E 764 -43.73 -30.47 -15.97
CA LEU E 764 -42.64 -29.60 -16.38
C LEU E 764 -41.31 -30.09 -15.81
N ASN E 765 -40.25 -29.94 -16.61
CA ASN E 765 -38.89 -30.19 -16.14
C ASN E 765 -38.46 -29.04 -15.23
N HIS E 766 -38.04 -29.36 -14.00
CA HIS E 766 -37.72 -28.33 -13.03
C HIS E 766 -36.70 -27.34 -13.58
N THR E 767 -35.64 -27.84 -14.23
CA THR E 767 -34.65 -26.95 -14.82
C THR E 767 -35.24 -26.11 -15.94
N GLU E 768 -36.30 -26.61 -16.60
CA GLU E 768 -36.93 -25.86 -17.68
C GLU E 768 -37.85 -24.76 -17.15
N ARG E 769 -38.62 -25.07 -16.11
CA ARG E 769 -39.50 -24.06 -15.51
C ARG E 769 -38.70 -22.88 -14.99
N ASN E 770 -37.71 -23.15 -14.14
CA ASN E 770 -36.82 -22.09 -13.68
C ASN E 770 -36.17 -21.38 -14.87
N GLU E 771 -35.61 -22.16 -15.81
CA GLU E 771 -35.03 -21.57 -17.01
C GLU E 771 -36.05 -20.69 -17.72
N SER E 772 -37.31 -21.15 -17.78
CA SER E 772 -38.35 -20.36 -18.44
C SER E 772 -38.56 -19.03 -17.72
N LEU E 773 -38.59 -19.05 -16.38
CA LEU E 773 -38.75 -17.81 -15.62
C LEU E 773 -37.67 -16.80 -15.97
N VAL E 774 -36.46 -17.27 -16.28
CA VAL E 774 -35.41 -16.36 -16.75
C VAL E 774 -35.85 -15.66 -18.03
N LYS E 775 -36.35 -16.42 -19.00
CA LYS E 775 -36.69 -15.84 -20.29
C LYS E 775 -37.90 -14.93 -20.20
N ILE E 776 -38.91 -15.32 -19.42
CA ILE E 776 -40.07 -14.44 -19.21
C ILE E 776 -39.62 -13.13 -18.58
N TRP E 777 -38.93 -13.21 -17.45
CA TRP E 777 -38.53 -12.01 -16.71
C TRP E 777 -37.46 -11.23 -17.46
N GLN E 778 -36.45 -11.92 -17.98
CA GLN E 778 -35.44 -11.24 -18.80
C GLN E 778 -36.10 -10.42 -19.91
N ASP E 779 -37.12 -10.99 -20.57
CA ASP E 779 -37.81 -10.29 -21.64
C ASP E 779 -38.55 -9.06 -21.10
N ALA E 780 -39.31 -9.25 -20.01
CA ALA E 780 -40.07 -8.14 -19.45
C ALA E 780 -39.14 -6.97 -19.10
N THR E 781 -37.95 -7.27 -18.59
CA THR E 781 -37.00 -6.21 -18.27
C THR E 781 -36.75 -5.28 -19.45
N GLU E 782 -36.79 -5.82 -20.67
CA GLU E 782 -36.63 -4.97 -21.85
C GLU E 782 -37.89 -4.13 -22.10
N GLU E 783 -39.07 -4.73 -21.98
CA GLU E 783 -40.30 -3.97 -22.19
C GLU E 783 -40.37 -2.78 -21.26
N VAL E 784 -40.06 -2.98 -19.97
CA VAL E 784 -40.02 -1.88 -19.03
C VAL E 784 -38.95 -0.88 -19.45
N GLY E 785 -37.82 -1.38 -19.97
CA GLY E 785 -36.84 -0.49 -20.57
C GLY E 785 -37.40 0.24 -21.78
N LYS E 786 -38.02 -0.51 -22.70
CA LYS E 786 -38.69 0.11 -23.83
C LYS E 786 -39.79 1.06 -23.36
N ALA E 787 -40.62 0.62 -22.41
CA ALA E 787 -41.68 1.48 -21.89
C ALA E 787 -41.10 2.70 -21.19
N LEU E 788 -40.05 2.50 -20.39
CA LEU E 788 -39.44 3.61 -19.65
C LEU E 788 -38.89 4.66 -20.60
N GLU E 789 -38.00 4.25 -21.50
CA GLU E 789 -37.44 5.17 -22.47
C GLU E 789 -38.53 5.96 -23.18
N GLU E 790 -39.63 5.28 -23.53
CA GLU E 790 -40.73 5.94 -24.23
C GLU E 790 -41.35 7.04 -23.38
N PHE E 791 -41.35 6.88 -22.06
CA PHE E 791 -42.03 7.83 -21.19
C PHE E 791 -41.23 9.12 -21.00
N TYR E 792 -39.91 9.01 -20.87
CA TYR E 792 -39.12 10.16 -20.45
C TYR E 792 -39.10 11.26 -21.51
N PRO E 793 -39.60 12.46 -21.20
CA PRO E 793 -39.40 13.60 -22.11
C PRO E 793 -37.91 13.83 -22.42
N ALA E 794 -37.63 14.18 -23.67
CA ALA E 794 -36.26 14.23 -24.14
C ALA E 794 -35.40 15.26 -23.41
N ASP E 795 -36.01 16.25 -22.76
CA ASP E 795 -35.25 17.28 -22.04
C ASP E 795 -35.09 16.98 -20.55
N ASN E 796 -35.58 15.86 -20.08
CA ASN E 796 -35.45 15.52 -18.67
C ASN E 796 -33.98 15.55 -18.27
N PRO E 797 -33.65 15.93 -17.04
CA PRO E 797 -32.22 15.98 -16.67
C PRO E 797 -31.54 14.62 -16.59
N ILE E 798 -32.27 13.56 -16.19
CA ILE E 798 -31.63 12.26 -16.02
C ILE E 798 -31.21 11.70 -17.37
N ILE E 799 -32.06 11.83 -18.39
CA ILE E 799 -31.79 11.24 -19.69
C ILE E 799 -30.78 12.07 -20.48
N THR E 800 -30.85 13.41 -20.35
CA THR E 800 -29.88 14.24 -21.05
C THR E 800 -28.45 13.84 -20.71
N ILE E 801 -28.20 13.48 -19.46
CA ILE E 801 -26.86 13.08 -19.05
C ILE E 801 -26.41 11.86 -19.84
N VAL E 802 -27.30 10.87 -19.97
CA VAL E 802 -26.95 9.64 -20.69
C VAL E 802 -26.97 9.87 -22.20
N LYS E 803 -27.95 10.64 -22.70
CA LYS E 803 -28.02 10.87 -24.14
C LYS E 803 -26.74 11.49 -24.66
N SER E 804 -26.29 12.57 -24.02
CA SER E 804 -25.13 13.31 -24.49
C SER E 804 -23.85 12.49 -24.45
N GLY E 805 -23.87 11.30 -23.84
CA GLY E 805 -22.67 10.53 -23.68
C GLY E 805 -21.75 11.02 -22.58
N ALA E 806 -22.21 11.96 -21.75
CA ALA E 806 -21.39 12.43 -20.63
C ALA E 806 -21.14 11.31 -19.64
N THR E 807 -22.20 10.73 -19.09
CA THR E 807 -22.02 9.62 -18.18
C THR E 807 -23.32 8.84 -18.07
N GLY E 808 -23.20 7.58 -17.66
CA GLY E 808 -24.35 6.76 -17.36
C GLY E 808 -24.72 5.80 -18.49
N ASN E 809 -25.67 4.92 -18.17
CA ASN E 809 -26.22 3.93 -19.09
C ASN E 809 -27.73 3.95 -19.01
N LEU E 810 -28.36 3.29 -19.99
CA LEU E 810 -29.78 3.00 -19.87
C LEU E 810 -30.04 1.86 -18.89
N THR E 811 -29.20 0.82 -18.94
CA THR E 811 -29.29 -0.25 -17.95
C THR E 811 -29.23 0.31 -16.53
N GLN E 812 -28.44 1.36 -16.33
CA GLN E 812 -28.41 2.00 -15.01
C GLN E 812 -29.73 2.71 -14.72
N THR E 813 -30.20 3.55 -15.65
CA THR E 813 -31.48 4.21 -15.46
C THR E 813 -32.65 3.23 -15.49
N ARG E 814 -32.44 1.98 -15.86
CA ARG E 814 -33.51 0.99 -15.75
C ARG E 814 -33.67 0.46 -14.33
N THR E 815 -32.58 0.40 -13.55
CA THR E 815 -32.71 -0.04 -12.16
C THR E 815 -33.17 1.09 -11.25
N LEU E 816 -32.82 2.34 -11.57
CA LEU E 816 -33.28 3.47 -10.76
C LEU E 816 -34.80 3.56 -10.75
N ALA E 817 -35.41 3.62 -11.94
CA ALA E 817 -36.86 3.57 -12.11
C ALA E 817 -37.21 2.34 -12.95
N GLY E 818 -38.46 1.92 -12.89
CA GLY E 818 -38.78 0.61 -13.43
C GLY E 818 -38.30 -0.52 -12.53
N MET E 819 -37.47 -1.42 -13.04
CA MET E 819 -37.04 -2.57 -12.26
C MET E 819 -35.53 -2.75 -12.35
N LYS E 820 -34.93 -3.14 -11.23
CA LYS E 820 -33.52 -3.53 -11.27
C LYS E 820 -33.33 -4.82 -12.04
N GLY E 821 -34.33 -5.69 -12.05
CA GLY E 821 -34.27 -6.91 -12.82
C GLY E 821 -33.78 -8.10 -12.03
N LEU E 822 -33.56 -9.18 -12.76
CA LEU E 822 -33.05 -10.39 -12.14
C LEU E 822 -31.63 -10.19 -11.63
N VAL E 823 -31.29 -10.95 -10.59
CA VAL E 823 -29.98 -10.91 -9.96
C VAL E 823 -29.48 -12.34 -9.84
N THR E 824 -28.17 -12.47 -9.68
CA THR E 824 -27.51 -13.76 -9.64
C THR E 824 -27.24 -14.18 -8.20
N ASN E 825 -27.36 -15.49 -7.94
CA ASN E 825 -26.96 -16.06 -6.67
C ASN E 825 -25.45 -16.12 -6.57
N PRO E 826 -24.91 -16.36 -5.38
CA PRO E 826 -23.45 -16.45 -5.26
C PRO E 826 -22.89 -17.63 -6.03
N LYS E 827 -23.71 -18.65 -6.26
CA LYS E 827 -23.31 -19.83 -7.02
C LYS E 827 -23.01 -19.50 -8.48
N GLY E 828 -23.29 -18.29 -8.93
CA GLY E 828 -23.11 -17.92 -10.30
C GLY E 828 -24.30 -18.16 -11.19
N GLU E 829 -25.35 -18.82 -10.68
CA GLU E 829 -26.57 -19.03 -11.44
C GLU E 829 -27.47 -17.80 -11.32
N PHE E 830 -28.61 -17.86 -12.01
CA PHE E 830 -29.58 -16.77 -11.99
C PHE E 830 -30.73 -17.17 -11.08
N ILE E 831 -31.00 -16.33 -10.08
CA ILE E 831 -32.13 -16.57 -9.19
C ILE E 831 -33.41 -16.22 -9.92
N PRO E 832 -34.31 -17.19 -10.16
CA PRO E 832 -35.53 -16.89 -10.92
C PRO E 832 -36.42 -15.84 -10.27
N ARG E 833 -36.22 -15.56 -8.98
CA ARG E 833 -36.99 -14.51 -8.33
C ARG E 833 -36.50 -13.15 -8.81
N PRO E 834 -37.33 -12.38 -9.52
CA PRO E 834 -36.90 -11.05 -9.97
C PRO E 834 -37.04 -10.02 -8.85
N ILE E 835 -36.32 -8.92 -9.02
CA ILE E 835 -36.57 -7.73 -8.22
C ILE E 835 -37.56 -6.87 -9.01
N LYS E 836 -38.81 -6.86 -8.56
CA LYS E 836 -39.83 -6.11 -9.26
C LYS E 836 -39.77 -4.64 -8.91
N SER E 837 -39.37 -4.31 -7.70
CA SER E 837 -39.22 -2.92 -7.31
C SER E 837 -37.96 -2.33 -7.93
N SER E 838 -37.95 -1.00 -8.00
CA SER E 838 -36.78 -0.26 -8.41
C SER E 838 -36.29 0.58 -7.25
N PHE E 839 -35.02 0.97 -7.31
CA PHE E 839 -34.45 1.79 -6.26
C PHE E 839 -35.16 3.13 -6.10
N ARG E 840 -36.07 3.49 -7.01
CA ARG E 840 -36.87 4.68 -6.79
C ARG E 840 -37.97 4.42 -5.76
N GLU E 841 -38.71 3.33 -5.93
CA GLU E 841 -39.72 2.97 -4.93
C GLU E 841 -39.10 2.33 -3.70
N GLY E 842 -37.87 1.88 -3.80
CA GLY E 842 -37.19 1.15 -2.74
C GLY E 842 -37.39 -0.35 -2.89
N LEU E 843 -36.36 -1.10 -2.50
CA LEU E 843 -36.44 -2.54 -2.49
C LEU E 843 -37.00 -3.01 -1.15
N THR E 844 -37.15 -4.32 -1.01
CA THR E 844 -37.73 -4.86 0.20
C THR E 844 -36.66 -5.61 0.98
N VAL E 845 -37.04 -6.09 2.16
CA VAL E 845 -36.09 -6.82 3.00
C VAL E 845 -35.45 -7.95 2.20
N LEU E 846 -36.28 -8.78 1.57
CA LEU E 846 -35.75 -9.93 0.85
C LEU E 846 -35.20 -9.52 -0.50
N GLU E 847 -35.84 -8.57 -1.17
CA GLU E 847 -35.28 -8.03 -2.41
C GLU E 847 -33.87 -7.50 -2.16
N TYR E 848 -33.66 -6.85 -1.03
CA TYR E 848 -32.35 -6.27 -0.72
C TYR E 848 -31.34 -7.36 -0.36
N PHE E 849 -31.75 -8.33 0.46
CA PHE E 849 -30.84 -9.40 0.84
C PHE E 849 -30.39 -10.19 -0.37
N ILE E 850 -31.25 -10.31 -1.39
CA ILE E 850 -30.89 -11.07 -2.57
C ILE E 850 -29.90 -10.30 -3.42
N ASN E 851 -30.12 -8.99 -3.60
CA ASN E 851 -29.25 -8.21 -4.46
C ASN E 851 -27.81 -8.30 -4.00
N THR E 852 -27.55 -8.00 -2.73
CA THR E 852 -26.19 -8.05 -2.20
C THR E 852 -25.55 -9.41 -2.42
N HIS E 853 -26.36 -10.46 -2.50
CA HIS E 853 -25.85 -11.80 -2.75
C HIS E 853 -24.88 -11.78 -3.93
N GLY E 854 -25.34 -11.29 -5.07
CA GLY E 854 -24.49 -11.07 -6.22
C GLY E 854 -23.64 -9.81 -6.15
N ALA E 855 -24.25 -8.69 -5.80
CA ALA E 855 -23.56 -7.39 -5.85
C ALA E 855 -22.25 -7.41 -5.09
N ARG E 856 -22.14 -8.23 -4.04
CA ARG E 856 -20.86 -8.37 -3.37
C ARG E 856 -19.86 -9.12 -4.24
N LYS E 857 -20.28 -10.29 -4.77
CA LYS E 857 -19.39 -11.10 -5.60
C LYS E 857 -18.77 -10.29 -6.73
N GLY E 858 -19.47 -9.27 -7.21
CA GLY E 858 -18.89 -8.39 -8.22
C GLY E 858 -17.83 -7.48 -7.64
N LEU E 859 -18.08 -6.90 -6.47
CA LEU E 859 -17.09 -6.02 -5.86
C LEU E 859 -15.85 -6.79 -5.44
N ALA E 860 -15.99 -8.08 -5.11
CA ALA E 860 -14.83 -8.92 -4.85
C ALA E 860 -14.03 -9.15 -6.12
N ASP E 861 -14.73 -9.42 -7.24
CA ASP E 861 -14.06 -9.59 -8.52
C ASP E 861 -13.17 -8.38 -8.83
N THR E 862 -13.72 -7.18 -8.74
CA THR E 862 -12.95 -5.98 -9.02
C THR E 862 -11.65 -5.95 -8.23
N ALA E 863 -11.63 -6.58 -7.05
CA ALA E 863 -10.39 -6.72 -6.30
C ALA E 863 -9.37 -7.56 -7.06
N LEU E 864 -9.73 -8.79 -7.40
CA LEU E 864 -8.77 -9.69 -8.04
C LEU E 864 -8.56 -9.41 -9.51
N ARG E 865 -9.35 -8.52 -10.12
CA ARG E 865 -9.14 -8.20 -11.53
C ARG E 865 -7.97 -7.25 -11.72
N THR E 866 -7.66 -6.41 -10.74
CA THR E 866 -6.46 -5.58 -10.81
C THR E 866 -5.21 -6.35 -10.41
N ALA E 867 -5.35 -7.33 -9.51
CA ALA E 867 -4.20 -8.11 -9.09
C ALA E 867 -3.69 -9.00 -10.23
N ASP E 868 -4.61 -9.59 -10.99
CA ASP E 868 -4.23 -10.44 -12.11
C ASP E 868 -3.83 -9.62 -13.33
N SER E 869 -4.61 -8.57 -13.64
CA SER E 869 -4.29 -7.73 -14.79
C SER E 869 -2.90 -7.12 -14.65
N GLY E 870 -2.52 -6.71 -13.44
CA GLY E 870 -1.18 -6.19 -13.22
C GLY E 870 -0.12 -7.25 -13.33
N TYR E 871 -0.44 -8.49 -12.92
CA TYR E 871 0.46 -9.61 -13.10
C TYR E 871 0.67 -9.94 -14.58
N LEU E 872 -0.37 -9.75 -15.40
CA LEU E 872 -0.21 -9.90 -16.85
C LEU E 872 0.62 -8.78 -17.43
N THR E 873 0.32 -7.54 -17.06
CA THR E 873 1.09 -6.40 -17.59
C THR E 873 2.57 -6.54 -17.29
N ARG E 874 2.91 -7.07 -16.11
CA ARG E 874 4.31 -7.25 -15.77
C ARG E 874 4.98 -8.29 -16.67
N ARG E 875 4.23 -9.29 -17.12
CA ARG E 875 4.81 -10.25 -18.04
C ARG E 875 4.90 -9.70 -19.45
N LEU E 876 3.86 -8.99 -19.91
CA LEU E 876 3.96 -8.29 -21.20
C LEU E 876 5.18 -7.37 -21.22
N VAL E 877 5.33 -6.55 -20.18
CA VAL E 877 6.45 -5.61 -20.14
C VAL E 877 7.78 -6.34 -20.26
N ASP E 878 7.96 -7.40 -19.48
CA ASP E 878 9.27 -8.06 -19.43
C ASP E 878 9.63 -8.68 -20.78
N VAL E 879 8.64 -9.19 -21.51
CA VAL E 879 8.93 -9.89 -22.75
C VAL E 879 9.18 -8.90 -23.89
N SER E 880 8.48 -7.78 -23.89
CA SER E 880 8.58 -6.83 -24.99
C SER E 880 9.49 -5.64 -24.71
N GLN E 881 10.10 -5.54 -23.53
CA GLN E 881 10.71 -4.26 -23.14
C GLN E 881 11.91 -3.89 -24.02
N ASP E 882 12.57 -4.86 -24.64
CA ASP E 882 13.75 -4.57 -25.43
C ASP E 882 13.44 -4.24 -26.88
N VAL E 883 12.18 -4.17 -27.26
CA VAL E 883 11.81 -3.90 -28.65
C VAL E 883 11.68 -2.39 -28.82
N ILE E 884 12.60 -1.80 -29.57
CA ILE E 884 12.57 -0.37 -29.87
C ILE E 884 12.86 -0.19 -31.35
N VAL E 885 12.37 0.93 -31.90
CA VAL E 885 12.57 1.22 -33.32
C VAL E 885 14.04 1.52 -33.56
N ARG E 886 14.72 0.68 -34.35
CA ARG E 886 16.16 0.87 -34.53
C ARG E 886 16.54 1.55 -35.84
N GLU E 887 15.64 1.65 -36.81
CA GLU E 887 16.01 2.17 -38.12
C GLU E 887 14.76 2.55 -38.90
N HIS E 888 14.95 3.37 -39.93
CA HIS E 888 13.82 3.87 -40.71
C HIS E 888 13.18 2.76 -41.54
N ASP E 889 13.99 1.99 -42.26
CA ASP E 889 13.43 0.98 -43.16
C ASP E 889 14.32 -0.26 -43.20
N CYS E 890 13.71 -1.43 -43.00
CA CYS E 890 14.40 -2.67 -43.29
C CYS E 890 14.27 -3.05 -44.76
N GLU E 891 13.30 -2.48 -45.46
CA GLU E 891 13.15 -2.56 -46.91
C GLU E 891 12.44 -3.83 -47.37
N THR E 892 12.13 -4.77 -46.47
CA THR E 892 11.47 -6.00 -46.88
C THR E 892 10.18 -5.69 -47.62
N GLU E 893 9.85 -6.58 -48.56
CA GLU E 893 8.57 -6.54 -49.26
C GLU E 893 7.51 -7.37 -48.56
N ARG E 894 7.87 -8.04 -47.47
CA ARG E 894 6.97 -8.94 -46.76
C ARG E 894 5.91 -8.14 -46.02
N GLY E 895 4.82 -8.82 -45.68
CA GLY E 895 3.71 -8.14 -45.04
C GLY E 895 2.59 -9.11 -44.67
N ILE E 896 1.46 -8.53 -44.28
CA ILE E 896 0.28 -9.29 -43.89
C ILE E 896 -0.94 -8.71 -44.62
N ASN E 897 -1.90 -9.57 -44.93
CA ASN E 897 -3.05 -9.19 -45.73
C ASN E 897 -4.21 -8.79 -44.83
N VAL E 898 -4.59 -7.51 -44.89
CA VAL E 898 -5.72 -6.98 -44.14
C VAL E 898 -6.98 -7.12 -44.97
N THR E 899 -8.10 -7.41 -44.29
CA THR E 899 -9.32 -7.79 -45.00
C THR E 899 -10.08 -6.61 -45.56
N LEU E 900 -10.10 -5.47 -44.88
CA LEU E 900 -10.68 -4.22 -45.41
C LEU E 900 -12.04 -4.42 -46.08
N ALA E 901 -13.01 -4.82 -45.26
CA ALA E 901 -14.36 -5.27 -45.64
C ALA E 901 -14.48 -6.38 -46.68
N GLU E 902 -15.63 -6.39 -47.37
CA GLU E 902 -15.92 -7.43 -48.34
C GLU E 902 -17.39 -7.45 -48.77
N ARG E 903 -17.66 -8.14 -49.88
CA ARG E 903 -18.99 -8.64 -50.25
C ARG E 903 -20.07 -7.57 -50.13
N GLY E 904 -19.85 -6.44 -50.79
CA GLY E 904 -20.87 -5.39 -50.83
C GLY E 904 -20.42 -4.05 -51.38
N PRO E 905 -21.39 -3.19 -51.74
CA PRO E 905 -22.83 -3.52 -51.66
C PRO E 905 -23.32 -4.41 -52.80
N ASP E 906 -24.30 -5.26 -52.52
CA ASP E 906 -24.90 -6.12 -53.55
C ASP E 906 -26.42 -6.11 -53.45
N ILE E 910 -19.36 -1.45 -47.59
CA ILE E 910 -19.58 -2.23 -46.38
C ILE E 910 -18.25 -2.53 -45.68
N ARG E 911 -17.65 -1.48 -45.09
CA ARG E 911 -16.34 -1.60 -44.47
C ARG E 911 -16.34 -2.71 -43.42
N ASP E 912 -15.20 -3.37 -43.27
CA ASP E 912 -15.05 -4.33 -42.19
C ASP E 912 -15.27 -3.63 -40.86
N ALA E 913 -15.94 -4.32 -39.93
CA ALA E 913 -16.29 -3.69 -38.65
C ALA E 913 -15.08 -2.99 -38.05
N HIS E 914 -13.95 -3.67 -37.97
CA HIS E 914 -12.70 -3.02 -37.57
C HIS E 914 -11.73 -3.04 -38.74
N VAL E 915 -11.65 -1.91 -39.44
CA VAL E 915 -10.45 -1.54 -40.17
C VAL E 915 -9.66 -0.48 -39.43
N GLU E 916 -10.19 0.03 -38.31
CA GLU E 916 -9.56 1.14 -37.60
C GLU E 916 -8.37 0.65 -36.80
N THR E 917 -8.47 -0.56 -36.24
CA THR E 917 -7.37 -1.14 -35.48
C THR E 917 -6.52 -2.11 -36.32
N SER E 918 -6.89 -2.34 -37.58
CA SER E 918 -6.14 -3.26 -38.43
C SER E 918 -5.53 -2.57 -39.64
N ALA E 919 -6.34 -2.01 -40.55
CA ALA E 919 -5.81 -1.42 -41.77
C ALA E 919 -5.26 -0.02 -41.56
N PHE E 920 -5.94 0.81 -40.78
CA PHE E 920 -5.48 2.17 -40.54
C PHE E 920 -4.17 2.19 -39.77
N ALA E 921 -3.44 3.28 -39.92
CA ALA E 921 -2.16 3.53 -39.28
C ALA E 921 -1.03 2.69 -39.88
N ARG E 922 -1.33 1.76 -40.79
CA ARG E 922 -0.31 0.90 -41.35
C ARG E 922 0.40 1.60 -42.50
N THR E 923 1.29 0.87 -43.16
CA THR E 923 1.93 1.38 -44.37
C THR E 923 1.90 0.27 -45.40
N LEU E 924 1.58 0.61 -46.66
CA LEU E 924 1.40 -0.40 -47.70
C LEU E 924 2.70 -1.11 -48.04
N ALA E 925 2.64 -2.44 -48.16
CA ALA E 925 3.82 -3.19 -48.54
C ALA E 925 4.03 -3.12 -50.05
N THR E 926 2.95 -3.19 -50.81
CA THR E 926 2.97 -3.16 -52.27
C THR E 926 1.87 -2.23 -52.74
N ASP E 927 1.94 -1.88 -54.03
CA ASP E 927 0.95 -0.99 -54.60
C ASP E 927 -0.44 -1.63 -54.60
N ALA E 928 -1.45 -0.84 -54.24
CA ALA E 928 -2.83 -1.29 -54.26
C ALA E 928 -3.43 -0.98 -55.62
N VAL E 929 -3.80 -2.03 -56.36
CA VAL E 929 -4.19 -1.91 -57.76
C VAL E 929 -5.60 -2.43 -57.94
N ASP E 930 -6.48 -1.58 -58.46
CA ASP E 930 -7.76 -2.05 -58.98
C ASP E 930 -7.55 -2.77 -60.31
N ALA E 931 -8.56 -3.50 -60.74
CA ALA E 931 -8.57 -3.97 -62.12
C ALA E 931 -8.67 -2.75 -63.04
N ASN E 932 -7.87 -2.73 -64.11
CA ASN E 932 -6.99 -3.84 -64.44
C ASN E 932 -5.48 -3.76 -64.06
N GLY E 933 -4.96 -2.68 -63.48
CA GLY E 933 -5.67 -1.47 -63.07
C GLY E 933 -4.73 -0.31 -62.76
N ASN E 934 -5.25 0.71 -62.09
CA ASN E 934 -4.65 2.04 -62.08
C ASN E 934 -3.74 2.33 -60.87
N VAL E 935 -3.54 1.37 -59.96
CA VAL E 935 -2.65 1.63 -58.83
C VAL E 935 -3.12 2.85 -58.05
N ILE E 936 -4.20 2.69 -57.29
CA ILE E 936 -4.83 3.84 -56.64
C ILE E 936 -3.99 4.36 -55.47
N ILE E 937 -3.16 3.52 -54.84
CA ILE E 937 -2.29 3.96 -53.75
C ILE E 937 -0.94 3.24 -53.83
N GLU E 938 0.14 4.01 -53.75
CA GLU E 938 1.50 3.51 -53.89
C GLU E 938 1.99 2.89 -52.59
N ARG E 939 2.96 1.99 -52.72
CA ARG E 939 3.53 1.35 -51.54
C ARG E 939 4.23 2.39 -50.69
N GLY E 940 4.10 2.25 -49.37
CA GLY E 940 4.65 3.18 -48.41
C GLY E 940 3.71 4.28 -47.99
N HIS E 941 2.44 4.22 -48.38
CA HIS E 941 1.50 5.27 -48.02
C HIS E 941 0.99 5.04 -46.59
N ASP E 942 0.66 6.14 -45.91
CA ASP E 942 0.31 6.09 -44.49
C ASP E 942 -1.04 5.40 -44.27
N LEU E 943 -1.94 5.44 -45.24
CA LEU E 943 -3.28 4.84 -45.09
C LEU E 943 -4.06 5.55 -43.99
N GLY E 944 -4.39 6.81 -44.26
CA GLY E 944 -5.28 7.57 -43.39
C GLY E 944 -6.73 7.25 -43.68
N ASP E 945 -7.60 8.11 -43.17
CA ASP E 945 -9.02 8.00 -43.50
C ASP E 945 -9.28 8.22 -44.97
N PRO E 946 -8.74 9.25 -45.61
CA PRO E 946 -8.96 9.42 -47.06
C PRO E 946 -8.53 8.21 -47.87
N ALA E 947 -7.42 7.59 -47.51
CA ALA E 947 -6.89 6.49 -48.30
C ALA E 947 -7.85 5.31 -48.31
N ILE E 948 -8.54 5.06 -47.19
CA ILE E 948 -9.48 3.94 -47.15
C ILE E 948 -10.70 4.24 -48.00
N ASP E 949 -11.16 5.49 -47.98
CA ASP E 949 -12.27 5.88 -48.85
C ASP E 949 -11.88 5.75 -50.32
N ALA E 950 -10.74 6.35 -50.69
CA ALA E 950 -10.24 6.23 -52.05
C ALA E 950 -10.13 4.78 -52.48
N LEU E 951 -9.40 3.97 -51.70
CA LEU E 951 -9.26 2.55 -52.02
C LEU E 951 -10.62 1.89 -52.18
N LEU E 952 -11.51 2.13 -51.22
CA LEU E 952 -12.80 1.44 -51.21
C LEU E 952 -13.56 1.67 -52.50
N ALA E 953 -13.49 2.88 -53.06
CA ALA E 953 -14.13 3.17 -54.33
C ALA E 953 -13.65 2.22 -55.42
N ALA E 954 -12.33 2.07 -55.56
CA ALA E 954 -11.78 1.19 -56.58
C ALA E 954 -12.18 -0.27 -56.40
N GLY E 955 -12.79 -0.62 -55.27
CA GLY E 955 -13.21 -2.00 -55.06
C GLY E 955 -12.10 -2.95 -54.67
N ILE E 956 -11.18 -2.51 -53.81
CA ILE E 956 -10.10 -3.37 -53.33
C ILE E 956 -10.53 -3.97 -52.00
N THR E 957 -10.69 -5.29 -51.96
CA THR E 957 -11.20 -5.98 -50.78
C THR E 957 -10.09 -6.50 -49.88
N THR E 958 -8.83 -6.19 -50.17
CA THR E 958 -7.73 -6.53 -49.29
C THR E 958 -6.54 -5.63 -49.60
N VAL E 959 -5.62 -5.55 -48.66
CA VAL E 959 -4.37 -4.82 -48.86
C VAL E 959 -3.27 -5.53 -48.09
N LYS E 960 -2.08 -5.58 -48.70
CA LYS E 960 -0.92 -6.13 -48.03
C LYS E 960 -0.23 -4.98 -47.30
N VAL E 961 0.09 -5.20 -46.03
CA VAL E 961 0.52 -4.14 -45.13
C VAL E 961 1.82 -4.54 -44.44
N ARG E 962 2.64 -3.55 -44.14
CA ARG E 962 3.85 -3.79 -43.36
C ARG E 962 3.50 -4.00 -41.88
N SER E 963 4.13 -4.99 -41.27
CA SER E 963 3.91 -5.29 -39.86
C SER E 963 5.24 -5.64 -39.19
N VAL E 964 5.29 -5.42 -37.88
CA VAL E 964 6.45 -5.85 -37.10
C VAL E 964 6.59 -7.36 -37.09
N LEU E 965 5.54 -8.10 -37.49
CA LEU E 965 5.64 -9.55 -37.59
C LEU E 965 6.57 -9.96 -38.73
N THR E 966 6.50 -9.28 -39.86
CA THR E 966 7.30 -9.60 -41.03
C THR E 966 8.59 -8.80 -41.11
N CYS E 967 8.81 -7.83 -40.22
CA CYS E 967 9.96 -6.94 -40.32
C CYS E 967 11.26 -7.73 -40.18
N THR E 968 12.21 -7.45 -41.07
CA THR E 968 13.48 -8.16 -41.15
C THR E 968 14.62 -7.45 -40.43
N SER E 969 14.34 -6.35 -39.72
CA SER E 969 15.41 -5.61 -39.06
C SER E 969 16.26 -6.54 -38.20
N ALA E 970 17.57 -6.33 -38.26
CA ALA E 970 18.48 -7.15 -37.49
C ALA E 970 18.26 -6.97 -35.98
N THR E 971 18.16 -5.72 -35.53
CA THR E 971 17.87 -5.41 -34.14
C THR E 971 16.63 -4.54 -34.05
N GLY E 972 15.81 -4.79 -33.05
CA GLY E 972 14.60 -4.01 -32.95
C GLY E 972 13.75 -4.20 -34.20
N VAL E 973 12.89 -3.22 -34.43
CA VAL E 973 12.05 -3.17 -35.63
C VAL E 973 12.29 -1.85 -36.33
N CYS E 974 11.66 -1.66 -37.49
CA CYS E 974 11.87 -0.48 -38.31
C CYS E 974 10.62 0.37 -38.33
N ALA E 975 10.82 1.69 -38.47
CA ALA E 975 9.70 2.63 -38.42
C ALA E 975 8.65 2.30 -39.46
N MET E 976 9.06 2.14 -40.72
CA MET E 976 8.09 1.86 -41.79
C MET E 976 7.24 0.64 -41.46
N CYS E 977 7.87 -0.44 -40.98
CA CYS E 977 7.10 -1.64 -40.63
C CYS E 977 6.17 -1.37 -39.47
N TYR E 978 6.63 -0.62 -38.47
CA TYR E 978 5.78 -0.34 -37.32
C TYR E 978 4.62 0.57 -37.70
N GLY E 979 4.90 1.60 -38.47
CA GLY E 979 3.85 2.50 -38.92
C GLY E 979 3.70 3.73 -38.05
N ARG E 980 2.49 4.27 -38.09
CA ARG E 980 2.24 5.54 -37.44
C ARG E 980 2.27 5.39 -35.92
N SER E 981 2.80 6.40 -35.24
CA SER E 981 2.71 6.49 -33.79
C SER E 981 1.31 6.95 -33.42
N MET E 982 0.60 6.15 -32.60
CA MET E 982 -0.75 6.53 -32.21
C MET E 982 -0.78 7.86 -31.46
N ALA E 983 0.31 8.19 -30.76
CA ALA E 983 0.37 9.44 -30.02
C ALA E 983 0.59 10.62 -30.96
N THR E 984 1.71 10.62 -31.69
CA THR E 984 2.01 11.73 -32.57
C THR E 984 1.04 11.84 -33.74
N GLY E 985 0.50 10.71 -34.22
CA GLY E 985 -0.22 10.69 -35.45
C GLY E 985 0.64 10.64 -36.70
N LYS E 986 1.95 10.43 -36.54
CA LYS E 986 2.90 10.41 -37.64
C LYS E 986 3.77 9.17 -37.54
N LEU E 987 4.68 9.00 -38.51
CA LEU E 987 5.59 7.86 -38.49
C LEU E 987 6.34 7.81 -37.16
N VAL E 988 6.44 6.62 -36.57
CA VAL E 988 7.04 6.49 -35.25
C VAL E 988 8.45 7.06 -35.28
N ASP E 989 8.86 7.65 -34.15
CA ASP E 989 10.22 8.16 -34.05
C ASP E 989 11.20 7.02 -33.85
N ILE E 990 12.47 7.28 -34.16
CA ILE E 990 13.44 6.19 -34.17
C ILE E 990 13.84 5.79 -32.76
N GLY E 991 13.66 6.65 -31.77
CA GLY E 991 13.94 6.19 -30.42
C GLY E 991 12.85 5.33 -29.80
N GLU E 992 11.63 5.37 -30.32
CA GLU E 992 10.47 4.87 -29.58
C GLU E 992 10.70 3.43 -29.10
N ALA E 993 10.30 3.17 -27.87
CA ALA E 993 10.33 1.80 -27.35
C ALA E 993 8.90 1.32 -27.43
N VAL E 994 8.61 0.53 -28.46
CA VAL E 994 7.22 0.18 -28.74
C VAL E 994 6.81 -1.09 -28.03
N GLY E 995 7.76 -1.83 -27.47
CA GLY E 995 7.40 -3.01 -26.70
C GLY E 995 6.67 -2.60 -25.45
N ILE E 996 7.31 -1.75 -24.64
CA ILE E 996 6.69 -1.27 -23.42
C ILE E 996 5.34 -0.64 -23.73
N VAL E 997 5.29 0.21 -24.76
CA VAL E 997 4.03 0.85 -25.12
C VAL E 997 2.99 -0.20 -25.47
N ALA E 998 3.40 -1.24 -26.19
CA ALA E 998 2.47 -2.31 -26.50
C ALA E 998 2.03 -3.02 -25.24
N ALA E 999 2.98 -3.41 -24.39
CA ALA E 999 2.64 -4.03 -23.13
C ALA E 999 1.61 -3.20 -22.37
N GLN E 1000 1.82 -1.89 -22.25
CA GLN E 1000 0.90 -1.08 -21.48
C GLN E 1000 -0.44 -0.92 -22.19
N SER E 1001 -0.41 -0.66 -23.50
CA SER E 1001 -1.66 -0.53 -24.25
C SER E 1001 -2.52 -1.77 -24.10
N ILE E 1002 -1.89 -2.93 -23.93
CA ILE E 1002 -2.65 -4.18 -23.80
C ILE E 1002 -3.14 -4.36 -22.37
N GLY E 1003 -2.29 -4.10 -21.39
CA GLY E 1003 -2.63 -4.42 -20.01
C GLY E 1003 -3.55 -3.42 -19.35
N GLU E 1004 -3.46 -2.15 -19.71
CA GLU E 1004 -4.22 -1.08 -19.09
C GLU E 1004 -5.71 -1.39 -19.09
N PRO E 1005 -6.32 -1.64 -20.25
CA PRO E 1005 -7.75 -1.99 -20.26
C PRO E 1005 -8.06 -3.29 -19.53
N GLY E 1006 -7.07 -4.12 -19.20
CA GLY E 1006 -7.34 -5.38 -18.55
C GLY E 1006 -8.27 -5.27 -17.36
N THR E 1007 -8.24 -4.13 -16.66
CA THR E 1007 -9.18 -3.91 -15.56
C THR E 1007 -10.62 -3.98 -16.04
N GLN E 1008 -10.88 -3.61 -17.29
CA GLN E 1008 -12.21 -3.59 -17.87
C GLN E 1008 -12.61 -4.92 -18.50
N LEU E 1009 -11.78 -5.95 -18.37
CA LEU E 1009 -12.02 -7.25 -19.00
C LEU E 1009 -12.68 -8.18 -17.98
N THR E 1010 -13.95 -8.50 -18.21
CA THR E 1010 -14.72 -9.28 -17.25
C THR E 1010 -14.71 -10.77 -17.63
N GLY E 1027 -13.70 -16.08 -21.24
CA GLY E 1027 -13.93 -14.95 -22.13
C GLY E 1027 -13.41 -13.65 -21.53
N GLY E 1028 -12.21 -13.69 -20.99
CA GLY E 1028 -11.69 -12.57 -20.25
C GLY E 1028 -10.21 -12.75 -20.01
N LEU E 1029 -9.70 -12.04 -19.02
CA LEU E 1029 -8.29 -12.12 -18.65
C LEU E 1029 -7.79 -13.56 -18.67
N PRO E 1030 -8.56 -14.53 -18.19
CA PRO E 1030 -8.11 -15.93 -18.31
C PRO E 1030 -7.88 -16.36 -19.75
N ARG E 1031 -8.79 -16.00 -20.66
CA ARG E 1031 -8.58 -16.33 -22.07
C ARG E 1031 -7.37 -15.58 -22.62
N VAL E 1032 -7.28 -14.28 -22.35
CA VAL E 1032 -6.13 -13.51 -22.79
C VAL E 1032 -4.84 -14.15 -22.29
N GLN E 1033 -4.74 -14.35 -20.98
CA GLN E 1033 -3.55 -15.00 -20.43
C GLN E 1033 -3.31 -16.34 -21.10
N GLU E 1034 -4.37 -17.10 -21.36
CA GLU E 1034 -4.23 -18.38 -22.02
C GLU E 1034 -3.51 -18.22 -23.35
N LEU E 1035 -3.85 -17.17 -24.10
CA LEU E 1035 -3.25 -16.93 -25.40
C LEU E 1035 -1.78 -16.53 -25.28
N PHE E 1036 -1.48 -15.50 -24.49
CA PHE E 1036 -0.11 -15.00 -24.44
C PHE E 1036 0.85 -16.02 -23.82
N GLU E 1037 0.33 -16.93 -23.01
CA GLU E 1037 1.17 -17.94 -22.40
C GLU E 1037 1.27 -19.21 -23.22
N ALA E 1038 0.49 -19.33 -24.30
CA ALA E 1038 0.62 -20.42 -25.27
C ALA E 1038 0.35 -21.79 -24.66
N ARG E 1039 -0.54 -21.82 -23.67
CA ARG E 1039 -0.94 -23.11 -23.09
C ARG E 1039 -1.99 -23.76 -23.98
N VAL E 1040 -2.07 -25.08 -23.90
CA VAL E 1040 -3.09 -25.77 -24.69
C VAL E 1040 -4.47 -25.30 -24.25
N PRO E 1041 -5.40 -25.04 -25.17
CA PRO E 1041 -6.63 -24.33 -24.80
C PRO E 1041 -7.46 -25.09 -23.78
N ARG E 1042 -8.34 -24.35 -23.11
CA ARG E 1042 -9.18 -24.90 -22.06
C ARG E 1042 -9.97 -26.09 -22.58
N ASN E 1043 -10.77 -25.88 -23.62
CA ASN E 1043 -11.40 -26.97 -24.35
C ASN E 1043 -10.81 -26.99 -25.75
N LYS E 1044 -9.96 -27.97 -26.02
CA LYS E 1044 -9.28 -28.04 -27.31
C LYS E 1044 -10.30 -28.25 -28.42
N ALA E 1045 -10.11 -27.56 -29.53
CA ALA E 1045 -10.95 -27.79 -30.69
C ALA E 1045 -10.09 -28.15 -31.90
N PRO E 1046 -10.50 -29.14 -32.69
CA PRO E 1046 -9.63 -29.61 -33.76
C PRO E 1046 -9.69 -28.71 -34.98
N ILE E 1047 -8.60 -28.70 -35.74
CA ILE E 1047 -8.51 -27.98 -36.99
C ILE E 1047 -8.27 -28.97 -38.13
N ALA E 1048 -8.82 -28.63 -39.29
CA ALA E 1048 -8.63 -29.46 -40.48
C ALA E 1048 -7.15 -29.70 -40.74
N ASP E 1049 -6.80 -30.94 -41.02
CA ASP E 1049 -5.43 -31.30 -41.29
C ASP E 1049 -5.11 -31.23 -42.79
N VAL E 1050 -6.11 -31.03 -43.64
CA VAL E 1050 -5.96 -31.17 -45.08
C VAL E 1050 -7.30 -30.77 -45.71
N ALA E 1051 -7.29 -30.49 -47.02
CA ALA E 1051 -8.47 -29.95 -47.70
C ALA E 1051 -9.30 -31.07 -48.30
N GLY E 1052 -10.62 -30.99 -48.10
CA GLY E 1052 -11.52 -31.97 -48.67
C GLY E 1052 -12.90 -31.87 -48.05
N ARG E 1053 -13.81 -32.65 -48.60
CA ARG E 1053 -15.18 -32.72 -48.07
C ARG E 1053 -15.21 -33.53 -46.78
N VAL E 1054 -16.20 -33.23 -45.94
CA VAL E 1054 -16.26 -33.74 -44.57
C VAL E 1054 -17.43 -34.68 -44.43
N ARG E 1055 -17.18 -35.86 -43.87
CA ARG E 1055 -18.23 -36.82 -43.54
C ARG E 1055 -18.47 -36.76 -42.04
N LEU E 1056 -19.69 -36.39 -41.66
CA LEU E 1056 -20.06 -36.25 -40.26
C LEU E 1056 -20.77 -37.50 -39.78
N GLU E 1057 -20.51 -37.90 -38.53
CA GLU E 1057 -21.18 -39.03 -37.93
C GLU E 1057 -21.38 -38.79 -36.45
N GLU E 1058 -22.55 -39.20 -35.94
CA GLU E 1058 -22.92 -39.00 -34.54
C GLU E 1058 -22.97 -40.35 -33.84
N SER E 1059 -22.08 -40.55 -32.88
CA SER E 1059 -22.14 -41.71 -32.00
C SER E 1059 -23.02 -41.38 -30.81
N ASP E 1060 -23.10 -42.29 -29.84
CA ASP E 1060 -23.73 -41.97 -28.58
C ASP E 1060 -22.74 -41.20 -27.72
N LYS E 1061 -23.08 -39.96 -27.38
CA LYS E 1061 -22.28 -39.04 -26.58
C LYS E 1061 -21.11 -38.44 -27.35
N PHE E 1062 -20.89 -38.80 -28.62
CA PHE E 1062 -19.70 -38.37 -29.33
C PHE E 1062 -20.04 -37.89 -30.74
N PHE E 1063 -19.01 -37.43 -31.44
CA PHE E 1063 -19.07 -37.03 -32.84
C PHE E 1063 -17.86 -37.61 -33.55
N LYS E 1064 -18.04 -38.01 -34.81
CA LYS E 1064 -16.93 -38.44 -35.65
C LYS E 1064 -16.92 -37.59 -36.91
N ILE E 1065 -15.77 -36.98 -37.18
CA ILE E 1065 -15.57 -36.18 -38.38
C ILE E 1065 -14.46 -36.80 -39.17
N THR E 1066 -14.72 -37.05 -40.45
CA THR E 1066 -13.72 -37.60 -41.36
C THR E 1066 -13.60 -36.66 -42.54
N ILE E 1067 -12.37 -36.33 -42.92
CA ILE E 1067 -12.11 -35.48 -44.05
C ILE E 1067 -11.62 -36.36 -45.19
N VAL E 1068 -12.36 -36.36 -46.30
CA VAL E 1068 -11.93 -37.04 -47.52
C VAL E 1068 -11.11 -36.02 -48.32
N PRO E 1069 -9.80 -36.18 -48.41
CA PRO E 1069 -8.98 -35.14 -49.06
C PRO E 1069 -9.19 -35.10 -50.55
N ASP E 1070 -9.09 -33.89 -51.10
CA ASP E 1070 -9.19 -33.72 -52.55
C ASP E 1070 -8.05 -34.41 -53.30
N ASP E 1071 -7.05 -34.94 -52.59
CA ASP E 1071 -5.89 -35.59 -53.20
C ASP E 1071 -6.28 -36.58 -54.30
N GLY E 1072 -7.29 -37.42 -54.08
CA GLY E 1072 -7.77 -37.83 -52.77
C GLY E 1072 -6.84 -38.85 -52.13
N GLY E 1073 -6.37 -38.54 -50.93
CA GLY E 1073 -5.41 -39.36 -50.25
C GLY E 1073 -6.00 -40.07 -49.05
N GLU E 1074 -5.12 -40.43 -48.12
CA GLU E 1074 -5.52 -41.09 -46.89
C GLU E 1074 -6.59 -40.27 -46.18
N GLU E 1075 -7.69 -40.92 -45.83
CA GLU E 1075 -8.74 -40.23 -45.10
C GLU E 1075 -8.24 -39.84 -43.71
N VAL E 1076 -8.76 -38.74 -43.19
CA VAL E 1076 -8.29 -38.15 -41.93
C VAL E 1076 -9.47 -38.08 -40.97
N VAL E 1077 -9.32 -38.73 -39.82
CA VAL E 1077 -10.43 -38.96 -38.90
C VAL E 1077 -10.17 -38.20 -37.61
N TYR E 1078 -11.25 -37.65 -37.03
CA TYR E 1078 -11.21 -37.00 -35.72
C TYR E 1078 -12.16 -37.76 -34.81
N ASP E 1079 -11.59 -38.43 -33.80
CA ASP E 1079 -12.18 -39.63 -33.24
C ASP E 1079 -13.41 -39.33 -32.38
N LYS E 1080 -13.20 -38.79 -31.18
CA LYS E 1080 -14.27 -38.58 -30.22
C LYS E 1080 -14.37 -37.08 -29.92
N LEU E 1081 -15.43 -36.46 -30.40
CA LEU E 1081 -15.67 -35.04 -30.16
C LEU E 1081 -16.91 -34.93 -29.29
N SER E 1082 -16.71 -34.56 -28.03
CA SER E 1082 -17.82 -34.46 -27.10
C SER E 1082 -18.87 -33.49 -27.64
N LYS E 1083 -20.12 -33.97 -27.72
CA LYS E 1083 -21.18 -33.16 -28.28
C LYS E 1083 -21.40 -31.88 -27.50
N ARG E 1084 -20.82 -31.77 -26.30
CA ARG E 1084 -20.95 -30.53 -25.52
C ARG E 1084 -20.34 -29.34 -26.26
N GLN E 1085 -19.32 -29.57 -27.09
CA GLN E 1085 -18.66 -28.48 -27.81
C GLN E 1085 -19.41 -28.02 -29.06
N ARG E 1086 -20.39 -28.79 -29.54
CA ARG E 1086 -21.12 -28.50 -30.78
C ARG E 1086 -20.12 -28.40 -31.94
N LEU E 1087 -20.31 -27.48 -32.88
CA LEU E 1087 -19.47 -27.38 -34.06
C LEU E 1087 -19.32 -25.91 -34.43
N ARG E 1088 -18.32 -25.62 -35.26
CA ARG E 1088 -18.16 -24.25 -35.75
C ARG E 1088 -19.21 -23.96 -36.83
N VAL E 1089 -19.14 -22.76 -37.39
CA VAL E 1089 -20.18 -22.27 -38.30
C VAL E 1089 -19.52 -21.71 -39.56
N ILE E 1090 -20.23 -21.84 -40.67
CA ILE E 1090 -19.79 -21.28 -41.94
C ILE E 1090 -20.06 -19.77 -41.97
N GLY E 1098 -24.00 -21.81 -42.29
CA GLY E 1098 -24.26 -21.94 -40.87
C GLY E 1098 -23.39 -22.99 -40.19
N VAL E 1099 -23.99 -23.79 -39.31
CA VAL E 1099 -23.24 -24.84 -38.63
C VAL E 1099 -22.75 -25.86 -39.63
N LEU E 1100 -21.55 -26.38 -39.41
CA LEU E 1100 -21.00 -27.36 -40.33
C LEU E 1100 -21.92 -28.55 -40.44
N SER E 1101 -22.07 -29.08 -41.66
CA SER E 1101 -22.93 -30.20 -41.93
C SER E 1101 -22.23 -31.16 -42.87
N ASP E 1102 -22.73 -32.40 -42.91
CA ASP E 1102 -22.13 -33.42 -43.76
C ASP E 1102 -22.09 -32.93 -45.21
N GLY E 1103 -20.91 -32.99 -45.81
CA GLY E 1103 -20.72 -32.62 -47.21
C GLY E 1103 -20.01 -31.30 -47.42
N ASP E 1104 -19.91 -30.45 -46.40
CA ASP E 1104 -19.25 -29.16 -46.56
C ASP E 1104 -17.78 -29.34 -46.89
N HIS E 1105 -17.27 -28.47 -47.75
CA HIS E 1105 -15.85 -28.44 -48.02
C HIS E 1105 -15.10 -27.72 -46.92
N VAL E 1106 -13.82 -28.05 -46.77
CA VAL E 1106 -12.99 -27.52 -45.69
C VAL E 1106 -11.59 -27.27 -46.23
N GLU E 1107 -11.02 -26.11 -45.87
CA GLU E 1107 -9.67 -25.79 -46.26
C GLU E 1107 -8.69 -26.17 -45.15
N VAL E 1108 -7.40 -26.01 -45.44
CA VAL E 1108 -6.37 -26.67 -44.64
C VAL E 1108 -6.37 -26.22 -43.19
N GLY E 1109 -6.84 -25.01 -42.90
CA GLY E 1109 -6.73 -24.50 -41.55
C GLY E 1109 -8.01 -24.42 -40.73
N ASP E 1110 -9.13 -24.79 -41.34
CA ASP E 1110 -10.45 -24.46 -40.78
C ASP E 1110 -10.66 -25.14 -39.44
N GLN E 1111 -11.47 -24.50 -38.60
CA GLN E 1111 -11.77 -25.00 -37.26
C GLN E 1111 -13.01 -25.88 -37.31
N LEU E 1112 -12.89 -27.11 -36.81
CA LEU E 1112 -13.97 -28.09 -36.92
C LEU E 1112 -15.05 -27.89 -35.86
N MET E 1113 -14.69 -27.44 -34.66
CA MET E 1113 -15.67 -27.32 -33.59
C MET E 1113 -15.51 -26.01 -32.85
N GLU E 1114 -16.62 -25.48 -32.36
CA GLU E 1114 -16.59 -24.33 -31.48
C GLU E 1114 -15.64 -24.59 -30.34
N GLY E 1115 -14.74 -23.65 -30.08
CA GLY E 1115 -13.78 -23.79 -29.02
C GLY E 1115 -12.53 -22.98 -29.33
N ALA E 1116 -11.42 -23.41 -28.73
CA ALA E 1116 -10.14 -22.73 -28.88
C ALA E 1116 -9.16 -23.68 -29.53
N ALA E 1117 -8.70 -23.33 -30.73
CA ALA E 1117 -7.73 -24.18 -31.43
C ALA E 1117 -6.40 -24.16 -30.70
N ASP E 1118 -5.76 -25.31 -30.62
CA ASP E 1118 -4.43 -25.38 -30.01
C ASP E 1118 -3.45 -24.59 -30.88
N PRO E 1119 -2.91 -23.47 -30.41
CA PRO E 1119 -1.96 -22.72 -31.24
C PRO E 1119 -0.76 -23.56 -31.69
N HIS E 1120 -0.24 -24.43 -30.84
CA HIS E 1120 0.84 -25.30 -31.28
C HIS E 1120 0.41 -26.11 -32.50
N GLU E 1121 -0.83 -26.57 -32.51
CA GLU E 1121 -1.31 -27.39 -33.61
C GLU E 1121 -1.41 -26.56 -34.90
N VAL E 1122 -1.98 -25.37 -34.82
CA VAL E 1122 -2.04 -24.50 -35.99
C VAL E 1122 -0.63 -24.07 -36.42
N LEU E 1123 0.33 -24.01 -35.50
CA LEU E 1123 1.71 -23.75 -35.88
C LEU E 1123 2.23 -24.85 -36.80
N ARG E 1124 2.20 -26.10 -36.31
CA ARG E 1124 2.71 -27.22 -37.09
C ARG E 1124 1.94 -27.41 -38.40
N VAL E 1125 0.64 -27.10 -38.40
CA VAL E 1125 -0.17 -27.23 -39.61
C VAL E 1125 0.09 -26.07 -40.56
N GLN E 1126 -0.27 -24.85 -40.14
CA GLN E 1126 -0.29 -23.69 -41.04
C GLN E 1126 1.00 -22.88 -41.06
N GLY E 1127 1.95 -23.15 -40.17
CA GLY E 1127 3.24 -22.49 -40.24
C GLY E 1127 3.36 -21.22 -39.42
N PRO E 1128 4.60 -20.80 -39.16
CA PRO E 1128 4.83 -19.70 -38.21
C PRO E 1128 4.01 -18.44 -38.46
N ARG E 1129 3.92 -17.96 -39.70
CA ARG E 1129 3.25 -16.70 -39.90
C ARG E 1129 1.75 -16.81 -39.65
N GLU E 1130 1.19 -18.01 -39.72
CA GLU E 1130 -0.25 -18.15 -39.53
C GLU E 1130 -0.64 -18.15 -38.05
N VAL E 1131 0.21 -18.72 -37.19
CA VAL E 1131 -0.04 -18.67 -35.76
C VAL E 1131 -0.20 -17.22 -35.32
N GLN E 1132 0.68 -16.35 -35.79
CA GLN E 1132 0.61 -14.92 -35.47
C GLN E 1132 -0.77 -14.37 -35.80
N ILE E 1133 -1.21 -14.56 -37.04
CA ILE E 1133 -2.53 -14.10 -37.45
C ILE E 1133 -3.60 -14.62 -36.48
N HIS E 1134 -3.51 -15.91 -36.13
CA HIS E 1134 -4.48 -16.48 -35.21
C HIS E 1134 -4.43 -15.78 -33.85
N LEU E 1135 -3.26 -15.78 -33.22
CA LEU E 1135 -3.11 -15.22 -31.89
C LEU E 1135 -3.58 -13.77 -31.83
N VAL E 1136 -3.26 -12.96 -32.84
CA VAL E 1136 -3.73 -11.57 -32.84
C VAL E 1136 -5.25 -11.53 -32.92
N LYS E 1137 -5.84 -12.33 -33.82
CA LYS E 1137 -7.29 -12.39 -33.90
C LYS E 1137 -7.90 -12.81 -32.56
N GLU E 1138 -7.41 -13.90 -31.98
CA GLU E 1138 -7.95 -14.38 -30.73
C GLU E 1138 -7.85 -13.32 -29.63
N VAL E 1139 -6.63 -12.84 -29.37
CA VAL E 1139 -6.45 -11.79 -28.37
C VAL E 1139 -7.34 -10.60 -28.69
N GLN E 1140 -7.38 -10.18 -29.95
CA GLN E 1140 -8.16 -9.02 -30.30
C GLN E 1140 -9.65 -9.25 -30.16
N GLU E 1141 -10.09 -10.51 -30.05
CA GLU E 1141 -11.52 -10.78 -29.94
C GLU E 1141 -12.00 -10.55 -28.51
N VAL E 1142 -11.22 -10.99 -27.52
CA VAL E 1142 -11.54 -10.74 -26.13
C VAL E 1142 -11.71 -9.24 -25.87
N TYR E 1143 -10.72 -8.45 -26.30
CA TYR E 1143 -10.79 -7.00 -26.06
C TYR E 1143 -11.90 -6.35 -26.86
N ARG E 1144 -12.23 -6.90 -28.03
CA ARG E 1144 -13.37 -6.36 -28.79
C ARG E 1144 -14.67 -6.65 -28.07
N ALA E 1145 -14.77 -7.82 -27.43
CA ALA E 1145 -15.97 -8.17 -26.70
C ALA E 1145 -16.29 -7.15 -25.62
N GLN E 1146 -15.28 -6.69 -24.89
CA GLN E 1146 -15.47 -5.77 -23.78
C GLN E 1146 -15.45 -4.32 -24.20
N GLY E 1147 -15.38 -4.02 -25.49
CA GLY E 1147 -15.46 -2.65 -25.96
C GLY E 1147 -14.15 -1.89 -25.99
N VAL E 1148 -13.01 -2.60 -25.99
CA VAL E 1148 -11.69 -1.97 -25.92
C VAL E 1148 -11.09 -1.91 -27.32
N SER E 1149 -10.47 -0.78 -27.65
CA SER E 1149 -9.85 -0.56 -28.95
C SER E 1149 -8.34 -0.60 -28.78
N ILE E 1150 -7.71 -1.63 -29.32
CA ILE E 1150 -6.26 -1.74 -29.34
C ILE E 1150 -5.84 -1.95 -30.79
N HIS E 1151 -4.92 -1.12 -31.28
CA HIS E 1151 -4.47 -1.33 -32.63
C HIS E 1151 -3.66 -2.61 -32.71
N ASP E 1152 -3.88 -3.38 -33.78
CA ASP E 1152 -3.29 -4.70 -33.90
C ASP E 1152 -1.78 -4.68 -33.71
N LYS E 1153 -1.11 -3.59 -34.05
CA LYS E 1153 0.34 -3.57 -33.98
C LYS E 1153 0.84 -3.83 -32.56
N HIS E 1154 0.20 -3.23 -31.56
CA HIS E 1154 0.59 -3.48 -30.18
C HIS E 1154 0.55 -4.97 -29.88
N ILE E 1155 -0.56 -5.63 -30.24
CA ILE E 1155 -0.63 -7.08 -30.08
C ILE E 1155 0.47 -7.76 -30.87
N GLU E 1156 0.75 -7.26 -32.08
CA GLU E 1156 1.76 -7.88 -32.93
C GLU E 1156 3.14 -7.81 -32.30
N VAL E 1157 3.48 -6.67 -31.70
CA VAL E 1157 4.76 -6.55 -30.99
C VAL E 1157 4.91 -7.70 -30.00
N ILE E 1158 3.86 -8.00 -29.24
CA ILE E 1158 3.95 -9.07 -28.24
C ILE E 1158 4.02 -10.43 -28.92
N VAL E 1159 3.12 -10.69 -29.87
CA VAL E 1159 3.13 -11.97 -30.56
C VAL E 1159 4.48 -12.23 -31.23
N ARG E 1160 5.13 -11.16 -31.70
CA ARG E 1160 6.41 -11.35 -32.38
C ARG E 1160 7.42 -12.03 -31.47
N GLN E 1161 7.31 -11.82 -30.16
CA GLN E 1161 8.32 -12.34 -29.24
C GLN E 1161 8.13 -13.82 -28.91
N MET E 1162 6.96 -14.38 -29.22
CA MET E 1162 6.74 -15.79 -28.97
C MET E 1162 7.33 -16.68 -30.06
N LEU E 1163 7.50 -16.16 -31.27
CA LEU E 1163 7.95 -16.92 -32.42
C LEU E 1163 9.45 -16.79 -32.69
N ARG E 1164 10.20 -16.16 -31.79
CA ARG E 1164 11.57 -15.78 -32.08
C ARG E 1164 12.58 -16.92 -31.95
N ARG E 1165 12.16 -18.13 -31.58
CA ARG E 1165 13.12 -19.21 -31.38
C ARG E 1165 12.66 -20.48 -32.08
N VAL E 1166 13.59 -21.43 -32.17
CA VAL E 1166 13.38 -22.68 -32.89
C VAL E 1166 14.04 -23.81 -32.13
N THR E 1167 13.43 -24.99 -32.16
CA THR E 1167 13.95 -26.16 -31.46
C THR E 1167 15.01 -26.84 -32.31
N ILE E 1168 16.13 -27.20 -31.68
CA ILE E 1168 17.27 -27.78 -32.38
C ILE E 1168 17.14 -29.30 -32.32
N ILE E 1169 16.86 -29.91 -33.48
CA ILE E 1169 16.69 -31.36 -33.55
C ILE E 1169 18.04 -32.07 -33.64
N ASP E 1170 18.96 -31.55 -34.44
CA ASP E 1170 20.31 -32.10 -34.56
C ASP E 1170 21.31 -30.96 -34.50
N SER E 1171 22.54 -31.31 -34.12
CA SER E 1171 23.55 -30.27 -33.90
C SER E 1171 23.92 -29.54 -35.21
N GLY E 1172 24.40 -30.23 -36.24
CA GLY E 1172 24.91 -31.59 -36.15
C GLY E 1172 26.35 -31.61 -35.66
N SER E 1173 27.14 -30.63 -36.10
CA SER E 1173 28.46 -30.38 -35.56
C SER E 1173 28.47 -29.29 -34.50
N THR E 1174 27.33 -28.66 -34.24
CA THR E 1174 27.16 -27.66 -33.19
C THR E 1174 27.20 -28.41 -31.84
N GLU E 1175 27.52 -27.77 -30.70
CA GLU E 1175 27.60 -26.33 -30.42
C GLU E 1175 26.19 -25.83 -30.08
N PHE E 1176 25.22 -26.72 -30.32
CA PHE E 1176 23.84 -26.61 -29.87
C PHE E 1176 23.40 -27.99 -29.41
N LEU E 1177 22.29 -28.04 -28.69
CA LEU E 1177 21.87 -29.31 -28.13
C LEU E 1177 20.41 -29.60 -28.46
N PRO E 1178 20.07 -30.86 -28.71
CA PRO E 1178 18.69 -31.19 -29.07
C PRO E 1178 17.72 -30.81 -27.97
N GLY E 1179 16.50 -30.45 -28.38
CA GLY E 1179 15.50 -29.96 -27.45
C GLY E 1179 15.71 -28.56 -26.92
N SER E 1180 16.86 -27.94 -27.20
CA SER E 1180 17.12 -26.59 -26.73
C SER E 1180 16.44 -25.56 -27.63
N LEU E 1181 16.05 -24.45 -27.03
CA LEU E 1181 15.43 -23.34 -27.75
C LEU E 1181 16.49 -22.25 -27.96
N THR E 1182 16.81 -21.99 -29.23
CA THR E 1182 17.81 -20.99 -29.59
C THR E 1182 17.18 -19.92 -30.47
N GLU E 1183 17.72 -18.70 -30.36
CA GLU E 1183 17.21 -17.58 -31.13
C GLU E 1183 17.35 -17.84 -32.62
N ARG E 1184 16.33 -17.46 -33.39
CA ARG E 1184 16.32 -17.74 -34.82
C ARG E 1184 17.54 -17.13 -35.51
N ALA E 1185 17.83 -15.85 -35.24
CA ALA E 1185 18.98 -15.21 -35.88
C ALA E 1185 20.28 -15.87 -35.44
N GLU E 1186 20.45 -16.09 -34.13
CA GLU E 1186 21.66 -16.74 -33.63
C GLU E 1186 21.78 -18.16 -34.17
N PHE E 1187 20.64 -18.82 -34.40
CA PHE E 1187 20.66 -20.17 -34.99
C PHE E 1187 21.06 -20.13 -36.46
N GLU E 1188 20.58 -19.13 -37.21
CA GLU E 1188 20.87 -19.08 -38.64
C GLU E 1188 22.34 -18.81 -38.92
N ALA E 1189 22.95 -17.87 -38.18
CA ALA E 1189 24.30 -17.43 -38.50
C ALA E 1189 25.34 -18.50 -38.19
N GLU E 1190 25.37 -18.99 -36.93
CA GLU E 1190 26.34 -20.02 -36.56
C GLU E 1190 26.05 -21.36 -37.20
N ASN E 1191 24.79 -21.64 -37.54
CA ASN E 1191 24.48 -22.87 -38.26
C ASN E 1191 25.14 -22.88 -39.64
N ARG E 1192 25.29 -21.72 -40.28
CA ARG E 1192 25.98 -21.65 -41.55
C ARG E 1192 27.35 -22.32 -41.45
N ARG E 1193 28.18 -21.84 -40.52
CA ARG E 1193 29.49 -22.43 -40.26
C ARG E 1193 30.25 -22.69 -41.56
N VAL E 1194 30.12 -21.75 -42.51
CA VAL E 1194 30.70 -21.92 -43.84
C VAL E 1194 30.31 -23.27 -44.42
N VAL E 1195 31.31 -24.09 -44.75
CA VAL E 1195 31.06 -25.43 -45.26
C VAL E 1195 31.46 -26.50 -44.24
N ALA E 1202 22.13 -29.84 -38.42
CA ALA E 1202 21.70 -28.68 -37.66
C ALA E 1202 20.36 -28.16 -38.15
N ALA E 1203 19.30 -28.93 -37.91
CA ALA E 1203 17.96 -28.58 -38.35
C ALA E 1203 17.06 -28.30 -37.16
N GLY E 1204 16.09 -27.41 -37.37
CA GLY E 1204 15.15 -27.04 -36.32
C GLY E 1204 13.78 -26.73 -36.87
N ARG E 1205 12.83 -26.59 -35.96
CA ARG E 1205 11.45 -26.31 -36.32
C ARG E 1205 10.97 -25.05 -35.60
N PRO E 1206 10.07 -24.28 -36.21
CA PRO E 1206 9.53 -23.09 -35.54
C PRO E 1206 8.85 -23.47 -34.23
N VAL E 1207 9.02 -22.62 -33.22
CA VAL E 1207 8.60 -22.93 -31.87
C VAL E 1207 7.71 -21.82 -31.33
N LEU E 1208 6.53 -22.19 -30.86
CA LEU E 1208 5.67 -21.27 -30.14
C LEU E 1208 5.92 -21.43 -28.65
N MET E 1209 6.09 -20.31 -27.94
CA MET E 1209 6.28 -20.39 -26.51
C MET E 1209 5.66 -19.16 -25.86
N GLY E 1210 5.12 -19.36 -24.66
CA GLY E 1210 4.45 -18.30 -23.97
C GLY E 1210 5.40 -17.22 -23.49
N ILE E 1211 4.81 -16.07 -23.15
CA ILE E 1211 5.60 -14.87 -22.85
C ILE E 1211 6.49 -15.09 -21.63
N THR E 1212 5.99 -15.81 -20.62
CA THR E 1212 6.80 -16.06 -19.44
C THR E 1212 8.02 -16.91 -19.76
N LYS E 1213 7.80 -18.07 -20.38
CA LYS E 1213 8.92 -18.93 -20.77
C LYS E 1213 9.85 -18.21 -21.73
N ALA E 1214 9.31 -17.36 -22.61
CA ALA E 1214 10.11 -16.61 -23.55
C ALA E 1214 11.07 -15.66 -22.84
N SER E 1215 10.55 -14.86 -21.91
CA SER E 1215 11.41 -13.88 -21.23
C SER E 1215 12.48 -14.57 -20.39
N LEU E 1216 12.22 -15.78 -19.90
CA LEU E 1216 13.27 -16.49 -19.17
C LEU E 1216 14.40 -16.90 -20.10
N ALA E 1217 14.11 -17.10 -21.39
CA ALA E 1217 15.15 -17.46 -22.35
C ALA E 1217 16.04 -16.29 -22.72
N THR E 1218 15.74 -15.08 -22.25
CA THR E 1218 16.50 -13.91 -22.67
C THR E 1218 17.98 -14.06 -22.31
N ASP E 1219 18.84 -13.44 -23.14
CA ASP E 1219 20.27 -13.61 -22.96
C ASP E 1219 20.80 -12.90 -21.73
N SER E 1220 20.07 -11.90 -21.21
CA SER E 1220 20.53 -11.19 -20.01
C SER E 1220 20.22 -12.04 -18.79
N TRP E 1221 21.27 -12.42 -18.04
CA TRP E 1221 21.01 -13.26 -16.89
C TRP E 1221 20.50 -12.46 -15.69
N LEU E 1222 20.96 -11.23 -15.50
CA LEU E 1222 20.39 -10.45 -14.41
C LEU E 1222 19.02 -9.91 -14.77
N SER E 1223 18.70 -9.76 -16.05
CA SER E 1223 17.33 -9.44 -16.41
C SER E 1223 16.39 -10.59 -16.04
N ALA E 1224 16.82 -11.83 -16.32
CA ALA E 1224 16.00 -12.99 -15.98
C ALA E 1224 15.88 -13.15 -14.47
N ALA E 1225 16.95 -12.86 -13.73
CA ALA E 1225 16.93 -13.03 -12.29
C ALA E 1225 15.91 -12.11 -11.64
N SER E 1226 15.90 -10.84 -12.05
CA SER E 1226 14.96 -9.88 -11.50
C SER E 1226 13.52 -10.22 -11.85
N PHE E 1227 13.30 -10.98 -12.93
CA PHE E 1227 11.94 -11.25 -13.37
C PHE E 1227 11.24 -12.24 -12.45
N GLN E 1228 11.83 -13.41 -12.23
CA GLN E 1228 11.09 -14.48 -11.57
C GLN E 1228 12.01 -15.69 -11.43
N GLU E 1229 11.68 -16.59 -10.51
CA GLU E 1229 12.47 -17.79 -10.25
C GLU E 1229 13.96 -17.44 -10.10
N THR E 1230 14.24 -16.48 -9.22
CA THR E 1230 15.59 -15.93 -9.10
C THR E 1230 16.62 -17.01 -8.82
N THR E 1231 16.34 -17.91 -7.88
CA THR E 1231 17.33 -18.92 -7.50
C THR E 1231 17.63 -19.87 -8.66
N ARG E 1232 16.58 -20.36 -9.32
CA ARG E 1232 16.78 -21.19 -10.52
C ARG E 1232 17.67 -20.48 -11.52
N VAL E 1233 17.47 -19.18 -11.73
CA VAL E 1233 18.21 -18.46 -12.76
C VAL E 1233 19.67 -18.32 -12.37
N LEU E 1234 19.94 -17.89 -11.14
CA LEU E 1234 21.31 -17.65 -10.73
C LEU E 1234 22.14 -18.92 -10.76
N THR E 1235 21.52 -20.06 -10.40
CA THR E 1235 22.25 -21.31 -10.37
C THR E 1235 22.60 -21.78 -11.78
N ASP E 1236 21.66 -21.70 -12.71
CA ASP E 1236 21.98 -22.03 -14.09
C ASP E 1236 22.96 -21.05 -14.71
N ALA E 1237 22.87 -19.77 -14.33
CA ALA E 1237 23.83 -18.81 -14.88
C ALA E 1237 25.24 -19.08 -14.38
N ALA E 1238 25.41 -19.40 -13.10
CA ALA E 1238 26.75 -19.61 -12.58
C ALA E 1238 27.40 -20.87 -13.14
N ILE E 1239 26.60 -21.87 -13.50
CA ILE E 1239 27.14 -23.10 -14.08
C ILE E 1239 27.51 -22.88 -15.54
N ASN E 1240 26.63 -22.25 -16.31
CA ASN E 1240 26.92 -21.90 -17.69
C ASN E 1240 27.95 -20.79 -17.81
N CYS E 1241 28.36 -20.21 -16.68
CA CYS E 1241 29.34 -19.13 -16.66
C CYS E 1241 28.94 -18.03 -17.63
N ARG E 1242 27.78 -17.43 -17.35
CA ARG E 1242 27.12 -16.54 -18.29
C ARG E 1242 27.64 -15.11 -18.17
N SER E 1243 27.82 -14.48 -19.33
CA SER E 1243 28.27 -13.09 -19.41
C SER E 1243 27.15 -12.26 -20.00
N ASP E 1244 26.78 -11.19 -19.30
CA ASP E 1244 25.68 -10.32 -19.71
C ASP E 1244 26.26 -9.05 -20.32
N LYS E 1245 25.89 -8.78 -21.57
CA LYS E 1245 26.46 -7.64 -22.26
C LYS E 1245 25.87 -6.30 -21.81
N LEU E 1246 24.78 -6.32 -21.04
CA LEU E 1246 24.14 -5.09 -20.57
C LEU E 1246 23.57 -4.28 -21.72
N ASN E 1247 23.04 -4.96 -22.72
CA ASN E 1247 22.45 -4.28 -23.86
C ASN E 1247 21.02 -3.85 -23.59
N GLY E 1248 20.23 -4.70 -22.93
CA GLY E 1248 18.83 -4.40 -22.72
C GLY E 1248 18.61 -3.26 -21.74
N LEU E 1249 17.38 -2.74 -21.73
CA LEU E 1249 17.15 -1.53 -20.94
C LEU E 1249 16.94 -1.83 -19.46
N LYS E 1250 16.32 -2.96 -19.11
CA LYS E 1250 16.20 -3.31 -17.70
C LYS E 1250 17.57 -3.46 -17.06
N GLU E 1251 18.51 -4.08 -17.75
CA GLU E 1251 19.86 -4.22 -17.20
C GLU E 1251 20.45 -2.85 -16.91
N ASN E 1252 20.31 -1.92 -17.85
CA ASN E 1252 20.88 -0.60 -17.67
C ASN E 1252 20.20 0.16 -16.55
N VAL E 1253 18.91 -0.09 -16.33
CA VAL E 1253 18.22 0.52 -15.19
C VAL E 1253 18.88 0.07 -13.89
N ILE E 1254 19.09 -1.24 -13.74
CA ILE E 1254 19.60 -1.78 -12.49
C ILE E 1254 20.95 -1.17 -12.15
N ILE E 1255 21.84 -1.06 -13.14
CA ILE E 1255 23.18 -0.55 -12.87
C ILE E 1255 23.26 0.97 -12.97
N GLY E 1256 22.17 1.63 -13.37
CA GLY E 1256 22.20 3.07 -13.47
C GLY E 1256 22.77 3.60 -14.76
N LYS E 1257 22.73 2.82 -15.83
CA LYS E 1257 23.19 3.29 -17.12
C LYS E 1257 22.02 3.93 -17.86
N LEU E 1258 22.31 4.53 -19.00
CA LEU E 1258 21.29 5.18 -19.81
C LEU E 1258 20.65 4.13 -20.71
N ILE E 1259 19.36 3.88 -20.54
CA ILE E 1259 18.67 2.84 -21.30
C ILE E 1259 18.89 3.07 -22.79
N PRO E 1260 19.08 2.05 -23.54
CA PRO E 1260 19.30 2.20 -24.99
C PRO E 1260 18.00 2.34 -25.77
N ALA E 1261 17.25 3.38 -25.44
CA ALA E 1261 15.99 3.70 -26.10
C ALA E 1261 15.72 5.19 -25.87
N GLY E 1262 14.87 5.75 -26.73
CA GLY E 1262 14.60 7.18 -26.64
C GLY E 1262 15.87 7.99 -26.63
N THR E 1263 15.93 9.01 -25.78
CA THR E 1263 17.07 9.91 -25.81
C THR E 1263 18.37 9.24 -25.44
N GLY E 1264 18.33 7.99 -24.99
CA GLY E 1264 19.58 7.32 -24.63
C GLY E 1264 20.28 6.60 -25.74
N ILE E 1265 19.64 6.51 -26.91
CA ILE E 1265 20.28 5.90 -28.06
C ILE E 1265 21.51 6.71 -28.46
N SER E 1266 22.49 6.02 -29.05
CA SER E 1266 23.76 6.64 -29.38
C SER E 1266 23.57 7.87 -30.28
N ARG E 1267 22.77 7.74 -31.34
CA ARG E 1267 22.68 8.82 -32.31
C ARG E 1267 22.21 10.12 -31.67
N TYR E 1268 21.33 10.02 -30.67
CA TYR E 1268 20.83 11.23 -30.02
C TYR E 1268 21.77 11.74 -28.93
N ARG E 1269 22.30 10.86 -28.08
CA ARG E 1269 23.08 11.33 -26.94
C ARG E 1269 24.43 11.87 -27.39
N ASN E 1270 24.90 11.50 -28.57
CA ASN E 1270 26.17 11.98 -29.10
C ASN E 1270 26.04 13.23 -29.97
N ILE E 1271 24.82 13.78 -30.08
CA ILE E 1271 24.63 15.02 -30.82
C ILE E 1271 25.58 16.10 -30.31
N GLN E 1272 26.19 16.82 -31.26
CA GLN E 1272 27.08 17.94 -30.95
C GLN E 1272 26.44 19.23 -31.42
N VAL E 1273 26.44 20.23 -30.55
CA VAL E 1273 25.73 21.49 -30.78
C VAL E 1273 26.74 22.63 -30.74
N GLN E 1274 26.69 23.49 -31.75
CA GLN E 1274 27.45 24.73 -31.80
C GLN E 1274 26.60 25.75 -32.53
N PRO E 1275 26.74 27.03 -32.18
CA PRO E 1275 26.04 28.07 -32.94
C PRO E 1275 26.71 28.31 -34.29
N THR E 1276 25.88 28.61 -35.28
CA THR E 1276 26.39 28.91 -36.61
C THR E 1276 27.33 30.10 -36.56
N GLU E 1277 28.41 30.05 -37.36
CA GLU E 1277 29.28 31.21 -37.48
C GLU E 1277 28.49 32.45 -37.87
N GLU E 1278 27.43 32.27 -38.66
CA GLU E 1278 26.52 33.37 -38.96
C GLU E 1278 25.88 33.92 -37.69
N ALA E 1279 25.54 33.04 -36.75
CA ALA E 1279 24.90 33.48 -35.52
C ALA E 1279 25.90 34.16 -34.59
N ARG E 1280 27.09 33.59 -34.45
CA ARG E 1280 28.10 34.21 -33.59
C ARG E 1280 28.42 35.63 -34.04
N ALA E 1281 28.41 35.86 -35.36
CA ALA E 1281 28.65 37.20 -35.88
C ALA E 1281 27.65 38.20 -35.31
N ALA E 1282 26.36 37.93 -35.48
CA ALA E 1282 25.34 38.83 -34.95
C ALA E 1282 25.51 39.03 -33.45
N ALA E 1283 26.11 38.07 -32.75
CA ALA E 1283 26.33 38.16 -31.31
C ALA E 1283 25.05 38.58 -30.56
N SER F 24 0.53 30.36 -39.34
CA SER F 24 -0.60 29.78 -38.61
C SER F 24 -0.98 30.63 -37.41
N ALA F 25 -2.27 30.76 -37.15
CA ALA F 25 -2.75 31.43 -35.95
C ALA F 25 -3.23 30.35 -34.99
N TYR F 26 -2.41 30.08 -33.96
CA TYR F 26 -2.74 29.24 -32.83
C TYR F 26 -3.10 30.04 -31.58
N ASP F 27 -3.29 31.35 -31.71
CA ASP F 27 -3.23 32.37 -30.64
C ASP F 27 -1.79 32.43 -30.11
N THR F 28 -1.61 32.67 -28.82
CA THR F 28 -0.30 32.96 -28.23
C THR F 28 0.06 31.94 -27.17
N PRO F 29 1.19 31.22 -27.29
CA PRO F 29 1.55 30.24 -26.26
C PRO F 29 2.03 30.91 -24.97
N LEU F 30 1.66 30.32 -23.83
CA LEU F 30 2.09 30.80 -22.53
C LEU F 30 3.23 29.92 -22.00
N GLY F 31 4.32 30.55 -21.61
CA GLY F 31 5.34 29.85 -20.86
C GLY F 31 5.86 28.62 -21.58
N ILE F 32 5.76 27.48 -20.89
CA ILE F 32 6.38 26.23 -21.34
C ILE F 32 5.96 25.85 -22.75
N THR F 33 4.75 26.21 -23.15
CA THR F 33 4.26 25.82 -24.46
C THR F 33 4.88 26.64 -25.59
N ASN F 34 5.66 27.68 -25.26
CA ASN F 34 6.34 28.51 -26.26
C ASN F 34 7.84 28.25 -26.29
N PRO F 35 8.40 28.02 -27.50
CA PRO F 35 7.70 27.93 -28.79
C PRO F 35 7.01 26.59 -29.02
N PRO F 36 6.01 26.57 -29.88
CA PRO F 36 5.27 25.33 -30.13
C PRO F 36 6.19 24.20 -30.57
N ILE F 37 5.88 22.98 -30.11
CA ILE F 37 6.68 21.82 -30.50
C ILE F 37 6.79 21.74 -32.01
N ASP F 38 5.66 21.86 -32.70
CA ASP F 38 5.63 21.61 -34.14
C ASP F 38 6.66 22.46 -34.86
N GLU F 39 6.72 23.75 -34.53
CA GLU F 39 7.73 24.61 -35.12
C GLU F 39 9.13 24.25 -34.65
N LEU F 40 9.26 23.60 -33.50
CA LEU F 40 10.58 23.14 -33.08
C LEU F 40 10.97 21.83 -33.75
N LEU F 41 10.00 20.95 -34.00
CA LEU F 41 10.33 19.64 -34.56
C LEU F 41 10.78 19.72 -36.01
N SER F 42 10.53 20.85 -36.69
CA SER F 42 11.07 21.01 -38.02
C SER F 42 12.57 21.31 -38.00
N ARG F 43 13.14 21.61 -36.84
CA ARG F 43 14.55 21.93 -36.70
C ARG F 43 15.40 20.73 -36.27
N ALA F 44 14.81 19.54 -36.14
CA ALA F 44 15.56 18.38 -35.67
C ALA F 44 14.84 17.11 -36.12
N SER F 45 15.57 15.99 -36.07
CA SER F 45 15.04 14.75 -36.64
C SER F 45 13.81 14.25 -35.89
N SER F 46 13.85 14.26 -34.56
CA SER F 46 12.76 13.73 -33.77
C SER F 46 12.64 14.52 -32.48
N LYS F 47 11.65 14.15 -31.67
CA LYS F 47 11.51 14.74 -30.34
C LYS F 47 12.71 14.41 -29.46
N TYR F 48 13.25 13.20 -29.62
CA TYR F 48 14.42 12.84 -28.83
C TYR F 48 15.63 13.70 -29.20
N ALA F 49 15.89 13.86 -30.50
CA ALA F 49 16.97 14.74 -30.94
C ALA F 49 16.78 16.15 -30.41
N LEU F 50 15.54 16.66 -30.47
CA LEU F 50 15.26 18.00 -29.96
C LEU F 50 15.67 18.12 -28.50
N VAL F 51 15.50 17.05 -27.72
CA VAL F 51 15.83 17.10 -26.30
C VAL F 51 17.33 17.35 -26.10
N ILE F 52 18.16 16.49 -26.70
CA ILE F 52 19.61 16.64 -26.53
C ILE F 52 20.09 17.95 -27.14
N TYR F 53 19.56 18.30 -28.30
CA TYR F 53 19.80 19.59 -28.93
C TYR F 53 19.67 20.71 -27.92
N ALA F 54 18.45 21.01 -27.47
CA ALA F 54 18.28 22.08 -26.50
C ALA F 54 19.06 21.81 -25.21
N ALA F 55 19.07 20.55 -24.76
CA ALA F 55 19.65 20.25 -23.45
C ALA F 55 21.12 20.65 -23.38
N LYS F 56 21.90 20.23 -24.37
CA LYS F 56 23.33 20.57 -24.36
C LYS F 56 23.54 22.07 -24.52
N ARG F 57 22.77 22.72 -25.38
CA ARG F 57 22.91 24.17 -25.53
C ARG F 57 22.68 24.87 -24.21
N ALA F 58 21.72 24.38 -23.42
CA ALA F 58 21.47 24.98 -22.10
C ALA F 58 22.68 24.82 -21.20
N ARG F 59 23.21 23.59 -21.07
CA ARG F 59 24.42 23.42 -20.27
C ARG F 59 25.54 24.30 -20.82
N GLN F 60 25.51 24.55 -22.13
CA GLN F 60 26.49 25.43 -22.76
C GLN F 60 26.31 26.88 -22.32
N ILE F 61 25.06 27.37 -22.30
CA ILE F 61 24.81 28.74 -21.87
C ILE F 61 25.23 28.93 -20.42
N ASN F 62 24.75 28.07 -19.53
CA ASN F 62 25.02 28.25 -18.11
C ASN F 62 26.51 28.39 -17.85
N ASP F 63 27.34 27.65 -18.60
CA ASP F 63 28.79 27.78 -18.45
C ASP F 63 29.23 29.21 -18.73
N TYR F 64 28.78 29.77 -19.85
CA TYR F 64 29.13 31.15 -20.20
C TYR F 64 28.80 32.11 -19.06
N TYR F 65 27.66 31.93 -18.41
CA TYR F 65 27.33 32.78 -17.27
C TYR F 65 28.28 32.59 -16.09
N ASN F 66 29.18 31.61 -16.15
CA ASN F 66 30.19 31.45 -15.11
C ASN F 66 31.59 31.77 -15.66
N GLU F 74 30.92 24.64 -22.94
CA GLU F 74 31.38 25.59 -23.94
C GLU F 74 31.02 27.03 -23.54
N TYR F 75 31.48 28.01 -24.34
CA TYR F 75 31.25 29.42 -24.07
C TYR F 75 30.78 30.10 -25.34
N VAL F 76 29.55 30.61 -25.32
CA VAL F 76 28.98 31.34 -26.45
C VAL F 76 27.52 31.65 -26.11
N GLY F 77 26.85 32.46 -26.93
CA GLY F 77 25.45 32.76 -26.70
C GLY F 77 25.32 33.60 -25.46
N PRO F 78 24.10 34.06 -25.13
CA PRO F 78 22.75 33.87 -25.66
C PRO F 78 22.48 34.55 -27.00
N LEU F 79 22.67 33.82 -28.10
CA LEU F 79 22.53 34.40 -29.43
C LEU F 79 21.26 35.23 -29.60
N VAL F 80 20.22 34.93 -28.85
CA VAL F 80 19.00 35.74 -28.88
C VAL F 80 19.04 36.73 -27.71
N GLU F 81 18.07 37.62 -27.66
CA GLU F 81 18.03 38.59 -26.57
C GLU F 81 17.38 37.93 -25.37
N PRO F 82 18.13 37.73 -24.29
CA PRO F 82 17.56 37.06 -23.13
C PRO F 82 16.33 37.78 -22.61
N GLY F 83 15.36 36.99 -22.16
CA GLY F 83 14.31 37.52 -21.33
C GLY F 83 14.90 38.00 -20.03
N LEU F 84 14.03 38.54 -19.19
CA LEU F 84 14.48 39.16 -17.95
C LEU F 84 15.29 38.16 -17.10
N GLN F 85 14.59 37.18 -16.53
CA GLN F 85 15.20 36.14 -15.71
C GLN F 85 15.45 34.84 -16.49
N GLU F 86 15.26 34.86 -17.81
CA GLU F 86 14.98 33.64 -18.56
C GLU F 86 15.95 32.51 -18.20
N LYS F 87 15.38 31.31 -18.07
CA LYS F 87 16.15 30.12 -17.78
C LYS F 87 16.91 29.68 -19.02
N PRO F 88 18.18 29.28 -18.88
CA PRO F 88 18.96 28.92 -20.08
C PRO F 88 18.27 27.93 -21.00
N LEU F 89 17.66 26.89 -20.45
CA LEU F 89 16.94 25.94 -21.30
C LEU F 89 15.88 26.65 -22.13
N SER F 90 15.14 27.58 -21.53
CA SER F 90 14.14 28.33 -22.28
C SER F 90 14.80 29.15 -23.38
N ILE F 91 15.99 29.70 -23.09
CA ILE F 91 16.75 30.42 -24.10
C ILE F 91 17.09 29.51 -25.27
N ALA F 92 17.75 28.38 -24.98
CA ALA F 92 18.20 27.48 -26.03
C ALA F 92 17.05 27.05 -26.94
N LEU F 93 15.84 26.97 -26.40
CA LEU F 93 14.69 26.63 -27.23
C LEU F 93 14.38 27.74 -28.21
N ARG F 94 14.40 28.99 -27.74
CA ARG F 94 14.20 30.11 -28.64
C ARG F 94 15.28 30.16 -29.71
N GLU F 95 16.55 29.97 -29.31
CA GLU F 95 17.64 29.91 -30.27
C GLU F 95 17.37 28.87 -31.36
N ILE F 96 16.91 27.69 -30.96
CA ILE F 96 16.61 26.64 -31.93
C ILE F 96 15.48 27.08 -32.86
N HIS F 97 14.48 27.77 -32.31
CA HIS F 97 13.34 28.19 -33.12
C HIS F 97 13.77 29.12 -34.24
N GLY F 98 14.63 30.08 -33.92
CA GLY F 98 15.15 31.01 -34.90
C GLY F 98 16.26 30.46 -35.77
N ASP F 99 16.52 29.16 -35.73
CA ASP F 99 17.55 28.53 -36.55
C ASP F 99 18.93 29.09 -36.25
N LEU F 100 19.14 29.64 -35.05
CA LEU F 100 20.41 30.28 -34.71
C LEU F 100 21.53 29.29 -34.45
N LEU F 101 21.25 27.99 -34.40
CA LEU F 101 22.31 27.01 -34.21
C LEU F 101 22.03 25.77 -35.04
N GLU F 102 23.10 25.07 -35.40
CA GLU F 102 23.03 23.82 -36.13
C GLU F 102 23.65 22.73 -35.29
N HIS F 103 23.25 21.49 -35.58
CA HIS F 103 23.75 20.34 -34.85
C HIS F 103 23.95 19.19 -35.82
N THR F 104 24.73 18.21 -35.39
CA THR F 104 25.00 17.01 -36.17
C THR F 104 24.74 15.79 -35.31
N GLU F 105 23.84 14.93 -35.76
CA GLU F 105 23.53 13.72 -35.00
C GLU F 105 24.72 12.77 -35.06
N GLY F 106 24.85 11.95 -34.01
CA GLY F 106 25.94 11.00 -33.92
C GLY F 106 25.67 9.73 -34.70
N ALA G 163 12.96 -38.27 8.44
CA ALA G 163 12.91 -36.93 7.86
C ALA G 163 13.61 -35.93 8.78
N ASP G 164 13.31 -36.05 10.08
CA ASP G 164 13.89 -35.16 11.07
C ASP G 164 15.32 -35.55 11.37
N SER G 165 16.15 -34.55 11.70
CA SER G 165 17.55 -34.79 12.00
C SER G 165 17.76 -35.39 13.40
N VAL G 166 16.92 -35.05 14.38
CA VAL G 166 17.08 -35.68 15.69
C VAL G 166 16.59 -37.11 15.66
N ARG G 167 15.51 -37.38 14.92
CA ARG G 167 15.09 -38.77 14.72
C ARG G 167 16.22 -39.60 14.13
N ALA G 168 16.96 -39.03 13.17
CA ALA G 168 18.08 -39.74 12.57
C ALA G 168 19.14 -40.10 13.62
N TYR G 169 19.46 -39.16 14.51
CA TYR G 169 20.50 -39.39 15.50
C TYR G 169 20.05 -40.39 16.57
N LEU G 170 18.76 -40.37 16.92
CA LEU G 170 18.25 -41.30 17.90
C LEU G 170 18.26 -42.72 17.37
N LYS G 171 17.95 -42.89 16.07
CA LYS G 171 18.00 -44.21 15.46
C LYS G 171 19.37 -44.85 15.67
N GLN G 172 20.44 -44.09 15.48
CA GLN G 172 21.76 -44.69 15.57
C GLN G 172 22.16 -44.96 17.00
N ILE G 173 21.91 -44.01 17.91
CA ILE G 173 22.29 -44.25 19.30
C ILE G 173 21.47 -45.38 19.89
N GLY G 174 20.28 -45.63 19.33
CA GLY G 174 19.47 -46.76 19.75
C GLY G 174 20.05 -48.11 19.36
N LYS G 175 20.91 -48.16 18.35
CA LYS G 175 21.46 -49.44 17.89
C LYS G 175 22.47 -50.02 18.87
N VAL G 176 23.06 -49.22 19.77
CA VAL G 176 24.00 -49.75 20.73
C VAL G 176 23.21 -50.33 21.92
N ALA G 177 23.90 -50.95 22.86
CA ALA G 177 23.27 -51.67 23.96
C ALA G 177 23.78 -51.15 25.29
N LEU G 178 22.87 -51.02 26.25
CA LEU G 178 23.22 -50.47 27.55
C LEU G 178 24.06 -51.46 28.36
N LEU G 179 25.17 -50.97 28.91
CA LEU G 179 26.03 -51.80 29.76
C LEU G 179 25.41 -51.99 31.14
N ASN G 180 25.75 -53.10 31.78
CA ASN G 180 25.49 -53.24 33.20
C ASN G 180 26.75 -52.85 33.98
N ALA G 181 26.64 -52.92 35.31
CA ALA G 181 27.75 -52.44 36.15
C ALA G 181 29.05 -53.16 35.84
N GLU G 182 28.97 -54.47 35.57
CA GLU G 182 30.19 -55.26 35.41
C GLU G 182 30.95 -54.85 34.17
N GLU G 183 30.24 -54.64 33.06
CA GLU G 183 30.90 -54.26 31.82
C GLU G 183 31.56 -52.89 31.94
N GLU G 184 30.85 -51.92 32.52
CA GLU G 184 31.42 -50.59 32.71
C GLU G 184 32.78 -50.69 33.38
N VAL G 185 32.87 -51.53 34.42
CA VAL G 185 34.17 -51.75 35.05
C VAL G 185 35.13 -52.35 34.04
N GLU G 186 34.67 -53.36 33.30
CA GLU G 186 35.52 -54.01 32.31
C GLU G 186 36.13 -52.98 31.36
N LEU G 187 35.27 -52.17 30.73
CA LEU G 187 35.75 -51.16 29.79
C LEU G 187 36.70 -50.18 30.46
N ALA G 188 36.36 -49.72 31.66
CA ALA G 188 37.19 -48.75 32.36
C ALA G 188 38.63 -49.23 32.46
N LYS G 189 38.81 -50.50 32.85
CA LYS G 189 40.15 -51.06 32.94
C LYS G 189 40.86 -51.03 31.60
N ARG G 190 40.20 -51.55 30.55
CA ARG G 190 40.80 -51.55 29.21
C ARG G 190 41.29 -50.16 28.83
N ILE G 191 40.52 -49.13 29.17
CA ILE G 191 40.92 -47.76 28.82
C ILE G 191 42.21 -47.38 29.52
N GLU G 192 42.28 -47.61 30.83
CA GLU G 192 43.47 -47.22 31.57
C GLU G 192 44.67 -48.08 31.18
N ALA G 193 44.44 -49.36 30.91
CA ALA G 193 45.53 -50.22 30.46
C ALA G 193 46.09 -49.74 29.13
N GLY G 194 45.21 -49.51 28.15
CA GLY G 194 45.65 -48.98 26.88
C GLY G 194 46.47 -47.72 27.02
N LEU G 195 46.00 -46.77 27.85
CA LEU G 195 46.71 -45.50 28.00
C LEU G 195 48.10 -45.71 28.56
N TYR G 196 48.22 -46.48 29.63
CA TYR G 196 49.54 -46.75 30.21
C TYR G 196 50.42 -47.48 29.21
N ALA G 197 49.87 -48.49 28.53
CA ALA G 197 50.61 -49.14 27.45
C ALA G 197 51.18 -48.12 26.47
N THR G 198 50.35 -47.16 26.05
CA THR G 198 50.81 -46.13 25.13
C THR G 198 51.92 -45.29 25.75
N GLN G 199 51.71 -44.82 26.99
CA GLN G 199 52.68 -43.93 27.61
C GLN G 199 54.03 -44.62 27.79
N LYS G 200 54.01 -45.90 28.16
CA LYS G 200 55.26 -46.63 28.30
C LYS G 200 55.99 -46.75 26.97
N LEU G 201 55.29 -47.26 25.94
CA LEU G 201 55.91 -47.37 24.62
C LEU G 201 56.49 -46.04 24.18
N ALA G 202 55.72 -44.96 24.32
CA ALA G 202 56.25 -43.64 24.03
C ALA G 202 57.50 -43.35 24.86
N GLU G 203 57.56 -43.87 26.09
CA GLU G 203 58.77 -43.73 26.89
C GLU G 203 59.96 -44.38 26.21
N LEU G 204 59.73 -45.52 25.55
CA LEU G 204 60.81 -46.17 24.79
C LEU G 204 61.25 -45.32 23.60
N ALA G 205 60.30 -44.63 22.97
CA ALA G 205 60.62 -43.86 21.77
C ALA G 205 61.76 -42.89 22.04
N GLU G 206 61.74 -42.21 23.19
CA GLU G 206 62.77 -41.21 23.46
C GLU G 206 64.11 -41.85 23.74
N LYS G 207 64.16 -42.81 24.66
CA LYS G 207 65.40 -43.49 25.02
C LYS G 207 65.60 -44.79 24.26
N GLY G 208 64.74 -45.11 23.30
CA GLY G 208 64.97 -46.28 22.46
C GLY G 208 64.67 -47.57 23.19
N GLU G 209 65.57 -48.54 23.07
CA GLU G 209 65.41 -49.86 23.70
C GLU G 209 64.15 -50.54 23.18
N LYS G 210 64.21 -50.91 21.90
CA LYS G 210 63.07 -51.53 21.24
C LYS G 210 62.66 -52.82 21.94
N LEU G 211 61.38 -53.14 21.83
CA LEU G 211 60.83 -54.31 22.48
C LEU G 211 61.07 -55.58 21.67
N PRO G 212 61.01 -56.74 22.32
CA PRO G 212 60.91 -58.00 21.57
C PRO G 212 59.67 -57.97 20.69
N VAL G 213 59.68 -58.80 19.65
CA VAL G 213 58.63 -58.71 18.64
C VAL G 213 57.27 -59.06 19.23
N GLN G 214 57.20 -60.13 20.01
CA GLN G 214 55.91 -60.51 20.60
C GLN G 214 55.45 -59.49 21.64
N GLN G 215 56.40 -58.85 22.34
CA GLN G 215 56.02 -57.82 23.29
C GLN G 215 55.52 -56.57 22.57
N ARG G 216 56.10 -56.24 21.41
CA ARG G 216 55.67 -55.07 20.66
C ARG G 216 54.31 -55.28 20.02
N ARG G 217 54.08 -56.46 19.43
CA ARG G 217 52.83 -56.72 18.73
C ARG G 217 51.65 -56.71 19.71
N ASP G 218 51.85 -57.20 20.93
CA ASP G 218 50.78 -57.20 21.92
C ASP G 218 50.58 -55.83 22.55
N MET G 219 51.64 -55.05 22.73
CA MET G 219 51.48 -53.67 23.21
C MET G 219 50.66 -52.85 22.23
N GLN G 220 50.95 -52.96 20.93
CA GLN G 220 50.14 -52.28 19.93
C GLN G 220 48.67 -52.68 20.06
N TRP G 221 48.38 -53.91 20.50
CA TRP G 221 47.00 -54.34 20.62
C TRP G 221 46.34 -53.83 21.89
N ILE G 222 47.12 -53.69 22.98
CA ILE G 222 46.55 -53.13 24.20
C ILE G 222 46.03 -51.72 23.95
N CYS G 223 46.82 -50.90 23.25
CA CYS G 223 46.40 -49.53 22.96
C CYS G 223 45.17 -49.52 22.05
N ARG G 224 45.22 -50.26 20.95
CA ARG G 224 44.06 -50.37 20.07
C ARG G 224 42.82 -50.83 20.84
N ASP G 225 43.01 -51.77 21.79
CA ASP G 225 41.87 -52.24 22.55
C ASP G 225 41.38 -51.19 23.54
N GLY G 226 42.28 -50.36 24.05
CA GLY G 226 41.86 -49.29 24.94
C GLY G 226 41.00 -48.25 24.23
N ASP G 227 41.47 -47.78 23.08
CA ASP G 227 40.66 -46.86 22.28
C ASP G 227 39.36 -47.51 21.87
N ARG G 228 39.40 -48.82 21.55
CA ARG G 228 38.14 -49.52 21.27
C ARG G 228 37.24 -49.49 22.48
N ALA G 229 37.81 -49.52 23.68
CA ALA G 229 37.01 -49.49 24.90
C ALA G 229 36.38 -48.12 25.12
N LYS G 230 37.21 -47.08 25.13
CA LYS G 230 36.70 -45.72 25.24
C LYS G 230 35.54 -45.49 24.28
N ASN G 231 35.65 -45.95 23.04
CA ASN G 231 34.56 -45.72 22.09
C ASN G 231 33.31 -46.51 22.48
N HIS G 232 33.47 -47.69 23.09
CA HIS G 232 32.29 -48.48 23.42
C HIS G 232 31.59 -47.91 24.65
N LEU G 233 32.35 -47.36 25.60
CA LEU G 233 31.72 -46.76 26.77
C LEU G 233 30.89 -45.54 26.36
N LEU G 234 31.44 -44.69 25.47
CA LEU G 234 30.69 -43.55 24.98
C LEU G 234 29.42 -43.98 24.26
N GLU G 235 29.55 -44.77 23.20
CA GLU G 235 28.40 -45.13 22.39
C GLU G 235 27.29 -45.73 23.23
N ALA G 236 27.62 -46.42 24.32
CA ALA G 236 26.61 -47.05 25.16
C ALA G 236 25.86 -46.04 26.03
N ASN G 237 26.48 -44.90 26.33
CA ASN G 237 25.86 -43.89 27.17
C ASN G 237 25.25 -42.72 26.40
N LEU G 238 25.31 -42.70 25.07
CA LEU G 238 24.73 -41.58 24.33
C LEU G 238 23.28 -41.35 24.72
N ARG G 239 22.56 -42.40 25.11
CA ARG G 239 21.16 -42.25 25.51
C ARG G 239 21.05 -41.38 26.76
N LEU G 240 22.06 -41.44 27.63
CA LEU G 240 22.03 -40.64 28.85
C LEU G 240 22.12 -39.14 28.54
N VAL G 241 23.04 -38.77 27.64
CA VAL G 241 23.11 -37.39 27.18
C VAL G 241 21.73 -36.91 26.74
N VAL G 242 21.10 -37.66 25.83
CA VAL G 242 19.85 -37.18 25.26
C VAL G 242 18.80 -37.00 26.35
N SER G 243 18.78 -37.88 27.34
CA SER G 243 17.76 -37.79 28.38
C SER G 243 17.97 -36.53 29.22
N LEU G 244 19.21 -36.08 29.36
CA LEU G 244 19.49 -34.84 30.07
C LEU G 244 19.21 -33.61 29.21
N ALA G 245 19.62 -33.63 27.94
CA ALA G 245 19.43 -32.45 27.10
C ALA G 245 17.96 -32.16 26.80
N LYS G 246 17.07 -33.14 26.96
CA LYS G 246 15.64 -32.90 26.67
C LYS G 246 15.12 -31.69 27.43
N ARG G 247 15.61 -31.49 28.66
CA ARG G 247 15.00 -30.54 29.57
C ARG G 247 15.45 -29.10 29.32
N TYR G 248 16.56 -28.91 28.62
CA TYR G 248 17.14 -27.58 28.41
C TYR G 248 16.75 -26.97 27.07
N THR G 249 15.84 -27.60 26.32
CA THR G 249 15.44 -27.01 25.07
C THR G 249 14.55 -25.80 25.32
N GLY G 250 14.19 -25.13 24.23
CA GLY G 250 13.38 -23.93 24.32
C GLY G 250 14.06 -22.76 25.01
N ARG G 251 15.29 -22.93 25.50
CA ARG G 251 16.03 -21.89 26.20
C ARG G 251 16.99 -21.13 25.29
N GLY G 252 16.91 -21.33 23.98
CA GLY G 252 17.71 -20.56 23.03
C GLY G 252 18.83 -21.32 22.36
N MET G 253 18.97 -22.61 22.60
CA MET G 253 19.90 -23.46 21.88
C MET G 253 19.15 -24.58 21.18
N ALA G 254 19.61 -24.93 19.99
CA ALA G 254 19.01 -26.03 19.25
C ALA G 254 19.19 -27.34 20.00
N PHE G 255 18.19 -28.22 19.89
CA PHE G 255 18.24 -29.49 20.59
C PHE G 255 19.50 -30.27 20.24
N LEU G 256 19.85 -30.30 18.95
CA LEU G 256 21.07 -31.01 18.55
C LEU G 256 22.30 -30.39 19.19
N ASP G 257 22.33 -29.05 19.27
CA ASP G 257 23.50 -28.39 19.86
C ASP G 257 23.62 -28.72 21.35
N LEU G 258 22.49 -28.79 22.06
CA LEU G 258 22.54 -29.26 23.45
C LEU G 258 23.08 -30.68 23.51
N ILE G 259 22.53 -31.57 22.70
CA ILE G 259 22.99 -32.96 22.66
C ILE G 259 24.50 -32.99 22.46
N GLN G 260 24.99 -32.34 21.42
CA GLN G 260 26.42 -32.44 21.12
C GLN G 260 27.27 -31.96 22.29
N GLU G 261 26.89 -30.83 22.90
CA GLU G 261 27.66 -30.32 24.03
C GLU G 261 27.61 -31.30 25.21
N GLY G 262 26.44 -31.90 25.46
CA GLY G 262 26.39 -32.98 26.43
C GLY G 262 27.41 -34.06 26.14
N ASN G 263 27.49 -34.49 24.87
CA ASN G 263 28.44 -35.54 24.51
C ASN G 263 29.86 -35.11 24.86
N LEU G 264 30.17 -33.83 24.73
CA LEU G 264 31.48 -33.35 25.14
C LEU G 264 31.70 -33.58 26.62
N GLY G 265 30.69 -33.32 27.44
CA GLY G 265 30.79 -33.66 28.85
C GLY G 265 30.88 -35.15 29.09
N LEU G 266 30.06 -35.93 28.37
CA LEU G 266 30.19 -37.38 28.46
C LEU G 266 31.62 -37.82 28.22
N ILE G 267 32.31 -37.17 27.28
CA ILE G 267 33.67 -37.56 26.96
C ILE G 267 34.59 -37.34 28.16
N ARG G 268 34.46 -36.20 28.84
CA ARG G 268 35.33 -36.00 30.00
C ARG G 268 34.96 -36.90 31.16
N ALA G 269 33.67 -37.20 31.33
CA ALA G 269 33.29 -38.20 32.31
C ALA G 269 34.10 -39.48 32.10
N VAL G 270 34.09 -40.00 30.87
CA VAL G 270 34.85 -41.20 30.57
C VAL G 270 36.32 -40.99 30.90
N GLU G 271 36.89 -39.87 30.45
CA GLU G 271 38.31 -39.63 30.75
C GLU G 271 38.57 -39.64 32.24
N LYS G 272 37.74 -38.96 33.01
CA LYS G 272 38.02 -38.73 34.43
C LYS G 272 37.35 -39.76 35.34
N PHE G 273 36.59 -40.69 34.78
CA PHE G 273 35.88 -41.68 35.58
C PHE G 273 36.86 -42.65 36.24
N ASP G 274 36.52 -43.05 37.48
CA ASP G 274 37.33 -43.96 38.29
C ASP G 274 36.48 -45.18 38.63
N TYR G 275 36.94 -46.37 38.22
CA TYR G 275 36.15 -47.57 38.43
C TYR G 275 36.32 -48.17 39.82
N THR G 276 37.39 -47.81 40.56
CA THR G 276 37.61 -48.42 41.85
C THR G 276 36.58 -48.00 42.88
N LYS G 277 36.05 -46.77 42.77
CA LYS G 277 35.05 -46.30 43.71
C LYS G 277 33.81 -47.17 43.73
N GLY G 278 33.63 -48.03 42.72
CA GLY G 278 32.50 -48.93 42.70
C GLY G 278 31.16 -48.26 42.53
N TYR G 279 31.12 -47.08 41.93
CA TYR G 279 29.88 -46.38 41.67
C TYR G 279 29.46 -46.62 40.22
N LYS G 280 28.16 -46.73 40.00
CA LYS G 280 27.62 -46.85 38.66
C LYS G 280 28.05 -45.65 37.82
N PHE G 281 28.24 -45.87 36.52
CA PHE G 281 28.78 -44.82 35.66
C PHE G 281 27.85 -43.62 35.57
N SER G 282 26.55 -43.87 35.40
CA SER G 282 25.63 -42.73 35.24
C SER G 282 25.70 -41.79 36.42
N THR G 283 26.11 -42.28 37.59
CA THR G 283 26.18 -41.41 38.76
C THR G 283 27.16 -40.26 38.55
N TYR G 284 28.37 -40.58 38.12
CA TYR G 284 29.39 -39.57 37.89
C TYR G 284 29.20 -38.86 36.56
N ALA G 285 28.66 -39.55 35.55
CA ALA G 285 28.53 -38.94 34.23
C ALA G 285 27.44 -37.88 34.22
N THR G 286 26.39 -38.04 35.03
CA THR G 286 25.31 -37.05 35.06
C THR G 286 25.84 -35.66 35.40
N TRP G 287 26.82 -35.60 36.31
CA TRP G 287 27.41 -34.32 36.67
C TRP G 287 28.01 -33.61 35.45
N TRP G 288 28.94 -34.29 34.77
CA TRP G 288 29.66 -33.64 33.67
C TRP G 288 28.72 -33.30 32.50
N ILE G 289 27.78 -34.18 32.19
CA ILE G 289 26.87 -33.90 31.09
C ILE G 289 26.07 -32.63 31.36
N ARG G 290 25.54 -32.50 32.58
CA ARG G 290 24.81 -31.28 32.94
C ARG G 290 25.70 -30.06 32.88
N GLN G 291 26.87 -30.10 33.52
CA GLN G 291 27.75 -28.94 33.48
C GLN G 291 28.06 -28.56 32.04
N ALA G 292 28.40 -29.55 31.22
CA ALA G 292 28.74 -29.28 29.83
C ALA G 292 27.59 -28.60 29.09
N ILE G 293 26.35 -28.97 29.40
CA ILE G 293 25.20 -28.40 28.70
C ILE G 293 24.89 -26.99 29.22
N THR G 294 24.89 -26.80 30.54
CA THR G 294 24.61 -25.47 31.07
C THR G 294 25.76 -24.51 30.78
N ARG G 295 27.00 -24.97 30.97
CA ARG G 295 28.14 -24.15 30.57
C ARG G 295 28.03 -23.77 29.10
N ALA G 296 27.62 -24.70 28.25
CA ALA G 296 27.45 -24.37 26.85
C ALA G 296 26.46 -23.24 26.68
N MET G 297 25.28 -23.36 27.30
CA MET G 297 24.23 -22.36 27.10
C MET G 297 24.71 -20.97 27.47
N ALA G 298 25.61 -20.86 28.46
CA ALA G 298 26.07 -19.57 28.93
C ALA G 298 27.01 -18.90 27.93
N ASP G 299 27.75 -19.70 27.16
CA ASP G 299 28.67 -19.17 26.17
C ASP G 299 28.03 -18.92 24.82
N GLN G 300 26.82 -19.44 24.58
CA GLN G 300 26.31 -19.62 23.23
C GLN G 300 24.93 -19.01 23.03
N ALA G 301 24.00 -19.30 23.92
CA ALA G 301 22.57 -18.99 23.72
C ALA G 301 22.28 -17.51 23.45
N ARG G 302 23.22 -16.59 23.66
CA ARG G 302 22.98 -15.16 23.46
C ARG G 302 23.76 -14.65 22.26
N THR G 303 23.06 -13.96 21.35
CA THR G 303 23.72 -13.30 20.22
C THR G 303 24.88 -12.43 20.68
N ILE G 304 24.67 -11.68 21.76
CA ILE G 304 25.73 -10.93 22.42
C ILE G 304 26.13 -11.74 23.64
N ARG G 305 27.35 -12.28 23.62
CA ARG G 305 27.76 -13.20 24.66
C ARG G 305 27.93 -12.51 25.99
N ILE G 306 27.57 -13.21 27.06
CA ILE G 306 27.85 -12.73 28.40
C ILE G 306 28.71 -13.79 29.09
N PRO G 307 29.73 -13.40 29.85
CA PRO G 307 30.60 -14.41 30.47
C PRO G 307 29.87 -15.18 31.56
N VAL G 308 30.38 -16.39 31.84
CA VAL G 308 29.68 -17.30 32.75
C VAL G 308 29.39 -16.63 34.09
N HIS G 309 30.34 -15.85 34.62
CA HIS G 309 30.11 -15.27 35.94
C HIS G 309 28.94 -14.29 35.92
N MET G 310 28.73 -13.57 34.81
CA MET G 310 27.59 -12.69 34.69
C MET G 310 26.31 -13.46 34.40
N VAL G 311 26.38 -14.47 33.53
CA VAL G 311 25.21 -15.33 33.34
C VAL G 311 24.81 -15.94 34.67
N GLU G 312 25.78 -16.26 35.52
CA GLU G 312 25.49 -16.84 36.81
C GLU G 312 24.61 -15.91 37.64
N VAL G 313 24.97 -14.62 37.69
CA VAL G 313 24.21 -13.65 38.48
C VAL G 313 22.88 -13.30 37.80
N ILE G 314 22.88 -13.14 36.48
CA ILE G 314 21.62 -12.86 35.80
C ILE G 314 20.57 -13.90 36.15
N ASN G 315 20.99 -15.16 36.27
CA ASN G 315 20.06 -16.22 36.64
C ASN G 315 19.65 -16.11 38.10
N LYS G 316 20.63 -15.91 38.99
CA LYS G 316 20.31 -15.75 40.40
C LYS G 316 19.29 -14.64 40.60
N LEU G 317 19.54 -13.47 40.01
CA LEU G 317 18.60 -12.36 40.13
C LEU G 317 17.21 -12.77 39.66
N GLY G 318 17.15 -13.60 38.62
CA GLY G 318 15.86 -14.06 38.14
C GLY G 318 15.10 -14.87 39.18
N ARG G 319 15.77 -15.83 39.80
CA ARG G 319 15.11 -16.66 40.81
C ARG G 319 14.63 -15.81 41.98
N ILE G 320 15.51 -14.97 42.52
CA ILE G 320 15.11 -14.08 43.60
C ILE G 320 13.81 -13.36 43.24
N GLN G 321 13.75 -12.83 42.02
CA GLN G 321 12.56 -12.11 41.61
C GLN G 321 11.34 -13.03 41.58
N ARG G 322 11.50 -14.27 41.14
CA ARG G 322 10.36 -15.18 41.11
C ARG G 322 9.95 -15.61 42.52
N GLU G 323 10.93 -15.85 43.39
CA GLU G 323 10.62 -16.18 44.78
C GLU G 323 10.00 -14.98 45.48
N LEU G 324 10.65 -13.83 45.38
CA LEU G 324 10.09 -12.60 45.92
C LEU G 324 8.72 -12.30 45.33
N LEU G 325 8.56 -12.59 44.03
CA LEU G 325 7.26 -12.43 43.40
C LEU G 325 6.18 -13.24 44.12
N GLN G 326 6.48 -14.49 44.48
CA GLN G 326 5.48 -15.33 45.12
C GLN G 326 5.19 -14.88 46.54
N ASP G 327 6.18 -14.32 47.24
CA ASP G 327 5.98 -13.90 48.61
C ASP G 327 5.25 -12.58 48.71
N LEU G 328 5.47 -11.68 47.75
CA LEU G 328 4.88 -10.34 47.78
C LEU G 328 3.62 -10.20 46.95
N GLY G 329 3.17 -11.25 46.28
CA GLY G 329 1.99 -11.12 45.42
C GLY G 329 2.05 -9.95 44.47
N ARG G 330 3.22 -9.70 43.90
CA ARG G 330 3.46 -8.55 43.03
C ARG G 330 4.90 -8.65 42.55
N GLU G 331 5.27 -7.74 41.64
CA GLU G 331 6.69 -7.89 41.38
C GLU G 331 7.51 -7.03 42.32
N PRO G 332 8.70 -7.48 42.71
CA PRO G 332 9.54 -6.69 43.61
C PRO G 332 10.17 -5.50 42.89
N THR G 333 10.34 -4.43 43.65
CA THR G 333 11.04 -3.25 43.16
C THR G 333 12.54 -3.49 43.15
N PRO G 334 13.30 -2.63 42.48
CA PRO G 334 14.76 -2.77 42.51
C PRO G 334 15.33 -2.81 43.92
N GLU G 335 14.68 -2.16 44.88
CA GLU G 335 15.20 -2.14 46.25
C GLU G 335 15.02 -3.49 46.93
N GLU G 336 13.81 -4.06 46.85
CA GLU G 336 13.58 -5.39 47.41
C GLU G 336 14.50 -6.42 46.79
N LEU G 337 14.76 -6.31 45.49
CA LEU G 337 15.63 -7.27 44.82
C LEU G 337 17.07 -7.12 45.30
N ALA G 338 17.60 -5.89 45.28
CA ALA G 338 18.97 -5.68 45.70
C ALA G 338 19.19 -6.09 47.16
N LYS G 339 18.12 -6.04 47.97
CA LYS G 339 18.23 -6.44 49.36
C LYS G 339 18.31 -7.95 49.49
N GLU G 340 17.38 -8.67 48.85
CA GLU G 340 17.37 -10.12 48.92
C GLU G 340 18.64 -10.71 48.34
N MET G 341 19.28 -10.00 47.41
CA MET G 341 20.52 -10.46 46.79
C MET G 341 21.76 -9.87 47.41
N ASP G 342 21.62 -8.97 48.39
CA ASP G 342 22.77 -8.36 49.07
C ASP G 342 23.68 -7.66 48.06
N ILE G 343 23.08 -6.79 47.25
CA ILE G 343 23.79 -5.97 46.28
C ILE G 343 23.11 -4.61 46.21
N THR G 344 23.83 -3.66 45.64
CA THR G 344 23.32 -2.29 45.51
C THR G 344 22.20 -2.24 44.48
N PRO G 345 21.19 -1.40 44.70
CA PRO G 345 20.11 -1.28 43.71
C PRO G 345 20.60 -0.76 42.37
N GLU G 346 21.60 0.12 42.36
CA GLU G 346 22.15 0.57 41.08
C GLU G 346 22.74 -0.61 40.31
N LYS G 347 23.33 -1.56 41.03
CA LYS G 347 23.92 -2.73 40.38
C LYS G 347 22.85 -3.58 39.71
N VAL G 348 21.74 -3.83 40.42
CA VAL G 348 20.67 -4.68 39.86
C VAL G 348 20.07 -4.05 38.61
N LEU G 349 20.07 -2.72 38.53
CA LEU G 349 19.68 -2.08 37.27
C LEU G 349 20.67 -2.42 36.17
N GLU G 350 21.96 -2.23 36.44
CA GLU G 350 23.01 -2.57 35.48
C GLU G 350 22.86 -4.00 34.98
N ILE G 351 22.56 -4.93 35.89
CA ILE G 351 22.37 -6.33 35.53
C ILE G 351 21.15 -6.50 34.65
N GLN G 352 20.06 -5.80 34.98
CA GLN G 352 18.85 -5.94 34.19
C GLN G 352 19.01 -5.35 32.79
N GLN G 353 19.91 -4.38 32.62
CA GLN G 353 20.23 -3.91 31.28
C GLN G 353 21.05 -4.96 30.52
N TYR G 354 21.99 -5.61 31.21
CA TYR G 354 22.78 -6.65 30.56
C TYR G 354 21.91 -7.76 30.00
N ALA G 355 20.85 -8.14 30.74
CA ALA G 355 20.04 -9.28 30.34
C ALA G 355 19.14 -8.98 29.15
N ARG G 356 19.02 -7.73 28.73
CA ARG G 356 18.21 -7.43 27.56
C ARG G 356 18.78 -8.14 26.33
N GLU G 357 17.88 -8.69 25.52
CA GLU G 357 18.35 -9.37 24.32
C GLU G 357 17.94 -8.59 23.08
N PRO G 358 18.72 -8.66 22.02
CA PRO G 358 18.44 -7.85 20.83
C PRO G 358 17.22 -8.37 20.08
N ILE G 359 16.84 -7.62 19.05
CA ILE G 359 15.63 -7.88 18.29
C ILE G 359 16.01 -7.93 16.83
N SER G 360 15.13 -8.50 16.02
CA SER G 360 15.44 -8.72 14.61
C SER G 360 15.10 -7.48 13.80
N LEU G 361 16.08 -6.97 13.06
CA LEU G 361 15.81 -5.96 12.04
C LEU G 361 14.89 -6.47 10.93
N ASP G 362 14.67 -7.78 10.86
CA ASP G 362 13.87 -8.36 9.79
C ASP G 362 12.42 -8.61 10.19
N GLN G 363 12.03 -8.26 11.42
CA GLN G 363 10.63 -8.34 11.82
C GLN G 363 9.78 -7.41 10.96
N THR G 364 8.60 -7.87 10.57
CA THR G 364 7.66 -7.07 9.81
C THR G 364 6.70 -6.42 10.79
N ILE G 365 6.82 -5.10 10.97
CA ILE G 365 5.94 -4.37 11.86
C ILE G 365 4.75 -3.74 11.15
N GLY G 366 4.75 -3.71 9.82
CA GLY G 366 3.72 -2.99 9.09
C GLY G 366 2.32 -3.56 9.20
N ASP G 367 2.15 -4.83 8.83
CA ASP G 367 0.83 -5.45 8.78
C ASP G 367 -0.19 -4.54 8.11
N ASP G 370 2.87 -3.30 5.89
CA ASP G 370 3.71 -4.46 5.58
C ASP G 370 5.11 -4.04 5.16
N SER G 371 5.94 -3.72 6.15
CA SER G 371 7.33 -3.33 5.91
C SER G 371 8.16 -3.77 7.10
N GLN G 372 9.44 -4.05 6.84
CA GLN G 372 10.33 -4.58 7.87
C GLN G 372 11.01 -3.47 8.66
N LEU G 373 11.16 -3.69 9.96
CA LEU G 373 11.79 -2.72 10.85
C LEU G 373 13.11 -2.20 10.30
N GLY G 374 13.96 -3.10 9.83
CA GLY G 374 15.32 -2.73 9.49
C GLY G 374 15.45 -1.55 8.54
N ASP G 375 14.41 -1.29 7.76
CA ASP G 375 14.49 -0.22 6.77
C ASP G 375 13.98 1.11 7.30
N PHE G 376 13.60 1.18 8.57
CA PHE G 376 13.24 2.44 9.22
C PHE G 376 14.42 3.09 9.93
N ILE G 377 15.61 2.51 9.87
CA ILE G 377 16.76 3.00 10.63
C ILE G 377 17.49 4.05 9.79
N GLU G 378 17.66 5.24 10.36
CA GLU G 378 18.47 6.26 9.70
C GLU G 378 19.93 5.83 9.65
N ASP G 379 20.66 6.43 8.72
CA ASP G 379 22.11 6.33 8.68
C ASP G 379 22.68 7.62 9.27
N SER G 380 23.18 7.55 10.51
CA SER G 380 23.61 8.74 11.23
C SER G 380 24.94 9.28 10.74
N GLU G 381 25.77 8.43 10.14
CA GLU G 381 27.05 8.86 9.59
C GLU G 381 26.95 9.30 8.14
N ALA G 382 25.74 9.33 7.58
CA ALA G 382 25.58 9.73 6.19
C ALA G 382 25.88 11.22 6.02
N VAL G 383 26.51 11.56 4.90
CA VAL G 383 26.89 12.94 4.62
C VAL G 383 25.66 13.77 4.30
N VAL G 384 25.53 14.91 4.97
CA VAL G 384 24.44 15.86 4.72
C VAL G 384 24.94 16.90 3.75
N ALA G 385 24.21 17.09 2.65
CA ALA G 385 24.71 17.89 1.54
C ALA G 385 24.84 19.36 1.92
N VAL G 386 23.88 19.89 2.68
CA VAL G 386 23.90 21.32 2.96
C VAL G 386 25.06 21.70 3.87
N ASP G 387 25.45 20.80 4.78
CA ASP G 387 26.58 21.09 5.67
C ASP G 387 27.91 20.96 4.95
N ALA G 388 28.12 19.88 4.21
CA ALA G 388 29.36 19.73 3.47
C ALA G 388 29.58 20.90 2.52
N VAL G 389 28.50 21.46 1.97
CA VAL G 389 28.63 22.60 1.07
C VAL G 389 28.97 23.86 1.85
N SER G 390 28.25 24.11 2.93
CA SER G 390 28.55 25.26 3.78
C SER G 390 29.93 25.11 4.42
N PHE G 391 30.29 23.91 4.83
CA PHE G 391 31.66 23.69 5.29
C PHE G 391 32.66 24.03 4.19
N THR G 392 32.37 23.66 2.95
CA THR G 392 33.20 24.12 1.84
C THR G 392 33.20 25.65 1.76
N LEU G 393 32.04 26.26 1.99
CA LEU G 393 31.96 27.72 1.95
C LEU G 393 32.69 28.35 3.12
N LEU G 394 32.56 27.75 4.31
CA LEU G 394 33.33 28.22 5.46
C LEU G 394 34.82 28.13 5.19
N GLN G 395 35.26 26.99 4.65
CA GLN G 395 36.66 26.83 4.30
C GLN G 395 37.11 27.92 3.32
N ASP G 396 36.18 28.51 2.58
CA ASP G 396 36.51 29.61 1.69
C ASP G 396 36.66 30.92 2.46
N GLN G 397 35.71 31.22 3.34
CA GLN G 397 35.74 32.51 4.02
C GLN G 397 36.96 32.62 4.92
N LEU G 398 37.38 31.51 5.54
CA LEU G 398 38.58 31.55 6.37
C LEU G 398 39.81 31.84 5.53
N GLN G 399 39.96 31.14 4.41
CA GLN G 399 41.08 31.40 3.51
C GLN G 399 41.18 32.89 3.19
N SER G 400 40.03 33.56 3.04
CA SER G 400 40.04 34.99 2.77
C SER G 400 40.43 35.79 4.02
N VAL G 401 39.73 35.57 5.13
CA VAL G 401 40.02 36.34 6.33
C VAL G 401 41.48 36.19 6.73
N LEU G 402 42.04 34.99 6.57
CA LEU G 402 43.45 34.79 6.87
C LEU G 402 44.34 35.64 5.99
N GLU G 403 43.91 35.93 4.76
CA GLU G 403 44.71 36.75 3.86
C GLU G 403 44.87 38.18 4.35
N THR G 404 44.01 38.61 5.27
CA THR G 404 44.11 39.94 5.87
C THR G 404 45.10 39.98 7.02
N LEU G 405 45.81 38.90 7.27
CA LEU G 405 46.78 38.83 8.35
C LEU G 405 48.19 38.78 7.77
N SER G 406 49.15 39.23 8.57
CA SER G 406 50.55 39.15 8.17
C SER G 406 50.91 37.73 7.77
N GLU G 407 51.83 37.60 6.83
CA GLU G 407 52.23 36.28 6.36
C GLU G 407 52.52 35.36 7.55
N ARG G 408 53.30 35.84 8.52
CA ARG G 408 53.61 35.03 9.69
C ARG G 408 52.40 34.90 10.62
N GLU G 409 51.58 35.95 10.72
CA GLU G 409 50.38 35.87 11.56
C GLU G 409 49.45 34.76 11.06
N ALA G 410 49.17 34.74 9.75
CA ALA G 410 48.34 33.67 9.20
C ALA G 410 49.06 32.32 9.31
N GLY G 411 50.35 32.30 8.98
CA GLY G 411 51.09 31.04 9.06
C GLY G 411 51.06 30.42 10.44
N VAL G 412 51.08 31.24 11.48
CA VAL G 412 51.08 30.69 12.84
C VAL G 412 49.71 30.11 13.18
N VAL G 413 48.64 30.79 12.77
CA VAL G 413 47.29 30.29 13.04
C VAL G 413 47.07 28.95 12.34
N ARG G 414 47.47 28.84 11.08
CA ARG G 414 47.28 27.59 10.34
C ARG G 414 48.00 26.43 11.04
N LEU G 415 49.28 26.61 11.37
CA LEU G 415 50.01 25.53 12.04
C LEU G 415 49.44 25.25 13.43
N ARG G 416 49.03 26.30 14.14
CA ARG G 416 48.54 26.11 15.50
C ARG G 416 47.31 25.20 15.51
N PHE G 417 46.37 25.44 14.58
CA PHE G 417 45.15 24.65 14.49
C PHE G 417 45.24 23.53 13.47
N GLY G 418 46.36 23.41 12.75
CA GLY G 418 46.50 22.36 11.76
C GLY G 418 45.52 22.54 10.60
N LEU G 419 45.44 23.74 10.06
CA LEU G 419 44.54 23.97 8.93
C LEU G 419 45.01 23.20 7.72
N THR G 420 46.25 23.44 7.31
CA THR G 420 46.74 22.85 6.07
C THR G 420 46.96 21.35 6.22
N ASP G 421 47.71 20.94 7.24
CA ASP G 421 48.01 19.52 7.42
C ASP G 421 46.86 18.75 8.04
N GLY G 422 46.04 19.41 8.85
CA GLY G 422 45.09 18.73 9.68
C GLY G 422 45.64 18.29 11.02
N GLN G 423 46.97 18.36 11.21
CA GLN G 423 47.62 18.01 12.46
C GLN G 423 47.99 19.26 13.22
N PRO G 424 47.32 19.58 14.33
CA PRO G 424 47.71 20.75 15.13
C PRO G 424 49.13 20.62 15.66
N ARG G 425 49.71 21.76 16.03
CA ARG G 425 51.10 21.83 16.44
C ARG G 425 51.21 22.59 17.76
N THR G 426 52.20 22.21 18.56
CA THR G 426 52.46 22.86 19.83
C THR G 426 53.20 24.18 19.62
N LEU G 427 53.09 25.07 20.61
CA LEU G 427 53.79 26.36 20.54
C LEU G 427 55.28 26.18 20.29
N ASP G 428 55.90 25.20 20.95
CA ASP G 428 57.31 24.94 20.70
C ASP G 428 57.55 24.52 19.25
N GLU G 429 56.61 23.80 18.65
CA GLU G 429 56.81 23.31 17.29
C GLU G 429 56.70 24.44 16.27
N ILE G 430 55.77 25.37 16.48
CA ILE G 430 55.64 26.50 15.57
C ILE G 430 56.80 27.48 15.77
N GLY G 431 57.31 27.60 17.00
CA GLY G 431 58.52 28.36 17.23
C GLY G 431 59.72 27.80 16.50
N GLN G 432 59.72 26.49 16.20
CA GLN G 432 60.82 25.84 15.51
C GLN G 432 60.86 26.20 14.03
N VAL G 433 59.71 26.45 13.40
CA VAL G 433 59.69 26.81 11.99
C VAL G 433 60.06 28.27 11.78
N TYR G 434 59.59 29.16 12.67
CA TYR G 434 59.90 30.58 12.54
C TYR G 434 61.13 30.99 13.35
N GLY G 435 61.74 30.07 14.08
CA GLY G 435 62.99 30.36 14.74
C GLY G 435 62.87 31.17 16.01
N VAL G 436 61.81 30.97 16.78
CA VAL G 436 61.57 31.72 18.00
C VAL G 436 61.26 30.75 19.13
N THR G 437 61.10 31.30 20.34
CA THR G 437 60.69 30.57 21.53
C THR G 437 59.18 30.29 21.50
N ARG G 438 58.78 29.28 22.26
CA ARG G 438 57.34 29.01 22.39
C ARG G 438 56.61 30.24 22.89
N GLU G 439 57.22 30.99 23.82
CA GLU G 439 56.55 32.18 24.36
C GLU G 439 56.31 33.23 23.29
N ARG G 440 57.29 33.46 22.42
CA ARG G 440 57.08 34.41 21.33
C ARG G 440 55.84 34.02 20.51
N ILE G 441 55.73 32.74 20.15
CA ILE G 441 54.58 32.26 19.40
C ILE G 441 53.30 32.45 20.20
N ARG G 442 53.31 32.13 21.48
CA ARG G 442 52.15 32.39 22.32
C ARG G 442 51.73 33.86 22.23
N GLN G 443 52.71 34.78 22.19
CA GLN G 443 52.40 36.20 22.06
C GLN G 443 51.78 36.51 20.72
N ILE G 444 52.47 36.15 19.63
CA ILE G 444 51.91 36.36 18.30
C ILE G 444 50.52 35.76 18.19
N GLU G 445 50.29 34.64 18.88
CA GLU G 445 48.96 34.02 18.87
C GLU G 445 47.92 34.95 19.47
N SER G 446 48.21 35.50 20.66
CA SER G 446 47.24 36.37 21.32
C SER G 446 46.90 37.56 20.45
N LYS G 447 47.90 38.15 19.80
CA LYS G 447 47.67 39.36 19.01
C LYS G 447 46.77 39.07 17.83
N THR G 448 47.17 38.12 16.99
CA THR G 448 46.36 37.83 15.80
C THR G 448 44.95 37.38 16.17
N MET G 449 44.76 36.85 17.38
CA MET G 449 43.43 36.43 17.81
C MET G 449 42.56 37.64 18.18
N SER G 450 43.14 38.66 18.82
CA SER G 450 42.38 39.88 19.04
C SER G 450 42.20 40.64 17.74
N LYS G 451 43.12 40.46 16.79
CA LYS G 451 42.91 40.96 15.43
C LYS G 451 41.78 40.21 14.75
N LEU G 452 41.77 38.87 14.88
CA LEU G 452 40.69 38.07 14.32
C LEU G 452 39.38 38.38 15.02
N ARG G 453 39.40 38.50 16.35
CA ARG G 453 38.21 38.90 17.09
C ARG G 453 37.72 40.28 16.67
N HIS G 454 38.60 41.11 16.11
CA HIS G 454 38.21 42.42 15.62
C HIS G 454 37.00 42.30 14.69
N PRO G 455 35.97 43.13 14.87
CA PRO G 455 34.69 42.84 14.22
C PRO G 455 34.76 42.77 12.70
N SER G 456 35.60 43.58 12.06
CA SER G 456 35.60 43.56 10.60
C SER G 456 35.96 42.20 10.04
N ARG G 457 36.83 41.46 10.75
CA ARG G 457 37.16 40.10 10.33
C ARG G 457 36.13 39.08 10.79
N SER G 458 35.61 39.23 12.00
CA SER G 458 34.73 38.21 12.57
C SER G 458 33.29 38.31 12.08
N GLN G 459 32.85 39.51 11.66
CA GLN G 459 31.45 39.70 11.31
C GLN G 459 30.94 38.67 10.31
N VAL G 460 31.81 38.25 9.38
CA VAL G 460 31.38 37.37 8.30
C VAL G 460 31.28 35.91 8.74
N LEU G 461 32.09 35.49 9.72
CA LEU G 461 32.11 34.11 10.17
C LEU G 461 31.07 33.81 11.24
N ARG G 462 30.29 34.80 11.67
CA ARG G 462 29.36 34.60 12.78
C ARG G 462 28.35 33.51 12.46
N ASP G 463 27.74 33.57 11.28
CA ASP G 463 26.65 32.66 10.92
C ASP G 463 27.09 31.21 10.84
N TYR G 464 28.39 30.94 10.93
CA TYR G 464 28.93 29.60 10.95
C TYR G 464 29.03 29.02 12.36
N LEU G 465 28.48 29.71 13.36
CA LEU G 465 28.54 29.23 14.74
C LEU G 465 28.18 27.75 14.82
N ASP G 466 27.05 27.37 14.22
CA ASP G 466 26.61 25.98 14.17
C ASP G 466 25.18 25.91 13.65
N ILE J 251 74.55 -3.98 28.45
CA ILE J 251 73.79 -2.74 28.51
C ILE J 251 72.64 -2.88 29.50
N ASP J 252 72.25 -4.12 29.78
CA ASP J 252 71.18 -4.38 30.73
C ASP J 252 71.67 -4.56 32.15
N ASP J 253 72.99 -4.61 32.38
CA ASP J 253 73.49 -4.66 33.75
C ASP J 253 73.14 -3.39 34.53
N LEU J 254 72.72 -2.34 33.83
CA LEU J 254 72.38 -1.09 34.48
C LEU J 254 71.03 -1.13 35.17
N ASP J 255 70.12 -2.01 34.74
CA ASP J 255 68.76 -2.06 35.25
C ASP J 255 68.17 -0.66 35.35
N LEU J 256 68.41 0.15 34.32
CA LEU J 256 67.94 1.52 34.33
C LEU J 256 66.44 1.56 34.58
N THR J 257 65.97 2.64 35.21
CA THR J 257 64.55 2.81 35.42
C THR J 257 63.82 2.57 34.09
N VAL J 258 62.72 1.82 34.16
CA VAL J 258 62.09 1.33 32.93
C VAL J 258 61.88 2.45 31.93
N ARG J 259 61.65 3.67 32.40
CA ARG J 259 61.54 4.80 31.48
C ARG J 259 62.83 5.04 30.73
N SER J 260 63.97 4.92 31.40
CA SER J 260 65.26 5.19 30.76
C SER J 260 65.62 4.10 29.76
N TYR J 261 65.32 2.84 30.08
CA TYR J 261 65.69 1.74 29.22
C TYR J 261 64.92 1.78 27.90
N ASN J 262 63.65 2.15 27.96
CA ASN J 262 62.82 2.17 26.73
C ASN J 262 63.21 3.34 25.83
N CYS J 263 63.47 4.51 26.41
CA CYS J 263 63.90 5.66 25.61
C CYS J 263 65.22 5.36 24.90
N LEU J 264 66.21 4.86 25.64
CA LEU J 264 67.48 4.50 25.03
C LEU J 264 67.30 3.41 23.99
N LYS J 265 66.51 2.38 24.31
CA LYS J 265 66.30 1.26 23.39
C LYS J 265 65.59 1.72 22.12
N ARG J 266 64.64 2.64 22.25
CA ARG J 266 64.00 3.21 21.07
C ARG J 266 64.96 4.14 20.32
N GLU J 267 65.71 4.97 21.06
CA GLU J 267 66.68 5.87 20.46
C GLU J 267 67.83 5.15 19.78
N GLY J 268 67.99 3.85 20.03
CA GLY J 268 68.99 3.07 19.32
C GLY J 268 70.35 2.94 19.97
N VAL J 269 70.46 3.07 21.29
CA VAL J 269 71.71 2.76 21.97
C VAL J 269 71.59 1.31 22.42
N HIS J 270 72.26 0.42 21.68
CA HIS J 270 72.30 -1.00 22.02
C HIS J 270 73.41 -1.32 23.01
N THR J 271 74.60 -0.76 22.80
CA THR J 271 75.75 -1.00 23.63
C THR J 271 76.14 0.28 24.36
N VAL J 272 76.65 0.11 25.59
CA VAL J 272 77.11 1.26 26.36
C VAL J 272 78.19 2.02 25.60
N GLY J 273 78.88 1.36 24.68
CA GLY J 273 79.83 2.05 23.82
C GLY J 273 79.17 3.14 22.99
N GLU J 274 77.93 2.92 22.57
CA GLU J 274 77.16 3.96 21.89
C GLU J 274 76.64 5.01 22.87
N LEU J 275 76.51 4.67 24.15
CA LEU J 275 75.97 5.61 25.15
C LEU J 275 76.99 6.69 25.51
N VAL J 276 78.22 6.30 25.85
CA VAL J 276 79.20 7.27 26.33
C VAL J 276 79.57 8.26 25.23
N ALA J 277 79.46 7.86 23.96
CA ALA J 277 79.75 8.78 22.86
C ALA J 277 78.67 9.84 22.72
N ARG J 278 77.42 9.50 23.02
CA ARG J 278 76.33 10.46 22.94
C ARG J 278 76.57 11.63 23.90
N THR J 279 76.09 12.81 23.50
CA THR J 279 76.27 14.03 24.29
C THR J 279 75.04 14.29 25.15
N GLU J 280 75.28 14.85 26.34
CA GLU J 280 74.20 15.07 27.30
C GLU J 280 73.04 15.87 26.71
N SER J 281 73.34 16.80 25.80
CA SER J 281 72.28 17.50 25.08
C SER J 281 71.63 16.60 24.03
N ASP J 282 72.32 15.54 23.61
CA ASP J 282 71.74 14.59 22.65
C ASP J 282 70.79 13.60 23.33
N LEU J 283 70.97 13.33 24.62
CA LEU J 283 70.08 12.42 25.31
C LEU J 283 68.77 13.09 25.72
N LEU J 284 68.83 14.34 26.18
CA LEU J 284 67.62 15.01 26.64
C LEU J 284 66.72 15.45 25.51
N ASP J 285 67.22 15.47 24.26
CA ASP J 285 66.35 15.69 23.11
C ASP J 285 65.55 14.45 22.74
N ILE J 286 65.99 13.27 23.18
CA ILE J 286 65.24 12.04 22.91
C ILE J 286 63.91 12.10 23.66
N ARG J 287 62.84 11.71 22.97
CA ARG J 287 61.49 11.96 23.47
C ARG J 287 61.24 11.25 24.80
N ASN J 288 60.44 11.90 25.66
CA ASN J 288 60.06 11.40 26.97
C ASN J 288 61.28 11.15 27.87
N PHE J 289 62.38 11.84 27.59
CA PHE J 289 63.64 11.72 28.32
C PHE J 289 63.93 13.05 29.00
N GLY J 290 63.79 13.10 30.33
CA GLY J 290 63.89 14.32 31.07
C GLY J 290 65.13 14.40 31.93
N GLN J 291 65.05 15.24 32.98
CA GLN J 291 66.17 15.44 33.88
C GLN J 291 66.36 14.26 34.82
N LYS J 292 65.27 13.83 35.47
CA LYS J 292 65.37 12.69 36.39
C LYS J 292 65.92 11.44 35.72
N SER J 293 65.86 11.39 34.38
CA SER J 293 66.45 10.27 33.66
C SER J 293 67.98 10.36 33.64
N ILE J 294 68.51 11.53 33.28
CA ILE J 294 69.96 11.71 33.27
C ILE J 294 70.52 11.80 34.69
N ASP J 295 69.67 12.08 35.69
CA ASP J 295 70.12 12.05 37.08
C ASP J 295 70.29 10.63 37.59
N GLU J 296 69.39 9.72 37.20
CA GLU J 296 69.52 8.32 37.58
C GLU J 296 70.66 7.65 36.81
N VAL J 297 70.80 7.98 35.52
CA VAL J 297 71.87 7.37 34.72
C VAL J 297 73.23 7.89 35.15
N LYS J 298 73.31 9.17 35.50
CA LYS J 298 74.59 9.74 35.92
C LYS J 298 74.99 9.23 37.30
N ILE J 299 74.03 9.10 38.22
CA ILE J 299 74.34 8.62 39.56
C ILE J 299 74.78 7.15 39.52
N LYS J 300 74.25 6.37 38.57
CA LYS J 300 74.66 4.98 38.46
C LYS J 300 76.01 4.85 37.74
N LEU J 301 76.22 5.63 36.68
CA LEU J 301 77.51 5.61 36.00
C LEU J 301 78.65 5.98 36.95
N HIS J 302 78.39 6.91 37.88
CA HIS J 302 79.41 7.30 38.85
C HIS J 302 79.72 6.18 39.82
N GLN J 303 78.69 5.44 40.25
CA GLN J 303 78.87 4.32 41.17
C GLN J 303 79.81 3.27 40.58
N UNK K 1 1.09 -66.41 16.46
CA UNK K 1 2.06 -65.32 16.35
C UNK K 1 3.43 -65.86 15.96
N UNK K 2 3.50 -67.13 15.54
CA UNK K 2 4.74 -67.68 15.01
C UNK K 2 5.00 -67.15 13.60
N UNK K 3 3.96 -67.01 12.79
CA UNK K 3 4.03 -66.31 11.52
C UNK K 3 3.85 -64.81 11.67
N UNK K 4 3.37 -64.34 12.82
CA UNK K 4 3.29 -62.91 13.10
C UNK K 4 4.63 -62.34 13.55
N UNK K 5 5.39 -63.12 14.32
CA UNK K 5 6.72 -62.66 14.74
C UNK K 5 7.65 -62.47 13.55
N UNK K 6 7.41 -63.20 12.45
CA UNK K 6 8.13 -62.95 11.20
C UNK K 6 7.62 -61.70 10.49
N UNK K 7 6.36 -61.31 10.73
CA UNK K 7 5.86 -60.02 10.24
C UNK K 7 6.35 -58.87 11.12
N UNK K 8 6.56 -59.12 12.42
CA UNK K 8 7.23 -58.14 13.28
C UNK K 8 8.67 -57.90 12.85
N UNK K 9 9.19 -58.72 11.93
CA UNK K 9 10.49 -58.45 11.31
C UNK K 9 10.44 -57.29 10.35
N UNK K 10 9.25 -56.74 10.08
CA UNK K 10 9.16 -55.47 9.36
C UNK K 10 9.91 -54.36 10.08
N UNK K 11 10.23 -54.56 11.37
CA UNK K 11 11.16 -53.67 12.05
C UNK K 11 12.48 -53.56 11.30
N UNK K 12 12.82 -54.60 10.53
CA UNK K 12 13.98 -54.50 9.64
C UNK K 12 13.73 -53.50 8.52
N UNK K 13 12.51 -53.48 7.98
CA UNK K 13 12.17 -52.51 6.94
C UNK K 13 12.24 -51.08 7.47
N UNK K 14 12.06 -50.90 8.77
CA UNK K 14 12.15 -49.56 9.36
C UNK K 14 13.60 -49.11 9.53
N UNK K 15 14.49 -50.03 9.93
CA UNK K 15 15.89 -49.69 10.09
C UNK K 15 16.57 -49.33 8.77
N UNK K 16 15.90 -49.54 7.63
CA UNK K 16 16.43 -49.17 6.33
C UNK K 16 15.92 -47.82 5.82
N UNK K 17 15.05 -47.15 6.57
CA UNK K 17 14.50 -45.85 6.15
C UNK K 17 15.09 -44.70 6.95
#